data_8BU9
#
_entry.id   8BU9
#
_cell.length_a   249.461
_cell.length_b   249.461
_cell.length_c   216.033
_cell.angle_alpha   90.000
_cell.angle_beta   90.000
_cell.angle_gamma   120.000
#
_symmetry.space_group_name_H-M   'P 31 2 1'
#
loop_
_entity.id
_entity.type
_entity.pdbx_description
1 polymer 'DNA damage-binding protein 1'
2 polymer 'Cyclin-dependent kinase 12'
3 polymer Cyclin-K
4 non-polymer 'SULFATE ION'
5 non-polymer R-ROSCOVITINE
#
loop_
_entity_poly.entity_id
_entity_poly.type
_entity_poly.pdbx_seq_one_letter_code
_entity_poly.pdbx_strand_id
1 'polypeptide(L)'
;GGGRMSYNYVVTAQKPTAVNGCVTGHFTSAEDLNLLIAKNTRLEIYVVTAEGLRPVKEVGMYGKIAVMELFRPKGESKDL
LFILTAKYNACILEYKQSGESIDIITRAHGNVQDRIGRPSETGIIGIIDPECRMIGLRLYDGLFKVIPLDRDNKELKAFN
IRLEELHVIDVKFLYGCQAPTICFVYQDPQGRHVKTYEVSLREKEFNKGPWKQENVEAEASMVIAVPEPFGGAIIIGQES
ITYHNGDKYLAIAPPIIKQSTIVCHNRVDPNGSRYLLGDMEGRLFMLLLEKEEQMDGTVTLKDLRVELLGETSIAECLTY
LDNGVVFVGSRLGDSQLVKLNVDSNEQGSYVVAMETFTNLGPIVDMCVVDLERQGQGQLVTCSGAFKEGSLRIIRNGIGG
NGNSGEIQKLHIRTVPLYESPRKICYQEVSQCFGVLSSRIEVQDTSGGTTALRPSASTQALSSSVSSSKLFSSSTAPHET
SFGEEVEVHNLLIIDQHTFEVLHAHQFLQNEYALSLVSCKLGKDPNTYFIVGTAMVYPEEAEPKQGRIVVFQYSDGKLQT
VAEKEVKGAVYSMVEFNGKLLASINSTVRLYEWTTEKELRTECNHYNNIMALYLKTKGDFILVGDLMRSVLLLAYKPMEG
NFEEIARDFNPNWMSAVEILDDDNFLGAENAFNLFVCQKDSAATTDEERQHLQEVGLFHLGEFVNVFCHGSLVMQNLGET
STPTQGSVLFGTVNGMIGLVTSLSESWYNLLLDMQNRLNKVIKSVGKIEHSFWRSFHTERKTEPATGFIDGDLIESFLDI
SRPKMQEVVANLQYDDGSGMKREATADDLIKVVEELTRIH
;
A,D,G
2 'polypeptide(L)'
;GGGRRQTESDWGKRCVDKFDIIGIIGEGTYGQVYKAKDKDTGELVALKKVRLDNEKEGFPITAIREIKILRQLIHRSVVN
MKEIVTDKQDALDFKKDKGAFYLVFEYMDHDLMGLLESGLVHFSEDHIKSFMKQLMEGLEYCHKKNFLHRDIKCSNILLN
NSGQIKLADFGLARLYNSEESRPY(TPO)NKVITLWYRPPELLLGEERYTPAIDVWSCGCILGELFTKKPIFQANLELAQ
LELISRLCGSPCPAVWPDVIRLPYFNTMKPKKQYRRRLREEFSFIPSAALDLLDHMLTLDPSKRCTAEQTLQSDFLKDVE
LSKMAPPDLPHWQDCHELWSKKRRRQRQ
;
B,E,H
3 'polypeptide(L)'
;GGGRMKENKENSSPSVTSANLDHTKPCWYWDKKDLAHTPSQLEGLDPATEARYRREGARFIFDVGTRLGLHYDTLATGII
YFHRFYMFHSFKQFPRYVTGACCLFLAGKVEETPKKCKDIIKTARSLLNDVQFGQFGDDPKEEVMVLERILLQTIKFDLQ
VEHPYQFLLKYAKQLKGDKNKIQKLVQMAWTFVNDSLCTTLSLQWEPEIIAVAVMYLAGRLCKFEIQEWTSKPMYRRWWE
QFVQDVPVDVLEDICHQILDLYSQGKQQMPH
;
C,F,I
#
loop_
_chem_comp.id
_chem_comp.type
_chem_comp.name
_chem_comp.formula
RRC non-polymer R-ROSCOVITINE 'C19 H26 N6 O'
SO4 non-polymer 'SULFATE ION' 'O4 S -2'
#
# COMPACT_ATOMS: atom_id res chain seq x y z
N MET A 5 31.42 -40.68 -32.84
CA MET A 5 32.07 -39.67 -33.73
C MET A 5 31.04 -39.25 -34.80
N SER A 6 31.28 -38.12 -35.46
CA SER A 6 30.41 -37.61 -36.51
C SER A 6 31.19 -37.37 -37.80
N TYR A 7 30.50 -37.46 -38.93
CA TYR A 7 31.12 -37.40 -40.25
C TYR A 7 30.35 -36.41 -41.10
N ASN A 8 31.05 -35.41 -41.63
CA ASN A 8 30.43 -34.33 -42.41
C ASN A 8 31.32 -33.93 -43.57
N TYR A 9 30.73 -33.19 -44.50
CA TYR A 9 31.32 -32.80 -45.78
C TYR A 9 31.03 -31.32 -46.01
N VAL A 10 32.05 -30.56 -46.41
CA VAL A 10 31.94 -29.12 -46.59
C VAL A 10 32.48 -28.73 -47.95
N VAL A 11 31.67 -28.03 -48.75
CA VAL A 11 32.06 -27.58 -50.08
C VAL A 11 31.70 -26.11 -50.27
N THR A 12 32.41 -25.49 -51.21
CA THR A 12 32.15 -24.11 -51.60
C THR A 12 31.17 -24.08 -52.76
N ALA A 13 30.04 -23.40 -52.56
CA ALA A 13 29.09 -23.15 -53.64
C ALA A 13 29.45 -21.90 -54.44
N GLN A 14 29.88 -20.84 -53.77
CA GLN A 14 30.34 -19.61 -54.40
C GLN A 14 31.67 -19.22 -53.77
N LYS A 15 32.68 -18.95 -54.60
CA LYS A 15 33.98 -18.59 -54.05
C LYS A 15 33.95 -17.20 -53.44
N PRO A 16 34.91 -16.88 -52.58
CA PRO A 16 35.00 -15.53 -52.02
C PRO A 16 35.07 -14.47 -53.12
N THR A 17 34.21 -13.45 -53.01
CA THR A 17 34.10 -12.40 -54.02
C THR A 17 34.66 -11.05 -53.59
N ALA A 18 34.84 -10.81 -52.30
CA ALA A 18 35.33 -9.53 -51.83
C ALA A 18 36.81 -9.39 -52.13
N VAL A 19 37.21 -8.18 -52.55
CA VAL A 19 38.60 -7.93 -52.89
C VAL A 19 39.36 -7.51 -51.64
N ASN A 20 40.37 -8.30 -51.28
CA ASN A 20 41.18 -8.09 -50.08
C ASN A 20 42.48 -7.36 -50.36
N GLY A 21 43.02 -7.45 -51.58
CA GLY A 21 44.15 -6.64 -51.97
C GLY A 21 44.37 -6.72 -53.46
N CYS A 22 45.03 -5.71 -54.01
CA CYS A 22 45.36 -5.74 -55.43
C CYS A 22 46.65 -4.99 -55.72
N VAL A 23 47.46 -5.55 -56.63
CA VAL A 23 48.75 -4.95 -57.00
C VAL A 23 48.91 -5.04 -58.51
N THR A 24 49.77 -4.17 -59.05
CA THR A 24 50.09 -4.14 -60.47
C THR A 24 51.59 -4.30 -60.67
N GLY A 25 51.96 -4.97 -61.75
CA GLY A 25 53.36 -5.21 -62.03
C GLY A 25 53.52 -5.98 -63.32
N HIS A 26 54.70 -6.53 -63.48
CA HIS A 26 55.08 -7.32 -64.65
C HIS A 26 55.38 -8.74 -64.18
N PHE A 27 54.34 -9.48 -63.83
CA PHE A 27 54.47 -10.79 -63.20
C PHE A 27 54.46 -11.95 -64.19
N THR A 28 53.56 -11.92 -65.17
CA THR A 28 53.47 -13.02 -66.12
C THR A 28 54.56 -12.95 -67.19
N SER A 29 54.97 -11.74 -67.55
CA SER A 29 56.04 -11.52 -68.50
C SER A 29 56.67 -10.17 -68.19
N ALA A 30 57.96 -10.03 -68.49
CA ALA A 30 58.60 -8.74 -68.28
C ALA A 30 57.95 -7.66 -69.14
N GLU A 31 57.11 -8.06 -70.09
CA GLU A 31 56.47 -7.20 -71.08
C GLU A 31 55.05 -6.80 -70.71
N ASP A 32 54.24 -7.75 -70.24
CA ASP A 32 52.84 -7.47 -69.91
C ASP A 32 52.67 -6.64 -68.65
N LEU A 33 51.58 -5.85 -68.64
CA LEU A 33 51.12 -5.20 -67.43
C LEU A 33 50.05 -6.06 -66.76
N ASN A 34 50.35 -6.49 -65.53
CA ASN A 34 49.52 -7.45 -64.81
C ASN A 34 48.75 -6.77 -63.69
N LEU A 35 47.54 -7.23 -63.45
CA LEU A 35 46.77 -6.90 -62.27
C LEU A 35 46.57 -8.20 -61.51
N LEU A 36 47.07 -8.26 -60.28
CA LEU A 36 46.86 -9.41 -59.40
C LEU A 36 45.83 -9.00 -58.35
N ILE A 37 44.70 -9.71 -58.33
CA ILE A 37 43.61 -9.43 -57.39
C ILE A 37 43.59 -10.57 -56.38
N ALA A 38 43.51 -10.23 -55.10
CA ALA A 38 43.52 -11.20 -54.02
C ALA A 38 42.15 -11.23 -53.36
N LYS A 39 41.48 -12.38 -53.43
CA LYS A 39 40.32 -12.69 -52.63
C LYS A 39 40.72 -13.73 -51.59
N ASN A 40 39.92 -13.89 -50.56
CA ASN A 40 40.37 -14.73 -49.45
C ASN A 40 40.71 -16.12 -50.00
N THR A 41 41.96 -16.54 -49.83
CA THR A 41 42.49 -17.83 -50.25
C THR A 41 42.64 -17.95 -51.78
N ARG A 42 42.19 -16.96 -52.54
CA ARG A 42 42.18 -17.00 -54.00
C ARG A 42 43.05 -15.90 -54.59
N LEU A 43 43.86 -16.24 -55.59
CA LEU A 43 44.64 -15.28 -56.36
C LEU A 43 44.22 -15.28 -57.82
N GLU A 44 43.82 -14.11 -58.33
CA GLU A 44 43.43 -13.94 -59.72
C GLU A 44 44.49 -13.11 -60.45
N ILE A 45 44.94 -13.58 -61.61
CA ILE A 45 45.95 -12.89 -62.39
C ILE A 45 45.30 -12.43 -63.68
N TYR A 46 45.44 -11.13 -63.98
CA TYR A 46 44.89 -10.53 -65.18
C TYR A 46 46.02 -9.88 -65.97
N VAL A 47 45.73 -9.62 -67.25
CA VAL A 47 46.61 -8.83 -68.10
C VAL A 47 45.82 -7.62 -68.59
N VAL A 48 46.42 -6.44 -68.46
CA VAL A 48 45.73 -5.19 -68.77
C VAL A 48 45.72 -4.95 -70.28
N THR A 49 44.53 -4.69 -70.81
CA THR A 49 44.32 -4.38 -72.22
C THR A 49 43.73 -2.98 -72.34
N ALA A 50 43.51 -2.52 -73.58
CA ALA A 50 42.92 -1.21 -73.79
C ALA A 50 41.43 -1.16 -73.47
N GLU A 51 40.73 -2.30 -73.54
CA GLU A 51 39.31 -2.36 -73.20
C GLU A 51 39.02 -2.75 -71.76
N GLY A 52 39.88 -3.56 -71.17
CA GLY A 52 39.63 -4.12 -69.84
C GLY A 52 40.68 -5.15 -69.52
N LEU A 53 40.30 -6.07 -68.64
CA LEU A 53 41.20 -7.13 -68.19
C LEU A 53 41.02 -8.42 -68.98
N ARG A 54 42.13 -9.07 -69.29
CA ARG A 54 42.10 -10.40 -69.89
C ARG A 54 42.51 -11.39 -68.81
N PRO A 55 41.62 -12.26 -68.32
CA PRO A 55 42.04 -13.23 -67.30
C PRO A 55 43.01 -14.23 -67.90
N VAL A 56 44.01 -14.64 -67.09
CA VAL A 56 45.02 -15.57 -67.58
C VAL A 56 45.13 -16.77 -66.66
N LYS A 57 45.01 -16.58 -65.35
CA LYS A 57 45.23 -17.68 -64.43
C LYS A 57 44.63 -17.39 -63.06
N GLU A 58 44.09 -18.43 -62.42
CA GLU A 58 43.63 -18.33 -61.04
C GLU A 58 44.12 -19.54 -60.27
N VAL A 59 44.66 -19.30 -59.06
CA VAL A 59 45.08 -20.37 -58.18
C VAL A 59 44.47 -20.16 -56.81
N GLY A 60 44.27 -21.26 -56.10
CA GLY A 60 43.94 -21.22 -54.69
C GLY A 60 45.18 -21.48 -53.88
N MET A 61 45.19 -20.95 -52.65
CA MET A 61 46.24 -21.20 -51.70
C MET A 61 45.62 -21.77 -50.42
N TYR A 62 46.39 -22.59 -49.72
CA TYR A 62 45.90 -23.19 -48.48
C TYR A 62 46.18 -22.24 -47.33
N GLY A 63 45.53 -21.08 -47.40
CA GLY A 63 45.76 -19.99 -46.46
C GLY A 63 45.07 -18.70 -46.85
N LYS A 64 44.80 -17.87 -45.84
CA LYS A 64 44.27 -16.53 -46.11
C LYS A 64 45.42 -15.62 -46.50
N ILE A 65 45.31 -14.98 -47.66
CA ILE A 65 46.39 -14.15 -48.19
C ILE A 65 46.43 -12.85 -47.37
N ALA A 66 47.49 -12.68 -46.59
CA ALA A 66 47.63 -11.50 -45.76
C ALA A 66 48.51 -10.44 -46.39
N VAL A 67 49.62 -10.84 -47.03
CA VAL A 67 50.53 -9.91 -47.70
C VAL A 67 50.63 -10.37 -49.15
N MET A 68 50.49 -9.42 -50.09
CA MET A 68 50.70 -9.68 -51.51
C MET A 68 51.49 -8.51 -52.10
N GLU A 69 52.67 -8.80 -52.67
CA GLU A 69 53.51 -7.73 -53.20
C GLU A 69 54.34 -8.26 -54.36
N LEU A 70 54.59 -7.40 -55.35
CA LEU A 70 55.41 -7.73 -56.51
C LEU A 70 56.72 -6.97 -56.46
N PHE A 71 57.84 -7.68 -56.68
CA PHE A 71 59.17 -7.09 -56.67
C PHE A 71 60.03 -7.75 -57.76
N ARG A 72 61.09 -7.06 -58.18
CA ARG A 72 61.99 -7.60 -59.19
C ARG A 72 63.45 -7.47 -58.78
N PRO A 73 64.04 -8.51 -58.20
CA PRO A 73 65.44 -8.40 -57.77
C PRO A 73 66.40 -8.39 -58.96
N LYS A 74 67.53 -7.72 -58.77
CA LYS A 74 68.54 -7.67 -59.82
C LYS A 74 68.90 -9.08 -60.29
N GLY A 75 68.88 -9.27 -61.60
CA GLY A 75 69.13 -10.55 -62.22
C GLY A 75 67.90 -11.26 -62.71
N GLU A 76 66.71 -10.84 -62.28
CA GLU A 76 65.47 -11.41 -62.75
C GLU A 76 64.95 -10.61 -63.94
N SER A 77 64.32 -11.31 -64.88
CA SER A 77 63.72 -10.64 -66.04
C SER A 77 62.37 -10.02 -65.71
N LYS A 78 61.66 -10.59 -64.74
CA LYS A 78 60.28 -10.20 -64.49
C LYS A 78 60.00 -10.25 -63.00
N ASP A 79 58.85 -9.69 -62.61
CA ASP A 79 58.54 -9.56 -61.20
C ASP A 79 58.27 -10.91 -60.56
N LEU A 80 58.68 -11.03 -59.30
CA LEU A 80 58.35 -12.17 -58.46
C LEU A 80 57.28 -11.74 -57.47
N LEU A 81 56.55 -12.72 -56.94
CA LEU A 81 55.41 -12.46 -56.08
C LEU A 81 55.71 -12.97 -54.69
N PHE A 82 55.50 -12.12 -53.69
CA PHE A 82 55.60 -12.51 -52.30
C PHE A 82 54.20 -12.59 -51.71
N ILE A 83 53.90 -13.69 -51.05
CA ILE A 83 52.64 -13.88 -50.35
C ILE A 83 52.96 -14.44 -48.96
N LEU A 84 52.26 -13.91 -47.96
CA LEU A 84 52.32 -14.39 -46.59
C LEU A 84 50.87 -14.69 -46.20
N THR A 85 50.63 -15.87 -45.65
CA THR A 85 49.25 -16.17 -45.25
C THR A 85 49.04 -15.73 -43.81
N ALA A 86 47.77 -15.72 -43.40
CA ALA A 86 47.45 -15.27 -42.04
C ALA A 86 47.99 -16.23 -40.99
N LYS A 87 48.25 -17.48 -41.33
CA LYS A 87 48.89 -18.43 -40.41
C LYS A 87 50.42 -18.37 -40.52
N TYR A 88 50.95 -17.35 -41.19
CA TYR A 88 52.37 -17.02 -41.29
C TYR A 88 53.13 -17.94 -42.23
N ASN A 89 52.45 -18.50 -43.24
CA ASN A 89 53.13 -19.24 -44.30
C ASN A 89 53.64 -18.24 -45.34
N ALA A 90 54.95 -18.19 -45.53
CA ALA A 90 55.59 -17.30 -46.48
C ALA A 90 56.11 -18.07 -47.69
N CYS A 91 56.08 -17.42 -48.84
CA CYS A 91 56.59 -18.04 -50.07
C CYS A 91 56.86 -16.97 -51.12
N ILE A 92 57.77 -17.28 -52.04
CA ILE A 92 58.03 -16.47 -53.21
C ILE A 92 57.65 -17.28 -54.44
N LEU A 93 56.84 -16.69 -55.30
CA LEU A 93 56.22 -17.40 -56.41
C LEU A 93 56.69 -16.84 -57.74
N GLU A 94 56.75 -17.71 -58.75
CA GLU A 94 57.08 -17.30 -60.10
C GLU A 94 56.09 -17.88 -61.10
N TYR A 95 55.69 -17.05 -62.07
CA TYR A 95 54.87 -17.45 -63.20
C TYR A 95 55.74 -18.05 -64.28
N LYS A 96 55.36 -19.22 -64.77
CA LYS A 96 56.07 -19.90 -65.86
C LYS A 96 55.04 -20.48 -66.82
N GLN A 97 55.24 -20.23 -68.12
CA GLN A 97 54.31 -20.66 -69.15
C GLN A 97 55.10 -21.37 -70.23
N SER A 98 54.63 -22.56 -70.62
CA SER A 98 55.24 -23.36 -71.65
C SER A 98 54.19 -23.57 -72.72
N GLY A 99 54.09 -22.63 -73.65
CA GLY A 99 53.03 -22.76 -74.64
C GLY A 99 51.69 -22.59 -73.96
N GLU A 100 50.88 -23.65 -74.01
CA GLU A 100 49.54 -23.68 -73.43
C GLU A 100 49.53 -24.05 -71.94
N SER A 101 50.65 -24.52 -71.40
CA SER A 101 50.71 -25.00 -70.01
C SER A 101 51.16 -23.87 -69.08
N ILE A 102 50.27 -23.44 -68.18
CA ILE A 102 50.56 -22.39 -67.21
C ILE A 102 50.67 -23.01 -65.83
N ASP A 103 51.78 -22.76 -65.13
CA ASP A 103 51.97 -23.24 -63.77
C ASP A 103 52.64 -22.17 -62.92
N ILE A 104 52.51 -22.31 -61.60
CA ILE A 104 53.08 -21.38 -60.63
C ILE A 104 54.19 -22.04 -59.83
N ILE A 105 55.38 -21.43 -59.86
CA ILE A 105 56.58 -21.99 -59.27
C ILE A 105 56.72 -21.48 -57.84
N THR A 106 57.00 -22.37 -56.90
CA THR A 106 57.32 -21.98 -55.52
C THR A 106 58.83 -21.88 -55.42
N ARG A 107 59.36 -20.66 -55.43
CA ARG A 107 60.81 -20.48 -55.44
C ARG A 107 61.43 -20.59 -54.05
N ALA A 108 60.71 -20.11 -53.02
CA ALA A 108 61.17 -20.15 -51.64
C ALA A 108 59.94 -20.25 -50.75
N HIS A 109 60.08 -20.90 -49.60
CA HIS A 109 58.94 -21.02 -48.71
C HIS A 109 59.36 -21.35 -47.29
N GLY A 110 58.47 -20.98 -46.37
CA GLY A 110 58.66 -21.30 -44.96
C GLY A 110 57.62 -20.58 -44.12
N ASN A 111 57.56 -21.00 -42.85
CA ASN A 111 56.64 -20.45 -41.86
C ASN A 111 57.42 -19.57 -40.89
N VAL A 112 56.99 -18.32 -40.75
CA VAL A 112 57.77 -17.31 -40.02
C VAL A 112 57.20 -17.03 -38.64
N GLN A 113 56.35 -17.91 -38.11
CA GLN A 113 55.75 -17.71 -36.81
C GLN A 113 56.80 -17.78 -35.70
N ASP A 114 56.67 -16.89 -34.72
CA ASP A 114 57.53 -16.90 -33.55
C ASP A 114 56.84 -17.64 -32.40
N ARG A 115 57.64 -18.36 -31.63
CA ARG A 115 57.12 -19.06 -30.46
C ARG A 115 56.46 -18.10 -29.49
N ILE A 116 57.06 -16.93 -29.30
CA ILE A 116 56.62 -15.91 -28.35
C ILE A 116 56.51 -14.60 -29.09
N GLY A 117 55.33 -13.99 -29.04
CA GLY A 117 55.09 -12.68 -29.61
C GLY A 117 53.65 -12.23 -29.46
N ARG A 118 53.40 -10.92 -29.42
CA ARG A 118 52.04 -10.43 -29.29
C ARG A 118 51.55 -9.92 -30.63
N PRO A 119 50.52 -10.55 -31.20
CA PRO A 119 49.97 -10.05 -32.48
C PRO A 119 49.53 -8.59 -32.38
N SER A 120 49.86 -7.82 -33.41
CA SER A 120 49.66 -6.37 -33.41
C SER A 120 48.21 -5.98 -33.71
N GLU A 121 47.83 -4.79 -33.23
CA GLU A 121 46.47 -4.29 -33.42
C GLU A 121 46.18 -4.00 -34.88
N THR A 122 47.09 -3.33 -35.57
CA THR A 122 46.88 -2.95 -36.96
C THR A 122 47.20 -4.08 -37.94
N GLY A 123 47.37 -5.31 -37.44
CA GLY A 123 47.45 -6.46 -38.30
C GLY A 123 48.82 -6.64 -38.95
N ILE A 124 48.95 -7.74 -39.67
CA ILE A 124 50.20 -8.04 -40.37
C ILE A 124 50.47 -6.95 -41.40
N ILE A 125 51.69 -6.41 -41.40
CA ILE A 125 52.14 -5.49 -42.44
C ILE A 125 53.36 -6.09 -43.11
N GLY A 126 53.38 -6.08 -44.44
CA GLY A 126 54.52 -6.54 -45.19
C GLY A 126 54.94 -5.52 -46.22
N ILE A 127 56.25 -5.20 -46.27
CA ILE A 127 56.78 -4.23 -47.20
C ILE A 127 58.10 -4.79 -47.75
N ILE A 128 58.48 -4.30 -48.93
CA ILE A 128 59.72 -4.73 -49.55
C ILE A 128 60.55 -3.50 -49.92
N ASP A 129 61.85 -3.64 -49.72
CA ASP A 129 62.82 -2.59 -49.98
C ASP A 129 62.79 -2.18 -51.45
N PRO A 130 62.98 -0.88 -51.74
CA PRO A 130 63.05 -0.49 -53.16
C PRO A 130 64.17 -1.16 -53.92
N GLU A 131 65.28 -1.50 -53.25
CA GLU A 131 66.35 -2.25 -53.88
C GLU A 131 66.15 -3.76 -53.72
N CYS A 132 64.98 -4.19 -53.25
CA CYS A 132 64.65 -5.60 -53.07
C CYS A 132 65.77 -6.34 -52.35
N ARG A 133 66.32 -5.70 -51.32
CA ARG A 133 67.33 -6.36 -50.51
C ARG A 133 66.72 -7.19 -49.41
N MET A 134 65.51 -6.84 -48.98
CA MET A 134 64.89 -7.54 -47.86
C MET A 134 63.38 -7.32 -47.89
N ILE A 135 62.68 -8.23 -47.20
CA ILE A 135 61.26 -8.12 -46.93
C ILE A 135 61.09 -7.75 -45.46
N GLY A 136 60.35 -6.66 -45.20
CA GLY A 136 60.04 -6.28 -43.84
C GLY A 136 58.68 -6.81 -43.44
N LEU A 137 58.62 -7.40 -42.25
CA LEU A 137 57.36 -7.90 -41.69
C LEU A 137 57.13 -7.32 -40.31
N ARG A 138 55.94 -6.80 -40.06
CA ARG A 138 55.49 -6.37 -38.74
C ARG A 138 54.40 -7.35 -38.30
N LEU A 139 54.82 -8.38 -37.56
CA LEU A 139 53.88 -9.39 -37.08
C LEU A 139 53.50 -9.20 -35.62
N TYR A 140 54.45 -8.80 -34.78
CA TYR A 140 54.22 -8.72 -33.34
C TYR A 140 54.60 -7.35 -32.82
N ASP A 141 53.89 -6.93 -31.78
CA ASP A 141 54.23 -5.70 -31.08
C ASP A 141 55.67 -5.77 -30.59
N GLY A 142 56.40 -4.68 -30.82
CA GLY A 142 57.76 -4.57 -30.32
C GLY A 142 58.81 -5.29 -31.12
N LEU A 143 58.45 -5.90 -32.26
CA LEU A 143 59.40 -6.65 -33.07
C LEU A 143 59.24 -6.33 -34.56
N PHE A 144 60.39 -6.25 -35.25
CA PHE A 144 60.45 -6.10 -36.71
C PHE A 144 61.21 -7.30 -37.24
N LYS A 145 60.58 -8.08 -38.12
CA LYS A 145 61.20 -9.27 -38.70
C LYS A 145 61.73 -8.96 -40.09
N VAL A 146 62.94 -9.42 -40.37
CA VAL A 146 63.62 -9.16 -41.63
C VAL A 146 63.90 -10.50 -42.30
N ILE A 147 63.35 -10.70 -43.49
CA ILE A 147 63.78 -11.79 -44.38
C ILE A 147 64.72 -11.18 -45.41
N PRO A 148 66.03 -11.43 -45.32
CA PRO A 148 66.93 -10.88 -46.35
C PRO A 148 66.76 -11.63 -47.66
N LEU A 149 66.69 -10.87 -48.75
CA LEU A 149 66.46 -11.49 -50.07
C LEU A 149 67.79 -11.83 -50.76
N ASP A 150 68.52 -12.77 -50.17
CA ASP A 150 69.69 -13.33 -50.84
C ASP A 150 69.27 -14.59 -51.60
N ARG A 151 70.07 -14.92 -52.63
CA ARG A 151 69.78 -16.07 -53.49
C ARG A 151 69.69 -17.37 -52.70
N ASP A 152 70.41 -17.48 -51.59
CA ASP A 152 70.51 -18.75 -50.90
C ASP A 152 69.38 -18.98 -49.91
N ASN A 153 68.60 -17.95 -49.59
CA ASN A 153 67.57 -18.04 -48.56
C ASN A 153 66.29 -18.68 -49.13
N LYS A 154 66.43 -19.93 -49.54
CA LYS A 154 65.29 -20.62 -50.14
C LYS A 154 64.25 -21.00 -49.09
N GLU A 155 64.63 -21.03 -47.81
CA GLU A 155 63.72 -21.34 -46.73
C GLU A 155 63.15 -20.09 -46.07
N LEU A 156 63.50 -18.91 -46.55
CA LEU A 156 63.04 -17.64 -46.00
C LEU A 156 63.33 -17.54 -44.50
N LYS A 157 64.56 -17.90 -44.12
CA LYS A 157 64.99 -17.73 -42.74
C LYS A 157 65.10 -16.24 -42.39
N ALA A 158 64.81 -15.91 -41.14
CA ALA A 158 64.69 -14.51 -40.77
C ALA A 158 65.10 -14.30 -39.32
N PHE A 159 65.34 -13.03 -38.99
CA PHE A 159 65.72 -12.59 -37.65
C PHE A 159 64.89 -11.38 -37.24
N ASN A 160 64.74 -11.20 -35.93
CA ASN A 160 63.98 -10.10 -35.37
C ASN A 160 64.92 -9.01 -34.87
N ILE A 161 64.51 -7.77 -35.07
CA ILE A 161 65.17 -6.60 -34.52
C ILE A 161 64.26 -6.02 -33.45
N ARG A 162 64.79 -5.87 -32.23
CA ARG A 162 63.98 -5.24 -31.20
C ARG A 162 63.56 -3.85 -31.65
N LEU A 163 62.29 -3.54 -31.43
CA LEU A 163 61.70 -2.25 -31.80
C LEU A 163 61.17 -1.63 -30.52
N GLU A 164 61.69 -0.45 -30.18
CA GLU A 164 61.28 0.21 -28.94
C GLU A 164 59.82 0.61 -28.98
N GLU A 165 59.35 1.06 -30.14
CA GLU A 165 57.99 1.58 -30.30
C GLU A 165 57.02 0.41 -30.42
N LEU A 166 56.24 0.17 -29.37
CA LEU A 166 55.45 -1.05 -29.29
C LEU A 166 54.21 -1.00 -30.19
N HIS A 167 53.58 0.16 -30.31
CA HIS A 167 52.30 0.30 -31.02
C HIS A 167 52.54 1.05 -32.32
N VAL A 168 52.77 0.28 -33.40
CA VAL A 168 53.03 0.84 -34.72
C VAL A 168 51.74 0.83 -35.53
N ILE A 169 51.46 1.95 -36.19
CA ILE A 169 50.26 2.08 -37.01
C ILE A 169 50.51 1.59 -38.43
N ASP A 170 51.55 2.12 -39.08
CA ASP A 170 51.88 1.76 -40.45
C ASP A 170 53.37 2.00 -40.72
N VAL A 171 53.93 1.23 -41.65
CA VAL A 171 55.34 1.34 -42.01
C VAL A 171 55.53 1.07 -43.50
N LYS A 172 56.51 1.76 -44.08
CA LYS A 172 56.89 1.63 -45.48
C LYS A 172 58.40 1.78 -45.60
N PHE A 173 58.99 1.14 -46.62
CA PHE A 173 60.37 1.41 -46.97
C PHE A 173 60.42 2.69 -47.80
N LEU A 174 61.35 3.58 -47.49
CA LEU A 174 61.46 4.85 -48.18
C LEU A 174 62.27 4.70 -49.46
N TYR A 175 62.19 5.72 -50.31
CA TYR A 175 62.98 5.78 -51.54
C TYR A 175 64.08 6.81 -51.32
N GLY A 176 65.19 6.64 -52.04
CA GLY A 176 66.24 7.65 -52.03
C GLY A 176 67.11 7.69 -50.78
N CYS A 177 67.37 6.54 -50.18
CA CYS A 177 68.18 6.48 -48.98
C CYS A 177 69.49 5.72 -49.22
N GLN A 178 70.51 6.14 -48.46
CA GLN A 178 71.82 5.52 -48.59
C GLN A 178 71.81 4.07 -48.10
N ALA A 179 70.93 3.75 -47.16
CA ALA A 179 70.74 2.41 -46.64
C ALA A 179 69.25 2.10 -46.62
N PRO A 180 68.87 0.80 -46.55
CA PRO A 180 67.45 0.47 -46.38
C PRO A 180 66.86 1.19 -45.17
N THR A 181 65.84 2.02 -45.39
CA THR A 181 65.29 2.87 -44.34
C THR A 181 63.78 2.68 -44.25
N ILE A 182 63.28 2.52 -43.01
CA ILE A 182 61.85 2.41 -42.76
C ILE A 182 61.34 3.73 -42.19
N CYS A 183 60.14 4.11 -42.60
CA CYS A 183 59.43 5.26 -42.07
C CYS A 183 58.09 4.77 -41.55
N PHE A 184 57.75 5.10 -40.30
CA PHE A 184 56.53 4.57 -39.71
C PHE A 184 55.91 5.60 -38.77
N VAL A 185 54.60 5.44 -38.58
CA VAL A 185 53.84 6.18 -37.57
C VAL A 185 53.59 5.25 -36.40
N TYR A 186 53.78 5.74 -35.18
CA TYR A 186 53.58 4.93 -33.99
C TYR A 186 52.78 5.72 -32.97
N GLN A 187 52.23 4.99 -32.00
CA GLN A 187 51.44 5.59 -30.95
C GLN A 187 52.01 5.22 -29.58
N ASP A 188 52.16 6.23 -28.71
CA ASP A 188 52.54 6.08 -27.30
C ASP A 188 51.60 7.02 -26.55
N PRO A 189 51.73 7.16 -25.23
CA PRO A 189 50.77 8.03 -24.51
C PRO A 189 50.77 9.48 -24.95
N GLN A 190 51.85 9.98 -25.55
CA GLN A 190 51.96 11.40 -25.88
C GLN A 190 51.36 11.75 -27.25
N GLY A 191 50.69 10.81 -27.91
CA GLY A 191 50.13 11.06 -29.22
C GLY A 191 50.75 10.19 -30.29
N ARG A 192 50.61 10.58 -31.56
CA ARG A 192 51.22 9.83 -32.64
C ARG A 192 52.40 10.60 -33.23
N HIS A 193 53.37 9.84 -33.68
CA HIS A 193 54.63 10.36 -34.15
C HIS A 193 55.03 9.63 -35.41
N VAL A 194 55.88 10.29 -36.18
CA VAL A 194 56.52 9.69 -37.34
C VAL A 194 58.00 9.62 -37.01
N LYS A 195 58.64 8.50 -37.35
CA LYS A 195 60.02 8.24 -36.98
C LYS A 195 60.66 7.39 -38.07
N THR A 196 61.99 7.43 -38.14
CA THR A 196 62.72 6.65 -39.13
C THR A 196 63.82 5.82 -38.49
N TYR A 197 64.14 4.71 -39.13
CA TYR A 197 65.28 3.87 -38.79
C TYR A 197 65.95 3.41 -40.08
N GLU A 198 67.21 3.00 -39.96
CA GLU A 198 67.95 2.36 -41.04
C GLU A 198 68.14 0.89 -40.64
N VAL A 199 67.97 -0.01 -41.60
CA VAL A 199 68.08 -1.45 -41.36
C VAL A 199 69.42 -1.92 -41.89
N SER A 200 70.22 -2.55 -41.02
CA SER A 200 71.54 -3.05 -41.37
C SER A 200 71.53 -4.57 -41.40
N LEU A 201 71.57 -5.15 -42.60
CA LEU A 201 71.62 -6.60 -42.70
C LEU A 201 72.92 -7.17 -42.14
N ARG A 202 74.00 -6.39 -42.19
CA ARG A 202 75.27 -6.84 -41.66
C ARG A 202 75.23 -6.89 -40.13
N GLU A 203 74.76 -5.82 -39.50
CA GLU A 203 74.70 -5.78 -38.04
C GLU A 203 73.45 -6.42 -37.46
N LYS A 204 72.41 -6.62 -38.26
CA LYS A 204 71.16 -7.21 -37.78
C LYS A 204 70.59 -6.37 -36.63
N GLU A 205 70.54 -5.05 -36.86
CA GLU A 205 69.92 -4.13 -35.93
C GLU A 205 69.58 -2.84 -36.66
N PHE A 206 68.81 -1.98 -35.98
CA PHE A 206 68.53 -0.64 -36.48
C PHE A 206 69.68 0.30 -36.14
N ASN A 207 69.90 1.28 -37.00
CA ASN A 207 70.78 2.41 -36.73
C ASN A 207 69.95 3.69 -36.81
N LYS A 208 70.52 4.79 -36.33
CA LYS A 208 69.77 6.05 -36.34
C LYS A 208 69.30 6.36 -37.76
N GLY A 209 68.06 6.82 -37.87
CA GLY A 209 67.40 7.06 -39.14
C GLY A 209 67.73 8.42 -39.71
N PRO A 210 67.40 8.59 -41.00
CA PRO A 210 67.80 9.83 -41.69
C PRO A 210 67.20 11.11 -41.13
N TRP A 211 65.92 11.14 -40.74
CA TRP A 211 65.40 12.41 -40.24
C TRP A 211 64.61 12.26 -38.95
N LYS A 212 64.51 13.40 -38.26
CA LYS A 212 64.08 13.38 -36.87
C LYS A 212 62.60 13.06 -36.78
N GLN A 213 62.20 12.63 -35.60
CA GLN A 213 60.79 12.38 -35.31
C GLN A 213 60.02 13.69 -35.37
N GLU A 214 58.76 13.59 -35.79
CA GLU A 214 57.83 14.71 -35.87
C GLU A 214 56.51 14.26 -35.30
N ASN A 215 55.91 15.10 -34.45
CA ASN A 215 54.59 14.82 -33.93
C ASN A 215 53.54 15.04 -35.02
N VAL A 216 52.65 14.07 -35.17
CA VAL A 216 51.69 14.04 -36.26
C VAL A 216 50.29 13.91 -35.69
N GLU A 217 49.32 14.07 -36.59
CA GLU A 217 47.91 14.00 -36.23
C GLU A 217 47.63 12.78 -35.36
N ALA A 218 46.67 12.95 -34.44
CA ALA A 218 46.30 11.87 -33.53
C ALA A 218 45.75 10.66 -34.25
N GLU A 219 45.07 10.85 -35.38
CA GLU A 219 44.51 9.76 -36.16
C GLU A 219 45.27 9.53 -37.47
N ALA A 220 46.57 9.81 -37.46
CA ALA A 220 47.42 9.47 -38.60
C ALA A 220 47.31 7.99 -38.92
N SER A 221 46.86 7.66 -40.13
CA SER A 221 46.51 6.29 -40.47
C SER A 221 47.45 5.61 -41.45
N MET A 222 47.93 6.30 -42.48
CA MET A 222 48.65 5.64 -43.56
C MET A 222 49.94 6.35 -43.91
N VAL A 223 50.92 5.57 -44.33
CA VAL A 223 52.23 6.05 -44.75
C VAL A 223 52.37 5.80 -46.25
N ILE A 224 52.65 6.85 -46.99
CA ILE A 224 52.88 6.80 -48.44
C ILE A 224 54.36 7.08 -48.66
N ALA A 225 55.05 6.15 -49.31
CA ALA A 225 56.47 6.30 -49.61
C ALA A 225 56.58 7.01 -50.95
N VAL A 226 57.02 8.26 -50.94
CA VAL A 226 57.13 9.07 -52.15
C VAL A 226 58.36 8.67 -52.95
N PRO A 227 58.27 8.65 -54.30
CA PRO A 227 59.42 8.18 -55.11
C PRO A 227 60.60 9.14 -55.20
N GLU A 228 61.63 8.71 -55.94
CA GLU A 228 62.90 9.42 -55.93
C GLU A 228 62.85 10.90 -56.27
N PRO A 229 62.06 11.37 -57.24
CA PRO A 229 62.11 12.81 -57.57
C PRO A 229 61.90 13.73 -56.39
N PHE A 230 60.98 13.37 -55.49
CA PHE A 230 60.75 14.13 -54.26
C PHE A 230 61.45 13.49 -53.07
N GLY A 231 61.26 12.19 -52.88
CA GLY A 231 61.76 11.51 -51.71
C GLY A 231 60.83 11.71 -50.54
N GLY A 232 61.22 11.16 -49.39
CA GLY A 232 60.41 11.37 -48.20
C GLY A 232 59.12 10.55 -48.17
N ALA A 233 58.15 11.06 -47.39
CA ALA A 233 56.90 10.34 -47.18
C ALA A 233 55.73 11.31 -47.01
N ILE A 234 54.52 10.77 -47.23
CA ILE A 234 53.27 11.47 -46.97
C ILE A 234 52.48 10.68 -45.92
N ILE A 235 51.90 11.40 -44.96
CA ILE A 235 51.12 10.83 -43.86
C ILE A 235 49.67 11.28 -44.04
N ILE A 236 48.76 10.32 -44.15
CA ILE A 236 47.33 10.60 -44.34
C ILE A 236 46.59 10.43 -43.02
N GLY A 237 45.82 11.44 -42.63
CA GLY A 237 45.01 11.35 -41.42
C GLY A 237 43.52 11.47 -41.66
N GLN A 238 42.79 11.88 -40.63
CA GLN A 238 41.36 12.16 -40.73
C GLN A 238 41.11 13.58 -41.21
N GLU A 239 41.94 14.53 -40.77
CA GLU A 239 41.79 15.93 -41.16
C GLU A 239 42.90 16.48 -42.02
N SER A 240 44.11 15.90 -41.99
CA SER A 240 45.24 16.54 -42.66
C SER A 240 46.10 15.53 -43.42
N ILE A 241 46.79 16.04 -44.43
CA ILE A 241 47.80 15.30 -45.19
C ILE A 241 49.09 16.10 -45.09
N THR A 242 50.15 15.46 -44.60
CA THR A 242 51.43 16.11 -44.40
C THR A 242 52.52 15.42 -45.21
N TYR A 243 53.54 16.20 -45.59
CA TYR A 243 54.71 15.68 -46.26
C TYR A 243 55.92 15.94 -45.38
N HIS A 244 56.73 14.90 -45.14
CA HIS A 244 57.90 15.00 -44.29
C HIS A 244 59.13 14.53 -45.04
N ASN A 245 60.22 15.31 -44.98
CA ASN A 245 61.49 14.85 -45.52
C ASN A 245 62.60 15.71 -44.92
N GLY A 246 63.22 15.20 -43.86
CA GLY A 246 64.26 15.93 -43.17
C GLY A 246 63.80 17.28 -42.67
N ASP A 247 64.35 18.34 -43.26
CA ASP A 247 63.97 19.70 -42.90
C ASP A 247 62.64 20.12 -43.54
N LYS A 248 62.24 19.51 -44.66
CA LYS A 248 61.02 19.93 -45.36
C LYS A 248 59.77 19.40 -44.67
N TYR A 249 58.77 20.28 -44.49
CA TYR A 249 57.50 19.90 -43.88
C TYR A 249 56.37 20.65 -44.56
N LEU A 250 55.36 19.91 -45.03
CA LEU A 250 54.16 20.50 -45.61
C LEU A 250 52.90 19.90 -45.00
N ALA A 251 51.85 20.72 -44.91
CA ALA A 251 50.57 20.25 -44.38
C ALA A 251 49.41 20.94 -45.06
N ILE A 252 48.53 20.16 -45.69
CA ILE A 252 47.28 20.64 -46.27
C ILE A 252 46.15 19.98 -45.48
N ALA A 253 45.16 20.78 -45.10
CA ALA A 253 44.03 20.29 -44.30
C ALA A 253 42.74 20.76 -44.98
N PRO A 254 42.44 20.25 -46.16
CA PRO A 254 41.26 20.70 -46.88
C PRO A 254 40.00 20.18 -46.19
N PRO A 255 38.97 21.00 -46.02
CA PRO A 255 37.80 20.55 -45.24
C PRO A 255 37.11 19.34 -45.83
N ILE A 256 37.30 19.08 -47.12
CA ILE A 256 36.52 18.04 -47.78
C ILE A 256 36.85 16.66 -47.19
N ILE A 257 38.12 16.41 -46.86
CA ILE A 257 38.47 15.08 -46.39
C ILE A 257 38.01 14.82 -44.96
N LYS A 258 37.80 15.88 -44.16
CA LYS A 258 37.33 15.68 -42.79
C LYS A 258 36.03 14.88 -42.77
N GLN A 259 35.24 14.96 -43.84
CA GLN A 259 33.90 14.40 -43.84
C GLN A 259 33.90 12.88 -43.78
N SER A 260 34.88 12.22 -44.41
CA SER A 260 34.88 10.76 -44.44
C SER A 260 36.31 10.25 -44.34
N THR A 261 36.46 9.18 -43.56
CA THR A 261 37.77 8.60 -43.29
C THR A 261 38.38 8.02 -44.55
N ILE A 262 39.61 8.40 -44.83
CA ILE A 262 40.32 7.91 -46.00
C ILE A 262 40.97 6.57 -45.68
N VAL A 263 40.79 5.59 -46.56
CA VAL A 263 41.24 4.23 -46.25
C VAL A 263 42.23 3.64 -47.25
N CYS A 264 42.34 4.13 -48.49
CA CYS A 264 43.23 3.49 -49.44
C CYS A 264 43.97 4.51 -50.31
N HIS A 265 45.18 4.13 -50.72
CA HIS A 265 46.05 5.02 -51.50
C HIS A 265 46.73 4.21 -52.59
N ASN A 266 47.00 4.88 -53.71
CA ASN A 266 47.77 4.31 -54.80
C ASN A 266 48.47 5.43 -55.57
N ARG A 267 49.52 5.05 -56.31
CA ARG A 267 50.34 6.00 -57.05
C ARG A 267 49.94 6.01 -58.53
N VAL A 268 49.60 7.20 -59.03
CA VAL A 268 49.24 7.33 -60.44
C VAL A 268 50.48 7.53 -61.31
N ASP A 269 51.32 8.52 -60.96
CA ASP A 269 52.50 8.86 -61.76
C ASP A 269 53.71 8.22 -61.10
N PRO A 270 54.47 7.38 -61.81
CA PRO A 270 55.62 6.72 -61.16
C PRO A 270 56.57 7.65 -60.44
N ASN A 271 56.70 8.90 -60.90
CA ASN A 271 57.56 9.91 -60.26
C ASN A 271 57.00 10.44 -58.94
N GLY A 272 55.73 10.15 -58.62
CA GLY A 272 55.13 10.60 -57.39
C GLY A 272 54.35 11.89 -57.49
N SER A 273 54.14 12.41 -58.69
CA SER A 273 53.42 13.67 -58.83
C SER A 273 51.96 13.51 -58.43
N ARG A 274 51.35 12.38 -58.76
CA ARG A 274 49.92 12.19 -58.52
C ARG A 274 49.66 10.89 -57.78
N TYR A 275 48.83 10.97 -56.74
CA TYR A 275 48.41 9.82 -55.94
C TYR A 275 46.89 9.82 -55.84
N LEU A 276 46.29 8.64 -55.72
CA LEU A 276 44.85 8.49 -55.62
C LEU A 276 44.47 8.11 -54.18
N LEU A 277 43.43 8.74 -53.67
CA LEU A 277 42.95 8.52 -52.31
C LEU A 277 41.47 8.20 -52.35
N GLY A 278 41.05 7.25 -51.50
CA GLY A 278 39.66 6.90 -51.37
C GLY A 278 39.23 6.86 -49.91
N ASP A 279 37.95 7.12 -49.68
CA ASP A 279 37.39 7.14 -48.33
C ASP A 279 36.16 6.26 -48.26
N MET A 280 35.67 6.07 -47.03
CA MET A 280 34.64 5.07 -46.77
C MET A 280 33.28 5.43 -47.37
N GLU A 281 33.08 6.68 -47.76
CA GLU A 281 31.85 7.07 -48.45
C GLU A 281 31.97 6.88 -49.96
N GLY A 282 33.07 6.30 -50.44
CA GLY A 282 33.27 6.04 -51.84
C GLY A 282 33.87 7.17 -52.65
N ARG A 283 34.04 8.34 -52.05
CA ARG A 283 34.60 9.47 -52.77
C ARG A 283 36.03 9.17 -53.19
N LEU A 284 36.37 9.51 -54.43
CA LEU A 284 37.70 9.27 -54.97
C LEU A 284 38.37 10.62 -55.21
N PHE A 285 39.56 10.79 -54.63
CA PHE A 285 40.30 12.05 -54.72
C PHE A 285 41.62 11.87 -55.47
N MET A 286 42.13 12.99 -56.00
CA MET A 286 43.47 13.05 -56.57
C MET A 286 44.34 13.94 -55.68
N LEU A 287 45.46 13.38 -55.21
CA LEU A 287 46.42 14.13 -54.42
C LEU A 287 47.55 14.54 -55.35
N LEU A 288 47.82 15.85 -55.42
CA LEU A 288 48.76 16.40 -56.38
C LEU A 288 49.99 16.92 -55.66
N LEU A 289 51.16 16.56 -56.18
CA LEU A 289 52.44 17.08 -55.68
C LEU A 289 52.93 18.14 -56.67
N GLU A 290 52.87 19.40 -56.24
CA GLU A 290 53.22 20.56 -57.06
C GLU A 290 54.71 20.81 -56.99
N LYS A 291 55.41 20.50 -58.07
CA LYS A 291 56.87 20.61 -58.08
C LYS A 291 57.34 22.06 -58.23
N GLU A 292 58.55 22.31 -57.77
CA GLU A 292 59.26 23.57 -57.94
C GLU A 292 60.73 23.22 -58.16
N GLU A 293 61.31 23.62 -59.29
CA GLU A 293 62.71 23.33 -59.57
C GLU A 293 63.58 24.57 -59.34
N GLN A 294 64.59 24.44 -58.49
CA GLN A 294 65.52 25.53 -58.25
C GLN A 294 66.57 25.65 -59.34
N MET A 295 67.20 26.83 -59.42
CA MET A 295 68.28 27.02 -60.38
C MET A 295 69.40 26.03 -60.15
N ASP A 296 69.49 25.51 -58.92
CA ASP A 296 70.45 24.47 -58.58
C ASP A 296 70.28 23.25 -59.48
N GLY A 297 69.09 23.04 -60.04
CA GLY A 297 68.75 21.83 -60.74
C GLY A 297 68.00 20.83 -59.90
N THR A 298 67.92 21.05 -58.59
CA THR A 298 67.21 20.17 -57.68
C THR A 298 65.71 20.40 -57.76
N VAL A 299 64.96 19.31 -57.56
CA VAL A 299 63.50 19.35 -57.61
C VAL A 299 63.00 19.18 -56.19
N THR A 300 62.23 20.15 -55.72
CA THR A 300 61.66 20.11 -54.38
C THR A 300 60.14 20.01 -54.48
N LEU A 301 59.49 19.89 -53.33
CA LEU A 301 58.03 19.80 -53.26
C LEU A 301 57.52 21.15 -52.80
N LYS A 302 56.73 21.80 -53.65
CA LYS A 302 56.24 23.15 -53.39
C LYS A 302 54.97 23.14 -52.54
N ASP A 303 53.99 22.33 -52.93
CA ASP A 303 52.71 22.36 -52.24
C ASP A 303 51.96 21.08 -52.57
N LEU A 304 50.95 20.79 -51.72
CA LEU A 304 50.05 19.66 -51.92
C LEU A 304 48.66 20.21 -52.18
N ARG A 305 47.92 19.54 -53.06
CA ARG A 305 46.57 19.93 -53.42
C ARG A 305 45.73 18.66 -53.47
N VAL A 306 44.49 18.77 -53.05
CA VAL A 306 43.55 17.65 -53.07
C VAL A 306 42.36 18.05 -53.95
N GLU A 307 42.03 17.20 -54.91
CA GLU A 307 40.96 17.46 -55.87
C GLU A 307 40.01 16.27 -55.90
N LEU A 308 38.71 16.55 -55.76
CA LEU A 308 37.67 15.52 -55.77
C LEU A 308 37.35 15.11 -57.19
N LEU A 309 37.44 13.80 -57.48
CA LEU A 309 37.19 13.29 -58.83
C LEU A 309 35.76 12.79 -59.04
N GLY A 310 35.20 12.06 -58.08
CA GLY A 310 33.87 11.51 -58.22
C GLY A 310 33.61 10.44 -57.16
N GLU A 311 32.74 9.49 -57.51
CA GLU A 311 32.37 8.46 -56.56
C GLU A 311 32.61 7.09 -57.17
N THR A 312 33.23 6.20 -56.39
CA THR A 312 33.43 4.81 -56.70
C THR A 312 32.77 3.97 -55.61
N SER A 313 32.91 2.66 -55.69
CA SER A 313 32.49 1.82 -54.58
C SER A 313 33.40 2.01 -53.38
N ILE A 314 32.84 1.81 -52.17
CA ILE A 314 33.68 1.78 -50.98
C ILE A 314 34.78 0.75 -51.21
N ALA A 315 36.03 1.22 -51.22
CA ALA A 315 37.13 0.44 -51.77
C ALA A 315 38.16 -0.01 -50.73
N GLU A 316 38.48 -1.30 -50.73
CA GLU A 316 39.59 -1.79 -49.91
C GLU A 316 40.94 -1.48 -50.55
N CYS A 317 41.06 -1.65 -51.86
CA CYS A 317 42.31 -1.38 -52.56
C CYS A 317 41.98 -0.61 -53.83
N LEU A 318 42.84 0.35 -54.15
CA LEU A 318 42.80 1.05 -55.43
C LEU A 318 44.08 0.71 -56.17
N THR A 319 43.97 0.46 -57.47
CA THR A 319 45.15 0.37 -58.30
C THR A 319 44.86 1.02 -59.64
N TYR A 320 45.71 1.96 -60.03
CA TYR A 320 45.63 2.60 -61.33
C TYR A 320 46.27 1.65 -62.32
N LEU A 321 45.65 1.50 -63.48
CA LEU A 321 46.20 0.59 -64.46
C LEU A 321 46.92 1.34 -65.56
N ASP A 322 46.18 2.00 -66.45
CA ASP A 322 46.83 2.73 -67.52
C ASP A 322 45.80 3.64 -68.18
N ASN A 323 46.31 4.66 -68.87
CA ASN A 323 45.45 5.60 -69.58
C ASN A 323 44.59 6.23 -68.50
N GLY A 324 43.27 6.19 -68.59
CA GLY A 324 42.44 6.71 -67.54
C GLY A 324 41.74 5.64 -66.73
N VAL A 325 42.25 4.41 -66.74
CA VAL A 325 41.56 3.28 -66.13
C VAL A 325 42.12 2.94 -64.75
N VAL A 326 41.21 2.78 -63.79
CA VAL A 326 41.52 2.47 -62.40
C VAL A 326 40.69 1.26 -62.00
N PHE A 327 41.31 0.30 -61.33
CA PHE A 327 40.55 -0.82 -60.79
C PHE A 327 40.19 -0.55 -59.34
N VAL A 328 38.91 -0.64 -59.01
CA VAL A 328 38.40 -0.35 -57.67
C VAL A 328 38.09 -1.70 -57.00
N GLY A 329 38.96 -2.12 -56.09
CA GLY A 329 38.71 -3.35 -55.36
C GLY A 329 37.90 -3.14 -54.09
N SER A 330 36.69 -3.71 -54.04
CA SER A 330 35.74 -3.43 -52.97
C SER A 330 35.47 -4.70 -52.17
N ARG A 331 35.45 -4.54 -50.85
CA ARG A 331 35.09 -5.59 -49.91
C ARG A 331 33.68 -5.48 -49.38
N LEU A 332 33.13 -4.27 -49.33
CA LEU A 332 31.78 -4.02 -48.84
C LEU A 332 30.77 -3.91 -49.96
N GLY A 333 31.22 -3.74 -51.20
CA GLY A 333 30.34 -3.63 -52.33
C GLY A 333 30.98 -4.19 -53.58
N ASP A 334 30.33 -4.03 -54.73
CA ASP A 334 30.86 -4.55 -55.98
C ASP A 334 32.13 -3.78 -56.37
N SER A 335 33.12 -4.51 -56.89
CA SER A 335 34.37 -3.91 -57.35
C SER A 335 34.17 -3.34 -58.75
N GLN A 336 35.14 -2.55 -59.21
CA GLN A 336 34.90 -1.83 -60.45
C GLN A 336 36.15 -1.54 -61.27
N LEU A 337 35.90 -1.32 -62.56
CA LEU A 337 36.79 -0.58 -63.46
C LEU A 337 36.10 0.75 -63.77
N VAL A 338 36.79 1.86 -63.51
CA VAL A 338 36.26 3.18 -63.79
C VAL A 338 37.29 3.93 -64.62
N LYS A 339 36.81 4.84 -65.48
CA LYS A 339 37.72 5.67 -66.26
C LYS A 339 37.72 7.10 -65.74
N LEU A 340 38.92 7.64 -65.55
CA LEU A 340 39.10 9.03 -65.15
C LEU A 340 39.25 9.88 -66.41
N ASN A 341 38.40 10.89 -66.54
CA ASN A 341 38.41 11.77 -67.70
C ASN A 341 39.08 13.09 -67.32
N VAL A 342 39.70 13.74 -68.31
CA VAL A 342 40.28 15.06 -68.08
C VAL A 342 39.19 16.11 -67.94
N ASP A 343 38.12 15.98 -68.72
CA ASP A 343 36.98 16.87 -68.65
C ASP A 343 35.89 16.23 -67.80
N SER A 344 35.29 17.03 -66.93
CA SER A 344 34.17 16.58 -66.12
C SER A 344 32.92 16.45 -66.97
N ASN A 345 32.00 15.59 -66.51
CA ASN A 345 30.71 15.46 -67.19
C ASN A 345 29.80 16.58 -66.69
N GLU A 346 28.55 16.61 -67.15
CA GLU A 346 27.68 17.74 -66.84
C GLU A 346 27.28 17.80 -65.38
N GLN A 347 27.53 16.76 -64.60
CA GLN A 347 27.25 16.75 -63.17
C GLN A 347 28.45 17.18 -62.35
N GLY A 348 29.59 17.44 -62.99
CA GLY A 348 30.83 17.77 -62.31
C GLY A 348 31.75 16.61 -62.02
N SER A 349 31.42 15.41 -62.48
CA SER A 349 32.21 14.23 -62.17
C SER A 349 33.17 13.88 -63.29
N TYR A 350 34.40 13.53 -62.89
CA TYR A 350 35.41 13.04 -63.83
C TYR A 350 35.47 11.52 -63.87
N VAL A 351 34.60 10.84 -63.14
CA VAL A 351 34.64 9.40 -63.00
C VAL A 351 33.40 8.83 -63.68
N VAL A 352 33.59 7.86 -64.56
CA VAL A 352 32.50 7.20 -65.24
C VAL A 352 32.78 5.70 -65.17
N ALA A 353 31.80 4.95 -64.68
CA ALA A 353 31.97 3.51 -64.48
C ALA A 353 32.05 2.76 -65.80
N MET A 354 32.96 1.79 -65.88
CA MET A 354 33.07 0.94 -67.05
C MET A 354 32.43 -0.44 -66.87
N GLU A 355 32.93 -1.22 -65.91
CA GLU A 355 32.46 -2.56 -65.68
C GLU A 355 32.18 -2.74 -64.20
N THR A 356 31.27 -3.66 -63.89
CA THR A 356 30.91 -3.93 -62.51
C THR A 356 31.09 -5.42 -62.25
N PHE A 357 31.92 -5.73 -61.26
CA PHE A 357 32.27 -7.10 -60.89
C PHE A 357 31.50 -7.48 -59.63
N THR A 358 30.67 -8.51 -59.73
CA THR A 358 29.79 -8.87 -58.63
C THR A 358 30.58 -9.22 -57.38
N ASN A 359 30.21 -8.59 -56.26
CA ASN A 359 30.70 -8.92 -54.94
C ASN A 359 29.50 -9.16 -54.05
N LEU A 360 29.32 -10.39 -53.58
CA LEU A 360 28.23 -10.63 -52.64
C LEU A 360 28.40 -9.90 -51.32
N GLY A 361 29.51 -9.16 -51.16
CA GLY A 361 29.71 -8.29 -50.03
C GLY A 361 29.61 -9.10 -48.75
N PRO A 362 29.56 -8.43 -47.62
CA PRO A 362 29.21 -9.13 -46.38
C PRO A 362 27.80 -9.70 -46.47
N ILE A 363 27.66 -10.99 -46.19
CA ILE A 363 26.35 -11.63 -46.14
C ILE A 363 25.94 -11.64 -44.67
N VAL A 364 25.16 -10.64 -44.26
CA VAL A 364 24.76 -10.51 -42.87
C VAL A 364 23.72 -11.56 -42.49
N ASP A 365 22.74 -11.78 -43.36
CA ASP A 365 21.72 -12.79 -43.13
C ASP A 365 21.29 -13.29 -44.50
N MET A 366 20.53 -14.38 -44.53
CA MET A 366 19.99 -14.89 -45.78
C MET A 366 18.92 -15.92 -45.49
N CYS A 367 18.05 -16.13 -46.47
CA CYS A 367 16.99 -17.13 -46.40
C CYS A 367 16.83 -17.79 -47.76
N VAL A 368 16.36 -19.04 -47.74
CA VAL A 368 16.09 -19.80 -48.96
C VAL A 368 14.59 -19.85 -49.14
N VAL A 369 14.13 -19.48 -50.33
CA VAL A 369 12.71 -19.38 -50.63
C VAL A 369 12.50 -19.83 -52.07
N ASP A 370 11.46 -20.62 -52.29
CA ASP A 370 11.08 -21.07 -53.64
C ASP A 370 10.08 -20.06 -54.18
N LEU A 371 10.59 -19.02 -54.83
CA LEU A 371 9.72 -17.95 -55.30
C LEU A 371 8.80 -18.40 -56.42
N GLU A 372 9.34 -19.14 -57.38
CA GLU A 372 8.64 -19.58 -58.58
C GLU A 372 7.96 -20.94 -58.41
N ARG A 373 7.86 -21.43 -57.17
CA ARG A 373 7.25 -22.71 -56.82
C ARG A 373 8.00 -23.90 -57.40
N GLN A 374 9.27 -23.73 -57.74
CA GLN A 374 9.98 -24.72 -58.55
C GLN A 374 10.56 -25.92 -57.79
N GLY A 375 10.33 -26.09 -56.50
CA GLY A 375 10.98 -27.16 -55.79
C GLY A 375 12.48 -26.99 -55.69
N GLN A 376 13.04 -25.95 -56.32
CA GLN A 376 14.47 -25.67 -56.28
C GLN A 376 14.88 -24.94 -55.01
N GLY A 377 14.50 -23.69 -54.90
CA GLY A 377 14.91 -22.83 -53.82
C GLY A 377 15.93 -21.83 -54.33
N GLN A 378 15.68 -20.55 -54.06
CA GLN A 378 16.54 -19.44 -54.41
C GLN A 378 17.00 -18.82 -53.11
N LEU A 379 18.17 -18.23 -53.14
CA LEU A 379 18.81 -17.66 -51.97
C LEU A 379 18.73 -16.15 -52.09
N VAL A 380 18.06 -15.52 -51.13
CA VAL A 380 17.98 -14.06 -51.04
C VAL A 380 18.90 -13.67 -49.90
N THR A 381 19.93 -12.87 -50.19
CA THR A 381 20.96 -12.56 -49.21
C THR A 381 20.92 -11.09 -48.90
N CYS A 382 21.16 -10.76 -47.64
CA CYS A 382 21.44 -9.39 -47.23
C CYS A 382 22.92 -9.15 -47.42
N SER A 383 23.27 -8.35 -48.42
CA SER A 383 24.64 -8.20 -48.86
C SER A 383 25.04 -6.74 -48.92
N GLY A 384 26.31 -6.50 -48.62
CA GLY A 384 26.88 -5.17 -48.66
C GLY A 384 26.73 -4.41 -47.36
N ALA A 385 27.23 -3.18 -47.38
CA ALA A 385 27.08 -2.25 -46.27
C ALA A 385 26.98 -0.84 -46.81
N PHE A 386 26.25 0.00 -46.07
CA PHE A 386 26.14 1.42 -46.37
C PHE A 386 25.63 1.58 -47.81
N LYS A 387 26.30 2.38 -48.64
CA LYS A 387 25.85 2.65 -50.00
C LYS A 387 25.78 1.38 -50.82
N GLU A 388 26.58 0.38 -50.48
CA GLU A 388 26.65 -0.86 -51.23
C GLU A 388 25.62 -1.88 -50.76
N GLY A 389 24.76 -1.51 -49.80
CA GLY A 389 23.79 -2.42 -49.26
C GLY A 389 22.84 -2.92 -50.33
N SER A 390 22.62 -4.23 -50.35
CA SER A 390 21.89 -4.84 -51.44
C SER A 390 21.24 -6.13 -50.96
N LEU A 391 20.18 -6.49 -51.66
CA LEU A 391 19.58 -7.81 -51.60
C LEU A 391 19.99 -8.53 -52.87
N ARG A 392 20.48 -9.76 -52.73
CA ARG A 392 20.96 -10.52 -53.87
C ARG A 392 20.18 -11.83 -53.93
N ILE A 393 19.48 -12.03 -55.04
CA ILE A 393 18.70 -13.24 -55.27
C ILE A 393 19.55 -14.17 -56.14
N ILE A 394 19.78 -15.38 -55.66
CA ILE A 394 20.74 -16.30 -56.27
C ILE A 394 20.04 -17.63 -56.58
N ARG A 395 20.16 -18.07 -57.84
CA ARG A 395 19.61 -19.33 -58.31
C ARG A 395 20.67 -20.07 -59.12
N ASN A 396 20.59 -21.40 -59.14
CA ASN A 396 21.47 -22.20 -59.99
C ASN A 396 20.88 -22.40 -61.40
N GLY A 397 21.77 -22.35 -62.40
CA GLY A 397 21.36 -22.48 -63.78
C GLY A 397 22.51 -22.47 -64.77
N GLN A 408 27.02 -23.86 -66.70
CA GLN A 408 27.09 -24.07 -65.26
C GLN A 408 27.62 -22.84 -64.54
N LYS A 409 26.71 -22.01 -64.04
CA LYS A 409 27.04 -20.77 -63.33
C LYS A 409 25.83 -20.44 -62.48
N LEU A 410 26.03 -19.54 -61.50
CA LEU A 410 24.95 -19.12 -60.63
C LEU A 410 24.43 -17.77 -61.10
N HIS A 411 23.12 -17.68 -61.34
CA HIS A 411 22.48 -16.42 -61.75
C HIS A 411 22.17 -15.58 -60.51
N ILE A 412 22.65 -14.34 -60.51
CA ILE A 412 22.52 -13.44 -59.36
C ILE A 412 21.83 -12.16 -59.80
N ARG A 413 20.76 -11.81 -59.10
CA ARG A 413 20.07 -10.53 -59.27
C ARG A 413 20.38 -9.64 -58.07
N THR A 414 20.55 -8.35 -58.32
CA THR A 414 20.92 -7.38 -57.29
C THR A 414 19.81 -6.36 -57.11
N VAL A 415 19.42 -6.12 -55.86
CA VAL A 415 18.44 -5.10 -55.51
C VAL A 415 19.16 -4.01 -54.71
N PRO A 416 19.38 -2.83 -55.29
CA PRO A 416 20.12 -1.79 -54.55
C PRO A 416 19.27 -1.19 -53.43
N LEU A 417 19.88 -1.08 -52.25
CA LEU A 417 19.24 -0.48 -51.08
C LEU A 417 19.89 0.80 -50.60
N TYR A 418 21.19 0.97 -50.85
CA TYR A 418 21.94 2.18 -50.46
C TYR A 418 21.90 2.41 -48.96
N GLU A 419 21.52 1.39 -48.19
CA GLU A 419 21.62 1.40 -46.74
C GLU A 419 21.94 -0.03 -46.32
N SER A 420 22.38 -0.19 -45.07
CA SER A 420 22.88 -1.49 -44.64
C SER A 420 21.72 -2.44 -44.37
N PRO A 421 21.67 -3.60 -45.03
CA PRO A 421 20.67 -4.62 -44.68
C PRO A 421 21.19 -5.47 -43.53
N ARG A 422 20.28 -5.83 -42.61
CA ARG A 422 20.68 -6.50 -41.38
C ARG A 422 20.09 -7.90 -41.24
N LYS A 423 18.77 -8.06 -41.39
CA LYS A 423 18.14 -9.36 -41.29
C LYS A 423 17.03 -9.47 -42.34
N ILE A 424 16.80 -10.68 -42.83
CA ILE A 424 15.76 -10.92 -43.83
C ILE A 424 14.96 -12.17 -43.44
N CYS A 425 13.66 -12.13 -43.75
CA CYS A 425 12.75 -13.23 -43.49
C CYS A 425 11.61 -13.15 -44.52
N TYR A 426 11.16 -14.31 -44.98
CA TYR A 426 10.12 -14.37 -45.99
C TYR A 426 8.76 -14.66 -45.35
N GLN A 427 7.73 -13.93 -45.81
CA GLN A 427 6.34 -14.07 -45.34
C GLN A 427 5.52 -14.41 -46.58
N GLU A 428 5.23 -15.70 -46.78
CA GLU A 428 4.56 -16.10 -48.02
C GLU A 428 3.15 -15.52 -48.08
N VAL A 429 2.43 -15.52 -46.95
CA VAL A 429 1.05 -15.04 -46.96
C VAL A 429 0.95 -13.66 -47.60
N SER A 430 1.99 -12.85 -47.47
CA SER A 430 1.99 -11.49 -47.99
C SER A 430 2.77 -11.33 -49.29
N GLN A 431 3.22 -12.42 -49.91
CA GLN A 431 3.99 -12.35 -51.14
C GLN A 431 5.12 -11.33 -51.07
N CYS A 432 5.79 -11.27 -49.92
CA CYS A 432 6.82 -10.26 -49.72
C CYS A 432 7.85 -10.70 -48.69
N PHE A 433 8.96 -9.96 -48.63
CA PHE A 433 10.00 -10.13 -47.63
C PHE A 433 9.97 -9.00 -46.61
N GLY A 434 10.30 -9.33 -45.36
CA GLY A 434 10.62 -8.34 -44.35
C GLY A 434 12.13 -8.24 -44.19
N VAL A 435 12.64 -7.00 -44.24
CA VAL A 435 14.08 -6.75 -44.14
C VAL A 435 14.33 -5.65 -43.13
N LEU A 436 15.24 -5.91 -42.19
CA LEU A 436 15.73 -4.91 -41.27
C LEU A 436 16.94 -4.20 -41.86
N SER A 437 16.96 -2.88 -41.73
CA SER A 437 18.00 -2.09 -42.35
C SER A 437 18.35 -0.91 -41.46
N SER A 438 19.55 -0.38 -41.63
CA SER A 438 19.96 0.80 -40.90
C SER A 438 20.69 1.74 -41.84
N ARG A 439 20.42 3.03 -41.71
CA ARG A 439 21.06 4.05 -42.52
C ARG A 439 21.72 5.08 -41.62
N ILE A 440 22.74 5.73 -42.18
CA ILE A 440 23.53 6.70 -41.43
C ILE A 440 22.98 8.10 -41.69
N GLU A 441 22.65 8.80 -40.61
CA GLU A 441 22.36 10.23 -40.64
C GLU A 441 23.38 10.94 -39.74
N VAL A 442 23.50 12.26 -39.92
CA VAL A 442 24.49 13.05 -39.20
C VAL A 442 23.81 14.21 -38.50
N GLN A 443 24.22 14.49 -37.26
CA GLN A 443 23.63 15.58 -36.50
C GLN A 443 23.80 16.88 -37.27
N ASP A 444 22.69 17.47 -37.73
CA ASP A 444 22.75 18.69 -38.53
C ASP A 444 22.42 19.90 -37.65
N THR A 445 22.47 21.08 -38.26
CA THR A 445 22.27 22.32 -37.51
C THR A 445 20.85 22.47 -36.98
N SER A 446 19.88 21.77 -37.56
CA SER A 446 18.50 21.84 -37.06
C SER A 446 18.34 21.23 -35.66
N GLY A 447 19.30 20.45 -35.20
CA GLY A 447 19.19 19.70 -33.98
C GLY A 447 18.78 18.26 -34.22
N GLY A 448 18.25 17.98 -35.42
CA GLY A 448 17.93 16.61 -35.78
C GLY A 448 19.05 16.00 -36.60
N THR A 449 18.71 15.19 -37.60
CA THR A 449 19.72 14.55 -38.42
C THR A 449 19.28 14.58 -39.88
N THR A 450 20.27 14.44 -40.76
CA THR A 450 20.09 14.48 -42.20
C THR A 450 20.83 13.32 -42.83
N ALA A 451 20.15 12.60 -43.73
CA ALA A 451 20.76 11.43 -44.37
C ALA A 451 21.70 11.86 -45.49
N LEU A 452 22.82 11.15 -45.59
CA LEU A 452 23.84 11.50 -46.60
C LEU A 452 23.31 11.32 -48.01
N ARG A 453 22.46 10.31 -48.22
CA ARG A 453 21.91 9.99 -49.53
C ARG A 453 20.56 9.31 -49.33
N PRO A 454 19.65 9.45 -50.29
CA PRO A 454 18.38 8.72 -50.18
C PRO A 454 18.63 7.22 -50.31
N SER A 455 17.77 6.43 -49.65
CA SER A 455 17.94 4.99 -49.61
C SER A 455 16.59 4.32 -49.42
N ALA A 456 16.63 2.98 -49.32
CA ALA A 456 15.40 2.19 -49.36
C ALA A 456 14.39 2.66 -48.32
N SER A 457 14.85 2.94 -47.10
CA SER A 457 13.93 3.30 -46.03
C SER A 457 13.26 4.65 -46.29
N THR A 458 13.89 5.52 -47.09
CA THR A 458 13.33 6.81 -47.43
C THR A 458 12.59 6.82 -48.76
N GLN A 459 12.79 5.80 -49.60
CA GLN A 459 12.14 5.73 -50.89
C GLN A 459 11.01 4.69 -50.90
N ALA A 460 10.51 4.34 -49.72
CA ALA A 460 9.38 3.43 -49.62
C ALA A 460 8.13 4.10 -50.16
N LEU A 461 7.22 3.30 -50.72
CA LEU A 461 5.97 3.85 -51.20
C LEU A 461 5.19 4.49 -50.06
N SER A 462 4.89 3.71 -49.03
CA SER A 462 4.27 4.19 -47.80
C SER A 462 5.27 4.04 -46.66
N SER A 463 5.14 4.87 -45.64
CA SER A 463 6.09 4.91 -44.54
C SER A 463 5.38 5.18 -43.22
N SER A 464 6.05 4.77 -42.13
CA SER A 464 5.52 4.97 -40.78
C SER A 464 6.67 5.13 -39.80
N VAL A 465 6.42 5.87 -38.72
CA VAL A 465 7.40 6.09 -37.66
C VAL A 465 6.77 5.68 -36.33
N SER A 466 7.53 4.93 -35.53
CA SER A 466 7.01 4.42 -34.28
C SER A 466 6.74 5.56 -33.29
N SER A 467 5.58 5.48 -32.64
CA SER A 467 5.17 6.46 -31.64
C SER A 467 5.20 5.90 -30.21
N SER A 468 5.81 4.73 -30.01
CA SER A 468 5.75 4.07 -28.71
C SER A 468 6.29 4.98 -27.62
N LYS A 469 5.62 4.95 -26.48
CA LYS A 469 6.03 5.75 -25.33
C LYS A 469 6.64 4.90 -24.23
N LEU A 470 7.04 3.66 -24.57
CA LEU A 470 7.57 2.76 -23.54
C LEU A 470 8.75 3.39 -22.81
N PHE A 471 9.72 3.91 -23.57
CA PHE A 471 10.91 4.54 -23.01
C PHE A 471 10.79 6.06 -22.95
N SER A 472 9.63 6.61 -23.28
CA SER A 472 9.45 8.06 -23.29
C SER A 472 9.71 8.76 -21.97
N SER A 473 9.73 8.05 -20.83
CA SER A 473 9.92 8.76 -19.58
C SER A 473 11.33 9.31 -19.47
N SER A 474 12.27 8.68 -20.18
CA SER A 474 13.66 9.11 -20.24
C SER A 474 14.22 9.70 -18.95
N THR A 475 14.48 11.01 -18.92
CA THR A 475 15.20 11.68 -17.84
C THR A 475 16.68 11.27 -17.81
N ALA A 476 17.12 10.56 -18.85
CA ALA A 476 18.52 10.17 -19.08
C ALA A 476 19.11 11.04 -20.18
N PRO A 477 20.13 11.86 -19.91
CA PRO A 477 20.61 12.83 -20.93
C PRO A 477 21.61 12.22 -21.91
N HIS A 478 21.39 12.47 -23.20
CA HIS A 478 22.33 12.04 -24.25
C HIS A 478 22.60 13.24 -25.16
N GLU A 479 23.73 13.91 -24.96
CA GLU A 479 24.07 15.11 -25.73
C GLU A 479 24.55 14.81 -27.14
N THR A 480 24.22 15.73 -28.05
CA THR A 480 24.52 15.60 -29.47
C THR A 480 25.42 16.72 -29.95
N SER A 481 26.48 16.38 -30.66
CA SER A 481 27.39 17.34 -31.28
C SER A 481 27.18 17.30 -32.78
N PHE A 482 27.18 18.48 -33.41
CA PHE A 482 27.00 18.54 -34.85
C PHE A 482 28.09 17.71 -35.54
N GLY A 483 27.66 16.93 -36.53
CA GLY A 483 28.57 16.11 -37.32
C GLY A 483 28.69 14.66 -36.89
N GLU A 484 28.23 14.31 -35.69
CA GLU A 484 28.31 12.92 -35.24
C GLU A 484 27.34 12.03 -36.03
N GLU A 485 27.76 10.79 -36.26
CA GLU A 485 26.93 9.84 -36.99
C GLU A 485 25.94 9.15 -36.06
N VAL A 486 24.78 8.78 -36.61
CA VAL A 486 23.79 7.98 -35.91
C VAL A 486 23.24 6.93 -36.88
N GLU A 487 22.79 5.81 -36.33
CA GLU A 487 22.12 4.79 -37.12
C GLU A 487 20.62 4.98 -36.97
N VAL A 488 19.89 4.87 -38.06
CA VAL A 488 18.44 4.89 -38.05
C VAL A 488 17.98 3.57 -38.62
N HIS A 489 17.21 2.82 -37.83
CA HIS A 489 16.84 1.47 -38.17
C HIS A 489 15.40 1.41 -38.67
N ASN A 490 15.17 0.55 -39.66
CA ASN A 490 13.88 0.44 -40.30
C ASN A 490 13.55 -1.03 -40.54
N LEU A 491 12.25 -1.31 -40.62
CA LEU A 491 11.75 -2.56 -41.16
C LEU A 491 11.23 -2.25 -42.56
N LEU A 492 11.76 -2.95 -43.56
CA LEU A 492 11.35 -2.75 -44.94
C LEU A 492 10.43 -3.90 -45.36
N ILE A 493 9.33 -3.56 -46.02
CA ILE A 493 8.46 -4.55 -46.64
C ILE A 493 8.71 -4.49 -48.14
N ILE A 494 9.15 -5.62 -48.71
CA ILE A 494 9.65 -5.68 -50.08
C ILE A 494 8.93 -6.78 -50.84
N ASP A 495 8.37 -6.43 -52.00
CA ASP A 495 7.60 -7.35 -52.82
C ASP A 495 8.49 -8.43 -53.44
N GLN A 496 7.99 -9.68 -53.44
CA GLN A 496 8.82 -10.81 -53.84
C GLN A 496 9.02 -10.92 -55.35
N HIS A 497 8.22 -10.23 -56.16
CA HIS A 497 8.40 -10.28 -57.61
C HIS A 497 9.12 -9.05 -58.13
N THR A 498 8.63 -7.86 -57.79
CA THR A 498 9.27 -6.62 -58.23
C THR A 498 10.47 -6.23 -57.37
N PHE A 499 10.47 -6.67 -56.10
CA PHE A 499 11.49 -6.27 -55.13
C PHE A 499 11.49 -4.75 -54.98
N GLU A 500 10.29 -4.19 -54.93
CA GLU A 500 10.07 -2.77 -54.72
C GLU A 500 9.78 -2.56 -53.26
N VAL A 501 10.32 -1.49 -52.68
CA VAL A 501 10.08 -1.24 -51.26
C VAL A 501 8.65 -0.75 -51.10
N LEU A 502 7.80 -1.60 -50.52
CA LEU A 502 6.39 -1.27 -50.37
C LEU A 502 6.16 -0.41 -49.13
N HIS A 503 6.86 -0.73 -48.05
CA HIS A 503 6.65 -0.01 -46.81
C HIS A 503 7.94 0.03 -46.03
N ALA A 504 8.12 1.10 -45.27
CA ALA A 504 9.26 1.26 -44.40
C ALA A 504 8.76 1.83 -43.09
N HIS A 505 9.11 1.17 -42.00
CA HIS A 505 8.75 1.59 -40.66
C HIS A 505 10.03 2.01 -39.97
N GLN A 506 10.13 3.30 -39.63
CA GLN A 506 11.30 3.79 -38.93
C GLN A 506 11.13 3.52 -37.44
N PHE A 507 12.15 2.91 -36.85
CA PHE A 507 12.09 2.61 -35.43
C PHE A 507 12.46 3.84 -34.61
N LEU A 508 12.34 3.69 -33.29
CA LEU A 508 12.53 4.79 -32.37
C LEU A 508 13.98 5.26 -32.39
N GLN A 509 14.16 6.49 -31.92
CA GLN A 509 15.49 7.08 -31.87
C GLN A 509 16.40 6.24 -31.00
N ASN A 510 17.58 5.91 -31.50
CA ASN A 510 18.53 5.09 -30.76
C ASN A 510 18.03 3.67 -30.55
N GLU A 511 17.08 3.23 -31.37
CA GLU A 511 16.57 1.87 -31.28
C GLU A 511 17.19 1.10 -32.44
N TYR A 512 17.86 0.00 -32.12
CA TYR A 512 18.44 -0.88 -33.13
C TYR A 512 17.54 -2.10 -33.28
N ALA A 513 17.29 -2.48 -34.52
CA ALA A 513 16.54 -3.70 -34.83
C ALA A 513 17.54 -4.83 -34.98
N LEU A 514 17.41 -5.87 -34.15
CA LEU A 514 18.38 -6.95 -34.10
C LEU A 514 17.86 -8.28 -34.62
N SER A 515 16.56 -8.54 -34.52
CA SER A 515 16.03 -9.84 -34.87
C SER A 515 14.66 -9.68 -35.50
N LEU A 516 14.33 -10.62 -36.40
CA LEU A 516 13.12 -10.53 -37.19
C LEU A 516 12.60 -11.94 -37.45
N VAL A 517 11.31 -12.15 -37.23
CA VAL A 517 10.66 -13.40 -37.59
C VAL A 517 9.30 -13.10 -38.23
N SER A 518 8.86 -14.02 -39.08
CA SER A 518 7.54 -13.99 -39.68
C SER A 518 6.88 -15.30 -39.31
N CYS A 519 5.74 -15.21 -38.63
CA CYS A 519 5.09 -16.42 -38.15
C CYS A 519 3.69 -16.13 -37.65
N LYS A 520 2.92 -17.21 -37.48
CA LYS A 520 1.67 -17.20 -36.72
C LYS A 520 2.00 -17.65 -35.31
N LEU A 521 1.22 -17.16 -34.35
CA LEU A 521 1.36 -17.57 -32.96
C LEU A 521 0.03 -18.07 -32.41
N GLY A 522 0.11 -19.05 -31.53
CA GLY A 522 -1.06 -19.51 -30.80
C GLY A 522 -2.22 -19.88 -31.70
N LYS A 523 -3.40 -19.40 -31.32
CA LYS A 523 -4.62 -19.58 -32.08
C LYS A 523 -4.91 -18.38 -32.97
N ASP A 524 -3.93 -17.48 -33.14
CA ASP A 524 -4.13 -16.28 -33.94
C ASP A 524 -3.90 -16.61 -35.41
N PRO A 525 -4.93 -16.52 -36.26
CA PRO A 525 -4.74 -16.88 -37.67
C PRO A 525 -3.89 -15.89 -38.46
N ASN A 526 -3.69 -14.68 -37.93
CA ASN A 526 -2.93 -13.67 -38.66
C ASN A 526 -1.46 -14.02 -38.69
N THR A 527 -0.80 -13.71 -39.80
CA THR A 527 0.64 -13.90 -39.95
C THR A 527 1.33 -12.57 -39.65
N TYR A 528 2.24 -12.57 -38.68
CA TYR A 528 2.86 -11.32 -38.26
C TYR A 528 4.34 -11.26 -38.61
N PHE A 529 4.84 -10.02 -38.70
CA PHE A 529 6.26 -9.72 -38.68
C PHE A 529 6.58 -9.30 -37.25
N ILE A 530 7.55 -9.95 -36.61
CA ILE A 530 7.92 -9.65 -35.24
C ILE A 530 9.38 -9.25 -35.22
N VAL A 531 9.67 -8.13 -34.59
CA VAL A 531 11.02 -7.55 -34.55
C VAL A 531 11.45 -7.40 -33.10
N GLY A 532 12.67 -7.85 -32.81
CA GLY A 532 13.29 -7.67 -31.51
C GLY A 532 14.35 -6.59 -31.58
N THR A 533 14.24 -5.61 -30.69
CA THR A 533 15.09 -4.42 -30.71
C THR A 533 15.86 -4.26 -29.41
N ALA A 534 16.79 -3.29 -29.41
CA ALA A 534 17.56 -2.92 -28.24
C ALA A 534 17.72 -1.41 -28.24
N MET A 535 17.71 -0.82 -27.05
CA MET A 535 17.98 0.61 -26.90
C MET A 535 19.48 0.80 -26.64
N VAL A 536 20.14 1.44 -27.60
CA VAL A 536 21.58 1.52 -27.67
C VAL A 536 21.95 2.96 -27.39
N TYR A 537 22.63 3.19 -26.28
CA TYR A 537 23.19 4.48 -25.96
C TYR A 537 24.70 4.36 -25.81
N PRO A 538 25.47 5.31 -26.32
CA PRO A 538 26.94 5.17 -26.26
C PRO A 538 27.47 4.90 -24.87
N GLU A 539 26.77 5.38 -23.84
CA GLU A 539 27.22 5.24 -22.47
C GLU A 539 27.09 3.81 -21.95
N GLU A 540 26.18 3.02 -22.53
CA GLU A 540 25.92 1.68 -22.02
C GLU A 540 26.90 0.66 -22.60
N ALA A 541 27.46 -0.17 -21.72
CA ALA A 541 28.30 -1.27 -22.16
C ALA A 541 27.43 -2.37 -22.77
N GLU A 542 26.39 -2.77 -22.05
CA GLU A 542 25.36 -3.68 -22.50
C GLU A 542 24.00 -2.99 -22.48
N PRO A 543 23.20 -3.17 -23.53
CA PRO A 543 21.89 -2.49 -23.56
C PRO A 543 21.03 -2.98 -22.42
N LYS A 544 20.30 -2.06 -21.79
CA LYS A 544 19.44 -2.41 -20.66
C LYS A 544 17.95 -2.22 -20.94
N GLN A 545 17.58 -1.85 -22.17
CA GLN A 545 16.18 -1.67 -22.56
C GLN A 545 15.94 -2.27 -23.95
N GLY A 546 14.71 -2.71 -24.18
CA GLY A 546 14.37 -3.28 -25.47
C GLY A 546 12.88 -3.41 -25.68
N ARG A 547 12.51 -3.64 -26.94
CA ARG A 547 11.13 -3.79 -27.35
C ARG A 547 11.02 -5.05 -28.21
N ILE A 548 9.95 -5.80 -28.01
CA ILE A 548 9.52 -6.84 -28.94
C ILE A 548 8.24 -6.31 -29.55
N VAL A 549 8.26 -6.05 -30.85
CA VAL A 549 7.13 -5.42 -31.52
C VAL A 549 6.51 -6.41 -32.50
N VAL A 550 5.19 -6.48 -32.49
CA VAL A 550 4.41 -7.34 -33.38
C VAL A 550 3.71 -6.44 -34.39
N PHE A 551 4.00 -6.66 -35.66
CA PHE A 551 3.46 -5.88 -36.77
C PHE A 551 2.68 -6.83 -37.67
N GLN A 552 1.57 -6.36 -38.23
CA GLN A 552 0.84 -7.12 -39.24
C GLN A 552 0.87 -6.32 -40.53
N TYR A 553 1.43 -6.91 -41.59
CA TYR A 553 1.40 -6.27 -42.89
C TYR A 553 0.09 -6.64 -43.57
N SER A 554 -0.73 -5.63 -43.83
CA SER A 554 -2.06 -5.83 -44.42
C SER A 554 -2.40 -4.65 -45.32
N ASP A 555 -2.82 -4.96 -46.55
CA ASP A 555 -3.30 -3.94 -47.49
C ASP A 555 -2.33 -2.77 -47.61
N GLY A 556 -1.06 -3.08 -47.81
CA GLY A 556 -0.10 -2.04 -48.08
C GLY A 556 0.32 -1.21 -46.89
N LYS A 557 -0.22 -1.50 -45.71
CA LYS A 557 0.09 -0.75 -44.50
C LYS A 557 0.47 -1.74 -43.40
N LEU A 558 1.43 -1.36 -42.59
CA LEU A 558 1.86 -2.14 -41.44
C LEU A 558 1.30 -1.53 -40.18
N GLN A 559 0.63 -2.35 -39.38
CA GLN A 559 -0.05 -1.90 -38.18
C GLN A 559 0.54 -2.63 -36.99
N THR A 560 0.94 -1.87 -35.97
CA THR A 560 1.50 -2.45 -34.77
C THR A 560 0.40 -3.13 -33.97
N VAL A 561 0.56 -4.44 -33.77
CA VAL A 561 -0.46 -5.19 -33.04
C VAL A 561 -0.20 -5.16 -31.53
N ALA A 562 1.06 -5.33 -31.12
CA ALA A 562 1.37 -5.31 -29.70
C ALA A 562 2.86 -5.06 -29.52
N GLU A 563 3.21 -4.59 -28.33
CA GLU A 563 4.59 -4.34 -27.95
C GLU A 563 4.84 -4.89 -26.55
N LYS A 564 6.02 -5.46 -26.34
CA LYS A 564 6.45 -6.02 -25.06
C LYS A 564 7.77 -5.37 -24.68
N GLU A 565 7.83 -4.80 -23.48
CA GLU A 565 9.05 -4.19 -22.98
C GLU A 565 9.92 -5.28 -22.35
N VAL A 566 11.21 -5.28 -22.68
CA VAL A 566 12.17 -6.21 -22.11
C VAL A 566 13.34 -5.42 -21.55
N LYS A 567 14.07 -6.03 -20.63
CA LYS A 567 15.17 -5.36 -19.93
C LYS A 567 16.53 -5.69 -20.53
N GLY A 568 16.64 -5.58 -21.85
CA GLY A 568 17.87 -5.93 -22.54
C GLY A 568 17.66 -5.89 -24.03
N ALA A 569 18.62 -6.48 -24.75
CA ALA A 569 18.60 -6.56 -26.20
C ALA A 569 18.02 -7.89 -26.65
N VAL A 570 17.08 -7.85 -27.60
CA VAL A 570 16.51 -9.09 -28.17
C VAL A 570 17.41 -9.46 -29.34
N TYR A 571 18.49 -10.20 -29.05
CA TYR A 571 19.48 -10.52 -30.08
C TYR A 571 18.92 -11.52 -31.09
N SER A 572 18.10 -12.48 -30.64
CA SER A 572 17.65 -13.56 -31.49
C SER A 572 16.24 -13.97 -31.08
N MET A 573 15.40 -14.24 -32.08
CA MET A 573 14.05 -14.77 -31.87
C MET A 573 13.80 -15.91 -32.85
N VAL A 574 12.94 -16.83 -32.44
CA VAL A 574 12.61 -17.98 -33.28
C VAL A 574 11.25 -18.50 -32.82
N GLU A 575 10.40 -18.86 -33.78
CA GLU A 575 9.09 -19.40 -33.45
C GLU A 575 9.24 -20.82 -32.90
N PHE A 576 8.51 -21.10 -31.81
CA PHE A 576 8.63 -22.37 -31.09
C PHE A 576 7.23 -22.92 -30.86
N ASN A 577 6.74 -23.72 -31.81
CA ASN A 577 5.49 -24.46 -31.63
C ASN A 577 4.39 -23.53 -31.13
N GLY A 578 4.14 -22.49 -31.93
CA GLY A 578 3.11 -21.51 -31.65
C GLY A 578 3.46 -20.50 -30.58
N LYS A 579 4.65 -20.58 -30.01
CA LYS A 579 5.11 -19.68 -28.98
C LYS A 579 6.34 -18.94 -29.49
N LEU A 580 6.63 -17.80 -28.89
CA LEU A 580 7.73 -16.96 -29.31
C LEU A 580 8.92 -17.14 -28.37
N LEU A 581 10.01 -17.69 -28.91
CA LEU A 581 11.26 -17.89 -28.19
C LEU A 581 12.19 -16.75 -28.53
N ALA A 582 12.54 -15.95 -27.53
CA ALA A 582 13.37 -14.77 -27.71
C ALA A 582 14.50 -14.81 -26.69
N SER A 583 15.67 -14.32 -27.08
CA SER A 583 16.84 -14.24 -26.20
C SER A 583 17.08 -12.78 -25.84
N ILE A 584 16.98 -12.45 -24.56
CA ILE A 584 17.20 -11.09 -24.07
C ILE A 584 18.44 -11.13 -23.18
N ASN A 585 19.57 -10.67 -23.71
CA ASN A 585 20.86 -10.63 -23.00
C ASN A 585 21.21 -12.02 -22.49
N SER A 586 21.32 -12.23 -21.18
CA SER A 586 21.60 -13.55 -20.63
C SER A 586 20.40 -14.48 -20.75
N THR A 587 19.19 -13.94 -20.66
CA THR A 587 17.98 -14.75 -20.57
C THR A 587 17.53 -15.29 -21.92
N VAL A 588 17.03 -16.53 -21.90
CA VAL A 588 16.30 -17.14 -23.02
C VAL A 588 14.86 -17.30 -22.55
N ARG A 589 13.92 -16.66 -23.23
CA ARG A 589 12.54 -16.62 -22.77
C ARG A 589 11.57 -17.21 -23.79
N LEU A 590 10.53 -17.86 -23.27
CA LEU A 590 9.45 -18.40 -24.10
C LEU A 590 8.19 -17.62 -23.72
N TYR A 591 7.57 -17.01 -24.74
CA TYR A 591 6.38 -16.20 -24.58
C TYR A 591 5.19 -16.94 -25.22
N GLU A 592 4.01 -16.78 -24.65
CA GLU A 592 2.78 -17.27 -25.24
C GLU A 592 1.97 -16.09 -25.77
N TRP A 593 1.28 -16.31 -26.89
CA TRP A 593 0.44 -15.30 -27.52
C TRP A 593 -1.00 -15.52 -27.02
N THR A 594 -1.51 -14.56 -26.26
CA THR A 594 -2.81 -14.74 -25.63
C THR A 594 -3.93 -14.42 -26.62
N THR A 595 -5.15 -14.75 -26.22
CA THR A 595 -6.31 -14.36 -27.02
C THR A 595 -6.52 -12.85 -27.03
N GLU A 596 -5.88 -12.11 -26.14
CA GLU A 596 -5.91 -10.64 -26.16
C GLU A 596 -4.81 -10.04 -27.01
N LYS A 597 -4.12 -10.85 -27.82
CA LYS A 597 -3.09 -10.35 -28.74
C LYS A 597 -2.01 -9.58 -27.98
N GLU A 598 -1.51 -10.21 -26.92
CA GLU A 598 -0.39 -9.72 -26.14
C GLU A 598 0.52 -10.88 -25.81
N LEU A 599 1.81 -10.59 -25.64
CA LEU A 599 2.78 -11.62 -25.27
C LEU A 599 2.76 -11.81 -23.76
N ARG A 600 2.94 -13.05 -23.32
CA ARG A 600 2.98 -13.38 -21.90
C ARG A 600 4.19 -14.25 -21.64
N THR A 601 5.01 -13.86 -20.66
CA THR A 601 6.15 -14.67 -20.29
C THR A 601 5.64 -16.01 -19.79
N GLU A 602 6.24 -17.10 -20.26
CA GLU A 602 5.92 -18.43 -19.76
C GLU A 602 7.06 -18.97 -18.93
N CYS A 603 8.24 -19.15 -19.52
CA CYS A 603 9.39 -19.69 -18.81
C CYS A 603 10.69 -19.03 -19.26
N ASN A 604 11.71 -19.13 -18.40
CA ASN A 604 13.00 -18.49 -18.61
C ASN A 604 14.14 -19.45 -18.29
N HIS A 605 15.25 -19.25 -19.00
CA HIS A 605 16.53 -19.90 -18.70
C HIS A 605 17.58 -18.80 -18.61
N TYR A 606 18.41 -18.83 -17.57
CA TYR A 606 19.32 -17.72 -17.32
C TYR A 606 20.81 -18.08 -17.31
N ASN A 607 21.20 -19.32 -17.58
CA ASN A 607 22.62 -19.70 -17.46
C ASN A 607 23.38 -19.38 -18.75
N ASN A 608 23.37 -18.10 -19.12
CA ASN A 608 24.07 -17.63 -20.31
C ASN A 608 24.71 -16.29 -19.99
N ILE A 609 25.92 -16.08 -20.51
CA ILE A 609 26.54 -14.76 -20.43
C ILE A 609 25.87 -13.80 -21.41
N MET A 610 25.79 -14.21 -22.68
CA MET A 610 25.09 -13.45 -23.71
C MET A 610 24.54 -14.42 -24.75
N ALA A 611 23.22 -14.51 -24.84
CA ALA A 611 22.53 -15.48 -25.70
C ALA A 611 22.38 -14.85 -27.09
N LEU A 612 23.43 -15.03 -27.89
CA LEU A 612 23.46 -14.36 -29.19
C LEU A 612 22.64 -15.07 -30.26
N TYR A 613 22.63 -16.40 -30.27
CA TYR A 613 22.01 -17.16 -31.36
C TYR A 613 21.09 -18.26 -30.85
N LEU A 614 19.97 -18.43 -31.55
CA LEU A 614 18.95 -19.43 -31.19
C LEU A 614 18.51 -20.23 -32.41
N LYS A 615 18.30 -21.54 -32.21
CA LYS A 615 17.84 -22.48 -33.23
C LYS A 615 17.00 -23.56 -32.56
N THR A 616 15.95 -24.02 -33.25
CA THR A 616 15.00 -24.97 -32.67
C THR A 616 14.80 -26.17 -33.56
N LYS A 617 14.64 -27.36 -32.95
CA LYS A 617 14.17 -28.55 -33.66
C LYS A 617 13.26 -29.31 -32.70
N GLY A 618 11.97 -29.36 -32.99
CA GLY A 618 11.06 -30.03 -32.07
C GLY A 618 10.95 -29.21 -30.81
N ASP A 619 11.05 -29.89 -29.66
CA ASP A 619 11.08 -29.22 -28.36
C ASP A 619 12.51 -28.94 -27.88
N PHE A 620 13.49 -29.04 -28.76
CA PHE A 620 14.90 -28.77 -28.43
C PHE A 620 15.31 -27.39 -28.92
N ILE A 621 16.18 -26.74 -28.15
CA ILE A 621 16.69 -25.42 -28.48
C ILE A 621 18.22 -25.41 -28.36
N LEU A 622 18.88 -24.85 -29.36
CA LEU A 622 20.33 -24.67 -29.37
C LEU A 622 20.67 -23.21 -29.15
N VAL A 623 21.35 -22.91 -28.05
CA VAL A 623 21.68 -21.53 -27.67
C VAL A 623 23.16 -21.29 -27.92
N GLY A 624 23.47 -20.18 -28.60
CA GLY A 624 24.85 -19.81 -28.89
C GLY A 624 25.32 -18.61 -28.09
N ASP A 625 26.41 -18.75 -27.33
CA ASP A 625 26.90 -17.72 -26.43
C ASP A 625 28.15 -17.06 -27.00
N LEU A 626 28.44 -15.86 -26.51
CA LEU A 626 29.59 -15.13 -27.01
C LEU A 626 30.89 -15.87 -26.73
N MET A 627 31.02 -16.43 -25.53
CA MET A 627 32.22 -17.16 -25.15
C MET A 627 31.93 -18.52 -24.51
N ARG A 628 30.68 -18.87 -24.24
CA ARG A 628 30.35 -20.13 -23.60
C ARG A 628 29.98 -21.21 -24.60
N SER A 629 30.38 -21.04 -25.87
CA SER A 629 30.18 -22.02 -26.94
C SER A 629 28.68 -22.25 -27.11
N VAL A 630 28.19 -23.50 -27.10
CA VAL A 630 26.80 -23.78 -27.40
C VAL A 630 26.17 -24.59 -26.26
N LEU A 631 24.85 -24.43 -26.10
CA LEU A 631 24.07 -25.14 -25.11
C LEU A 631 22.84 -25.75 -25.78
N LEU A 632 22.52 -26.99 -25.37
CA LEU A 632 21.32 -27.69 -25.86
C LEU A 632 20.28 -27.63 -24.74
N LEU A 633 19.21 -26.86 -24.98
CA LEU A 633 18.07 -26.78 -24.09
C LEU A 633 16.96 -27.72 -24.56
N ALA A 634 16.00 -27.96 -23.65
CA ALA A 634 14.78 -28.65 -24.02
C ALA A 634 13.61 -28.01 -23.28
N TYR A 635 12.52 -27.77 -24.02
CA TYR A 635 11.27 -27.34 -23.41
C TYR A 635 10.52 -28.56 -22.91
N LYS A 636 10.15 -28.56 -21.64
CA LYS A 636 9.43 -29.70 -21.10
C LYS A 636 7.95 -29.39 -20.93
N PRO A 637 7.10 -29.82 -21.87
CA PRO A 637 5.70 -29.34 -21.86
C PRO A 637 4.93 -29.76 -20.62
N MET A 638 5.21 -30.95 -20.09
CA MET A 638 4.51 -31.41 -18.90
C MET A 638 4.68 -30.43 -17.75
N GLU A 639 5.82 -29.75 -17.70
CA GLU A 639 6.12 -28.85 -16.59
C GLU A 639 6.00 -27.36 -16.92
N GLY A 640 6.07 -26.99 -18.19
CA GLY A 640 6.03 -25.59 -18.59
C GLY A 640 7.29 -24.79 -18.29
N ASN A 641 8.46 -25.34 -18.60
CA ASN A 641 9.74 -24.69 -18.30
C ASN A 641 10.83 -25.34 -19.14
N PHE A 642 12.06 -24.82 -19.02
CA PHE A 642 13.22 -25.35 -19.72
C PHE A 642 14.05 -26.29 -18.84
N GLU A 643 14.78 -27.20 -19.51
CA GLU A 643 15.78 -28.08 -18.91
C GLU A 643 17.06 -28.00 -19.73
N GLU A 644 18.20 -27.96 -19.05
CA GLU A 644 19.50 -27.98 -19.71
C GLU A 644 19.85 -29.43 -20.06
N ILE A 645 19.94 -29.75 -21.35
CA ILE A 645 20.29 -31.12 -21.72
C ILE A 645 21.81 -31.31 -21.67
N ALA A 646 22.55 -30.45 -22.36
CA ALA A 646 24.00 -30.61 -22.44
C ALA A 646 24.63 -29.33 -22.95
N ARG A 647 25.85 -29.06 -22.50
CA ARG A 647 26.60 -27.87 -22.85
C ARG A 647 27.98 -28.27 -23.34
N ASP A 648 28.50 -27.47 -24.28
CA ASP A 648 29.87 -27.63 -24.75
C ASP A 648 30.79 -26.80 -23.86
N PHE A 649 31.56 -27.46 -23.02
CA PHE A 649 32.37 -26.73 -22.05
C PHE A 649 33.58 -26.04 -22.67
N ASN A 650 34.16 -26.60 -23.74
CA ASN A 650 35.29 -25.92 -24.36
C ASN A 650 34.89 -24.50 -24.75
N PRO A 651 35.68 -23.49 -24.40
CA PRO A 651 35.25 -22.11 -24.68
C PRO A 651 35.56 -21.73 -26.13
N ASN A 652 34.54 -21.25 -26.83
CA ASN A 652 34.70 -20.75 -28.19
C ASN A 652 33.84 -19.51 -28.34
N TRP A 653 34.31 -18.60 -29.18
CA TRP A 653 33.58 -17.41 -29.58
C TRP A 653 32.68 -17.74 -30.77
N MET A 654 31.38 -17.53 -30.64
CA MET A 654 30.43 -17.95 -31.65
C MET A 654 30.05 -16.82 -32.61
N SER A 655 29.95 -17.17 -33.89
CA SER A 655 29.43 -16.28 -34.92
C SER A 655 28.14 -16.77 -35.55
N ALA A 656 27.86 -18.06 -35.50
CA ALA A 656 26.62 -18.64 -36.01
C ALA A 656 26.56 -20.10 -35.60
N VAL A 657 25.33 -20.59 -35.38
CA VAL A 657 25.12 -21.98 -35.01
C VAL A 657 24.01 -22.56 -35.89
N GLU A 658 23.91 -23.89 -35.88
CA GLU A 658 22.86 -24.59 -36.61
C GLU A 658 22.71 -26.00 -36.06
N ILE A 659 21.49 -26.52 -36.15
CA ILE A 659 21.17 -27.88 -35.75
C ILE A 659 21.20 -28.77 -37.00
N LEU A 660 22.05 -29.79 -36.99
CA LEU A 660 22.14 -30.72 -38.10
C LEU A 660 21.12 -31.85 -38.00
N ASP A 661 21.04 -32.47 -36.83
CA ASP A 661 20.05 -33.50 -36.54
C ASP A 661 19.89 -33.53 -35.04
N ASP A 662 19.06 -34.47 -34.55
CA ASP A 662 18.68 -34.44 -33.14
C ASP A 662 19.87 -34.59 -32.21
N ASP A 663 21.02 -35.06 -32.71
CA ASP A 663 22.20 -35.25 -31.88
C ASP A 663 23.39 -34.37 -32.24
N ASN A 664 23.52 -33.93 -33.50
CA ASN A 664 24.70 -33.19 -33.96
C ASN A 664 24.38 -31.71 -34.11
N PHE A 665 25.31 -30.86 -33.68
CA PHE A 665 25.12 -29.41 -33.67
C PHE A 665 26.35 -28.73 -34.26
N LEU A 666 26.11 -27.78 -35.16
CA LEU A 666 27.16 -27.12 -35.93
C LEU A 666 27.35 -25.69 -35.43
N GLY A 667 28.60 -25.28 -35.32
CA GLY A 667 28.93 -23.96 -34.83
C GLY A 667 30.06 -23.35 -35.64
N ALA A 668 30.13 -22.02 -35.60
CA ALA A 668 31.16 -21.27 -36.33
C ALA A 668 31.87 -20.34 -35.36
N GLU A 669 33.20 -20.36 -35.41
CA GLU A 669 34.00 -19.60 -34.46
C GLU A 669 34.41 -18.28 -35.11
N ASN A 670 34.70 -17.29 -34.27
CA ASN A 670 35.19 -16.00 -34.78
C ASN A 670 36.62 -16.08 -35.28
N ALA A 671 37.28 -17.23 -35.12
CA ALA A 671 38.62 -17.48 -35.61
C ALA A 671 38.61 -18.14 -36.99
N PHE A 672 37.46 -18.08 -37.68
CA PHE A 672 37.28 -18.71 -38.98
C PHE A 672 37.32 -20.24 -38.89
N ASN A 673 36.78 -20.79 -37.81
CA ASN A 673 36.75 -22.23 -37.56
C ASN A 673 35.32 -22.74 -37.41
N LEU A 674 35.15 -24.02 -37.78
CA LEU A 674 33.87 -24.72 -37.66
C LEU A 674 34.01 -25.93 -36.73
N PHE A 675 32.96 -26.22 -35.96
CA PHE A 675 32.98 -27.38 -35.08
C PHE A 675 31.58 -28.02 -35.02
N VAL A 676 31.57 -29.31 -34.67
CA VAL A 676 30.36 -30.11 -34.55
C VAL A 676 30.34 -30.77 -33.17
N CYS A 677 29.30 -30.48 -32.40
CA CYS A 677 29.11 -31.06 -31.08
C CYS A 677 28.01 -32.11 -31.14
N GLN A 678 28.14 -33.16 -30.34
CA GLN A 678 27.14 -34.22 -30.29
C GLN A 678 26.85 -34.59 -28.85
N LYS A 679 25.62 -35.05 -28.59
CA LYS A 679 25.31 -35.63 -27.29
C LYS A 679 26.17 -36.87 -27.10
N ASP A 680 26.75 -37.02 -25.91
CA ASP A 680 27.71 -38.12 -25.77
C ASP A 680 27.03 -39.48 -25.82
N SER A 681 25.70 -39.50 -25.82
CA SER A 681 24.87 -40.71 -26.02
C SER A 681 25.26 -41.89 -25.13
N ALA A 682 25.93 -41.66 -24.01
CA ALA A 682 26.28 -42.71 -23.06
C ALA A 682 25.53 -42.34 -21.77
N ALA A 683 24.50 -43.13 -21.44
CA ALA A 683 23.62 -42.80 -20.33
C ALA A 683 24.13 -43.29 -18.98
N THR A 684 25.32 -43.89 -18.92
CA THR A 684 25.92 -44.32 -17.66
C THR A 684 25.71 -43.33 -16.52
N THR A 685 26.30 -42.14 -16.62
CA THR A 685 26.23 -41.10 -15.60
C THR A 685 25.56 -39.83 -16.11
N ASP A 686 24.97 -39.07 -15.18
CA ASP A 686 24.39 -37.79 -15.58
C ASP A 686 25.44 -36.89 -16.24
N GLU A 687 26.69 -36.99 -15.80
CA GLU A 687 27.73 -36.10 -16.31
C GLU A 687 27.98 -36.34 -17.80
N GLU A 688 27.98 -37.60 -18.22
CA GLU A 688 28.26 -37.90 -19.62
C GLU A 688 27.22 -37.28 -20.53
N ARG A 689 25.94 -37.42 -20.18
CA ARG A 689 24.88 -36.88 -21.02
C ARG A 689 24.97 -35.37 -21.10
N GLN A 690 25.24 -34.71 -19.97
CA GLN A 690 25.24 -33.26 -19.94
C GLN A 690 26.48 -32.69 -20.59
N HIS A 691 27.33 -33.53 -21.17
CA HIS A 691 28.55 -33.10 -21.80
C HIS A 691 28.38 -33.24 -23.31
N LEU A 692 28.41 -32.11 -24.00
CA LEU A 692 28.46 -32.11 -25.45
C LEU A 692 29.90 -32.33 -25.88
N GLN A 693 30.15 -33.40 -26.63
CA GLN A 693 31.50 -33.75 -27.07
C GLN A 693 31.70 -33.14 -28.45
N GLU A 694 32.75 -32.33 -28.59
CA GLU A 694 33.12 -31.86 -29.92
C GLU A 694 33.70 -33.05 -30.68
N VAL A 695 33.10 -33.35 -31.82
CA VAL A 695 33.53 -34.46 -32.67
C VAL A 695 33.95 -34.02 -34.05
N GLY A 696 33.75 -32.76 -34.40
CA GLY A 696 34.21 -32.19 -35.63
C GLY A 696 34.96 -30.90 -35.40
N LEU A 697 36.12 -30.77 -36.02
CA LEU A 697 36.93 -29.57 -35.97
C LEU A 697 37.39 -29.28 -37.39
N PHE A 698 37.25 -28.03 -37.83
CA PHE A 698 37.59 -27.69 -39.20
C PHE A 698 37.88 -26.20 -39.31
N HIS A 699 39.00 -25.86 -39.95
CA HIS A 699 39.34 -24.47 -40.21
C HIS A 699 38.77 -24.09 -41.58
N LEU A 700 37.67 -23.34 -41.57
CA LEU A 700 37.03 -22.94 -42.80
C LEU A 700 37.83 -21.88 -43.54
N GLY A 701 38.38 -20.91 -42.80
CA GLY A 701 39.05 -19.79 -43.42
C GLY A 701 38.15 -18.62 -43.75
N GLU A 702 36.85 -18.73 -43.46
CA GLU A 702 35.87 -17.68 -43.67
C GLU A 702 35.14 -17.42 -42.37
N PHE A 703 34.49 -16.28 -42.28
CA PHE A 703 33.70 -15.90 -41.11
C PHE A 703 32.24 -16.16 -41.45
N VAL A 704 31.62 -17.10 -40.74
CA VAL A 704 30.25 -17.50 -41.02
C VAL A 704 29.28 -16.69 -40.18
N ASN A 705 28.37 -15.98 -40.85
CA ASN A 705 27.33 -15.21 -40.17
C ASN A 705 25.98 -15.91 -40.08
N VAL A 706 25.61 -16.66 -41.10
CA VAL A 706 24.27 -17.22 -41.19
C VAL A 706 24.38 -18.66 -41.66
N PHE A 707 23.77 -19.57 -40.88
CA PHE A 707 23.52 -20.95 -41.29
C PHE A 707 22.04 -21.04 -41.66
N CYS A 708 21.74 -21.71 -42.77
CA CYS A 708 20.39 -21.75 -43.30
C CYS A 708 20.15 -23.09 -43.98
N HIS A 709 19.14 -23.83 -43.51
CA HIS A 709 18.78 -25.09 -44.16
C HIS A 709 18.18 -24.81 -45.54
N GLY A 710 18.62 -25.56 -46.54
CA GLY A 710 18.09 -25.44 -47.88
C GLY A 710 19.13 -25.78 -48.92
N SER A 711 18.65 -25.99 -50.15
CA SER A 711 19.53 -26.24 -51.27
C SER A 711 19.10 -25.45 -52.49
N LEU A 712 20.10 -24.98 -53.24
CA LEU A 712 19.89 -24.27 -54.50
C LEU A 712 19.71 -25.22 -55.69
N VAL A 713 20.04 -26.51 -55.53
CA VAL A 713 19.99 -27.43 -56.66
C VAL A 713 18.55 -27.67 -57.09
N MET A 714 18.34 -27.74 -58.41
CA MET A 714 17.02 -28.03 -58.95
C MET A 714 16.64 -29.45 -58.56
N GLN A 715 15.45 -29.64 -58.00
CA GLN A 715 14.95 -30.96 -57.66
C GLN A 715 13.77 -31.26 -58.58
N ASN A 716 13.99 -32.14 -59.55
CA ASN A 716 12.89 -32.59 -60.41
C ASN A 716 12.26 -33.87 -59.85
N LEU A 717 12.79 -34.36 -58.72
CA LEU A 717 12.41 -35.60 -58.02
C LEU A 717 13.17 -36.79 -58.65
N GLY A 718 13.69 -36.59 -59.87
CA GLY A 718 14.56 -37.58 -60.54
C GLY A 718 16.03 -37.60 -60.12
N GLU A 719 16.44 -36.68 -59.26
CA GLU A 719 17.85 -36.56 -58.88
C GLU A 719 18.29 -37.77 -58.07
N THR A 720 19.35 -38.43 -58.55
CA THR A 720 19.95 -39.55 -57.83
C THR A 720 20.19 -39.19 -56.38
N SER A 721 19.83 -40.10 -55.48
CA SER A 721 20.05 -39.88 -54.06
C SER A 721 21.55 -39.90 -53.85
N THR A 722 22.12 -38.74 -53.52
CA THR A 722 23.54 -38.59 -53.32
C THR A 722 23.98 -39.30 -52.03
N PRO A 723 25.26 -39.66 -51.93
CA PRO A 723 25.75 -40.20 -50.65
C PRO A 723 25.54 -39.24 -49.50
N THR A 724 25.59 -37.95 -49.79
CA THR A 724 25.45 -36.91 -48.77
C THR A 724 23.99 -36.79 -48.32
N GLN A 725 23.79 -36.60 -47.01
CA GLN A 725 22.46 -36.42 -46.46
C GLN A 725 22.38 -35.14 -45.64
N GLY A 726 21.35 -34.34 -45.91
CA GLY A 726 21.15 -33.05 -45.29
C GLY A 726 21.73 -31.91 -46.10
N SER A 727 21.31 -30.68 -45.79
CA SER A 727 21.80 -29.54 -46.55
C SER A 727 21.70 -28.28 -45.69
N VAL A 728 22.85 -27.73 -45.33
CA VAL A 728 22.98 -26.47 -44.63
C VAL A 728 23.85 -25.55 -45.49
N LEU A 729 23.26 -24.43 -45.93
CA LEU A 729 24.01 -23.38 -46.59
C LEU A 729 24.51 -22.38 -45.55
N PHE A 730 25.61 -21.70 -45.86
CA PHE A 730 26.08 -20.65 -44.96
C PHE A 730 26.69 -19.50 -45.75
N GLY A 731 26.49 -18.28 -45.23
CA GLY A 731 27.04 -17.08 -45.83
C GLY A 731 28.17 -16.54 -44.98
N THR A 732 29.11 -15.86 -45.62
CA THR A 732 30.30 -15.39 -44.94
C THR A 732 30.53 -13.91 -45.24
N VAL A 733 31.53 -13.36 -44.56
CA VAL A 733 31.82 -11.94 -44.72
C VAL A 733 32.43 -11.64 -46.07
N ASN A 734 33.19 -12.57 -46.64
CA ASN A 734 33.87 -12.31 -47.90
C ASN A 734 33.04 -12.71 -49.12
N GLY A 735 31.75 -12.93 -48.95
CA GLY A 735 30.86 -13.29 -50.03
C GLY A 735 30.83 -14.77 -50.35
N MET A 736 31.73 -15.54 -49.77
CA MET A 736 31.76 -16.98 -49.95
C MET A 736 30.46 -17.61 -49.43
N ILE A 737 29.89 -18.52 -50.22
CA ILE A 737 28.75 -19.33 -49.81
C ILE A 737 29.19 -20.79 -49.80
N GLY A 738 28.94 -21.48 -48.69
CA GLY A 738 29.36 -22.86 -48.54
C GLY A 738 28.19 -23.73 -48.12
N LEU A 739 28.43 -25.04 -48.19
CA LEU A 739 27.41 -26.04 -47.90
C LEU A 739 28.00 -27.12 -47.01
N VAL A 740 27.28 -27.47 -45.95
CA VAL A 740 27.67 -28.54 -45.04
C VAL A 740 26.65 -29.66 -45.18
N THR A 741 27.11 -30.90 -45.19
CA THR A 741 26.24 -32.06 -45.26
C THR A 741 26.91 -33.23 -44.55
N SER A 742 26.10 -34.23 -44.20
CA SER A 742 26.55 -35.40 -43.46
C SER A 742 26.85 -36.59 -44.38
N LEU A 743 27.70 -37.48 -43.89
CA LEU A 743 28.12 -38.67 -44.61
C LEU A 743 27.96 -39.91 -43.74
N SER A 744 27.90 -41.07 -44.37
CA SER A 744 27.95 -42.33 -43.65
C SER A 744 29.38 -42.63 -43.22
N GLU A 745 29.54 -43.46 -42.19
CA GLU A 745 30.89 -43.74 -41.71
C GLU A 745 31.76 -44.25 -42.84
N SER A 746 31.22 -45.17 -43.64
CA SER A 746 31.98 -45.72 -44.75
C SER A 746 32.37 -44.65 -45.76
N TRP A 747 31.42 -43.81 -46.17
CA TRP A 747 31.72 -42.84 -47.22
C TRP A 747 32.78 -41.86 -46.76
N TYR A 748 32.69 -41.44 -45.50
CA TYR A 748 33.71 -40.59 -44.90
C TYR A 748 35.08 -41.25 -44.95
N ASN A 749 35.19 -42.47 -44.41
CA ASN A 749 36.51 -43.11 -44.37
C ASN A 749 37.10 -43.19 -45.77
N LEU A 750 36.26 -43.54 -46.76
CA LEU A 750 36.72 -43.59 -48.14
C LEU A 750 37.21 -42.23 -48.58
N LEU A 751 36.40 -41.19 -48.38
CA LEU A 751 36.78 -39.86 -48.84
C LEU A 751 37.99 -39.34 -48.07
N LEU A 752 38.06 -39.63 -46.77
CA LEU A 752 39.21 -39.23 -45.97
C LEU A 752 40.49 -39.89 -46.47
N ASP A 753 40.45 -41.21 -46.67
CA ASP A 753 41.62 -41.93 -47.18
C ASP A 753 42.05 -41.35 -48.52
N MET A 754 41.08 -40.95 -49.34
CA MET A 754 41.38 -40.35 -50.63
C MET A 754 42.03 -38.98 -50.48
N GLN A 755 41.58 -38.18 -49.51
CA GLN A 755 42.21 -36.88 -49.29
C GLN A 755 43.70 -37.07 -49.03
N ASN A 756 44.04 -37.96 -48.11
CA ASN A 756 45.44 -38.22 -47.80
C ASN A 756 46.20 -38.61 -49.05
N ARG A 757 45.56 -39.38 -49.93
CA ARG A 757 46.18 -39.76 -51.19
C ARG A 757 46.29 -38.55 -52.10
N LEU A 758 45.24 -37.75 -52.18
CA LEU A 758 45.29 -36.56 -53.03
C LEU A 758 46.34 -35.56 -52.57
N ASN A 759 46.52 -35.41 -51.25
CA ASN A 759 47.46 -34.42 -50.77
C ASN A 759 48.89 -34.78 -51.12
N LYS A 760 49.22 -36.08 -51.16
CA LYS A 760 50.55 -36.48 -51.58
C LYS A 760 50.76 -36.21 -53.07
N VAL A 761 49.68 -36.19 -53.84
CA VAL A 761 49.76 -36.05 -55.30
C VAL A 761 49.69 -34.60 -55.73
N ILE A 762 48.84 -33.80 -55.11
CA ILE A 762 48.57 -32.45 -55.62
C ILE A 762 49.61 -31.49 -55.07
N LYS A 763 50.14 -30.64 -55.95
CA LYS A 763 51.19 -29.67 -55.61
C LYS A 763 50.52 -28.39 -55.12
N SER A 764 50.91 -27.94 -53.93
CA SER A 764 50.31 -26.76 -53.33
C SER A 764 51.11 -25.51 -53.69
N VAL A 765 50.40 -24.40 -53.95
CA VAL A 765 51.08 -23.15 -54.17
C VAL A 765 51.74 -22.73 -52.86
N GLY A 766 53.00 -22.35 -52.93
CA GLY A 766 53.72 -22.05 -51.71
C GLY A 766 54.12 -23.28 -50.92
N LYS A 767 53.86 -24.47 -51.43
CA LYS A 767 54.18 -25.71 -50.74
C LYS A 767 53.58 -25.70 -49.34
N ILE A 768 52.31 -25.32 -49.26
CA ILE A 768 51.60 -25.29 -47.99
C ILE A 768 50.91 -26.63 -47.78
N GLU A 769 51.22 -27.30 -46.68
CA GLU A 769 50.58 -28.57 -46.35
C GLU A 769 49.08 -28.35 -46.16
N HIS A 770 48.28 -29.18 -46.83
CA HIS A 770 46.82 -29.09 -46.70
C HIS A 770 46.38 -29.39 -45.27
N SER A 771 46.98 -30.41 -44.64
CA SER A 771 46.60 -30.79 -43.28
C SER A 771 46.79 -29.61 -42.31
N PHE A 772 47.84 -28.82 -42.49
CA PHE A 772 48.08 -27.65 -41.66
C PHE A 772 47.00 -26.60 -41.87
N TRP A 773 46.71 -26.30 -43.14
CA TRP A 773 45.74 -25.27 -43.48
C TRP A 773 44.40 -25.50 -42.80
N ARG A 774 43.90 -26.73 -42.85
CA ARG A 774 42.61 -27.05 -42.26
C ARG A 774 42.67 -27.34 -40.75
N SER A 775 43.85 -27.33 -40.14
CA SER A 775 43.93 -27.53 -38.70
C SER A 775 43.19 -26.40 -37.98
N PHE A 776 42.34 -26.78 -37.04
CA PHE A 776 41.67 -25.82 -36.16
C PHE A 776 42.69 -24.85 -35.57
N HIS A 777 42.42 -23.55 -35.65
CA HIS A 777 43.45 -22.59 -35.26
C HIS A 777 42.78 -21.45 -34.50
N THR A 778 42.91 -21.49 -33.18
CA THR A 778 42.76 -20.33 -32.33
C THR A 778 44.20 -19.90 -32.03
N GLU A 779 44.37 -18.64 -31.64
CA GLU A 779 45.73 -18.19 -31.33
C GLU A 779 46.34 -19.04 -30.24
N ARG A 780 45.52 -19.49 -29.30
CA ARG A 780 46.01 -20.20 -28.12
C ARG A 780 46.16 -21.70 -28.36
N LYS A 781 45.30 -22.30 -29.18
CA LYS A 781 45.31 -23.73 -29.41
C LYS A 781 45.28 -24.01 -30.90
N THR A 782 45.97 -25.08 -31.32
CA THR A 782 45.90 -25.58 -32.69
C THR A 782 45.71 -27.08 -32.63
N GLU A 783 44.74 -27.58 -33.41
CA GLU A 783 44.37 -28.98 -33.44
C GLU A 783 44.23 -29.49 -34.87
N PRO A 784 44.48 -30.77 -35.09
CA PRO A 784 44.23 -31.35 -36.41
C PRO A 784 42.73 -31.43 -36.68
N ALA A 785 42.37 -31.23 -37.94
CA ALA A 785 40.97 -31.32 -38.33
C ALA A 785 40.42 -32.71 -38.06
N THR A 786 39.12 -32.79 -37.81
CA THR A 786 38.47 -34.08 -37.56
C THR A 786 36.99 -34.02 -37.91
N GLY A 787 36.48 -35.11 -38.48
CA GLY A 787 35.07 -35.23 -38.77
C GLY A 787 34.60 -34.49 -39.99
N PHE A 788 35.51 -33.90 -40.76
CA PHE A 788 35.15 -33.06 -41.90
C PHE A 788 35.95 -33.47 -43.13
N ILE A 789 35.27 -33.52 -44.28
CA ILE A 789 35.88 -33.82 -45.55
C ILE A 789 35.96 -32.52 -46.35
N ASP A 790 37.19 -32.11 -46.69
CA ASP A 790 37.32 -30.90 -47.48
C ASP A 790 36.84 -31.19 -48.89
N GLY A 791 35.55 -30.92 -49.14
CA GLY A 791 34.99 -31.26 -50.44
C GLY A 791 35.73 -30.57 -51.56
N ASP A 792 36.25 -29.37 -51.30
CA ASP A 792 36.97 -28.65 -52.33
C ASP A 792 38.23 -29.40 -52.74
N LEU A 793 38.82 -30.16 -51.81
CA LEU A 793 39.92 -31.05 -52.17
C LEU A 793 39.43 -32.25 -52.95
N ILE A 794 38.33 -32.86 -52.50
CA ILE A 794 37.78 -34.01 -53.20
C ILE A 794 37.39 -33.63 -54.62
N GLU A 795 36.73 -32.47 -54.80
CA GLU A 795 36.29 -32.08 -56.13
C GLU A 795 37.44 -31.72 -57.06
N SER A 796 38.66 -31.61 -56.55
CA SER A 796 39.81 -31.34 -57.40
C SER A 796 40.37 -32.61 -58.05
N PHE A 797 39.93 -33.79 -57.59
CA PHE A 797 40.32 -35.04 -58.25
C PHE A 797 39.99 -35.02 -59.74
N LEU A 798 38.88 -34.40 -60.11
CA LEU A 798 38.46 -34.35 -61.50
C LEU A 798 39.33 -33.45 -62.36
N ASP A 799 40.17 -32.62 -61.77
CA ASP A 799 40.99 -31.68 -62.52
C ASP A 799 42.46 -32.08 -62.59
N ILE A 800 42.88 -33.16 -61.91
CA ILE A 800 44.26 -33.62 -61.97
C ILE A 800 44.44 -34.55 -63.17
N SER A 801 45.64 -34.58 -63.72
CA SER A 801 45.91 -35.32 -64.95
C SER A 801 45.74 -36.83 -64.73
N ARG A 802 45.56 -37.54 -65.85
CA ARG A 802 45.29 -38.97 -65.76
C ARG A 802 46.37 -39.75 -65.01
N PRO A 803 47.67 -39.52 -65.25
CA PRO A 803 48.69 -40.25 -64.48
C PRO A 803 48.49 -40.10 -62.98
N LYS A 804 48.10 -38.90 -62.55
CA LYS A 804 47.92 -38.60 -61.14
C LYS A 804 46.68 -39.29 -60.61
N MET A 805 45.61 -39.34 -61.41
CA MET A 805 44.38 -40.01 -61.00
C MET A 805 44.65 -41.47 -60.66
N GLN A 806 45.39 -42.14 -61.53
CA GLN A 806 45.70 -43.55 -61.34
C GLN A 806 46.63 -43.71 -60.14
N GLU A 807 47.57 -42.78 -59.97
CA GLU A 807 48.46 -42.82 -58.82
C GLU A 807 47.68 -42.72 -57.51
N VAL A 808 46.59 -41.96 -57.51
CA VAL A 808 45.80 -41.78 -56.30
C VAL A 808 45.05 -43.05 -55.93
N VAL A 809 44.50 -43.74 -56.93
CA VAL A 809 43.66 -44.91 -56.66
C VAL A 809 44.43 -46.19 -56.39
N ALA A 810 45.76 -46.15 -56.50
CA ALA A 810 46.55 -47.34 -56.24
C ALA A 810 46.34 -47.80 -54.80
N ASN A 811 46.08 -49.09 -54.64
CA ASN A 811 45.94 -49.71 -53.33
C ASN A 811 44.84 -49.06 -52.49
N LEU A 812 43.75 -48.65 -53.15
CA LEU A 812 42.63 -48.01 -52.46
C LEU A 812 41.48 -49.01 -52.35
N GLN A 813 41.05 -49.28 -51.11
CA GLN A 813 40.01 -50.25 -50.81
C GLN A 813 38.79 -49.65 -50.13
N TYR A 814 37.60 -50.17 -50.48
CA TYR A 814 36.31 -49.77 -49.93
C TYR A 814 36.00 -50.66 -48.71
N ASP A 815 35.10 -50.20 -47.82
CA ASP A 815 34.77 -50.99 -46.63
C ASP A 815 33.27 -51.01 -46.32
N ASP A 816 32.80 -52.18 -45.85
CA ASP A 816 31.44 -52.44 -45.33
C ASP A 816 30.34 -52.31 -46.39
N GLY A 817 30.67 -52.45 -47.67
CA GLY A 817 29.72 -52.31 -48.75
C GLY A 817 29.02 -53.57 -49.16
N SER A 818 28.51 -53.57 -50.41
CA SER A 818 28.06 -54.82 -51.01
C SER A 818 29.21 -55.80 -51.01
N GLY A 819 30.43 -55.32 -51.28
CA GLY A 819 31.65 -56.08 -51.16
C GLY A 819 32.49 -55.45 -50.06
N MET A 820 32.87 -56.23 -49.04
CA MET A 820 33.57 -55.66 -47.89
C MET A 820 34.86 -54.94 -48.33
N LYS A 821 35.73 -55.61 -49.09
CA LYS A 821 36.91 -54.96 -49.66
C LYS A 821 36.81 -54.94 -51.18
N ARG A 822 36.89 -53.75 -51.76
CA ARG A 822 36.72 -53.54 -53.19
C ARG A 822 37.73 -52.51 -53.68
N GLU A 823 38.57 -52.90 -54.63
CA GLU A 823 39.57 -51.99 -55.17
C GLU A 823 38.91 -50.87 -55.98
N ALA A 824 39.55 -49.71 -55.98
CA ALA A 824 39.09 -48.55 -56.75
C ALA A 824 39.94 -48.33 -57.99
N THR A 825 39.29 -47.94 -59.10
CA THR A 825 39.96 -47.56 -60.34
C THR A 825 39.77 -46.07 -60.56
N ALA A 826 40.56 -45.48 -61.46
CA ALA A 826 40.44 -44.05 -61.72
C ALA A 826 39.09 -43.67 -62.33
N ASP A 827 38.45 -44.58 -63.07
CA ASP A 827 37.12 -44.29 -63.61
C ASP A 827 36.02 -44.45 -62.56
N ASP A 828 36.21 -45.33 -61.57
CA ASP A 828 35.22 -45.45 -60.51
C ASP A 828 35.12 -44.16 -59.71
N LEU A 829 36.27 -43.62 -59.30
CA LEU A 829 36.26 -42.42 -58.47
C LEU A 829 35.77 -41.21 -59.27
N ILE A 830 36.08 -41.15 -60.57
CA ILE A 830 35.58 -40.03 -61.38
C ILE A 830 34.06 -39.96 -61.33
N LYS A 831 33.40 -41.11 -61.30
CA LYS A 831 31.94 -41.13 -61.18
C LYS A 831 31.47 -40.70 -59.81
N VAL A 832 32.17 -41.12 -58.75
CA VAL A 832 31.74 -40.78 -57.40
C VAL A 832 31.82 -39.27 -57.18
N VAL A 833 32.96 -38.66 -57.53
CA VAL A 833 33.14 -37.23 -57.31
C VAL A 833 32.12 -36.46 -58.15
N GLU A 834 31.88 -36.91 -59.39
CA GLU A 834 30.90 -36.24 -60.25
C GLU A 834 29.51 -36.25 -59.64
N GLU A 835 29.16 -37.29 -58.89
CA GLU A 835 27.90 -37.24 -58.15
C GLU A 835 27.99 -36.23 -57.01
N LEU A 836 29.15 -36.13 -56.37
CA LEU A 836 29.31 -35.19 -55.26
C LEU A 836 29.27 -33.74 -55.73
N THR A 837 29.65 -33.47 -56.98
CA THR A 837 29.54 -32.11 -57.50
C THR A 837 28.11 -31.71 -57.82
N ARG A 838 27.16 -32.64 -57.76
CA ARG A 838 25.76 -32.37 -58.06
C ARG A 838 24.99 -31.81 -56.88
N ILE A 839 25.56 -31.80 -55.68
CA ILE A 839 24.89 -31.22 -54.52
C ILE A 839 24.88 -29.70 -54.55
N HIS A 840 25.60 -29.08 -55.48
CA HIS A 840 25.54 -27.63 -55.61
C HIS A 840 25.71 -27.13 -57.05
N THR B 7 23.32 -22.86 14.22
CA THR B 7 24.24 -21.76 13.97
C THR B 7 24.85 -21.87 12.58
N GLU B 8 25.60 -20.83 12.19
CA GLU B 8 26.26 -20.79 10.89
C GLU B 8 27.33 -21.86 10.72
N SER B 9 27.76 -22.48 11.82
CA SER B 9 28.90 -23.38 11.79
C SER B 9 28.51 -24.85 11.65
N ASP B 10 27.23 -25.18 11.78
CA ASP B 10 26.76 -26.57 11.71
C ASP B 10 26.51 -26.95 10.25
N TRP B 11 27.61 -27.28 9.56
CA TRP B 11 27.60 -27.65 8.15
C TRP B 11 27.14 -29.12 7.99
N GLY B 12 26.73 -29.45 6.76
CA GLY B 12 26.35 -30.80 6.41
C GLY B 12 24.90 -31.16 6.67
N LYS B 13 24.14 -30.31 7.36
CA LYS B 13 22.74 -30.57 7.67
C LYS B 13 21.77 -29.84 6.74
N ARG B 14 22.02 -28.57 6.43
CA ARG B 14 21.10 -27.81 5.58
C ARG B 14 20.96 -28.50 4.24
N CYS B 15 19.76 -28.45 3.67
CA CYS B 15 19.49 -29.16 2.42
C CYS B 15 19.73 -28.29 1.20
N VAL B 16 20.07 -28.93 0.08
CA VAL B 16 20.23 -28.21 -1.18
C VAL B 16 18.93 -27.68 -1.72
N ASP B 17 17.80 -28.00 -1.06
CA ASP B 17 16.53 -27.38 -1.43
C ASP B 17 16.63 -25.86 -1.36
N LYS B 18 17.49 -25.36 -0.48
CA LYS B 18 17.60 -23.95 -0.22
C LYS B 18 18.21 -23.18 -1.38
N PHE B 19 18.62 -23.88 -2.43
CA PHE B 19 19.18 -23.28 -3.63
C PHE B 19 18.34 -23.66 -4.84
N ASP B 20 18.05 -22.67 -5.67
CA ASP B 20 17.47 -22.89 -6.99
C ASP B 20 18.61 -23.08 -7.98
N ILE B 21 18.68 -24.27 -8.59
CA ILE B 21 19.78 -24.58 -9.49
C ILE B 21 19.56 -23.87 -10.84
N ILE B 22 20.58 -23.15 -11.30
CA ILE B 22 20.48 -22.41 -12.56
C ILE B 22 21.03 -23.20 -13.74
N GLY B 23 22.11 -23.92 -13.55
CA GLY B 23 22.72 -24.64 -14.64
C GLY B 23 24.06 -25.18 -14.22
N ILE B 24 24.73 -25.82 -15.16
CA ILE B 24 26.02 -26.44 -14.91
C ILE B 24 27.10 -25.48 -15.41
N ILE B 25 27.92 -24.99 -14.48
CA ILE B 25 28.99 -24.09 -14.90
C ILE B 25 30.14 -24.91 -15.48
N GLY B 26 30.47 -26.02 -14.85
CA GLY B 26 31.58 -26.83 -15.31
C GLY B 26 31.57 -28.17 -14.62
N GLU B 27 32.33 -29.10 -15.20
CA GLU B 27 32.47 -30.44 -14.64
C GLU B 27 33.75 -30.52 -13.83
N GLY B 28 33.62 -30.73 -12.52
CA GLY B 28 34.80 -30.81 -11.69
C GLY B 28 35.31 -32.24 -11.75
N THR B 29 36.51 -32.44 -11.24
CA THR B 29 37.11 -33.78 -11.37
C THR B 29 36.44 -34.75 -10.41
N TYR B 30 36.10 -34.30 -9.20
CA TYR B 30 35.46 -35.21 -8.26
C TYR B 30 33.93 -35.13 -8.34
N GLY B 31 33.40 -34.15 -9.07
CA GLY B 31 31.97 -34.04 -9.32
C GLY B 31 31.73 -32.80 -10.15
N GLN B 32 30.51 -32.68 -10.66
CA GLN B 32 30.18 -31.51 -11.47
C GLN B 32 29.79 -30.33 -10.59
N VAL B 33 30.04 -29.13 -11.10
CA VAL B 33 29.76 -27.88 -10.39
C VAL B 33 28.64 -27.13 -11.11
N TYR B 34 27.61 -26.73 -10.36
CA TYR B 34 26.42 -26.08 -10.89
C TYR B 34 26.30 -24.67 -10.30
N LYS B 35 25.84 -23.71 -11.11
CA LYS B 35 25.49 -22.38 -10.62
C LYS B 35 24.11 -22.38 -9.99
N ALA B 36 23.95 -21.66 -8.88
CA ALA B 36 22.67 -21.66 -8.17
C ALA B 36 22.44 -20.34 -7.46
N LYS B 37 21.16 -20.09 -7.14
CA LYS B 37 20.73 -18.90 -6.41
C LYS B 37 20.20 -19.35 -5.05
N ASP B 38 20.62 -18.67 -3.99
CA ASP B 38 20.10 -18.96 -2.67
C ASP B 38 18.67 -18.45 -2.56
N LYS B 39 17.75 -19.32 -2.14
CA LYS B 39 16.35 -18.92 -2.12
C LYS B 39 16.08 -17.85 -1.07
N ASP B 40 16.86 -17.80 0.00
CA ASP B 40 16.57 -16.90 1.11
C ASP B 40 17.17 -15.51 0.90
N THR B 41 18.39 -15.43 0.38
CA THR B 41 19.10 -14.17 0.25
C THR B 41 19.20 -13.67 -1.19
N GLY B 42 19.12 -14.55 -2.18
CA GLY B 42 19.29 -14.16 -3.56
C GLY B 42 20.73 -14.20 -4.05
N GLU B 43 21.70 -14.42 -3.15
CA GLU B 43 23.09 -14.47 -3.56
C GLU B 43 23.32 -15.64 -4.51
N LEU B 44 24.14 -15.41 -5.51
CA LEU B 44 24.54 -16.46 -6.45
C LEU B 44 25.73 -17.21 -5.88
N VAL B 45 25.65 -18.54 -5.92
CA VAL B 45 26.70 -19.41 -5.40
C VAL B 45 26.91 -20.54 -6.40
N ALA B 46 28.12 -21.07 -6.43
CA ALA B 46 28.45 -22.21 -7.26
C ALA B 46 28.57 -23.41 -6.32
N LEU B 47 27.86 -24.49 -6.64
CA LEU B 47 27.74 -25.67 -5.78
C LEU B 47 28.48 -26.83 -6.45
N LYS B 48 29.51 -27.35 -5.78
CA LYS B 48 30.31 -28.47 -6.26
C LYS B 48 29.74 -29.78 -5.75
N LYS B 49 29.55 -30.75 -6.66
CA LYS B 49 28.90 -32.02 -6.32
C LYS B 49 29.92 -33.01 -5.77
N VAL B 50 29.67 -33.51 -4.57
CA VAL B 50 30.55 -34.47 -3.93
C VAL B 50 29.77 -35.77 -3.75
N ARG B 51 30.11 -36.79 -4.54
CA ARG B 51 29.42 -38.07 -4.53
C ARG B 51 30.28 -39.09 -3.82
N LEU B 52 29.76 -39.64 -2.72
CA LEU B 52 30.38 -40.75 -2.03
C LEU B 52 29.77 -42.10 -2.42
N ASP B 53 28.80 -42.10 -3.33
CA ASP B 53 28.14 -43.34 -3.72
C ASP B 53 29.15 -44.32 -4.30
N ASN B 54 30.25 -43.83 -4.87
CA ASN B 54 31.25 -44.72 -5.47
C ASN B 54 31.71 -45.77 -4.46
N GLU B 55 31.91 -45.37 -3.21
CA GLU B 55 32.28 -46.27 -2.12
C GLU B 55 33.55 -47.05 -2.44
N LYS B 56 34.34 -46.58 -3.40
CA LYS B 56 35.68 -47.12 -3.61
C LYS B 56 36.62 -46.77 -2.45
N GLU B 57 36.72 -45.49 -2.13
CA GLU B 57 37.44 -45.00 -0.97
C GLU B 57 36.65 -43.94 -0.23
N GLY B 58 35.33 -43.98 -0.35
CA GLY B 58 34.47 -43.09 0.41
C GLY B 58 34.51 -41.66 -0.10
N PHE B 59 34.60 -40.71 0.85
CA PHE B 59 34.60 -39.30 0.50
C PHE B 59 35.89 -38.98 -0.24
N PRO B 60 35.83 -38.26 -1.36
CA PRO B 60 37.07 -37.96 -2.09
C PRO B 60 38.05 -37.17 -1.23
N ILE B 61 39.31 -37.61 -1.25
CA ILE B 61 40.34 -36.86 -0.55
C ILE B 61 40.53 -35.48 -1.18
N THR B 62 40.31 -35.36 -2.49
CA THR B 62 40.44 -34.07 -3.16
C THR B 62 39.46 -33.05 -2.56
N ALA B 63 38.22 -33.48 -2.33
CA ALA B 63 37.26 -32.61 -1.65
C ALA B 63 37.69 -32.40 -0.20
N ILE B 64 38.19 -33.44 0.48
CA ILE B 64 38.63 -33.29 1.86
C ILE B 64 39.70 -32.21 1.97
N ARG B 65 40.60 -32.14 1.00
CA ARG B 65 41.64 -31.12 1.03
C ARG B 65 41.03 -29.73 0.91
N GLU B 66 40.10 -29.55 -0.02
CA GLU B 66 39.42 -28.27 -0.21
C GLU B 66 38.66 -27.85 1.05
N ILE B 67 37.98 -28.80 1.70
CA ILE B 67 37.24 -28.46 2.92
C ILE B 67 38.20 -28.12 4.07
N LYS B 68 39.27 -28.92 4.21
CA LYS B 68 40.23 -28.70 5.31
C LYS B 68 40.96 -27.37 5.16
N ILE B 69 41.39 -27.03 3.94
CA ILE B 69 42.23 -25.86 3.73
C ILE B 69 41.41 -24.58 3.62
N LEU B 70 40.31 -24.60 2.87
CA LEU B 70 39.58 -23.36 2.59
C LEU B 70 38.82 -22.85 3.81
N ARG B 71 38.49 -23.70 4.79
CA ARG B 71 37.97 -23.19 6.06
C ARG B 71 39.07 -22.56 6.92
N GLN B 72 40.33 -22.80 6.59
CA GLN B 72 41.45 -22.15 7.27
C GLN B 72 41.91 -20.86 6.59
N LEU B 73 41.76 -20.76 5.28
CA LEU B 73 42.32 -19.67 4.50
C LEU B 73 41.27 -18.59 4.30
N ILE B 74 41.61 -17.39 4.76
CA ILE B 74 40.79 -16.20 4.62
C ILE B 74 41.61 -15.19 3.84
N HIS B 75 41.20 -14.88 2.61
CA HIS B 75 41.89 -13.84 1.86
C HIS B 75 41.00 -13.39 0.71
N ARG B 76 41.12 -12.10 0.39
CA ARG B 76 40.34 -11.52 -0.69
C ARG B 76 40.61 -12.21 -2.01
N SER B 77 41.81 -12.74 -2.18
CA SER B 77 42.23 -13.41 -3.40
C SER B 77 42.11 -14.92 -3.30
N VAL B 78 41.44 -15.45 -2.26
CA VAL B 78 41.20 -16.87 -2.11
C VAL B 78 39.70 -17.10 -1.98
N VAL B 79 39.17 -18.02 -2.78
CA VAL B 79 37.74 -18.27 -2.78
C VAL B 79 37.25 -18.75 -1.42
N ASN B 80 36.05 -18.32 -1.04
CA ASN B 80 35.46 -18.67 0.24
C ASN B 80 34.43 -19.77 0.04
N MET B 81 34.59 -20.87 0.76
CA MET B 81 33.57 -21.91 0.82
C MET B 81 32.52 -21.46 1.83
N LYS B 82 31.30 -21.20 1.38
CA LYS B 82 30.31 -20.63 2.29
C LYS B 82 29.70 -21.67 3.23
N GLU B 83 29.38 -22.86 2.73
CA GLU B 83 28.82 -23.91 3.57
C GLU B 83 28.82 -25.22 2.79
N ILE B 84 28.41 -26.30 3.46
CA ILE B 84 28.24 -27.61 2.86
C ILE B 84 26.81 -28.05 3.13
N VAL B 85 26.11 -28.45 2.06
CA VAL B 85 24.71 -28.82 2.13
C VAL B 85 24.55 -30.20 1.48
N THR B 86 23.41 -30.81 1.74
CA THR B 86 23.18 -32.19 1.37
C THR B 86 21.88 -32.38 0.62
N ASP B 87 21.83 -33.52 -0.09
CA ASP B 87 20.59 -34.01 -0.69
C ASP B 87 19.61 -34.41 0.40
N LYS B 88 18.32 -34.40 0.08
CA LYS B 88 17.33 -34.87 1.05
C LYS B 88 17.81 -36.26 1.46
N GLN B 89 18.21 -36.44 2.71
CA GLN B 89 18.73 -37.71 3.19
C GLN B 89 17.59 -38.69 3.47
N ASP B 90 17.89 -39.98 3.32
CA ASP B 90 16.88 -41.01 3.58
C ASP B 90 16.56 -41.00 5.06
N ALA B 91 15.28 -41.04 5.41
CA ALA B 91 14.90 -40.94 6.82
C ALA B 91 15.30 -42.18 7.59
N LEU B 92 16.05 -41.97 8.67
CA LEU B 92 16.47 -43.01 9.62
C LEU B 92 17.01 -44.29 8.97
N ASP B 93 17.79 -44.15 7.90
CA ASP B 93 18.39 -45.31 7.27
C ASP B 93 19.65 -44.87 6.55
N PHE B 94 20.72 -44.62 7.34
CA PHE B 94 21.95 -44.09 6.75
C PHE B 94 22.61 -45.06 5.78
N LYS B 95 22.51 -46.38 6.02
CA LYS B 95 23.12 -47.34 5.11
C LYS B 95 22.50 -47.29 3.72
N LYS B 96 21.17 -47.18 3.63
CA LYS B 96 20.56 -47.02 2.32
C LYS B 96 20.93 -45.68 1.68
N ASP B 97 21.12 -44.65 2.49
CA ASP B 97 21.39 -43.31 1.97
C ASP B 97 22.67 -43.32 1.15
N LYS B 98 22.55 -42.88 -0.11
CA LYS B 98 23.67 -42.69 -1.02
C LYS B 98 23.65 -41.28 -1.58
N GLY B 99 22.94 -40.37 -0.91
CA GLY B 99 22.89 -39.00 -1.38
C GLY B 99 24.25 -38.34 -1.34
N ALA B 100 24.36 -37.26 -2.10
CA ALA B 100 25.63 -36.59 -2.29
C ALA B 100 25.63 -35.29 -1.50
N PHE B 101 26.83 -34.77 -1.28
CA PHE B 101 27.08 -33.51 -0.60
C PHE B 101 27.49 -32.45 -1.63
N TYR B 102 27.27 -31.19 -1.26
CA TYR B 102 27.60 -30.05 -2.13
C TYR B 102 28.44 -29.05 -1.37
N LEU B 103 29.52 -28.57 -2.00
CA LEU B 103 30.36 -27.53 -1.42
C LEU B 103 29.93 -26.19 -2.03
N VAL B 104 29.45 -25.29 -1.18
CA VAL B 104 28.98 -23.97 -1.62
C VAL B 104 30.17 -23.02 -1.70
N PHE B 105 30.29 -22.32 -2.82
CA PHE B 105 31.34 -21.33 -3.04
C PHE B 105 30.69 -20.06 -3.56
N GLU B 106 31.37 -18.94 -3.36
CA GLU B 106 30.94 -17.72 -4.00
C GLU B 106 30.98 -17.90 -5.52
N TYR B 107 29.94 -17.42 -6.21
CA TYR B 107 29.94 -17.52 -7.68
C TYR B 107 30.85 -16.45 -8.28
N MET B 108 31.64 -16.84 -9.26
CA MET B 108 32.52 -15.92 -9.98
C MET B 108 32.08 -15.77 -11.42
N ASP B 109 32.12 -14.53 -11.92
CA ASP B 109 31.53 -14.23 -13.21
C ASP B 109 32.23 -14.99 -14.32
N HIS B 110 33.56 -14.96 -14.37
CA HIS B 110 34.32 -15.58 -15.44
C HIS B 110 35.57 -16.28 -14.95
N ASP B 111 36.06 -17.19 -15.79
CA ASP B 111 37.33 -17.90 -15.58
C ASP B 111 38.37 -17.35 -16.55
N LEU B 112 39.62 -17.25 -16.08
CA LEU B 112 40.66 -16.64 -16.88
C LEU B 112 40.83 -17.36 -18.22
N MET B 113 40.87 -18.68 -18.20
CA MET B 113 41.07 -19.43 -19.44
C MET B 113 40.00 -19.07 -20.46
N GLY B 114 38.75 -18.96 -20.01
CA GLY B 114 37.67 -18.59 -20.91
C GLY B 114 37.85 -17.20 -21.50
N LEU B 115 38.34 -16.27 -20.68
CA LEU B 115 38.50 -14.89 -21.14
C LEU B 115 39.59 -14.77 -22.18
N LEU B 116 40.69 -15.49 -21.98
CA LEU B 116 41.79 -15.47 -22.96
C LEU B 116 41.38 -16.17 -24.25
N GLU B 117 40.67 -17.30 -24.13
CA GLU B 117 40.33 -18.11 -25.30
C GLU B 117 39.40 -17.36 -26.25
N SER B 118 38.39 -16.67 -25.71
CA SER B 118 37.53 -15.87 -26.57
C SER B 118 38.33 -14.77 -27.27
N GLY B 119 39.49 -14.39 -26.73
CA GLY B 119 40.31 -13.37 -27.34
C GLY B 119 39.69 -12.00 -27.32
N LEU B 120 38.54 -11.88 -26.66
CA LEU B 120 37.78 -10.65 -26.55
C LEU B 120 38.40 -9.72 -25.52
N VAL B 121 38.97 -10.30 -24.48
CA VAL B 121 39.53 -9.52 -23.39
C VAL B 121 40.85 -8.93 -23.87
N HIS B 122 41.11 -7.70 -23.47
CA HIS B 122 42.37 -7.03 -23.72
C HIS B 122 42.90 -6.54 -22.38
N PHE B 123 44.14 -6.92 -22.07
CA PHE B 123 44.78 -6.58 -20.81
C PHE B 123 45.83 -5.48 -21.03
N SER B 124 45.63 -4.35 -20.36
CA SER B 124 46.63 -3.29 -20.31
C SER B 124 47.67 -3.62 -19.24
N GLU B 125 48.78 -2.88 -19.23
CA GLU B 125 49.78 -3.12 -18.19
C GLU B 125 49.14 -2.98 -16.82
N ASP B 126 48.38 -1.90 -16.62
CA ASP B 126 47.79 -1.64 -15.31
C ASP B 126 46.83 -2.76 -14.91
N HIS B 127 46.06 -3.28 -15.87
CA HIS B 127 45.19 -4.41 -15.53
C HIS B 127 46.02 -5.57 -15.01
N ILE B 128 47.09 -5.90 -15.73
CA ILE B 128 47.94 -7.02 -15.35
C ILE B 128 48.51 -6.79 -13.96
N LYS B 129 48.98 -5.57 -13.70
CA LYS B 129 49.45 -5.22 -12.36
C LYS B 129 48.40 -5.56 -11.32
N SER B 130 47.16 -5.13 -11.55
CA SER B 130 46.11 -5.39 -10.56
C SER B 130 45.87 -6.89 -10.42
N PHE B 131 45.91 -7.60 -11.54
CA PHE B 131 45.72 -9.05 -11.55
C PHE B 131 46.86 -9.75 -10.81
N MET B 132 48.10 -9.46 -11.22
CA MET B 132 49.25 -10.13 -10.63
C MET B 132 49.38 -9.80 -9.16
N LYS B 133 49.10 -8.56 -8.77
CA LYS B 133 49.22 -8.20 -7.35
C LYS B 133 48.25 -9.00 -6.49
N GLN B 134 47.01 -9.16 -6.95
CA GLN B 134 46.06 -9.96 -6.18
C GLN B 134 46.50 -11.42 -6.12
N LEU B 135 46.85 -11.99 -7.27
CA LEU B 135 47.25 -13.39 -7.31
C LEU B 135 48.42 -13.63 -6.36
N MET B 136 49.44 -12.78 -6.44
CA MET B 136 50.58 -12.99 -5.56
C MET B 136 50.22 -12.78 -4.09
N GLU B 137 49.37 -11.80 -3.80
CA GLU B 137 48.94 -11.61 -2.42
C GLU B 137 48.21 -12.83 -1.89
N GLY B 138 47.37 -13.45 -2.72
CA GLY B 138 46.74 -14.69 -2.31
C GLY B 138 47.77 -15.79 -2.14
N LEU B 139 48.70 -15.89 -3.08
CA LEU B 139 49.67 -16.98 -3.01
C LEU B 139 50.58 -16.81 -1.80
N GLU B 140 50.96 -15.57 -1.50
CA GLU B 140 51.78 -15.31 -0.31
C GLU B 140 51.03 -15.71 0.95
N TYR B 141 49.75 -15.33 1.05
CA TYR B 141 48.97 -15.75 2.21
C TYR B 141 49.02 -17.26 2.36
N CYS B 142 48.78 -17.98 1.26
CA CYS B 142 48.80 -19.44 1.32
C CYS B 142 50.19 -19.97 1.64
N HIS B 143 51.21 -19.44 0.97
CA HIS B 143 52.56 -19.92 1.22
C HIS B 143 52.99 -19.62 2.66
N LYS B 144 52.58 -18.46 3.20
CA LYS B 144 52.90 -18.15 4.59
C LYS B 144 52.21 -19.12 5.55
N LYS B 145 51.02 -19.59 5.20
CA LYS B 145 50.35 -20.62 6.00
C LYS B 145 50.90 -22.02 5.69
N ASN B 146 51.97 -22.09 4.89
CA ASN B 146 52.69 -23.32 4.58
C ASN B 146 51.82 -24.33 3.84
N PHE B 147 51.00 -23.83 2.92
CA PHE B 147 50.19 -24.66 2.03
C PHE B 147 50.66 -24.45 0.60
N LEU B 148 50.73 -25.54 -0.18
CA LEU B 148 51.09 -25.47 -1.58
C LEU B 148 49.86 -25.75 -2.44
N HIS B 149 49.65 -24.91 -3.47
CA HIS B 149 48.49 -25.07 -4.35
C HIS B 149 48.65 -26.30 -5.25
N ARG B 150 49.79 -26.39 -5.94
CA ARG B 150 50.19 -27.54 -6.74
C ARG B 150 49.44 -27.66 -8.05
N ASP B 151 48.54 -26.75 -8.39
CA ASP B 151 47.84 -26.85 -9.67
C ASP B 151 47.43 -25.48 -10.22
N ILE B 152 48.39 -24.60 -10.47
CA ILE B 152 48.09 -23.26 -10.93
C ILE B 152 47.88 -23.33 -12.45
N LYS B 153 46.65 -23.06 -12.88
CA LYS B 153 46.30 -23.04 -14.29
C LYS B 153 45.39 -21.85 -14.54
N CYS B 154 45.28 -21.45 -15.81
CA CYS B 154 44.41 -20.32 -16.13
C CYS B 154 42.95 -20.64 -15.80
N SER B 155 42.56 -21.91 -15.94
CA SER B 155 41.20 -22.32 -15.62
C SER B 155 40.91 -22.16 -14.13
N ASN B 156 41.92 -22.29 -13.25
CA ASN B 156 41.69 -22.16 -11.82
C ASN B 156 41.77 -20.71 -11.32
N ILE B 157 42.10 -19.74 -12.17
CA ILE B 157 42.04 -18.33 -11.79
C ILE B 157 40.66 -17.79 -12.12
N LEU B 158 39.93 -17.33 -11.11
CA LEU B 158 38.58 -16.82 -11.30
C LEU B 158 38.52 -15.30 -11.09
N LEU B 159 37.71 -14.64 -11.92
CA LEU B 159 37.63 -13.20 -11.96
C LEU B 159 36.18 -12.70 -11.93
N ASN B 160 35.94 -11.68 -11.12
CA ASN B 160 34.67 -10.96 -11.17
C ASN B 160 34.84 -9.75 -12.08
N ASN B 161 33.73 -9.26 -12.64
CA ASN B 161 33.86 -8.17 -13.61
C ASN B 161 34.47 -6.94 -12.93
N SER B 162 34.36 -6.86 -11.60
CA SER B 162 34.94 -5.78 -10.83
C SER B 162 36.46 -5.76 -10.91
N GLY B 163 37.07 -6.86 -11.33
CA GLY B 163 38.51 -6.98 -11.36
C GLY B 163 39.07 -7.75 -10.19
N GLN B 164 38.21 -8.25 -9.30
CA GLN B 164 38.68 -9.09 -8.22
C GLN B 164 39.03 -10.47 -8.74
N ILE B 165 40.20 -10.94 -8.34
CA ILE B 165 40.74 -12.24 -8.73
C ILE B 165 40.68 -13.11 -7.49
N LYS B 166 40.38 -14.40 -7.69
CA LYS B 166 40.39 -15.35 -6.59
C LYS B 166 40.99 -16.67 -7.09
N LEU B 167 41.75 -17.33 -6.23
CA LEU B 167 42.28 -18.65 -6.53
C LEU B 167 41.21 -19.68 -6.19
N ALA B 168 41.22 -20.81 -6.90
CA ALA B 168 40.06 -21.71 -6.86
C ALA B 168 40.40 -23.15 -6.50
N ASP B 169 40.54 -24.06 -7.47
CA ASP B 169 40.71 -25.46 -7.13
C ASP B 169 41.87 -25.68 -6.15
N PHE B 170 41.55 -26.23 -4.97
CA PHE B 170 42.56 -26.69 -4.02
C PHE B 170 42.57 -28.20 -3.85
N GLY B 171 42.04 -28.95 -4.81
CA GLY B 171 41.95 -30.40 -4.70
C GLY B 171 43.27 -31.13 -4.66
N LEU B 172 44.37 -30.46 -5.02
CA LEU B 172 45.69 -31.06 -5.00
C LEU B 172 46.63 -30.40 -4.01
N ALA B 173 46.11 -29.57 -3.11
CA ALA B 173 46.95 -28.82 -2.20
C ALA B 173 47.38 -29.68 -1.01
N ARG B 174 48.64 -29.53 -0.61
CA ARG B 174 49.23 -30.28 0.50
C ARG B 174 50.19 -29.37 1.27
N LEU B 175 50.32 -29.66 2.56
CA LEU B 175 51.21 -28.93 3.44
C LEU B 175 52.67 -29.18 3.10
N TYR B 176 53.50 -28.14 3.23
CA TYR B 176 54.93 -28.21 2.94
C TYR B 176 55.69 -28.05 4.25
N ASN B 177 56.61 -28.96 4.53
CA ASN B 177 57.47 -28.87 5.70
C ASN B 177 58.89 -28.60 5.25
N SER B 178 59.41 -27.44 5.63
CA SER B 178 60.78 -27.04 5.28
C SER B 178 61.79 -27.90 6.01
N GLU B 179 61.59 -28.11 7.32
CA GLU B 179 62.52 -28.91 8.10
C GLU B 179 62.53 -30.38 7.66
N GLU B 180 61.36 -30.96 7.44
CA GLU B 180 61.23 -32.35 7.04
C GLU B 180 60.83 -32.48 5.57
N SER B 181 61.76 -32.90 4.72
CA SER B 181 61.43 -33.22 3.33
C SER B 181 60.81 -34.61 3.26
N ARG B 182 59.60 -34.70 2.73
CA ARG B 182 58.85 -35.95 2.61
C ARG B 182 58.37 -36.16 1.19
N PRO B 183 58.24 -37.42 0.75
CA PRO B 183 57.83 -37.67 -0.64
C PRO B 183 56.40 -37.23 -0.93
N TYR B 184 56.23 -36.60 -2.10
CA TYR B 184 54.91 -36.16 -2.56
C TYR B 184 54.54 -36.83 -3.91
N TPO B 185 53.47 -36.34 -4.54
CA TPO B 185 53.02 -36.81 -5.86
CB TPO B 185 51.55 -36.39 -6.11
CG2 TPO B 185 51.21 -36.44 -7.60
OG1 TPO B 185 50.74 -37.36 -5.39
P TPO B 185 49.88 -36.84 -4.11
O1P TPO B 185 50.79 -36.01 -3.06
O2P TPO B 185 48.64 -35.91 -4.59
O3P TPO B 185 49.30 -38.01 -3.43
C TPO B 185 54.00 -36.23 -6.91
O TPO B 185 54.32 -35.05 -6.87
H TPO B 185 52.97 -35.71 -4.23
HA TPO B 185 53.01 -37.79 -5.93
HB TPO B 185 51.36 -35.37 -5.77
HG21 TPO B 185 50.14 -36.26 -7.74
HG22 TPO B 185 51.49 -37.41 -8.01
HG23 TPO B 185 51.78 -35.65 -8.13
N ASN B 186 54.48 -37.06 -7.85
CA ASN B 186 55.63 -36.64 -8.67
C ASN B 186 55.35 -35.48 -9.63
N LYS B 187 54.15 -35.46 -10.23
CA LYS B 187 53.75 -34.43 -11.19
C LYS B 187 52.36 -33.94 -10.84
N VAL B 188 52.25 -32.67 -10.43
CA VAL B 188 50.98 -32.09 -10.02
C VAL B 188 50.49 -31.02 -11.01
N ILE B 189 51.32 -30.06 -11.36
CA ILE B 189 50.83 -28.92 -12.16
C ILE B 189 50.67 -29.39 -13.60
N THR B 190 49.70 -28.81 -14.32
CA THR B 190 49.47 -29.23 -15.69
C THR B 190 50.71 -28.96 -16.55
N LEU B 191 50.95 -29.85 -17.51
CA LEU B 191 52.22 -29.83 -18.23
C LEU B 191 52.56 -28.43 -18.74
N TRP B 192 51.55 -27.70 -19.20
CA TRP B 192 51.84 -26.39 -19.77
C TRP B 192 52.45 -25.45 -18.75
N TYR B 193 52.06 -25.57 -17.48
CA TYR B 193 52.54 -24.68 -16.44
C TYR B 193 53.40 -25.40 -15.40
N ARG B 194 53.96 -26.56 -15.75
CA ARG B 194 54.70 -27.35 -14.77
C ARG B 194 56.13 -26.83 -14.65
N PRO B 195 56.67 -26.77 -13.43
CA PRO B 195 58.04 -26.28 -13.25
C PRO B 195 59.04 -27.34 -13.66
N PRO B 196 60.28 -26.94 -13.97
CA PRO B 196 61.26 -27.94 -14.44
C PRO B 196 61.57 -29.01 -13.42
N GLU B 197 61.53 -28.66 -12.13
CA GLU B 197 61.84 -29.63 -11.07
C GLU B 197 60.89 -30.83 -11.12
N LEU B 198 59.60 -30.58 -11.38
CA LEU B 198 58.64 -31.67 -11.44
C LEU B 198 58.81 -32.49 -12.72
N LEU B 199 59.17 -31.83 -13.83
CA LEU B 199 59.54 -32.60 -15.02
C LEU B 199 60.67 -33.55 -14.69
N LEU B 200 61.66 -33.06 -13.93
CA LEU B 200 62.77 -33.87 -13.51
C LEU B 200 62.46 -34.64 -12.24
N GLY B 201 61.23 -34.55 -11.74
CA GLY B 201 60.83 -35.51 -10.73
C GLY B 201 61.40 -35.27 -9.35
N GLU B 202 61.55 -34.02 -8.92
CA GLU B 202 62.12 -33.79 -7.60
C GLU B 202 61.37 -34.58 -6.54
N GLU B 203 60.04 -34.47 -6.52
CA GLU B 203 59.18 -35.24 -5.63
C GLU B 203 59.21 -34.65 -4.23
N ARG B 204 60.26 -33.90 -3.93
CA ARG B 204 60.37 -33.09 -2.73
C ARG B 204 60.36 -31.64 -3.16
N TYR B 205 59.21 -31.18 -3.62
CA TYR B 205 59.19 -29.87 -4.24
C TYR B 205 58.96 -28.81 -3.18
N THR B 206 59.33 -27.60 -3.52
CA THR B 206 59.24 -26.44 -2.67
C THR B 206 58.06 -25.60 -3.12
N PRO B 207 57.67 -24.61 -2.34
CA PRO B 207 56.58 -23.72 -2.79
C PRO B 207 56.87 -23.01 -4.11
N ALA B 208 58.12 -23.03 -4.57
CA ALA B 208 58.48 -22.36 -5.81
C ALA B 208 57.79 -22.94 -7.04
N ILE B 209 57.15 -24.11 -6.90
CA ILE B 209 56.44 -24.69 -8.03
C ILE B 209 55.31 -23.78 -8.49
N ASP B 210 54.57 -23.22 -7.54
CA ASP B 210 53.47 -22.33 -7.88
C ASP B 210 53.98 -21.05 -8.52
N VAL B 211 55.15 -20.58 -8.08
CA VAL B 211 55.72 -19.36 -8.65
C VAL B 211 55.98 -19.55 -10.14
N TRP B 212 56.56 -20.69 -10.53
CA TRP B 212 56.83 -20.94 -11.93
C TRP B 212 55.57 -20.80 -12.77
N SER B 213 54.49 -21.44 -12.34
CA SER B 213 53.24 -21.35 -13.06
C SER B 213 52.77 -19.90 -13.17
N CYS B 214 52.76 -19.18 -12.05
CA CYS B 214 52.25 -17.81 -12.07
C CYS B 214 53.06 -16.95 -13.04
N GLY B 215 54.36 -17.20 -13.15
CA GLY B 215 55.16 -16.52 -14.15
C GLY B 215 54.76 -16.88 -15.56
N CYS B 216 54.49 -18.17 -15.79
CA CYS B 216 53.95 -18.59 -17.07
C CYS B 216 52.68 -17.82 -17.39
N ILE B 217 51.85 -17.57 -16.38
CA ILE B 217 50.65 -16.76 -16.57
C ILE B 217 51.03 -15.32 -16.89
N LEU B 218 52.01 -14.77 -16.17
CA LEU B 218 52.44 -13.40 -16.43
C LEU B 218 52.79 -13.22 -17.90
N GLY B 219 53.62 -14.11 -18.43
CA GLY B 219 53.92 -14.02 -19.85
C GLY B 219 52.68 -14.22 -20.71
N GLU B 220 51.79 -15.10 -20.28
CA GLU B 220 50.56 -15.37 -21.04
C GLU B 220 49.67 -14.14 -21.12
N LEU B 221 49.66 -13.31 -20.08
CA LEU B 221 48.82 -12.11 -20.13
C LEU B 221 49.36 -11.11 -21.13
N PHE B 222 50.65 -11.15 -21.41
CA PHE B 222 51.27 -10.24 -22.36
C PHE B 222 51.22 -10.74 -23.79
N THR B 223 51.34 -12.04 -24.01
CA THR B 223 51.33 -12.57 -25.35
C THR B 223 49.93 -12.99 -25.77
N LYS B 224 49.02 -13.15 -24.82
CA LYS B 224 47.69 -13.68 -25.07
C LYS B 224 47.74 -15.11 -25.59
N LYS B 225 48.87 -15.81 -25.35
CA LYS B 225 49.12 -17.15 -25.84
C LYS B 225 49.95 -17.85 -24.77
N PRO B 226 49.65 -19.11 -24.41
CA PRO B 226 50.48 -19.79 -23.42
C PRO B 226 51.93 -19.80 -23.87
N ILE B 227 52.84 -19.64 -22.91
CA ILE B 227 54.25 -19.51 -23.27
C ILE B 227 54.79 -20.87 -23.70
N PHE B 228 54.56 -21.90 -22.88
CA PHE B 228 55.05 -23.25 -23.15
C PHE B 228 53.86 -24.21 -23.21
N GLN B 229 53.51 -24.66 -24.42
CA GLN B 229 52.42 -25.64 -24.58
C GLN B 229 52.96 -26.85 -25.32
N ALA B 230 52.85 -28.02 -24.68
CA ALA B 230 53.33 -29.25 -25.29
C ALA B 230 52.45 -30.41 -24.85
N ASN B 231 52.67 -31.56 -25.49
CA ASN B 231 51.93 -32.78 -25.16
C ASN B 231 52.81 -33.80 -24.47
N LEU B 232 54.13 -33.61 -24.45
CA LEU B 232 55.06 -34.54 -23.86
C LEU B 232 55.98 -33.81 -22.88
N GLU B 233 56.39 -34.52 -21.82
CA GLU B 233 57.15 -33.88 -20.76
C GLU B 233 58.50 -33.39 -21.26
N LEU B 234 59.14 -34.18 -22.14
CA LEU B 234 60.42 -33.77 -22.69
C LEU B 234 60.27 -32.56 -23.61
N ALA B 235 59.23 -32.56 -24.45
CA ALA B 235 59.01 -31.43 -25.36
C ALA B 235 58.84 -30.13 -24.59
N GLN B 236 58.15 -30.19 -23.45
CA GLN B 236 58.02 -29.01 -22.60
C GLN B 236 59.39 -28.59 -22.07
N LEU B 237 60.17 -29.56 -21.59
CA LEU B 237 61.53 -29.26 -21.11
C LEU B 237 62.36 -28.57 -22.19
N GLU B 238 62.21 -29.01 -23.44
CA GLU B 238 62.89 -28.36 -24.56
C GLU B 238 62.41 -26.94 -24.76
N LEU B 239 61.08 -26.75 -24.76
CA LEU B 239 60.53 -25.42 -24.96
C LEU B 239 60.98 -24.49 -23.83
N ILE B 240 60.84 -24.95 -22.58
CA ILE B 240 61.37 -24.17 -21.46
C ILE B 240 62.86 -23.93 -21.64
N SER B 241 63.60 -24.96 -22.04
CA SER B 241 65.04 -24.83 -22.17
C SER B 241 65.40 -23.78 -23.23
N ARG B 242 64.63 -23.72 -24.33
CA ARG B 242 64.97 -22.75 -25.36
C ARG B 242 64.90 -21.32 -24.84
N LEU B 243 63.90 -21.03 -23.99
CA LEU B 243 63.68 -19.67 -23.52
C LEU B 243 64.45 -19.41 -22.23
N CYS B 244 64.34 -20.30 -21.25
CA CYS B 244 64.95 -20.07 -19.95
C CYS B 244 66.37 -20.60 -19.87
N GLY B 245 66.83 -21.31 -20.88
CA GLY B 245 68.13 -21.94 -20.87
C GLY B 245 68.06 -23.40 -20.50
N SER B 246 69.01 -24.17 -21.01
CA SER B 246 69.01 -25.60 -20.72
C SER B 246 69.44 -25.83 -19.27
N PRO B 247 68.81 -26.76 -18.57
CA PRO B 247 69.27 -27.10 -17.22
C PRO B 247 70.73 -27.54 -17.29
N CYS B 248 71.56 -26.90 -16.47
CA CYS B 248 72.99 -27.17 -16.46
C CYS B 248 73.49 -26.92 -15.05
N PRO B 249 74.62 -27.53 -14.68
CA PRO B 249 75.09 -27.38 -13.29
C PRO B 249 75.40 -25.95 -12.88
N ALA B 250 75.87 -25.11 -13.80
CA ALA B 250 76.23 -23.74 -13.44
C ALA B 250 75.03 -22.92 -13.00
N VAL B 251 73.88 -23.10 -13.65
CA VAL B 251 72.69 -22.35 -13.28
C VAL B 251 71.88 -23.07 -12.22
N TRP B 252 72.07 -24.38 -12.06
CA TRP B 252 71.24 -25.20 -11.17
C TRP B 252 72.18 -26.21 -10.51
N PRO B 253 72.91 -25.77 -9.49
CA PRO B 253 73.99 -26.64 -8.96
C PRO B 253 73.53 -28.05 -8.65
N ASP B 254 72.30 -28.20 -8.15
CA ASP B 254 71.78 -29.48 -7.70
C ASP B 254 70.97 -30.21 -8.77
N VAL B 255 71.05 -29.75 -10.03
CA VAL B 255 70.32 -30.42 -11.10
C VAL B 255 70.77 -31.85 -11.25
N ILE B 256 72.02 -32.15 -10.92
CA ILE B 256 72.54 -33.51 -11.07
C ILE B 256 71.86 -34.47 -10.10
N ARG B 257 71.35 -33.98 -8.96
CA ARG B 257 70.68 -34.88 -8.02
C ARG B 257 69.27 -35.26 -8.48
N LEU B 258 68.71 -34.54 -9.44
CA LEU B 258 67.34 -34.82 -9.84
C LEU B 258 67.35 -36.12 -10.63
N PRO B 259 66.44 -37.06 -10.36
CA PRO B 259 66.58 -38.39 -10.98
C PRO B 259 66.70 -38.35 -12.50
N TYR B 260 66.00 -37.45 -13.18
CA TYR B 260 65.90 -37.51 -14.63
C TYR B 260 66.84 -36.54 -15.37
N PHE B 261 67.83 -35.97 -14.68
CA PHE B 261 68.73 -35.01 -15.33
C PHE B 261 69.47 -35.64 -16.50
N ASN B 262 70.09 -36.80 -16.27
CA ASN B 262 70.79 -37.49 -17.35
C ASN B 262 69.81 -38.05 -18.37
N THR B 263 68.68 -38.57 -17.90
CA THR B 263 67.70 -39.21 -18.77
C THR B 263 67.09 -38.20 -19.74
N MET B 264 66.55 -37.10 -19.20
CA MET B 264 65.85 -36.09 -19.99
C MET B 264 66.83 -34.99 -20.34
N LYS B 265 67.16 -34.85 -21.62
CA LYS B 265 68.09 -33.82 -22.03
C LYS B 265 67.50 -33.00 -23.17
N PRO B 266 67.71 -31.69 -23.19
CA PRO B 266 67.33 -30.90 -24.36
C PRO B 266 68.27 -31.19 -25.52
N LYS B 267 67.79 -30.89 -26.72
CA LYS B 267 68.60 -31.14 -27.92
C LYS B 267 69.99 -30.55 -27.79
N LYS B 268 70.07 -29.32 -27.29
CA LYS B 268 71.31 -28.56 -27.18
C LYS B 268 71.36 -28.03 -25.75
N GLN B 269 72.47 -27.40 -25.39
CA GLN B 269 72.51 -26.62 -24.14
C GLN B 269 72.15 -25.19 -24.54
N TYR B 270 70.87 -24.89 -24.62
CA TYR B 270 70.42 -23.60 -25.11
C TYR B 270 70.80 -22.50 -24.11
N ARG B 271 71.12 -21.33 -24.63
CA ARG B 271 71.36 -20.16 -23.79
C ARG B 271 70.03 -19.50 -23.45
N ARG B 272 70.01 -18.75 -22.35
CA ARG B 272 68.80 -18.05 -21.95
C ARG B 272 68.55 -16.88 -22.90
N ARG B 273 67.30 -16.79 -23.36
CA ARG B 273 66.88 -15.76 -24.31
C ARG B 273 65.67 -14.99 -23.82
N LEU B 274 65.30 -15.15 -22.55
CA LEU B 274 64.02 -14.63 -22.07
C LEU B 274 63.91 -13.14 -22.34
N ARG B 275 64.94 -12.37 -21.98
CA ARG B 275 64.86 -10.93 -22.17
C ARG B 275 64.73 -10.56 -23.65
N GLU B 276 65.41 -11.30 -24.53
CA GLU B 276 65.28 -11.01 -25.94
C GLU B 276 63.87 -11.33 -26.45
N GLU B 277 63.40 -12.56 -26.22
CA GLU B 277 62.12 -12.96 -26.80
C GLU B 277 60.96 -12.19 -26.18
N PHE B 278 61.09 -11.70 -24.94
CA PHE B 278 60.09 -10.84 -24.34
C PHE B 278 60.50 -9.37 -24.32
N SER B 279 61.23 -8.92 -25.35
CA SER B 279 61.67 -7.53 -25.39
C SER B 279 60.49 -6.56 -25.39
N PHE B 280 59.33 -6.99 -25.88
CA PHE B 280 58.15 -6.12 -25.92
C PHE B 280 57.53 -5.94 -24.54
N ILE B 281 57.87 -6.78 -23.57
CA ILE B 281 57.31 -6.63 -22.21
C ILE B 281 57.98 -5.46 -21.52
N PRO B 282 57.24 -4.64 -20.75
CA PRO B 282 57.88 -3.54 -20.02
C PRO B 282 59.00 -3.99 -19.11
N SER B 283 59.98 -3.09 -18.91
CA SER B 283 61.18 -3.46 -18.17
C SER B 283 60.85 -3.89 -16.75
N ALA B 284 59.97 -3.17 -16.06
CA ALA B 284 59.63 -3.55 -14.69
C ALA B 284 59.07 -4.96 -14.63
N ALA B 285 58.27 -5.34 -15.61
CA ALA B 285 57.68 -6.67 -15.63
C ALA B 285 58.68 -7.72 -16.08
N LEU B 286 59.48 -7.40 -17.11
CA LEU B 286 60.43 -8.39 -17.61
C LEU B 286 61.33 -8.89 -16.50
N ASP B 287 61.81 -7.99 -15.63
CA ASP B 287 62.61 -8.42 -14.49
C ASP B 287 61.83 -9.38 -13.60
N LEU B 288 60.53 -9.11 -13.42
CA LEU B 288 59.71 -10.01 -12.61
C LEU B 288 59.65 -11.39 -13.26
N LEU B 289 59.51 -11.44 -14.59
CA LEU B 289 59.44 -12.73 -15.28
C LEU B 289 60.76 -13.50 -15.17
N ASP B 290 61.89 -12.83 -15.42
CA ASP B 290 63.17 -13.50 -15.33
C ASP B 290 63.34 -14.16 -13.97
N HIS B 291 62.86 -13.50 -12.92
CA HIS B 291 63.00 -14.06 -11.58
C HIS B 291 62.00 -15.19 -11.34
N MET B 292 60.76 -15.03 -11.82
CA MET B 292 59.77 -16.08 -11.61
C MET B 292 60.10 -17.32 -12.42
N LEU B 293 60.62 -17.14 -13.64
CA LEU B 293 60.96 -18.27 -14.50
C LEU B 293 62.46 -18.59 -14.42
N THR B 294 62.92 -18.82 -13.20
CA THR B 294 64.29 -19.23 -12.94
C THR B 294 64.34 -20.74 -12.74
N LEU B 295 65.28 -21.39 -13.42
CA LEU B 295 65.29 -22.85 -13.45
C LEU B 295 65.48 -23.41 -12.03
N ASP B 296 66.46 -22.87 -11.30
CA ASP B 296 66.80 -23.42 -9.99
C ASP B 296 65.77 -22.98 -8.95
N PRO B 297 64.99 -23.91 -8.38
CA PRO B 297 63.98 -23.49 -7.40
C PRO B 297 64.54 -22.71 -6.24
N SER B 298 65.81 -22.92 -5.92
CA SER B 298 66.42 -22.19 -4.81
C SER B 298 66.74 -20.75 -5.18
N LYS B 299 66.95 -20.48 -6.47
CA LYS B 299 67.23 -19.14 -6.95
C LYS B 299 65.99 -18.43 -7.48
N ARG B 300 64.88 -19.14 -7.61
CA ARG B 300 63.62 -18.56 -8.05
C ARG B 300 63.02 -17.69 -6.97
N CYS B 301 62.50 -16.53 -7.37
CA CYS B 301 61.96 -15.57 -6.42
C CYS B 301 60.78 -16.17 -5.65
N THR B 302 60.48 -15.56 -4.50
CA THR B 302 59.36 -15.98 -3.66
C THR B 302 58.15 -15.12 -3.98
N ALA B 303 57.01 -15.48 -3.39
CA ALA B 303 55.81 -14.65 -3.56
C ALA B 303 56.01 -13.28 -2.92
N GLU B 304 56.50 -13.23 -1.69
CA GLU B 304 56.74 -11.95 -1.05
C GLU B 304 57.67 -11.09 -1.90
N GLN B 305 58.72 -11.71 -2.46
CA GLN B 305 59.63 -10.95 -3.29
C GLN B 305 58.92 -10.42 -4.52
N THR B 306 58.02 -11.23 -5.12
CA THR B 306 57.24 -10.72 -6.24
C THR B 306 56.32 -9.59 -5.81
N LEU B 307 55.78 -9.67 -4.59
CA LEU B 307 54.94 -8.59 -4.07
C LEU B 307 55.70 -7.31 -3.71
N GLN B 308 56.95 -7.43 -3.31
CA GLN B 308 57.75 -6.27 -2.94
C GLN B 308 58.48 -5.80 -4.19
N SER B 309 57.63 -5.49 -5.21
CA SER B 309 58.17 -5.24 -6.58
C SER B 309 57.89 -3.84 -7.17
N ASP B 310 58.92 -3.30 -7.85
CA ASP B 310 58.76 -2.14 -8.68
C ASP B 310 57.56 -2.33 -9.58
N PHE B 311 57.37 -3.55 -10.09
CA PHE B 311 56.21 -3.80 -10.93
C PHE B 311 54.94 -3.79 -10.09
N LEU B 312 54.96 -4.41 -8.90
CA LEU B 312 53.75 -4.55 -8.11
C LEU B 312 53.71 -3.78 -6.79
N LYS B 313 54.84 -3.36 -6.22
CA LYS B 313 54.79 -2.74 -4.90
C LYS B 313 53.95 -1.47 -4.91
N ASP B 314 54.08 -0.67 -5.95
CA ASP B 314 53.42 0.62 -6.03
C ASP B 314 52.05 0.51 -6.66
N VAL B 315 51.59 -0.70 -6.95
CA VAL B 315 50.23 -0.94 -7.39
C VAL B 315 49.31 -0.79 -6.18
N GLU B 316 48.23 -0.03 -6.33
CA GLU B 316 47.30 0.22 -5.23
C GLU B 316 46.05 -0.62 -5.48
N LEU B 317 45.69 -1.47 -4.52
CA LEU B 317 44.55 -2.34 -4.73
C LEU B 317 43.23 -1.58 -4.72
N SER B 318 43.21 -0.34 -4.23
CA SER B 318 41.98 0.45 -4.29
C SER B 318 41.47 0.58 -5.72
N LYS B 319 42.38 0.85 -6.66
CA LYS B 319 42.06 0.86 -8.09
C LYS B 319 42.29 -0.55 -8.65
N MET B 320 41.22 -1.31 -8.85
CA MET B 320 41.40 -2.68 -9.33
C MET B 320 41.43 -2.81 -10.84
N ALA B 321 41.34 -1.73 -11.59
CA ALA B 321 41.35 -1.81 -13.03
C ALA B 321 40.47 -2.92 -13.56
N PRO B 322 39.20 -2.67 -13.84
CA PRO B 322 38.34 -3.73 -14.42
C PRO B 322 38.81 -4.04 -15.83
N PRO B 323 38.91 -5.31 -16.21
CA PRO B 323 39.38 -5.65 -17.56
C PRO B 323 38.39 -5.16 -18.61
N ASP B 324 38.83 -5.19 -19.87
CA ASP B 324 38.04 -4.64 -20.96
C ASP B 324 36.80 -5.49 -21.19
N LEU B 325 35.61 -4.87 -21.12
CA LEU B 325 34.37 -5.62 -21.21
C LEU B 325 33.85 -5.61 -22.65
N PRO B 326 33.51 -6.77 -23.20
CA PRO B 326 32.89 -6.80 -24.53
C PRO B 326 31.54 -6.07 -24.53
N HIS B 327 31.32 -5.24 -25.53
CA HIS B 327 30.12 -4.42 -25.56
C HIS B 327 29.13 -5.03 -26.55
N TRP B 328 28.03 -4.31 -26.84
CA TRP B 328 27.14 -4.73 -27.90
C TRP B 328 27.84 -4.63 -29.25
N GLN B 329 28.63 -3.57 -29.43
CA GLN B 329 29.41 -3.40 -30.65
C GLN B 329 30.39 -4.56 -30.82
N ASP B 330 30.95 -5.06 -29.71
CA ASP B 330 31.84 -6.21 -29.82
C ASP B 330 31.06 -7.44 -30.26
N CYS B 331 29.79 -7.54 -29.85
CA CYS B 331 28.90 -8.59 -30.29
C CYS B 331 28.77 -8.52 -31.81
N THR C 24 30.68 -18.88 11.86
CA THR C 24 31.99 -19.15 11.27
C THR C 24 32.45 -20.57 11.62
N LYS C 25 32.90 -20.78 12.86
CA LYS C 25 33.42 -22.06 13.35
C LYS C 25 32.71 -22.58 14.60
N PRO C 26 32.64 -23.91 14.76
CA PRO C 26 31.87 -24.50 15.86
C PRO C 26 32.64 -24.54 17.19
N CYS C 27 31.87 -24.69 18.28
CA CYS C 27 32.44 -24.80 19.62
C CYS C 27 32.60 -26.28 19.98
N TRP C 28 33.85 -26.73 20.15
CA TRP C 28 34.09 -28.14 20.42
C TRP C 28 34.46 -28.45 21.86
N TYR C 29 34.09 -27.60 22.80
CA TYR C 29 34.48 -27.75 24.20
C TYR C 29 33.26 -27.64 25.09
N TRP C 30 33.17 -28.55 26.06
CA TRP C 30 32.08 -28.64 27.02
C TRP C 30 32.61 -28.53 28.46
N ASP C 31 31.70 -28.27 29.39
CA ASP C 31 32.03 -28.29 30.81
C ASP C 31 31.87 -29.69 31.39
N LYS C 32 32.73 -30.05 32.34
CA LYS C 32 32.66 -31.37 32.94
C LYS C 32 31.24 -31.72 33.36
N LYS C 33 30.53 -30.76 33.96
CA LYS C 33 29.16 -30.99 34.38
C LYS C 33 28.27 -31.43 33.22
N ASP C 34 28.58 -30.98 32.01
CA ASP C 34 27.74 -31.32 30.87
C ASP C 34 27.83 -32.80 30.49
N LEU C 35 28.92 -33.48 30.83
CA LEU C 35 29.07 -34.88 30.42
C LEU C 35 28.07 -35.80 31.11
N ALA C 36 27.38 -35.32 32.14
CA ALA C 36 26.28 -36.04 32.76
C ALA C 36 25.08 -36.17 31.84
N HIS C 37 25.08 -35.45 30.71
CA HIS C 37 23.93 -35.39 29.81
C HIS C 37 24.30 -35.73 28.37
N THR C 38 25.28 -36.61 28.18
CA THR C 38 25.52 -37.15 26.85
C THR C 38 24.39 -38.12 26.47
N PRO C 39 24.15 -38.33 25.18
CA PRO C 39 23.10 -39.31 24.81
C PRO C 39 23.30 -40.65 25.49
N SER C 40 24.54 -41.11 25.60
CA SER C 40 24.81 -42.38 26.26
C SER C 40 24.33 -42.37 27.71
N GLN C 41 24.58 -41.28 28.44
CA GLN C 41 24.12 -41.19 29.81
C GLN C 41 22.60 -41.30 29.90
N LEU C 42 21.90 -40.52 29.08
CA LEU C 42 20.45 -40.43 29.18
C LEU C 42 19.76 -41.72 28.77
N GLU C 43 20.40 -42.56 27.97
CA GLU C 43 19.85 -43.86 27.61
C GLU C 43 20.11 -44.91 28.70
N GLY C 44 20.61 -44.49 29.86
CA GLY C 44 20.76 -45.36 31.00
C GLY C 44 22.15 -45.91 31.23
N LEU C 45 23.13 -45.50 30.42
CA LEU C 45 24.52 -45.88 30.65
C LEU C 45 25.06 -45.08 31.82
N ASP C 46 25.79 -45.74 32.74
CA ASP C 46 26.27 -45.00 33.89
C ASP C 46 27.61 -44.34 33.61
N PRO C 47 27.99 -43.32 34.39
CA PRO C 47 29.21 -42.57 34.07
C PRO C 47 30.44 -43.46 33.92
N ALA C 48 30.61 -44.44 34.80
CA ALA C 48 31.79 -45.29 34.71
C ALA C 48 31.84 -46.03 33.38
N THR C 49 30.71 -46.58 32.94
CA THR C 49 30.70 -47.37 31.71
C THR C 49 31.04 -46.51 30.50
N GLU C 50 30.44 -45.31 30.38
CA GLU C 50 30.78 -44.46 29.25
C GLU C 50 32.28 -44.12 29.28
N ALA C 51 32.82 -43.90 30.48
CA ALA C 51 34.25 -43.65 30.59
C ALA C 51 35.05 -44.85 30.11
N ARG C 52 34.66 -46.05 30.55
CA ARG C 52 35.34 -47.25 30.08
C ARG C 52 35.17 -47.40 28.57
N TYR C 53 33.96 -47.17 28.08
CA TYR C 53 33.73 -47.28 26.64
C TYR C 53 34.62 -46.30 25.87
N ARG C 54 34.81 -45.08 26.41
CA ARG C 54 35.67 -44.12 25.73
C ARG C 54 37.13 -44.59 25.72
N ARG C 55 37.63 -45.04 26.86
CA ARG C 55 39.02 -45.50 26.90
C ARG C 55 39.23 -46.64 25.92
N GLU C 56 38.32 -47.61 25.92
CA GLU C 56 38.46 -48.74 25.03
C GLU C 56 38.45 -48.31 23.57
N GLY C 57 37.54 -47.40 23.21
CA GLY C 57 37.47 -46.95 21.83
C GLY C 57 38.70 -46.16 21.44
N ALA C 58 39.13 -45.23 22.29
CA ALA C 58 40.35 -44.48 22.01
C ALA C 58 41.54 -45.42 21.86
N ARG C 59 41.73 -46.31 22.84
CA ARG C 59 42.86 -47.24 22.79
C ARG C 59 42.79 -48.16 21.59
N PHE C 60 41.59 -48.52 21.15
CA PHE C 60 41.42 -49.30 19.92
C PHE C 60 41.91 -48.50 18.72
N ILE C 61 41.50 -47.24 18.62
CA ILE C 61 41.98 -46.38 17.54
C ILE C 61 43.51 -46.28 17.60
N PHE C 62 44.04 -46.06 18.80
CA PHE C 62 45.48 -45.92 18.98
C PHE C 62 46.22 -47.19 18.58
N ASP C 63 45.70 -48.33 19.00
CA ASP C 63 46.39 -49.59 18.76
C ASP C 63 46.31 -49.99 17.29
N VAL C 64 45.15 -49.81 16.67
CA VAL C 64 45.01 -50.15 15.26
C VAL C 64 45.98 -49.32 14.41
N GLY C 65 45.97 -48.01 14.61
CA GLY C 65 46.81 -47.13 13.81
C GLY C 65 48.29 -47.30 14.09
N THR C 66 48.66 -47.61 15.34
CA THR C 66 50.06 -47.89 15.63
C THR C 66 50.51 -49.12 14.86
N ARG C 67 49.66 -50.15 14.79
CA ARG C 67 50.00 -51.35 14.02
C ARG C 67 50.14 -51.03 12.53
N LEU C 68 49.36 -50.06 12.03
CA LEU C 68 49.45 -49.65 10.63
C LEU C 68 50.56 -48.65 10.37
N GLY C 69 51.29 -48.22 11.40
CA GLY C 69 52.39 -47.30 11.21
C GLY C 69 52.00 -45.86 11.09
N LEU C 70 50.89 -45.46 11.72
CA LEU C 70 50.38 -44.12 11.52
C LEU C 70 51.03 -43.11 12.45
N HIS C 71 51.22 -41.90 11.92
CA HIS C 71 51.71 -40.74 12.64
C HIS C 71 50.84 -40.45 13.86
N TYR C 72 51.47 -39.89 14.90
CA TYR C 72 50.75 -39.66 16.14
C TYR C 72 49.62 -38.66 15.95
N ASP C 73 49.80 -37.67 15.07
CA ASP C 73 48.72 -36.73 14.78
C ASP C 73 47.51 -37.46 14.19
N THR C 74 47.75 -38.42 13.30
CA THR C 74 46.63 -39.15 12.71
C THR C 74 45.87 -39.91 13.78
N LEU C 75 46.59 -40.58 14.69
CA LEU C 75 45.92 -41.29 15.77
C LEU C 75 45.08 -40.35 16.62
N ALA C 76 45.66 -39.21 16.99
CA ALA C 76 44.95 -38.25 17.84
C ALA C 76 43.73 -37.68 17.12
N THR C 77 43.88 -37.31 15.85
CA THR C 77 42.74 -36.76 15.11
C THR C 77 41.57 -37.73 15.10
N GLY C 78 41.84 -39.02 14.84
CA GLY C 78 40.79 -40.01 14.92
C GLY C 78 40.14 -40.05 16.29
N ILE C 79 40.96 -39.97 17.34
CA ILE C 79 40.44 -40.04 18.70
C ILE C 79 39.57 -38.83 19.03
N ILE C 80 39.95 -37.65 18.52
CA ILE C 80 39.16 -36.45 18.76
C ILE C 80 37.82 -36.54 18.05
N TYR C 81 37.83 -37.01 16.79
CA TYR C 81 36.58 -37.29 16.10
C TYR C 81 35.73 -38.22 16.93
N PHE C 82 36.34 -39.31 17.40
CA PHE C 82 35.62 -40.30 18.19
C PHE C 82 34.99 -39.66 19.42
N HIS C 83 35.78 -38.94 20.21
CA HIS C 83 35.22 -38.34 21.41
C HIS C 83 34.10 -37.37 21.07
N ARG C 84 34.32 -36.53 20.06
CA ARG C 84 33.28 -35.58 19.67
C ARG C 84 32.03 -36.31 19.23
N PHE C 85 32.19 -37.38 18.46
CA PHE C 85 31.04 -38.12 17.94
C PHE C 85 30.06 -38.51 19.05
N TYR C 86 30.58 -39.02 20.16
CA TYR C 86 29.71 -39.53 21.23
C TYR C 86 29.24 -38.45 22.18
N MET C 87 29.48 -37.19 21.82
CA MET C 87 28.76 -36.08 22.42
C MET C 87 27.44 -35.81 21.73
N PHE C 88 27.25 -36.36 20.53
CA PHE C 88 26.02 -36.19 19.77
C PHE C 88 25.26 -37.50 19.57
N HIS C 89 25.81 -38.64 19.97
CA HIS C 89 25.22 -39.95 19.75
C HIS C 89 25.45 -40.82 20.96
N SER C 90 24.71 -41.93 21.02
CA SER C 90 24.78 -42.85 22.15
C SER C 90 25.63 -44.07 21.81
N PHE C 91 26.34 -44.57 22.81
CA PHE C 91 27.10 -45.80 22.60
C PHE C 91 26.22 -47.01 22.36
N LYS C 92 24.95 -46.98 22.80
CA LYS C 92 24.10 -48.15 22.59
C LYS C 92 23.62 -48.27 21.16
N GLN C 93 23.53 -47.16 20.42
CA GLN C 93 23.08 -47.22 19.03
C GLN C 93 24.22 -47.25 18.03
N PHE C 94 25.42 -46.82 18.41
CA PHE C 94 26.56 -46.85 17.49
C PHE C 94 27.70 -47.64 18.12
N PRO C 95 28.01 -48.83 17.58
CA PRO C 95 29.12 -49.61 18.14
C PRO C 95 30.43 -48.83 18.11
N ARG C 96 31.11 -48.82 19.27
CA ARG C 96 32.30 -47.99 19.40
C ARG C 96 33.40 -48.41 18.43
N TYR C 97 33.64 -49.71 18.31
CA TYR C 97 34.77 -50.16 17.50
C TYR C 97 34.55 -49.87 16.02
N VAL C 98 33.30 -49.95 15.54
CA VAL C 98 33.02 -49.51 14.17
C VAL C 98 33.30 -48.02 14.04
N THR C 99 32.76 -47.22 14.97
CA THR C 99 33.00 -45.79 14.97
C THR C 99 34.47 -45.47 15.02
N GLY C 100 35.20 -46.10 15.95
CA GLY C 100 36.63 -45.89 16.03
C GLY C 100 37.31 -46.15 14.70
N ALA C 101 36.98 -47.28 14.07
CA ALA C 101 37.59 -47.61 12.78
C ALA C 101 37.25 -46.57 11.73
N CYS C 102 36.00 -46.12 11.71
CA CYS C 102 35.61 -45.07 10.77
C CYS C 102 36.38 -43.77 11.04
N CYS C 103 36.50 -43.38 12.30
CA CYS C 103 37.26 -42.18 12.64
C CYS C 103 38.69 -42.30 12.11
N LEU C 104 39.35 -43.41 12.42
CA LEU C 104 40.73 -43.58 11.98
C LEU C 104 40.82 -43.53 10.46
N PHE C 105 39.87 -44.18 9.78
CA PHE C 105 39.84 -44.13 8.33
C PHE C 105 39.79 -42.70 7.82
N LEU C 106 38.86 -41.89 8.34
CA LEU C 106 38.77 -40.50 7.93
C LEU C 106 40.01 -39.73 8.34
N ALA C 107 40.44 -39.89 9.60
CA ALA C 107 41.62 -39.19 10.08
C ALA C 107 42.80 -39.37 9.13
N GLY C 108 42.97 -40.60 8.62
CA GLY C 108 44.04 -40.83 7.68
C GLY C 108 43.96 -39.93 6.46
N LYS C 109 42.75 -39.74 5.93
CA LYS C 109 42.62 -38.87 4.76
C LYS C 109 42.80 -37.40 5.12
N VAL C 110 42.35 -36.99 6.30
CA VAL C 110 42.51 -35.60 6.69
C VAL C 110 43.98 -35.26 6.88
N GLU C 111 44.71 -36.08 7.63
CA GLU C 111 46.10 -35.81 7.97
C GLU C 111 47.10 -36.29 6.90
N GLU C 112 46.61 -36.71 5.71
CA GLU C 112 47.45 -37.14 4.58
C GLU C 112 48.36 -38.32 4.93
N THR C 113 47.83 -39.24 5.74
CA THR C 113 48.47 -40.53 6.01
C THR C 113 47.46 -41.62 5.68
N PRO C 114 46.99 -41.65 4.44
CA PRO C 114 45.78 -42.44 4.12
C PRO C 114 46.00 -43.94 4.23
N LYS C 115 44.91 -44.64 4.55
CA LYS C 115 44.90 -46.10 4.58
C LYS C 115 43.63 -46.60 3.89
N LYS C 116 43.72 -47.78 3.29
CA LYS C 116 42.55 -48.40 2.68
C LYS C 116 41.66 -48.98 3.77
N CYS C 117 40.35 -48.86 3.58
CA CYS C 117 39.44 -49.34 4.61
C CYS C 117 39.64 -50.83 4.91
N LYS C 118 39.88 -51.64 3.87
CA LYS C 118 40.07 -53.07 4.08
C LYS C 118 41.24 -53.34 5.03
N ASP C 119 42.29 -52.53 4.95
CA ASP C 119 43.46 -52.75 5.81
C ASP C 119 43.14 -52.42 7.27
N ILE C 120 42.33 -51.38 7.50
CA ILE C 120 41.92 -51.08 8.87
C ILE C 120 41.08 -52.22 9.42
N ILE C 121 40.18 -52.77 8.61
CA ILE C 121 39.38 -53.91 9.06
C ILE C 121 40.28 -55.08 9.39
N LYS C 122 41.21 -55.39 8.48
CA LYS C 122 42.14 -56.49 8.71
C LYS C 122 42.80 -56.35 10.08
N THR C 123 43.36 -55.17 10.35
CA THR C 123 44.04 -54.96 11.63
C THR C 123 43.05 -55.01 12.78
N ALA C 124 41.85 -54.43 12.60
CA ALA C 124 40.85 -54.48 13.65
C ALA C 124 40.49 -55.92 13.99
N ARG C 125 40.42 -56.77 12.98
CA ARG C 125 40.12 -58.18 13.22
C ARG C 125 41.25 -58.85 13.99
N SER C 126 42.49 -58.51 13.66
CA SER C 126 43.64 -59.09 14.34
C SER C 126 43.60 -58.80 15.83
N LEU C 127 43.20 -57.59 16.19
CA LEU C 127 43.30 -57.14 17.57
C LEU C 127 42.05 -57.41 18.38
N LEU C 128 40.90 -57.55 17.73
CA LEU C 128 39.64 -57.81 18.43
C LEU C 128 39.34 -59.30 18.51
N ASN C 129 38.72 -59.70 19.62
CA ASN C 129 38.29 -61.08 19.76
C ASN C 129 37.04 -61.27 18.88
N ASP C 130 36.39 -62.42 19.00
CA ASP C 130 35.25 -62.73 18.14
C ASP C 130 34.00 -61.98 18.57
N VAL C 131 33.76 -61.86 19.87
CA VAL C 131 32.61 -61.11 20.35
C VAL C 131 32.72 -59.66 19.90
N GLN C 132 33.88 -59.05 20.12
CA GLN C 132 34.07 -57.64 19.80
C GLN C 132 33.87 -57.40 18.31
N PHE C 133 34.54 -58.21 17.47
CA PHE C 133 34.41 -58.00 16.04
C PHE C 133 33.00 -58.25 15.53
N GLY C 134 32.12 -58.78 16.37
CA GLY C 134 30.73 -58.95 15.98
C GLY C 134 30.01 -57.64 15.74
N GLN C 135 30.52 -56.54 16.28
CA GLN C 135 29.91 -55.24 16.06
C GLN C 135 29.93 -54.88 14.57
N PHE C 136 31.03 -55.19 13.89
CA PHE C 136 31.17 -54.89 12.47
C PHE C 136 30.16 -55.61 11.62
N GLY C 137 29.46 -56.59 12.19
CA GLY C 137 28.37 -57.24 11.50
C GLY C 137 28.88 -58.16 10.41
N ASP C 138 27.97 -58.46 9.48
CA ASP C 138 28.28 -59.43 8.44
C ASP C 138 29.28 -58.88 7.44
N ASP C 139 29.21 -57.58 7.17
CA ASP C 139 30.13 -56.91 6.24
C ASP C 139 30.84 -55.79 6.99
N PRO C 140 32.06 -56.04 7.48
CA PRO C 140 32.76 -54.97 8.23
C PRO C 140 33.03 -53.71 7.41
N LYS C 141 33.62 -53.85 6.22
CA LYS C 141 33.95 -52.66 5.43
C LYS C 141 32.72 -51.78 5.22
N GLU C 142 31.58 -52.40 4.87
CA GLU C 142 30.37 -51.62 4.61
C GLU C 142 29.91 -50.86 5.84
N GLU C 143 29.89 -51.52 7.01
CA GLU C 143 29.43 -50.81 8.20
C GLU C 143 30.28 -49.59 8.45
N VAL C 144 31.58 -49.70 8.20
CA VAL C 144 32.49 -48.56 8.38
C VAL C 144 32.27 -47.50 7.31
N MET C 145 32.34 -47.89 6.03
CA MET C 145 32.25 -46.88 4.98
C MET C 145 30.93 -46.12 5.05
N VAL C 146 29.87 -46.80 5.45
CA VAL C 146 28.55 -46.18 5.56
C VAL C 146 28.56 -45.11 6.65
N LEU C 147 29.23 -45.40 7.76
CA LEU C 147 29.28 -44.46 8.87
C LEU C 147 29.95 -43.14 8.50
N GLU C 148 30.80 -43.13 7.46
CA GLU C 148 31.53 -41.91 7.11
C GLU C 148 30.58 -40.73 6.93
N ARG C 149 29.42 -40.96 6.31
CA ARG C 149 28.45 -39.89 6.15
C ARG C 149 28.07 -39.26 7.49
N ILE C 150 27.68 -40.09 8.46
CA ILE C 150 27.27 -39.57 9.75
C ILE C 150 28.42 -38.83 10.42
N LEU C 151 29.60 -39.44 10.39
CA LEU C 151 30.75 -38.81 11.05
C LEU C 151 30.96 -37.39 10.54
N LEU C 152 31.04 -37.22 9.23
CA LEU C 152 31.28 -35.90 8.65
C LEU C 152 30.19 -34.91 9.05
N GLN C 153 28.92 -35.31 8.98
CA GLN C 153 27.85 -34.42 9.41
C GLN C 153 27.95 -34.15 10.91
N THR C 154 28.34 -35.17 11.69
CA THR C 154 28.40 -34.99 13.14
C THR C 154 29.50 -34.01 13.54
N ILE C 155 30.70 -34.16 12.97
CA ILE C 155 31.80 -33.25 13.30
C ILE C 155 31.67 -31.96 12.51
N LYS C 156 30.53 -31.76 11.87
CA LYS C 156 30.20 -30.49 11.21
C LYS C 156 31.24 -30.09 10.18
N PHE C 157 31.90 -31.09 9.58
CA PHE C 157 32.92 -30.89 8.56
C PHE C 157 34.07 -29.99 9.03
N ASP C 158 34.23 -29.87 10.36
CA ASP C 158 35.37 -29.18 10.97
C ASP C 158 36.48 -30.21 11.15
N LEU C 159 37.22 -30.42 10.05
CA LEU C 159 38.24 -31.47 10.00
C LEU C 159 39.58 -31.06 10.62
N GLN C 160 39.98 -29.79 10.51
CA GLN C 160 41.29 -29.40 11.02
C GLN C 160 41.30 -29.52 12.53
N VAL C 161 42.31 -30.19 13.07
CA VAL C 161 42.43 -30.35 14.51
C VAL C 161 43.89 -30.13 14.91
N GLU C 162 44.07 -29.40 16.01
CA GLU C 162 45.35 -29.14 16.63
C GLU C 162 45.45 -30.03 17.86
N HIS C 163 46.67 -30.48 18.18
CA HIS C 163 46.85 -31.43 19.27
C HIS C 163 47.91 -30.94 20.24
N PRO C 164 47.82 -31.36 21.49
CA PRO C 164 48.82 -30.89 22.48
C PRO C 164 50.25 -31.07 22.04
N TYR C 165 50.53 -32.04 21.15
CA TYR C 165 51.91 -32.36 20.80
C TYR C 165 52.63 -31.14 20.25
N GLN C 166 52.01 -30.42 19.30
CA GLN C 166 52.74 -29.34 18.68
C GLN C 166 53.09 -28.26 19.69
N PHE C 167 52.20 -28.03 20.68
CA PHE C 167 52.45 -26.99 21.66
C PHE C 167 53.48 -27.43 22.68
N LEU C 168 53.47 -28.70 23.05
CA LEU C 168 54.54 -29.22 23.91
C LEU C 168 55.90 -28.91 23.31
N LEU C 169 56.03 -29.06 21.98
CA LEU C 169 57.32 -28.80 21.34
C LEU C 169 57.54 -27.31 21.11
N LYS C 170 56.53 -26.57 20.66
CA LYS C 170 56.72 -25.13 20.48
C LYS C 170 57.16 -24.48 21.78
N TYR C 171 56.56 -24.88 22.91
CA TYR C 171 56.90 -24.28 24.19
C TYR C 171 58.24 -24.81 24.70
N ALA C 172 58.50 -26.12 24.57
CA ALA C 172 59.75 -26.67 25.04
C ALA C 172 60.95 -26.04 24.32
N LYS C 173 60.79 -25.70 23.04
CA LYS C 173 61.89 -25.10 22.30
C LYS C 173 62.34 -23.78 22.91
N GLN C 174 61.47 -23.08 23.62
CA GLN C 174 61.83 -21.80 24.22
C GLN C 174 62.44 -21.96 25.62
N LEU C 175 62.57 -23.18 26.12
CA LEU C 175 63.23 -23.44 27.40
C LEU C 175 64.71 -23.66 27.14
N LYS C 176 65.56 -23.01 27.93
CA LYS C 176 67.00 -23.16 27.83
C LYS C 176 67.55 -23.53 29.20
N GLY C 177 68.36 -24.58 29.21
CA GLY C 177 68.92 -25.09 30.46
C GLY C 177 69.51 -26.47 30.24
N ASP C 178 69.50 -27.26 31.30
CA ASP C 178 70.03 -28.62 31.23
C ASP C 178 69.31 -29.43 30.16
N LYS C 179 70.08 -29.85 29.14
CA LYS C 179 69.47 -30.54 28.00
C LYS C 179 68.74 -31.80 28.46
N ASN C 180 69.29 -32.50 29.43
CA ASN C 180 68.72 -33.77 29.89
C ASN C 180 67.51 -33.56 30.77
N LYS C 181 67.51 -32.54 31.62
CA LYS C 181 66.35 -32.29 32.46
C LYS C 181 65.14 -31.87 31.62
N ILE C 182 65.37 -31.09 30.56
CA ILE C 182 64.27 -30.69 29.68
C ILE C 182 63.77 -31.86 28.85
N GLN C 183 64.67 -32.68 28.31
CA GLN C 183 64.22 -33.83 27.54
C GLN C 183 63.43 -34.80 28.42
N LYS C 184 63.84 -34.97 29.69
CA LYS C 184 63.03 -35.80 30.59
C LYS C 184 61.65 -35.18 30.79
N LEU C 185 61.58 -33.86 30.93
CA LEU C 185 60.29 -33.20 31.07
C LEU C 185 59.43 -33.47 29.85
N VAL C 186 60.00 -33.30 28.66
CA VAL C 186 59.21 -33.44 27.44
C VAL C 186 58.66 -34.87 27.31
N GLN C 187 59.53 -35.88 27.44
CA GLN C 187 59.05 -37.25 27.25
C GLN C 187 57.97 -37.60 28.26
N MET C 188 58.16 -37.23 29.52
CA MET C 188 57.13 -37.52 30.52
C MET C 188 55.83 -36.83 30.15
N ALA C 189 55.91 -35.55 29.77
CA ALA C 189 54.71 -34.83 29.36
C ALA C 189 54.10 -35.47 28.12
N TRP C 190 54.94 -35.85 27.15
CA TRP C 190 54.44 -36.52 25.96
C TRP C 190 53.66 -37.77 26.32
N THR C 191 54.17 -38.57 27.26
CA THR C 191 53.42 -39.72 27.75
C THR C 191 52.08 -39.29 28.33
N PHE C 192 52.05 -38.18 29.08
CA PHE C 192 50.80 -37.70 29.63
C PHE C 192 49.83 -37.27 28.54
N VAL C 193 50.33 -36.71 27.44
CA VAL C 193 49.44 -36.39 26.32
C VAL C 193 48.79 -37.66 25.78
N ASN C 194 49.60 -38.69 25.48
CA ASN C 194 49.05 -39.93 24.96
C ASN C 194 47.97 -40.49 25.87
N ASP C 195 48.17 -40.36 27.18
CA ASP C 195 47.23 -40.93 28.13
C ASP C 195 45.94 -40.12 28.24
N SER C 196 46.04 -38.80 28.06
CA SER C 196 44.87 -37.94 28.12
C SER C 196 43.92 -38.17 26.95
N LEU C 197 44.38 -38.85 25.90
CA LEU C 197 43.51 -39.14 24.76
C LEU C 197 42.43 -40.14 25.15
N CYS C 198 42.64 -40.87 26.25
CA CYS C 198 41.63 -41.80 26.77
C CYS C 198 40.56 -41.11 27.58
N THR C 199 40.65 -39.80 27.76
CA THR C 199 39.76 -39.04 28.61
C THR C 199 39.02 -37.96 27.82
N THR C 200 38.05 -37.36 28.49
CA THR C 200 37.27 -36.27 27.94
C THR C 200 37.96 -34.91 28.07
N LEU C 201 39.25 -34.88 28.42
CA LEU C 201 39.96 -33.61 28.44
C LEU C 201 40.01 -32.97 27.07
N SER C 202 40.15 -33.79 26.01
CA SER C 202 40.09 -33.27 24.65
C SER C 202 38.82 -32.49 24.38
N LEU C 203 37.77 -32.75 25.16
CA LEU C 203 36.50 -32.06 25.01
C LEU C 203 36.32 -30.91 26.00
N GLN C 204 37.22 -30.77 26.98
CA GLN C 204 37.08 -29.73 27.99
C GLN C 204 38.02 -28.55 27.79
N TRP C 205 39.22 -28.77 27.28
CA TRP C 205 40.25 -27.75 27.27
C TRP C 205 40.95 -27.76 25.92
N GLU C 206 41.23 -26.57 25.42
CA GLU C 206 41.99 -26.44 24.18
C GLU C 206 43.32 -27.18 24.31
N PRO C 207 43.88 -27.63 23.18
CA PRO C 207 45.16 -28.36 23.27
C PRO C 207 46.27 -27.55 23.90
N GLU C 208 46.34 -26.24 23.63
CA GLU C 208 47.39 -25.41 24.21
C GLU C 208 47.42 -25.55 25.73
N ILE C 209 46.25 -25.55 26.35
CA ILE C 209 46.18 -25.70 27.80
C ILE C 209 46.66 -27.08 28.22
N ILE C 210 46.27 -28.10 27.46
CA ILE C 210 46.73 -29.45 27.75
C ILE C 210 48.24 -29.51 27.73
N ALA C 211 48.87 -28.93 26.71
CA ALA C 211 50.33 -28.97 26.62
C ALA C 211 50.98 -28.34 27.84
N VAL C 212 50.44 -27.22 28.31
CA VAL C 212 50.96 -26.59 29.51
C VAL C 212 50.70 -27.49 30.72
N ALA C 213 49.48 -28.02 30.85
CA ALA C 213 49.15 -28.83 32.00
C ALA C 213 50.12 -30.00 32.14
N VAL C 214 50.46 -30.66 31.04
CA VAL C 214 51.36 -31.80 31.13
C VAL C 214 52.79 -31.36 31.45
N MET C 215 53.22 -30.19 30.97
CA MET C 215 54.49 -29.64 31.40
C MET C 215 54.47 -29.35 32.90
N TYR C 216 53.40 -28.72 33.35
CA TYR C 216 53.19 -28.46 34.78
C TYR C 216 53.25 -29.74 35.59
N LEU C 217 52.53 -30.77 35.15
CA LEU C 217 52.53 -32.04 35.87
C LEU C 217 53.93 -32.63 35.92
N ALA C 218 54.60 -32.75 34.77
CA ALA C 218 55.94 -33.32 34.75
C ALA C 218 56.91 -32.50 35.58
N GLY C 219 56.74 -31.18 35.60
CA GLY C 219 57.58 -30.33 36.45
C GLY C 219 57.43 -30.67 37.92
N ARG C 220 56.19 -30.81 38.38
CA ARG C 220 55.95 -31.23 39.76
C ARG C 220 56.57 -32.58 40.05
N LEU C 221 56.35 -33.56 39.17
CA LEU C 221 56.84 -34.90 39.45
C LEU C 221 58.37 -34.96 39.43
N CYS C 222 59.03 -34.28 38.48
CA CYS C 222 60.50 -34.30 38.44
C CYS C 222 61.14 -33.27 39.36
N LYS C 223 60.34 -32.53 40.14
CA LYS C 223 60.84 -31.49 41.06
C LYS C 223 61.71 -30.46 40.34
N PHE C 224 61.30 -30.11 39.12
CA PHE C 224 61.95 -29.09 38.32
C PHE C 224 61.18 -27.77 38.47
N GLU C 225 61.89 -26.66 38.43
CA GLU C 225 61.26 -25.33 38.47
C GLU C 225 61.41 -24.66 37.11
N ILE C 226 60.38 -24.82 36.27
CA ILE C 226 60.46 -24.44 34.88
C ILE C 226 60.64 -22.94 34.72
N GLN C 227 60.25 -22.16 35.73
CA GLN C 227 60.37 -20.71 35.62
C GLN C 227 61.78 -20.30 35.22
N GLU C 228 62.80 -21.02 35.71
CA GLU C 228 64.18 -20.62 35.45
C GLU C 228 64.58 -20.80 34.00
N TRP C 229 64.06 -21.84 33.34
CA TRP C 229 64.42 -22.10 31.95
C TRP C 229 63.81 -21.10 30.98
N THR C 230 62.82 -20.34 31.42
CA THR C 230 62.15 -19.40 30.54
C THR C 230 62.97 -18.13 30.39
N SER C 231 62.62 -17.31 29.39
CA SER C 231 63.29 -16.03 29.22
C SER C 231 62.95 -15.05 30.33
N LYS C 232 62.02 -15.39 31.23
CA LYS C 232 61.65 -14.55 32.37
C LYS C 232 61.82 -15.39 33.64
N PRO C 233 63.07 -15.62 34.08
CA PRO C 233 63.31 -16.61 35.15
C PRO C 233 62.56 -16.28 36.42
N MET C 234 62.12 -15.07 36.52
CA MET C 234 61.48 -14.55 37.69
C MET C 234 60.00 -14.52 37.55
N TYR C 235 59.47 -14.88 36.38
CA TYR C 235 58.04 -14.98 36.19
C TYR C 235 57.65 -16.37 36.66
N ARG C 236 57.16 -16.45 37.90
CA ARG C 236 56.86 -17.74 38.51
C ARG C 236 55.80 -18.46 37.69
N ARG C 237 54.87 -17.70 37.11
CA ARG C 237 53.81 -18.25 36.28
C ARG C 237 54.32 -18.37 34.84
N TRP C 238 55.11 -19.41 34.59
CA TRP C 238 55.69 -19.60 33.27
C TRP C 238 54.60 -19.89 32.23
N TRP C 239 53.49 -20.53 32.65
CA TRP C 239 52.45 -20.87 31.69
C TRP C 239 51.92 -19.62 30.99
N GLU C 240 51.93 -18.47 31.66
CA GLU C 240 51.33 -17.28 31.09
C GLU C 240 52.08 -16.77 29.86
N GLN C 241 53.40 -16.95 29.79
CA GLN C 241 54.11 -16.48 28.60
C GLN C 241 53.85 -17.37 27.40
N PHE C 242 53.20 -18.52 27.59
CA PHE C 242 52.77 -19.40 26.52
C PHE C 242 51.27 -19.36 26.26
N VAL C 243 50.47 -19.40 27.32
CA VAL C 243 49.02 -19.48 27.24
C VAL C 243 48.44 -18.43 28.16
N GLN C 244 47.81 -17.40 27.59
CA GLN C 244 47.26 -16.34 28.41
C GLN C 244 45.96 -16.79 29.07
N ASP C 245 45.73 -16.29 30.28
CA ASP C 245 44.45 -16.43 30.99
C ASP C 245 44.22 -17.85 31.51
N VAL C 246 45.26 -18.53 31.99
CA VAL C 246 45.02 -19.87 32.51
C VAL C 246 45.28 -19.84 34.02
N PRO C 247 44.25 -20.01 34.84
CA PRO C 247 44.48 -20.13 36.28
C PRO C 247 45.08 -21.49 36.59
N VAL C 248 45.77 -21.55 37.72
CA VAL C 248 46.26 -22.85 38.17
C VAL C 248 45.10 -23.80 38.37
N ASP C 249 43.93 -23.27 38.79
CA ASP C 249 42.76 -24.10 38.99
C ASP C 249 42.60 -25.09 37.84
N VAL C 250 42.74 -24.60 36.63
CA VAL C 250 42.57 -25.43 35.44
C VAL C 250 43.70 -26.44 35.34
N LEU C 251 44.95 -26.00 35.47
CA LEU C 251 46.06 -26.92 35.34
C LEU C 251 45.98 -28.04 36.39
N GLU C 252 45.49 -27.74 37.59
CA GLU C 252 45.35 -28.77 38.60
C GLU C 252 44.22 -29.73 38.25
N ASP C 253 43.07 -29.21 37.81
CA ASP C 253 41.97 -30.08 37.42
C ASP C 253 42.43 -31.07 36.36
N ILE C 254 43.21 -30.60 35.39
CA ILE C 254 43.72 -31.48 34.35
C ILE C 254 44.68 -32.50 34.95
N CYS C 255 45.62 -32.04 35.79
CA CYS C 255 46.54 -32.97 36.44
C CYS C 255 45.78 -34.02 37.23
N HIS C 256 44.80 -33.59 38.01
CA HIS C 256 44.00 -34.53 38.79
C HIS C 256 43.42 -35.60 37.88
N GLN C 257 42.82 -35.18 36.76
CA GLN C 257 42.20 -36.12 35.84
C GLN C 257 43.22 -37.07 35.22
N ILE C 258 44.42 -36.58 34.90
CA ILE C 258 45.42 -37.47 34.29
C ILE C 258 45.90 -38.52 35.30
N LEU C 259 46.24 -38.09 36.51
CA LEU C 259 46.78 -39.05 37.47
C LEU C 259 45.72 -40.07 37.91
N ASP C 260 44.45 -39.69 37.84
CA ASP C 260 43.39 -40.64 38.20
C ASP C 260 43.48 -41.89 37.34
N LEU C 261 43.74 -41.73 36.05
CA LEU C 261 43.86 -42.88 35.17
C LEU C 261 44.94 -43.83 35.69
N TYR C 262 46.06 -43.29 36.17
CA TYR C 262 47.13 -44.13 36.68
C TYR C 262 46.74 -44.79 38.00
N SER C 263 46.02 -44.07 38.87
CA SER C 263 45.63 -44.66 40.15
C SER C 263 44.58 -45.75 39.96
N GLN C 264 43.61 -45.52 39.08
CA GLN C 264 42.60 -46.54 38.81
C GLN C 264 43.25 -47.78 38.19
N GLY C 265 44.12 -47.57 37.21
CA GLY C 265 44.82 -48.68 36.61
C GLY C 265 45.97 -49.14 37.49
N LYS C 266 46.50 -50.31 37.17
CA LYS C 266 47.69 -50.80 37.86
C LYS C 266 48.93 -49.95 37.54
N GLN C 267 48.95 -49.28 36.39
CA GLN C 267 50.10 -48.52 35.93
C GLN C 267 50.41 -47.34 36.84
N GLN C 268 51.69 -46.97 36.91
CA GLN C 268 52.15 -45.84 37.73
C GLN C 268 52.80 -44.76 36.88
N MET C 269 53.03 -43.59 37.49
CA MET C 269 53.59 -42.44 36.78
C MET C 269 54.92 -42.83 36.12
N PRO C 270 55.18 -42.38 34.88
CA PRO C 270 56.36 -42.93 34.16
C PRO C 270 57.69 -42.69 34.87
N HIS C 271 57.94 -41.47 35.33
CA HIS C 271 59.20 -41.03 35.92
C HIS C 271 60.39 -41.79 35.32
N MET D 5 -36.90 -32.83 40.35
CA MET D 5 -35.67 -33.47 40.92
C MET D 5 -35.30 -34.70 40.08
N SER D 6 -34.05 -35.14 40.19
CA SER D 6 -33.53 -36.27 39.46
C SER D 6 -33.09 -37.35 40.43
N TYR D 7 -33.19 -38.60 39.99
CA TYR D 7 -32.95 -39.75 40.86
C TYR D 7 -31.95 -40.67 40.18
N ASN D 8 -30.86 -40.95 40.88
CA ASN D 8 -29.78 -41.74 40.30
C ASN D 8 -29.20 -42.68 41.34
N TYR D 9 -28.44 -43.65 40.83
CA TYR D 9 -27.89 -44.78 41.57
C TYR D 9 -26.43 -44.90 41.16
N VAL D 10 -25.54 -45.06 42.14
CA VAL D 10 -24.10 -45.11 41.89
C VAL D 10 -23.56 -46.37 42.54
N VAL D 11 -22.88 -47.20 41.74
CA VAL D 11 -22.33 -48.46 42.23
C VAL D 11 -20.90 -48.61 41.73
N THR D 12 -20.10 -49.30 42.53
CA THR D 12 -18.71 -49.57 42.20
C THR D 12 -18.58 -50.89 41.46
N ALA D 13 -18.10 -50.84 40.22
CA ALA D 13 -17.86 -52.08 39.48
C ALA D 13 -16.49 -52.65 39.76
N GLN D 14 -15.46 -51.81 39.87
CA GLN D 14 -14.13 -52.25 40.23
C GLN D 14 -13.63 -51.34 41.35
N LYS D 15 -13.19 -51.95 42.44
CA LYS D 15 -12.76 -51.19 43.59
C LYS D 15 -11.47 -50.44 43.30
N PRO D 16 -11.14 -49.45 44.13
CA PRO D 16 -9.84 -48.77 43.98
C PRO D 16 -8.69 -49.76 44.02
N THR D 17 -7.78 -49.62 43.05
CA THR D 17 -6.63 -50.51 42.93
C THR D 17 -5.32 -49.86 43.34
N ALA D 18 -5.25 -48.53 43.35
CA ALA D 18 -4.02 -47.82 43.64
C ALA D 18 -3.71 -47.83 45.13
N VAL D 19 -2.43 -48.02 45.44
CA VAL D 19 -1.96 -48.11 46.81
C VAL D 19 -1.65 -46.71 47.33
N ASN D 20 -2.33 -46.31 48.40
CA ASN D 20 -2.08 -45.01 49.01
C ASN D 20 -1.14 -45.04 50.20
N GLY D 21 -1.11 -46.15 50.94
CA GLY D 21 -0.15 -46.32 52.02
C GLY D 21 -0.09 -47.76 52.46
N CYS D 22 1.04 -48.12 53.05
CA CYS D 22 1.25 -49.48 53.53
C CYS D 22 2.06 -49.44 54.82
N VAL D 23 1.70 -50.30 55.77
CA VAL D 23 2.39 -50.40 57.05
C VAL D 23 2.56 -51.86 57.43
N THR D 24 3.54 -52.13 58.30
CA THR D 24 3.85 -53.46 58.79
C THR D 24 3.77 -53.46 60.30
N GLY D 25 3.20 -54.53 60.85
CA GLY D 25 3.09 -54.64 62.30
C GLY D 25 2.41 -55.93 62.71
N HIS D 26 2.07 -55.99 64.00
CA HIS D 26 1.50 -57.17 64.63
C HIS D 26 0.08 -56.84 65.08
N PHE D 27 -0.82 -56.76 64.11
CA PHE D 27 -2.18 -56.27 64.31
C PHE D 27 -3.17 -57.38 64.60
N THR D 28 -3.09 -58.50 63.86
CA THR D 28 -4.05 -59.58 64.08
C THR D 28 -3.67 -60.47 65.25
N SER D 29 -2.37 -60.68 65.46
CA SER D 29 -1.87 -61.46 66.58
C SER D 29 -0.47 -60.97 66.91
N ALA D 30 -0.09 -61.07 68.19
CA ALA D 30 1.27 -60.68 68.55
C ALA D 30 2.31 -61.56 67.87
N GLU D 31 1.88 -62.68 67.27
CA GLU D 31 2.79 -63.59 66.59
C GLU D 31 2.85 -63.29 65.10
N ASP D 32 1.71 -63.05 64.46
CA ASP D 32 1.68 -62.85 63.02
C ASP D 32 2.30 -61.50 62.69
N LEU D 33 3.04 -61.45 61.58
CA LEU D 33 3.54 -60.20 61.02
C LEU D 33 2.60 -59.83 59.87
N ASN D 34 1.90 -58.71 60.01
CA ASN D 34 0.85 -58.35 59.07
C ASN D 34 1.29 -57.16 58.24
N LEU D 35 0.93 -57.17 56.96
CA LEU D 35 1.09 -56.02 56.08
C LEU D 35 -0.29 -55.50 55.77
N LEU D 36 -0.55 -54.25 56.14
CA LEU D 36 -1.82 -53.61 55.88
C LEU D 36 -1.62 -52.66 54.69
N ILE D 37 -2.39 -52.88 53.63
CA ILE D 37 -2.31 -52.09 52.42
C ILE D 37 -3.59 -51.28 52.36
N ALA D 38 -3.46 -49.98 52.10
CA ALA D 38 -4.61 -49.08 52.08
C ALA D 38 -4.86 -48.52 50.68
N LYS D 39 -6.07 -48.74 50.16
CA LYS D 39 -6.60 -48.04 49.02
C LYS D 39 -7.51 -46.92 49.50
N ASN D 40 -8.03 -46.12 48.56
CA ASN D 40 -8.71 -44.89 48.93
C ASN D 40 -9.72 -45.09 50.07
N THR D 41 -10.65 -46.01 49.88
CA THR D 41 -11.65 -46.33 50.89
C THR D 41 -11.51 -47.74 51.43
N ARG D 42 -10.53 -48.52 50.97
CA ARG D 42 -10.41 -49.93 51.30
C ARG D 42 -9.17 -50.16 52.17
N LEU D 43 -9.35 -50.95 53.22
CA LEU D 43 -8.25 -51.43 54.05
C LEU D 43 -8.15 -52.93 53.87
N GLU D 44 -6.99 -53.38 53.40
CA GLU D 44 -6.72 -54.80 53.15
C GLU D 44 -5.68 -55.27 54.14
N ILE D 45 -5.95 -56.40 54.80
CA ILE D 45 -5.08 -56.95 55.81
C ILE D 45 -4.52 -58.27 55.30
N TYR D 46 -3.20 -58.40 55.34
CA TYR D 46 -2.50 -59.61 54.91
C TYR D 46 -1.62 -60.10 56.06
N VAL D 47 -1.18 -61.36 55.95
CA VAL D 47 -0.23 -61.94 56.88
C VAL D 47 0.99 -62.37 56.09
N VAL D 48 2.18 -61.98 56.57
CA VAL D 48 3.42 -62.28 55.87
C VAL D 48 3.79 -63.72 56.17
N THR D 49 3.92 -64.55 55.15
CA THR D 49 4.41 -65.91 55.30
C THR D 49 5.64 -66.07 54.40
N ALA D 50 6.30 -67.23 54.48
CA ALA D 50 7.43 -67.48 53.59
C ALA D 50 6.95 -67.77 52.17
N GLU D 51 5.68 -68.18 52.02
CA GLU D 51 5.14 -68.48 50.71
C GLU D 51 4.68 -67.18 50.05
N GLY D 52 4.13 -66.27 50.85
CA GLY D 52 3.70 -64.98 50.35
C GLY D 52 2.77 -64.32 51.35
N LEU D 53 2.00 -63.36 50.85
CA LEU D 53 1.04 -62.67 51.71
C LEU D 53 -0.21 -63.54 51.71
N ARG D 54 -0.76 -63.77 52.89
CA ARG D 54 -2.00 -64.50 53.03
C ARG D 54 -3.12 -63.55 53.40
N PRO D 55 -4.10 -63.35 52.52
CA PRO D 55 -5.20 -62.42 52.85
C PRO D 55 -6.02 -62.97 54.01
N VAL D 56 -6.45 -62.08 54.90
CA VAL D 56 -7.22 -62.46 56.08
C VAL D 56 -8.54 -61.73 56.17
N LYS D 57 -8.56 -60.43 55.85
CA LYS D 57 -9.79 -59.67 56.00
C LYS D 57 -9.65 -58.38 55.18
N GLU D 58 -10.75 -57.96 54.58
CA GLU D 58 -10.82 -56.68 53.90
C GLU D 58 -12.07 -55.95 54.36
N VAL D 59 -11.93 -54.68 54.69
CA VAL D 59 -13.05 -53.84 55.09
C VAL D 59 -13.05 -52.56 54.28
N GLY D 60 -14.24 -52.01 54.10
CA GLY D 60 -14.41 -50.66 53.60
C GLY D 60 -14.71 -49.71 54.73
N MET D 61 -14.35 -48.44 54.52
CA MET D 61 -14.65 -47.37 55.45
C MET D 61 -15.42 -46.26 54.75
N TYR D 62 -16.22 -45.56 55.54
CA TYR D 62 -16.99 -44.42 55.04
C TYR D 62 -16.13 -43.16 55.10
N GLY D 63 -15.04 -43.19 54.33
CA GLY D 63 -14.05 -42.12 54.38
C GLY D 63 -12.80 -42.45 53.59
N LYS D 64 -12.09 -41.42 53.14
CA LYS D 64 -10.80 -41.59 52.48
C LYS D 64 -9.68 -41.73 53.50
N ILE D 65 -8.93 -42.82 53.42
CA ILE D 65 -7.89 -43.09 54.42
C ILE D 65 -6.69 -42.19 54.11
N ALA D 66 -6.44 -41.22 54.99
CA ALA D 66 -5.28 -40.33 54.85
C ALA D 66 -4.11 -40.71 55.74
N VAL D 67 -4.36 -41.09 56.99
CA VAL D 67 -3.32 -41.47 57.92
C VAL D 67 -3.61 -42.89 58.40
N MET D 68 -2.58 -43.74 58.35
CA MET D 68 -2.65 -45.11 58.82
C MET D 68 -1.37 -45.44 59.57
N GLU D 69 -1.51 -45.84 60.84
CA GLU D 69 -0.35 -46.20 61.65
C GLU D 69 -0.72 -47.27 62.66
N LEU D 70 0.23 -48.15 62.93
CA LEU D 70 0.11 -49.22 63.90
C LEU D 70 0.92 -48.86 65.12
N PHE D 71 0.28 -48.88 66.29
CA PHE D 71 0.91 -48.51 67.54
C PHE D 71 0.51 -49.56 68.57
N ARG D 72 1.34 -49.72 69.59
CA ARG D 72 1.10 -50.72 70.62
C ARG D 72 1.33 -50.06 71.97
N PRO D 73 0.27 -49.55 72.60
CA PRO D 73 0.44 -48.83 73.86
C PRO D 73 0.79 -49.75 75.01
N LYS D 74 1.45 -49.18 76.01
CA LYS D 74 1.83 -49.94 77.19
C LYS D 74 0.62 -50.69 77.73
N GLY D 75 0.75 -52.00 77.88
CA GLY D 75 -0.32 -52.83 78.39
C GLY D 75 -1.08 -53.65 77.37
N GLU D 76 -0.89 -53.41 76.07
CA GLU D 76 -1.63 -54.16 75.06
C GLU D 76 -0.92 -55.43 74.60
N SER D 77 -1.73 -56.43 74.20
CA SER D 77 -1.21 -57.71 73.76
C SER D 77 -0.61 -57.64 72.36
N LYS D 78 -1.16 -56.78 71.50
CA LYS D 78 -0.79 -56.73 70.10
C LYS D 78 -1.04 -55.30 69.62
N ASP D 79 -0.60 -55.02 68.40
CA ASP D 79 -0.67 -53.66 67.89
C ASP D 79 -2.12 -53.24 67.65
N LEU D 80 -2.39 -51.96 67.86
CA LEU D 80 -3.64 -51.32 67.48
C LEU D 80 -3.40 -50.43 66.27
N LEU D 81 -4.47 -50.09 65.58
CA LEU D 81 -4.40 -49.34 64.33
C LEU D 81 -5.06 -47.98 64.50
N PHE D 82 -4.40 -46.92 64.03
CA PHE D 82 -4.98 -45.60 63.95
C PHE D 82 -5.22 -45.21 62.49
N ILE D 83 -6.42 -44.74 62.18
CA ILE D 83 -6.77 -44.28 60.84
C ILE D 83 -7.47 -42.93 60.94
N LEU D 84 -7.08 -42.01 60.06
CA LEU D 84 -7.71 -40.69 59.94
C LEU D 84 -8.12 -40.45 58.50
N THR D 85 -9.37 -40.04 58.29
CA THR D 85 -9.85 -39.80 56.94
C THR D 85 -9.68 -38.34 56.52
N ALA D 86 -9.90 -38.11 55.22
CA ALA D 86 -9.78 -36.78 54.65
C ALA D 86 -10.87 -35.84 55.14
N LYS D 87 -12.00 -36.37 55.60
CA LYS D 87 -13.01 -35.55 56.25
C LYS D 87 -12.78 -35.40 57.75
N TYR D 88 -11.61 -35.86 58.23
CA TYR D 88 -11.16 -35.71 59.61
C TYR D 88 -11.85 -36.67 60.58
N ASN D 89 -12.25 -37.84 60.10
CA ASN D 89 -12.74 -38.90 60.98
C ASN D 89 -11.55 -39.69 61.51
N ALA D 90 -11.38 -39.68 62.84
CA ALA D 90 -10.31 -40.39 63.51
C ALA D 90 -10.87 -41.59 64.26
N CYS D 91 -10.09 -42.66 64.33
CA CYS D 91 -10.51 -43.84 65.07
C CYS D 91 -9.29 -44.69 65.40
N ILE D 92 -9.43 -45.51 66.44
CA ILE D 92 -8.47 -46.55 66.77
C ILE D 92 -9.17 -47.89 66.65
N LEU D 93 -8.55 -48.82 65.94
CA LEU D 93 -9.19 -50.09 65.59
C LEU D 93 -8.42 -51.25 66.19
N GLU D 94 -9.16 -52.32 66.49
CA GLU D 94 -8.62 -53.55 67.03
C GLU D 94 -9.12 -54.75 66.22
N TYR D 95 -8.21 -55.66 65.91
CA TYR D 95 -8.58 -56.93 65.28
C TYR D 95 -9.01 -57.92 66.37
N LYS D 96 -10.19 -58.51 66.20
CA LYS D 96 -10.69 -59.50 67.14
C LYS D 96 -11.32 -60.65 66.37
N GLN D 97 -10.86 -61.87 66.64
CA GLN D 97 -11.33 -63.06 65.93
C GLN D 97 -11.64 -64.17 66.91
N SER D 98 -12.82 -64.77 66.77
CA SER D 98 -13.27 -65.89 67.60
C SER D 98 -13.67 -67.02 66.66
N GLY D 99 -12.77 -67.97 66.42
CA GLY D 99 -13.02 -68.99 65.44
C GLY D 99 -13.04 -68.39 64.04
N GLU D 100 -14.14 -68.55 63.32
CA GLU D 100 -14.26 -67.99 61.98
C GLU D 100 -14.86 -66.58 61.96
N SER D 101 -15.35 -66.07 63.10
CA SER D 101 -16.02 -64.78 63.10
C SER D 101 -14.98 -63.68 63.26
N ILE D 102 -14.81 -62.87 62.21
CA ILE D 102 -13.84 -61.78 62.20
C ILE D 102 -14.60 -60.46 62.28
N ASP D 103 -14.22 -59.62 63.22
CA ASP D 103 -14.79 -58.30 63.40
C ASP D 103 -13.64 -57.32 63.62
N ILE D 104 -13.87 -56.06 63.24
CA ILE D 104 -12.92 -54.98 63.49
C ILE D 104 -13.60 -54.04 64.48
N ILE D 105 -13.02 -53.90 65.64
CA ILE D 105 -13.64 -53.20 66.76
C ILE D 105 -13.17 -51.76 66.82
N THR D 106 -14.12 -50.85 67.02
CA THR D 106 -13.84 -49.43 67.16
C THR D 106 -13.57 -49.12 68.63
N ARG D 107 -12.29 -48.96 68.97
CA ARG D 107 -11.93 -48.71 70.37
C ARG D 107 -12.10 -47.24 70.72
N ALA D 108 -11.85 -46.33 69.79
CA ALA D 108 -11.99 -44.90 70.01
C ALA D 108 -12.36 -44.24 68.69
N HIS D 109 -13.16 -43.18 68.76
CA HIS D 109 -13.56 -42.51 67.52
C HIS D 109 -14.06 -41.09 67.79
N GLY D 110 -13.91 -40.25 66.77
CA GLY D 110 -14.37 -38.87 66.81
C GLY D 110 -13.85 -38.11 65.61
N ASN D 111 -14.38 -36.91 65.44
CA ASN D 111 -13.99 -36.02 64.34
C ASN D 111 -13.10 -34.90 64.87
N VAL D 112 -11.93 -34.75 64.27
CA VAL D 112 -10.89 -33.89 64.83
C VAL D 112 -10.77 -32.56 64.08
N GLN D 113 -11.78 -32.21 63.29
CA GLN D 113 -11.76 -30.97 62.53
C GLN D 113 -11.85 -29.76 63.45
N ASP D 114 -11.09 -28.72 63.12
CA ASP D 114 -11.11 -27.46 63.85
C ASP D 114 -12.07 -26.49 63.18
N ARG D 115 -12.78 -25.69 63.98
CA ARG D 115 -13.68 -24.71 63.38
C ARG D 115 -12.91 -23.75 62.48
N ILE D 116 -11.71 -23.35 62.90
CA ILE D 116 -10.93 -22.36 62.18
C ILE D 116 -9.51 -22.91 61.99
N GLY D 117 -9.08 -22.98 60.73
CA GLY D 117 -7.71 -23.38 60.40
C GLY D 117 -7.58 -23.40 58.89
N ARG D 118 -6.32 -23.25 58.47
CA ARG D 118 -6.01 -23.30 57.04
C ARG D 118 -5.42 -24.66 56.70
N PRO D 119 -6.07 -25.49 55.88
CA PRO D 119 -5.47 -26.78 55.51
C PRO D 119 -4.08 -26.59 54.93
N SER D 120 -3.14 -27.43 55.35
CA SER D 120 -1.74 -27.24 55.00
C SER D 120 -1.48 -27.64 53.55
N GLU D 121 -0.41 -27.06 53.00
CA GLU D 121 -0.10 -27.30 51.60
C GLU D 121 0.30 -28.74 51.35
N THR D 122 1.16 -29.31 52.20
CA THR D 122 1.65 -30.68 51.99
C THR D 122 0.73 -31.74 52.58
N GLY D 123 -0.50 -31.38 52.94
CA GLY D 123 -1.50 -32.36 53.31
C GLY D 123 -1.39 -32.86 54.74
N ILE D 124 -2.39 -33.66 55.13
CA ILE D 124 -2.44 -34.18 56.49
C ILE D 124 -1.21 -35.02 56.76
N ILE D 125 -0.60 -34.82 57.93
CA ILE D 125 0.47 -35.67 58.43
C ILE D 125 0.04 -36.22 59.78
N GLY D 126 0.23 -37.53 59.97
CA GLY D 126 -0.05 -38.15 61.25
C GLY D 126 1.12 -38.95 61.77
N ILE D 127 1.49 -38.73 63.04
CA ILE D 127 2.63 -39.40 63.65
C ILE D 127 2.28 -39.80 65.07
N ILE D 128 2.97 -40.83 65.58
CA ILE D 128 2.73 -41.31 66.93
C ILE D 128 4.05 -41.42 67.68
N ASP D 129 4.00 -41.12 68.97
CA ASP D 129 5.16 -41.14 69.84
C ASP D 129 5.75 -42.55 69.87
N PRO D 130 7.08 -42.69 69.96
CA PRO D 130 7.64 -44.06 70.06
C PRO D 130 7.17 -44.80 71.28
N GLU D 131 6.91 -44.09 72.37
CA GLU D 131 6.36 -44.65 73.60
C GLU D 131 4.83 -44.65 73.58
N CYS D 132 4.24 -44.39 72.42
CA CYS D 132 2.79 -44.44 72.23
C CYS D 132 2.07 -43.63 73.31
N ARG D 133 2.60 -42.44 73.59
CA ARG D 133 1.96 -41.54 74.55
C ARG D 133 0.92 -40.64 73.92
N MET D 134 1.07 -40.32 72.64
CA MET D 134 0.16 -39.37 72.01
C MET D 134 0.21 -39.58 70.49
N ILE D 135 -0.82 -39.08 69.82
CA ILE D 135 -0.89 -39.02 68.37
C ILE D 135 -0.68 -37.58 67.95
N GLY D 136 0.30 -37.33 67.09
CA GLY D 136 0.53 -36.01 66.56
C GLY D 136 -0.15 -35.86 65.21
N LEU D 137 -0.89 -34.75 65.04
CA LEU D 137 -1.57 -34.46 63.80
C LEU D 137 -1.19 -33.07 63.32
N ARG D 138 -0.82 -32.97 62.05
CA ARG D 138 -0.60 -31.68 61.40
C ARG D 138 -1.74 -31.49 60.40
N LEU D 139 -2.80 -30.83 60.84
CA LEU D 139 -3.96 -30.62 60.00
C LEU D 139 -3.99 -29.24 59.36
N TYR D 140 -3.55 -28.21 60.07
CA TYR D 140 -3.64 -26.83 59.60
C TYR D 140 -2.29 -26.16 59.73
N ASP D 141 -2.03 -25.21 58.84
CA ASP D 141 -0.84 -24.39 58.99
C ASP D 141 -0.87 -23.73 60.36
N GLY D 142 0.25 -23.75 61.06
CA GLY D 142 0.38 -23.03 62.30
C GLY D 142 -0.27 -23.64 63.53
N LEU D 143 -0.87 -24.81 63.42
CA LEU D 143 -1.48 -25.47 64.56
C LEU D 143 -1.05 -26.94 64.55
N PHE D 144 -0.66 -27.43 65.74
CA PHE D 144 -0.29 -28.83 65.95
C PHE D 144 -1.28 -29.43 66.92
N LYS D 145 -1.98 -30.47 66.48
CA LYS D 145 -3.03 -31.10 67.28
C LYS D 145 -2.47 -32.34 67.95
N VAL D 146 -2.79 -32.51 69.23
CA VAL D 146 -2.30 -33.63 70.02
C VAL D 146 -3.48 -34.41 70.57
N ILE D 147 -3.56 -35.69 70.20
CA ILE D 147 -4.46 -36.64 70.83
C ILE D 147 -3.65 -37.47 71.83
N PRO D 148 -3.86 -37.31 73.14
CA PRO D 148 -3.12 -38.14 74.10
C PRO D 148 -3.61 -39.58 74.13
N LEU D 149 -2.67 -40.52 74.18
CA LEU D 149 -3.01 -41.95 74.18
C LEU D 149 -3.26 -42.38 75.63
N ASP D 150 -4.38 -41.88 76.16
CA ASP D 150 -4.93 -42.26 77.44
C ASP D 150 -5.86 -43.46 77.29
N ARG D 151 -5.99 -44.23 78.37
CA ARG D 151 -6.89 -45.38 78.32
C ARG D 151 -8.33 -44.94 78.16
N ASP D 152 -8.70 -43.80 78.76
CA ASP D 152 -10.08 -43.33 78.79
C ASP D 152 -10.44 -42.37 77.66
N ASN D 153 -9.49 -41.96 76.83
CA ASN D 153 -9.77 -40.97 75.78
C ASN D 153 -10.50 -41.66 74.62
N LYS D 154 -11.70 -42.16 74.94
CA LYS D 154 -12.48 -42.92 73.97
C LYS D 154 -13.10 -42.03 72.90
N GLU D 155 -13.15 -40.72 73.13
CA GLU D 155 -13.62 -39.77 72.13
C GLU D 155 -12.48 -39.13 71.33
N LEU D 156 -11.24 -39.52 71.57
CA LEU D 156 -10.09 -38.95 70.87
C LEU D 156 -10.07 -37.43 71.00
N LYS D 157 -10.28 -36.96 72.23
CA LYS D 157 -10.22 -35.52 72.49
C LYS D 157 -8.79 -35.03 72.27
N ALA D 158 -8.67 -33.76 71.83
CA ALA D 158 -7.37 -33.24 71.46
C ALA D 158 -7.29 -31.75 71.74
N PHE D 159 -6.06 -31.25 71.79
CA PHE D 159 -5.76 -29.83 71.98
C PHE D 159 -4.72 -29.43 70.94
N ASN D 160 -4.73 -28.15 70.58
CA ASN D 160 -3.78 -27.62 69.60
C ASN D 160 -2.66 -26.87 70.32
N ILE D 161 -1.44 -26.99 69.80
CA ILE D 161 -0.28 -26.23 70.29
C ILE D 161 0.08 -25.25 69.18
N ARG D 162 0.08 -23.95 69.51
CA ARG D 162 0.40 -22.96 68.48
C ARG D 162 1.81 -23.21 67.95
N LEU D 163 1.97 -23.11 66.64
CA LEU D 163 3.24 -23.37 65.96
C LEU D 163 3.66 -22.15 65.15
N GLU D 164 4.85 -21.62 65.45
CA GLU D 164 5.32 -20.43 64.75
C GLU D 164 5.58 -20.70 63.27
N GLU D 165 6.14 -21.87 62.96
CA GLU D 165 6.52 -22.20 61.59
C GLU D 165 5.25 -22.59 60.84
N LEU D 166 4.75 -21.69 59.98
CA LEU D 166 3.44 -21.88 59.38
C LEU D 166 3.46 -22.93 58.27
N HIS D 167 4.52 -22.96 57.49
CA HIS D 167 4.62 -23.82 56.30
C HIS D 167 5.59 -24.95 56.63
N VAL D 168 5.04 -26.08 57.09
CA VAL D 168 5.84 -27.24 57.44
C VAL D 168 5.86 -28.22 56.28
N ILE D 169 7.03 -28.74 55.97
CA ILE D 169 7.16 -29.72 54.90
C ILE D 169 6.88 -31.13 55.40
N ASP D 170 7.56 -31.56 56.46
CA ASP D 170 7.38 -32.89 57.02
C ASP D 170 7.77 -32.89 58.50
N VAL D 171 7.15 -33.79 59.27
CA VAL D 171 7.42 -33.90 60.69
C VAL D 171 7.35 -35.36 61.12
N LYS D 172 8.19 -35.71 62.09
CA LYS D 172 8.25 -37.05 62.68
C LYS D 172 8.55 -36.91 64.17
N PHE D 173 8.07 -37.88 64.95
CA PHE D 173 8.51 -38.01 66.33
C PHE D 173 9.89 -38.66 66.33
N LEU D 174 10.82 -38.12 67.13
CA LEU D 174 12.17 -38.64 67.16
C LEU D 174 12.33 -39.79 68.16
N TYR D 175 13.46 -40.49 68.05
CA TYR D 175 13.83 -41.59 68.92
C TYR D 175 14.94 -41.20 69.88
N GLY D 176 14.94 -41.86 71.03
CA GLY D 176 16.02 -41.72 71.98
C GLY D 176 16.00 -40.43 72.75
N CYS D 177 14.82 -39.86 72.97
CA CYS D 177 14.68 -38.61 73.69
C CYS D 177 13.90 -38.87 74.97
N GLN D 178 14.27 -38.19 76.05
CA GLN D 178 13.56 -38.43 77.29
C GLN D 178 12.15 -37.85 77.27
N ALA D 179 11.93 -36.78 76.53
CA ALA D 179 10.63 -36.19 76.38
C ALA D 179 10.18 -36.37 74.95
N PRO D 180 8.87 -36.38 74.69
CA PRO D 180 8.38 -36.44 73.31
C PRO D 180 8.95 -35.29 72.49
N THR D 181 9.67 -35.64 71.42
CA THR D 181 10.34 -34.65 70.59
C THR D 181 9.88 -34.79 69.16
N ILE D 182 9.50 -33.67 68.54
CA ILE D 182 9.16 -33.64 67.12
C ILE D 182 10.34 -33.00 66.41
N CYS D 183 10.69 -33.56 65.25
CA CYS D 183 11.72 -33.01 64.38
C CYS D 183 11.09 -32.81 63.01
N PHE D 184 11.21 -31.61 62.47
CA PHE D 184 10.52 -31.30 61.24
C PHE D 184 11.31 -30.34 60.36
N VAL D 185 11.02 -30.40 59.07
CA VAL D 185 11.55 -29.46 58.08
C VAL D 185 10.45 -28.46 57.75
N TYR D 186 10.81 -27.20 57.73
CA TYR D 186 9.86 -26.13 57.44
C TYR D 186 10.50 -25.18 56.44
N GLN D 187 9.66 -24.36 55.83
CA GLN D 187 10.08 -23.40 54.82
C GLN D 187 9.67 -22.01 55.25
N ASP D 188 10.61 -21.07 55.17
CA ASP D 188 10.35 -19.66 55.42
C ASP D 188 11.04 -18.90 54.29
N PRO D 189 10.96 -17.58 54.27
CA PRO D 189 11.62 -16.84 53.18
C PRO D 189 13.12 -17.07 53.13
N GLN D 190 13.73 -17.53 54.21
CA GLN D 190 15.17 -17.70 54.29
C GLN D 190 15.65 -19.07 53.79
N GLY D 191 14.75 -19.88 53.23
CA GLY D 191 15.11 -21.21 52.79
C GLY D 191 14.40 -22.29 53.57
N ARG D 192 14.90 -23.52 53.54
CA ARG D 192 14.33 -24.60 54.32
C ARG D 192 15.26 -24.92 55.49
N HIS D 193 14.64 -25.26 56.61
CA HIS D 193 15.35 -25.49 57.86
C HIS D 193 14.76 -26.71 58.54
N VAL D 194 15.57 -27.31 59.41
CA VAL D 194 15.15 -28.39 60.28
C VAL D 194 15.18 -27.87 61.71
N LYS D 195 14.19 -28.27 62.49
CA LYS D 195 14.04 -27.76 63.84
C LYS D 195 13.43 -28.86 64.69
N THR D 196 13.62 -28.75 66.01
CA THR D 196 13.07 -29.69 66.96
C THR D 196 12.26 -28.92 67.99
N TYR D 197 11.24 -29.59 68.51
CA TYR D 197 10.48 -29.10 69.65
C TYR D 197 10.25 -30.29 70.57
N GLU D 198 9.97 -29.99 71.83
CA GLU D 198 9.51 -30.98 72.79
C GLU D 198 8.05 -30.72 73.13
N VAL D 199 7.28 -31.80 73.21
CA VAL D 199 5.85 -31.74 73.47
C VAL D 199 5.64 -32.16 74.92
N SER D 200 4.99 -31.30 75.70
CA SER D 200 4.66 -31.60 77.10
C SER D 200 3.14 -31.77 77.20
N LEU D 201 2.68 -33.01 77.38
CA LEU D 201 1.25 -33.26 77.52
C LEU D 201 0.68 -32.62 78.77
N ARG D 202 1.50 -32.47 79.81
CA ARG D 202 1.02 -31.87 81.05
C ARG D 202 0.75 -30.39 80.86
N GLU D 203 1.69 -29.68 80.24
CA GLU D 203 1.53 -28.25 80.03
C GLU D 203 0.70 -27.92 78.79
N LYS D 204 0.52 -28.89 77.88
CA LYS D 204 -0.17 -28.64 76.63
C LYS D 204 0.53 -27.54 75.83
N GLU D 205 1.86 -27.66 75.70
CA GLU D 205 2.61 -26.71 74.88
C GLU D 205 3.98 -27.27 74.52
N PHE D 206 4.65 -26.55 73.61
CA PHE D 206 6.01 -26.90 73.23
C PHE D 206 7.01 -26.34 74.24
N ASN D 207 8.10 -27.07 74.45
CA ASN D 207 9.28 -26.61 75.16
C ASN D 207 10.48 -26.66 74.22
N LYS D 208 11.57 -26.05 74.67
CA LYS D 208 12.79 -25.96 73.86
C LYS D 208 13.21 -27.34 73.40
N GLY D 209 13.61 -27.44 72.12
CA GLY D 209 13.95 -28.72 71.55
C GLY D 209 15.38 -29.14 71.82
N PRO D 210 15.64 -30.46 71.69
CA PRO D 210 16.97 -30.96 72.05
C PRO D 210 18.10 -30.39 71.20
N TRP D 211 17.92 -30.18 69.91
CA TRP D 211 19.00 -29.61 69.14
C TRP D 211 18.56 -28.47 68.24
N LYS D 212 19.55 -27.67 67.85
CA LYS D 212 19.38 -26.38 67.23
C LYS D 212 18.88 -26.51 65.80
N GLN D 213 18.30 -25.43 65.30
CA GLN D 213 17.89 -25.40 63.91
C GLN D 213 19.14 -25.49 63.04
N GLU D 214 18.97 -26.06 61.85
CA GLU D 214 20.07 -26.11 60.91
C GLU D 214 19.48 -25.73 59.54
N ASN D 215 20.19 -24.89 58.79
CA ASN D 215 19.76 -24.61 57.43
C ASN D 215 20.03 -25.83 56.56
N VAL D 216 19.01 -26.29 55.82
CA VAL D 216 19.09 -27.54 55.06
C VAL D 216 18.74 -27.30 53.60
N GLU D 217 18.93 -28.35 52.80
CA GLU D 217 18.72 -28.29 51.37
C GLU D 217 17.41 -27.61 51.02
N ALA D 218 17.41 -26.85 49.93
CA ALA D 218 16.23 -26.13 49.50
C ALA D 218 15.09 -27.09 49.16
N GLU D 219 15.42 -28.29 48.69
CA GLU D 219 14.41 -29.27 48.32
C GLU D 219 14.29 -30.39 49.34
N ALA D 220 14.57 -30.09 50.61
CA ALA D 220 14.35 -31.08 51.66
C ALA D 220 12.91 -31.55 51.63
N SER D 221 12.72 -32.85 51.40
CA SER D 221 11.40 -33.43 51.20
C SER D 221 10.92 -34.28 52.36
N MET D 222 11.77 -35.10 52.98
CA MET D 222 11.31 -36.07 53.97
C MET D 222 12.21 -36.15 55.19
N VAL D 223 11.58 -36.42 56.33
CA VAL D 223 12.26 -36.56 57.63
C VAL D 223 12.14 -38.01 58.07
N ILE D 224 13.27 -38.66 58.35
CA ILE D 224 13.28 -40.05 58.79
C ILE D 224 13.84 -40.10 60.21
N ALA D 225 13.09 -40.68 61.13
CA ALA D 225 13.52 -40.78 62.53
C ALA D 225 14.32 -42.08 62.73
N VAL D 226 15.62 -41.94 62.94
CA VAL D 226 16.53 -43.10 63.05
C VAL D 226 16.30 -43.73 64.41
N PRO D 227 16.39 -45.05 64.56
CA PRO D 227 16.08 -45.66 65.87
C PRO D 227 17.17 -45.35 66.90
N GLU D 228 16.89 -45.78 68.14
CA GLU D 228 17.73 -45.38 69.27
C GLU D 228 19.20 -45.74 69.12
N PRO D 229 19.58 -46.91 68.61
CA PRO D 229 21.03 -47.20 68.51
C PRO D 229 21.80 -46.09 67.81
N PHE D 230 21.22 -45.47 66.77
CA PHE D 230 21.80 -44.29 66.14
C PHE D 230 21.18 -42.99 66.66
N GLY D 231 19.85 -42.90 66.69
CA GLY D 231 19.18 -41.70 67.13
C GLY D 231 19.16 -40.61 66.08
N GLY D 232 18.57 -39.47 66.45
CA GLY D 232 18.57 -38.35 65.52
C GLY D 232 17.60 -38.55 64.37
N ALA D 233 17.92 -37.89 63.26
CA ALA D 233 17.07 -37.91 62.07
C ALA D 233 17.92 -37.82 60.81
N ILE D 234 17.33 -38.28 59.70
CA ILE D 234 17.90 -38.14 58.36
C ILE D 234 16.95 -37.31 57.52
N ILE D 235 17.51 -36.41 56.70
CA ILE D 235 16.72 -35.54 55.83
C ILE D 235 17.04 -35.90 54.38
N ILE D 236 15.98 -36.23 53.62
CA ILE D 236 16.10 -36.61 52.21
C ILE D 236 15.78 -35.38 51.38
N GLY D 237 16.68 -35.03 50.45
CA GLY D 237 16.46 -33.93 49.55
C GLY D 237 16.43 -34.32 48.09
N GLN D 238 16.70 -33.36 47.21
CA GLN D 238 16.80 -33.62 45.78
C GLN D 238 18.22 -34.03 45.40
N GLU D 239 19.23 -33.39 46.01
CA GLU D 239 20.63 -33.66 45.71
C GLU D 239 21.39 -34.33 46.85
N SER D 240 20.94 -34.18 48.10
CA SER D 240 21.74 -34.61 49.24
C SER D 240 20.88 -35.28 50.30
N ILE D 241 21.53 -36.12 51.10
CA ILE D 241 20.94 -36.78 52.27
C ILE D 241 21.77 -36.40 53.49
N THR D 242 21.13 -35.83 54.51
CA THR D 242 21.83 -35.38 55.70
C THR D 242 21.35 -36.10 56.95
N TYR D 243 22.26 -36.26 57.92
CA TYR D 243 21.94 -36.82 59.23
C TYR D 243 22.22 -35.76 60.28
N HIS D 244 21.23 -35.51 61.15
CA HIS D 244 21.35 -34.51 62.21
C HIS D 244 21.07 -35.16 63.56
N ASN D 245 21.93 -34.91 64.55
CA ASN D 245 21.61 -35.32 65.92
C ASN D 245 22.50 -34.50 66.85
N GLY D 246 21.94 -33.42 67.38
CA GLY D 246 22.69 -32.56 68.26
C GLY D 246 23.97 -32.05 67.63
N ASP D 247 25.09 -32.50 68.20
CA ASP D 247 26.40 -32.07 67.71
C ASP D 247 26.79 -32.78 66.42
N LYS D 248 26.25 -33.97 66.16
CA LYS D 248 26.64 -34.74 64.99
C LYS D 248 25.94 -34.24 63.73
N TYR D 249 26.69 -34.09 62.64
CA TYR D 249 26.17 -33.69 61.33
C TYR D 249 26.90 -34.48 60.25
N LEU D 250 26.14 -35.14 59.36
CA LEU D 250 26.71 -35.81 58.20
C LEU D 250 25.92 -35.44 56.96
N ALA D 251 26.62 -35.35 55.83
CA ALA D 251 25.96 -35.02 54.57
C ALA D 251 26.64 -35.74 53.41
N ILE D 252 25.87 -36.57 52.71
CA ILE D 252 26.32 -37.25 51.50
C ILE D 252 25.50 -36.74 50.35
N ALA D 253 26.15 -36.42 49.24
CA ALA D 253 25.49 -35.89 48.05
C ALA D 253 25.94 -36.66 46.82
N PRO D 254 25.57 -37.93 46.72
CA PRO D 254 26.02 -38.75 45.59
C PRO D 254 25.35 -38.30 44.30
N PRO D 255 26.07 -38.29 43.18
CA PRO D 255 25.49 -37.74 41.94
C PRO D 255 24.28 -38.51 41.48
N ILE D 256 24.11 -39.75 41.94
CA ILE D 256 23.12 -40.66 41.38
C ILE D 256 21.70 -40.20 41.67
N ILE D 257 21.43 -39.70 42.88
CA ILE D 257 20.06 -39.39 43.26
C ILE D 257 19.54 -38.12 42.60
N LYS D 258 20.43 -37.21 42.20
CA LYS D 258 20.00 -35.97 41.56
C LYS D 258 19.22 -36.23 40.28
N GLN D 259 19.46 -37.38 39.63
CA GLN D 259 18.83 -37.63 38.35
C GLN D 259 17.31 -37.70 38.45
N SER D 260 16.78 -38.22 39.55
CA SER D 260 15.33 -38.33 39.71
C SER D 260 14.98 -38.15 41.18
N THR D 261 13.85 -37.47 41.42
CA THR D 261 13.43 -37.18 42.78
C THR D 261 13.09 -38.43 43.57
N ILE D 262 13.65 -38.54 44.78
CA ILE D 262 13.33 -39.62 45.71
C ILE D 262 12.06 -39.25 46.45
N VAL D 263 11.11 -40.20 46.51
CA VAL D 263 9.78 -39.89 47.03
C VAL D 263 9.36 -40.75 48.21
N CYS D 264 9.97 -41.91 48.46
CA CYS D 264 9.50 -42.78 49.53
C CYS D 264 10.66 -43.48 50.23
N HIS D 265 10.45 -43.81 51.51
CA HIS D 265 11.46 -44.46 52.34
C HIS D 265 10.85 -45.47 53.29
N ASN D 266 11.64 -46.48 53.66
CA ASN D 266 11.27 -47.41 54.72
C ASN D 266 12.53 -47.92 55.42
N ARG D 267 12.37 -48.39 56.64
CA ARG D 267 13.47 -48.84 57.48
C ARG D 267 13.56 -50.36 57.28
N VAL D 268 14.71 -50.82 56.80
CA VAL D 268 14.88 -52.25 56.56
C VAL D 268 15.26 -52.96 57.86
N ASP D 269 16.28 -52.41 58.60
CA ASP D 269 16.87 -52.96 59.82
C ASP D 269 16.34 -52.24 61.06
N PRO D 270 15.82 -52.96 62.05
CA PRO D 270 15.36 -52.28 63.28
C PRO D 270 16.42 -51.40 63.91
N ASN D 271 17.69 -51.79 63.82
CA ASN D 271 18.75 -50.97 64.39
C ASN D 271 18.97 -49.69 63.60
N GLY D 272 18.45 -49.61 62.37
CA GLY D 272 18.59 -48.42 61.56
C GLY D 272 19.80 -48.41 60.65
N SER D 273 20.51 -49.53 60.54
CA SER D 273 21.71 -49.56 59.71
C SER D 273 21.36 -49.43 58.23
N ARG D 274 20.23 -50.02 57.81
CA ARG D 274 19.86 -50.07 56.39
C ARG D 274 18.47 -49.49 56.19
N TYR D 275 18.35 -48.61 55.19
CA TYR D 275 17.10 -47.98 54.80
C TYR D 275 16.87 -48.12 53.29
N LEU D 276 15.60 -48.17 52.89
CA LEU D 276 15.21 -48.29 51.48
C LEU D 276 14.66 -46.99 50.94
N LEU D 277 15.08 -46.62 49.73
CA LEU D 277 14.66 -45.38 49.07
C LEU D 277 14.21 -45.63 47.65
N GLY D 278 13.14 -44.95 47.25
CA GLY D 278 12.65 -45.05 45.89
C GLY D 278 12.41 -43.66 45.31
N ASP D 279 12.53 -43.58 43.98
CA ASP D 279 12.40 -42.31 43.26
C ASP D 279 11.44 -42.47 42.08
N MET D 280 11.16 -41.35 41.41
CA MET D 280 10.15 -41.30 40.36
C MET D 280 10.55 -42.08 39.11
N GLU D 281 11.82 -42.46 38.96
CA GLU D 281 12.21 -43.33 37.86
C GLU D 281 12.07 -44.79 38.22
N GLY D 282 11.55 -45.08 39.41
CA GLY D 282 11.39 -46.45 39.84
C GLY D 282 12.63 -47.03 40.47
N ARG D 283 13.74 -46.31 40.45
CA ARG D 283 14.97 -46.82 41.00
C ARG D 283 14.81 -47.08 42.50
N LEU D 284 15.36 -48.20 42.93
CA LEU D 284 15.33 -48.62 44.32
C LEU D 284 16.74 -48.55 44.87
N PHE D 285 16.90 -47.81 45.97
CA PHE D 285 18.21 -47.65 46.59
C PHE D 285 18.22 -48.23 48.00
N MET D 286 19.43 -48.53 48.46
CA MET D 286 19.68 -48.92 49.84
C MET D 286 20.51 -47.80 50.49
N LEU D 287 20.00 -47.25 51.59
CA LEU D 287 20.73 -46.24 52.36
C LEU D 287 21.36 -46.93 53.57
N LEU D 288 22.67 -46.78 53.69
CA LEU D 288 23.46 -47.50 54.68
C LEU D 288 24.00 -46.52 55.71
N LEU D 289 23.80 -46.84 56.98
CA LEU D 289 24.35 -46.07 58.10
C LEU D 289 25.53 -46.87 58.68
N GLU D 290 26.75 -46.39 58.44
CA GLU D 290 27.97 -47.08 58.86
C GLU D 290 28.32 -46.71 60.30
N LYS D 291 28.12 -47.65 61.22
CA LYS D 291 28.29 -47.41 62.64
C LYS D 291 29.78 -47.35 63.01
N GLU D 292 30.04 -46.73 64.16
CA GLU D 292 31.37 -46.70 64.76
C GLU D 292 31.19 -46.82 66.28
N GLU D 293 31.82 -47.82 66.87
CA GLU D 293 31.70 -48.04 68.31
C GLU D 293 32.82 -47.26 68.98
N GLN D 294 32.46 -46.39 69.92
CA GLN D 294 33.45 -45.62 70.66
C GLN D 294 34.08 -46.48 71.76
N MET D 295 35.21 -46.02 72.27
CA MET D 295 35.81 -46.70 73.40
C MET D 295 34.87 -46.74 74.59
N ASP D 296 33.90 -45.81 74.65
CA ASP D 296 32.89 -45.80 75.71
C ASP D 296 32.07 -47.10 75.73
N GLY D 297 31.91 -47.73 74.57
CA GLY D 297 30.90 -48.75 74.34
C GLY D 297 29.66 -48.22 73.65
N THR D 298 29.53 -46.90 73.58
CA THR D 298 28.45 -46.23 72.88
C THR D 298 28.72 -46.21 71.38
N VAL D 299 27.64 -46.19 70.59
CA VAL D 299 27.70 -46.22 69.13
C VAL D 299 27.29 -44.89 68.53
N THR D 300 28.15 -44.35 67.65
CA THR D 300 27.86 -43.15 66.87
C THR D 300 27.78 -43.54 65.38
N LEU D 301 27.46 -42.55 64.55
CA LEU D 301 27.31 -42.74 63.11
C LEU D 301 28.55 -42.18 62.43
N LYS D 302 29.27 -43.04 61.71
CA LYS D 302 30.50 -42.66 61.04
C LYS D 302 30.25 -42.09 59.65
N ASP D 303 29.41 -42.74 58.85
CA ASP D 303 29.22 -42.31 57.46
C ASP D 303 27.91 -42.86 56.90
N LEU D 304 27.51 -42.27 55.76
CA LEU D 304 26.34 -42.69 55.00
C LEU D 304 26.76 -43.20 53.64
N ARG D 305 26.06 -44.23 53.14
CA ARG D 305 26.33 -44.80 51.83
C ARG D 305 25.03 -45.12 51.12
N VAL D 306 25.00 -44.95 49.81
CA VAL D 306 23.84 -45.27 48.99
C VAL D 306 24.25 -46.25 47.90
N GLU D 307 23.47 -47.32 47.74
CA GLU D 307 23.75 -48.36 46.75
C GLU D 307 22.50 -48.60 45.91
N LEU D 308 22.67 -48.62 44.60
CA LEU D 308 21.56 -48.86 43.69
C LEU D 308 21.23 -50.35 43.64
N LEU D 309 19.98 -50.69 43.95
CA LEU D 309 19.56 -52.09 43.96
C LEU D 309 19.00 -52.53 42.62
N GLY D 310 18.20 -51.70 41.96
CA GLY D 310 17.63 -52.09 40.67
C GLY D 310 16.46 -51.18 40.31
N GLU D 311 15.53 -51.76 39.56
CA GLU D 311 14.34 -51.07 39.09
C GLU D 311 13.09 -51.77 39.56
N THR D 312 12.18 -51.00 40.14
CA THR D 312 10.85 -51.43 40.56
C THR D 312 9.82 -50.53 39.89
N SER D 313 8.54 -50.76 40.20
CA SER D 313 7.50 -49.82 39.78
C SER D 313 7.65 -48.51 40.53
N ILE D 314 7.21 -47.43 39.89
CA ILE D 314 7.18 -46.11 40.53
C ILE D 314 6.38 -46.28 41.83
N ALA D 315 6.99 -45.96 42.97
CA ALA D 315 6.48 -46.39 44.26
C ALA D 315 5.94 -45.21 45.03
N GLU D 316 4.69 -45.33 45.49
CA GLU D 316 4.16 -44.36 46.43
C GLU D 316 4.74 -44.60 47.81
N CYS D 317 4.76 -45.86 48.26
CA CYS D 317 5.30 -46.28 49.54
C CYS D 317 5.96 -47.64 49.42
N LEU D 318 7.06 -47.82 50.15
CA LEU D 318 7.79 -49.07 50.23
C LEU D 318 7.68 -49.66 51.63
N THR D 319 7.53 -50.97 51.72
CA THR D 319 7.57 -51.66 53.00
C THR D 319 8.34 -52.97 52.90
N TYR D 320 9.31 -53.14 53.79
CA TYR D 320 10.10 -54.37 53.89
C TYR D 320 9.35 -55.38 54.76
N LEU D 321 9.36 -56.64 54.32
CA LEU D 321 8.68 -57.70 55.04
C LEU D 321 9.75 -58.54 55.71
N ASP D 322 10.24 -59.60 55.09
CA ASP D 322 11.29 -60.42 55.69
C ASP D 322 11.97 -61.17 54.56
N ASN D 323 13.21 -61.59 54.83
CA ASN D 323 13.98 -62.41 53.89
C ASN D 323 14.20 -61.68 52.56
N GLY D 324 14.35 -60.36 52.60
CA GLY D 324 14.63 -59.61 51.40
C GLY D 324 13.44 -59.37 50.51
N VAL D 325 12.22 -59.48 51.04
CA VAL D 325 11.00 -59.30 50.26
C VAL D 325 10.44 -57.93 50.59
N VAL D 326 10.12 -57.15 49.55
CA VAL D 326 9.63 -55.79 49.72
C VAL D 326 8.36 -55.62 48.90
N PHE D 327 7.36 -54.96 49.48
CA PHE D 327 6.13 -54.63 48.76
C PHE D 327 6.27 -53.24 48.17
N VAL D 328 6.12 -53.14 46.84
CA VAL D 328 6.25 -51.88 46.12
C VAL D 328 4.80 -51.44 45.89
N GLY D 329 4.31 -50.55 46.77
CA GLY D 329 2.95 -50.06 46.65
C GLY D 329 2.92 -48.85 45.74
N SER D 330 2.25 -49.00 44.60
CA SER D 330 2.30 -48.01 43.54
C SER D 330 0.94 -47.39 43.29
N ARG D 331 0.94 -46.09 43.00
CA ARG D 331 -0.27 -45.39 42.59
C ARG D 331 -0.36 -45.16 41.09
N LEU D 332 0.78 -45.14 40.40
CA LEU D 332 0.85 -44.90 38.97
C LEU D 332 0.99 -46.19 38.15
N GLY D 333 1.36 -47.31 38.79
CA GLY D 333 1.52 -48.57 38.08
C GLY D 333 1.18 -49.77 38.90
N ASP D 334 1.46 -50.97 38.39
CA ASP D 334 1.16 -52.18 39.15
C ASP D 334 2.04 -52.24 40.38
N SER D 335 1.46 -52.68 41.50
CA SER D 335 2.22 -52.86 42.72
C SER D 335 2.93 -54.21 42.66
N GLN D 336 3.90 -54.43 43.55
CA GLN D 336 4.76 -55.59 43.39
C GLN D 336 5.24 -56.12 44.73
N LEU D 337 5.54 -57.42 44.75
CA LEU D 337 6.39 -58.06 45.75
C LEU D 337 7.70 -58.38 45.04
N VAL D 338 8.82 -57.89 45.58
CA VAL D 338 10.11 -58.13 44.95
C VAL D 338 11.08 -58.74 45.93
N LYS D 339 12.01 -59.54 45.40
CA LYS D 339 13.07 -60.19 46.17
C LYS D 339 14.36 -59.42 46.00
N LEU D 340 14.98 -59.09 47.12
CA LEU D 340 16.30 -58.47 47.16
C LEU D 340 17.33 -59.57 47.38
N ASN D 341 18.31 -59.66 46.48
CA ASN D 341 19.33 -60.68 46.56
C ASN D 341 20.66 -60.09 46.99
N VAL D 342 21.48 -60.91 47.64
CA VAL D 342 22.81 -60.47 48.05
C VAL D 342 23.73 -60.34 46.85
N ASP D 343 23.63 -61.28 45.91
CA ASP D 343 24.42 -61.24 44.68
C ASP D 343 23.56 -60.64 43.57
N SER D 344 24.18 -59.79 42.75
CA SER D 344 23.51 -59.24 41.59
C SER D 344 23.34 -60.30 40.51
N ASN D 345 22.34 -60.12 39.65
CA ASN D 345 22.15 -61.02 38.53
C ASN D 345 23.05 -60.56 37.39
N GLU D 346 22.88 -61.16 36.21
CA GLU D 346 23.77 -60.88 35.09
C GLU D 346 23.64 -59.46 34.57
N GLN D 347 22.58 -58.75 34.95
CA GLN D 347 22.34 -57.40 34.50
C GLN D 347 22.86 -56.35 35.48
N GLY D 348 23.38 -56.79 36.61
CA GLY D 348 23.79 -55.89 37.65
C GLY D 348 22.70 -55.58 38.65
N SER D 349 21.56 -56.24 38.53
CA SER D 349 20.41 -55.96 39.38
C SER D 349 20.35 -56.94 40.54
N TYR D 350 20.07 -56.39 41.72
CA TYR D 350 19.82 -57.16 42.93
C TYR D 350 18.34 -57.36 43.19
N VAL D 351 17.48 -56.94 42.26
CA VAL D 351 16.03 -56.95 42.44
C VAL D 351 15.39 -57.89 41.43
N VAL D 352 14.54 -58.80 41.90
CA VAL D 352 13.81 -59.72 41.06
C VAL D 352 12.34 -59.70 41.47
N ALA D 353 11.46 -59.48 40.51
CA ALA D 353 10.03 -59.44 40.81
C ALA D 353 9.55 -60.84 41.17
N MET D 354 8.73 -60.93 42.21
CA MET D 354 8.09 -62.17 42.60
C MET D 354 6.65 -62.25 42.11
N GLU D 355 5.84 -61.26 42.48
CA GLU D 355 4.43 -61.19 42.14
C GLU D 355 4.08 -59.79 41.62
N THR D 356 3.01 -59.72 40.84
CA THR D 356 2.52 -58.45 40.31
C THR D 356 1.04 -58.27 40.61
N PHE D 357 0.70 -57.14 41.24
CA PHE D 357 -0.66 -56.82 41.66
C PHE D 357 -1.26 -55.79 40.70
N THR D 358 -2.35 -56.16 40.04
CA THR D 358 -2.95 -55.29 39.03
C THR D 358 -3.37 -53.97 39.66
N ASN D 359 -2.93 -52.87 39.05
CA ASN D 359 -3.37 -51.53 39.41
C ASN D 359 -3.82 -50.81 38.14
N LEU D 360 -5.11 -50.49 38.06
CA LEU D 360 -5.58 -49.71 36.93
C LEU D 360 -5.02 -48.30 36.94
N GLY D 361 -4.36 -47.90 38.02
CA GLY D 361 -3.63 -46.66 38.07
C GLY D 361 -4.53 -45.50 37.74
N PRO D 362 -3.92 -44.35 37.47
CA PRO D 362 -4.68 -43.24 36.91
C PRO D 362 -5.34 -43.66 35.60
N ILE D 363 -6.65 -43.50 35.51
CA ILE D 363 -7.38 -43.75 34.27
C ILE D 363 -7.57 -42.40 33.60
N VAL D 364 -6.68 -42.06 32.66
CA VAL D 364 -6.76 -40.75 32.03
C VAL D 364 -7.97 -40.68 31.09
N ASP D 365 -8.20 -41.73 30.32
CA ASP D 365 -9.31 -41.82 29.38
C ASP D 365 -9.72 -43.28 29.24
N MET D 366 -10.87 -43.50 28.60
CA MET D 366 -11.31 -44.87 28.33
C MET D 366 -12.41 -44.86 27.28
N CYS D 367 -12.56 -46.01 26.60
CA CYS D 367 -13.61 -46.20 25.61
C CYS D 367 -14.20 -47.58 25.75
N VAL D 368 -15.48 -47.70 25.41
CA VAL D 368 -16.20 -48.97 25.44
C VAL D 368 -16.39 -49.46 24.01
N VAL D 369 -15.97 -50.68 23.74
CA VAL D 369 -16.03 -51.27 22.42
C VAL D 369 -16.37 -52.74 22.58
N ASP D 370 -17.29 -53.22 21.73
CA ASP D 370 -17.65 -54.63 21.70
C ASP D 370 -16.71 -55.27 20.68
N LEU D 371 -15.54 -55.71 21.16
CA LEU D 371 -14.53 -56.26 20.25
C LEU D 371 -15.01 -57.54 19.60
N GLU D 372 -15.74 -58.38 20.34
CA GLU D 372 -16.27 -59.62 19.77
C GLU D 372 -17.59 -59.41 19.02
N ARG D 373 -18.08 -58.18 18.92
CA ARG D 373 -19.33 -57.80 18.27
C ARG D 373 -20.56 -58.46 18.92
N GLN D 374 -20.42 -59.05 20.09
CA GLN D 374 -21.51 -59.60 20.89
C GLN D 374 -22.03 -58.47 21.76
N GLY D 375 -23.12 -58.71 22.47
CA GLY D 375 -23.59 -57.64 23.35
C GLY D 375 -22.62 -57.27 24.45
N GLN D 376 -21.57 -58.07 24.60
CA GLN D 376 -20.60 -57.89 25.66
C GLN D 376 -19.75 -56.68 25.36
N GLY D 377 -19.70 -55.76 26.32
CA GLY D 377 -18.93 -54.53 26.18
C GLY D 377 -17.60 -54.70 26.89
N GLN D 378 -16.53 -54.28 26.23
CA GLN D 378 -15.19 -54.32 26.82
C GLN D 378 -14.72 -52.88 26.96
N LEU D 379 -13.96 -52.62 28.02
CA LEU D 379 -13.49 -51.28 28.35
C LEU D 379 -11.99 -51.26 28.17
N VAL D 380 -11.51 -50.42 27.25
CA VAL D 380 -10.08 -50.21 27.03
C VAL D 380 -9.71 -48.85 27.58
N THR D 381 -8.79 -48.83 28.55
CA THR D 381 -8.49 -47.64 29.31
C THR D 381 -7.04 -47.20 29.08
N CYS D 382 -6.84 -45.88 29.10
CA CYS D 382 -5.51 -45.30 29.20
C CYS D 382 -5.14 -45.24 30.67
N SER D 383 -4.18 -46.06 31.09
CA SER D 383 -3.89 -46.25 32.50
C SER D 383 -2.40 -46.05 32.77
N GLY D 384 -2.11 -45.48 33.93
CA GLY D 384 -0.74 -45.30 34.35
C GLY D 384 -0.14 -43.99 33.89
N ALA D 385 1.12 -43.80 34.26
CA ALA D 385 1.90 -42.66 33.83
C ALA D 385 3.37 -43.06 33.75
N PHE D 386 4.11 -42.34 32.92
CA PHE D 386 5.55 -42.52 32.77
C PHE D 386 5.85 -43.95 32.33
N LYS D 387 6.84 -44.62 32.91
CA LYS D 387 7.22 -45.95 32.46
C LYS D 387 6.08 -46.94 32.65
N GLU D 388 5.18 -46.68 33.58
CA GLU D 388 4.07 -47.57 33.89
C GLU D 388 2.86 -47.38 32.99
N GLY D 389 2.95 -46.52 31.97
CA GLY D 389 1.83 -46.30 31.07
C GLY D 389 1.40 -47.54 30.31
N SER D 390 0.09 -47.76 30.26
CA SER D 390 -0.43 -49.00 29.72
C SER D 390 -1.84 -48.76 29.19
N LEU D 391 -2.25 -49.64 28.30
CA LEU D 391 -3.64 -49.77 27.88
C LEU D 391 -4.17 -50.99 28.62
N ARG D 392 -5.32 -50.87 29.26
CA ARG D 392 -5.90 -51.99 29.97
C ARG D 392 -7.28 -52.29 29.40
N ILE D 393 -7.44 -53.50 28.87
CA ILE D 393 -8.71 -53.96 28.33
C ILE D 393 -9.40 -54.78 29.41
N ILE D 394 -10.62 -54.39 29.74
CA ILE D 394 -11.37 -54.95 30.86
C ILE D 394 -12.69 -55.45 30.30
N ARG D 395 -12.99 -56.71 30.58
CA ARG D 395 -14.21 -57.34 30.12
C ARG D 395 -14.83 -58.02 31.32
N ASN D 396 -16.16 -58.09 31.34
CA ASN D 396 -16.83 -58.78 32.43
C ASN D 396 -16.80 -60.26 32.07
N GLY D 397 -16.35 -61.08 33.01
CA GLY D 397 -16.17 -62.49 32.75
C GLY D 397 -17.43 -63.30 32.90
N ILE D 398 -17.29 -64.60 32.62
CA ILE D 398 -18.39 -65.53 32.78
C ILE D 398 -17.86 -66.84 33.35
N GLN D 408 -16.77 -64.65 40.42
CA GLN D 408 -17.09 -63.45 39.65
C GLN D 408 -15.95 -62.43 39.78
N LYS D 409 -15.36 -62.08 38.65
CA LYS D 409 -14.23 -61.17 38.58
C LYS D 409 -14.22 -60.52 37.19
N LEU D 410 -13.47 -59.44 37.05
CA LEU D 410 -13.26 -58.77 35.77
C LEU D 410 -11.91 -59.23 35.21
N HIS D 411 -11.93 -59.79 33.99
CA HIS D 411 -10.68 -60.22 33.36
C HIS D 411 -10.02 -59.00 32.71
N ILE D 412 -8.76 -58.79 33.06
CA ILE D 412 -8.01 -57.62 32.65
C ILE D 412 -6.78 -58.07 31.88
N ARG D 413 -6.64 -57.56 30.67
CA ARG D 413 -5.44 -57.73 29.85
C ARG D 413 -4.66 -56.42 29.92
N THR D 414 -3.34 -56.51 30.00
CA THR D 414 -2.51 -55.32 30.11
C THR D 414 -1.63 -55.22 28.87
N VAL D 415 -1.67 -54.07 28.22
CA VAL D 415 -0.82 -53.75 27.07
C VAL D 415 0.18 -52.69 27.54
N PRO D 416 1.44 -53.06 27.80
CA PRO D 416 2.42 -52.10 28.33
C PRO D 416 2.87 -51.14 27.23
N LEU D 417 2.91 -49.84 27.57
CA LEU D 417 3.35 -48.81 26.64
C LEU D 417 4.66 -48.14 27.04
N TYR D 418 5.02 -48.16 28.33
CA TYR D 418 6.26 -47.58 28.83
C TYR D 418 6.39 -46.08 28.56
N GLU D 419 5.27 -45.42 28.25
CA GLU D 419 5.20 -43.98 28.16
C GLU D 419 3.79 -43.59 28.62
N SER D 420 3.56 -42.31 28.87
CA SER D 420 2.30 -41.89 29.48
C SER D 420 1.20 -41.88 28.42
N PRO D 421 0.11 -42.64 28.61
CA PRO D 421 -1.03 -42.58 27.69
C PRO D 421 -1.95 -41.47 28.15
N ARG D 422 -2.54 -40.73 27.20
CA ARG D 422 -3.37 -39.59 27.59
C ARG D 422 -4.82 -39.68 27.12
N LYS D 423 -5.07 -39.95 25.84
CA LYS D 423 -6.45 -40.10 25.35
C LYS D 423 -6.51 -41.24 24.35
N ILE D 424 -7.67 -41.89 24.29
CA ILE D 424 -7.87 -43.05 23.43
C ILE D 424 -9.16 -42.89 22.64
N CYS D 425 -9.15 -43.43 21.42
CA CYS D 425 -10.30 -43.36 20.53
C CYS D 425 -10.31 -44.61 19.65
N TYR D 426 -11.49 -45.17 19.47
CA TYR D 426 -11.64 -46.38 18.66
C TYR D 426 -12.16 -46.02 17.28
N GLN D 427 -11.54 -46.60 16.26
CA GLN D 427 -11.87 -46.38 14.86
C GLN D 427 -12.21 -47.75 14.30
N GLU D 428 -13.49 -48.08 14.24
CA GLU D 428 -13.86 -49.41 13.79
C GLU D 428 -13.40 -49.68 12.37
N VAL D 429 -13.54 -48.69 11.48
CA VAL D 429 -13.24 -48.90 10.08
C VAL D 429 -11.85 -49.50 9.89
N SER D 430 -10.91 -49.12 10.75
CA SER D 430 -9.53 -49.60 10.67
C SER D 430 -9.22 -50.67 11.71
N GLN D 431 -10.24 -51.16 12.41
CA GLN D 431 -10.05 -52.19 13.43
C GLN D 431 -8.89 -51.84 14.36
N CYS D 432 -8.81 -50.58 14.76
CA CYS D 432 -7.70 -50.13 15.57
C CYS D 432 -8.12 -48.98 16.47
N PHE D 433 -7.27 -48.70 17.47
CA PHE D 433 -7.45 -47.57 18.36
C PHE D 433 -6.43 -46.49 18.03
N GLY D 434 -6.84 -45.23 18.17
CA GLY D 434 -5.92 -44.11 18.19
C GLY D 434 -5.65 -43.73 19.63
N VAL D 435 -4.37 -43.61 19.99
CA VAL D 435 -3.97 -43.29 21.35
C VAL D 435 -2.97 -42.15 21.33
N LEU D 436 -3.28 -41.09 22.09
CA LEU D 436 -2.37 -39.98 22.29
C LEU D 436 -1.49 -40.28 23.50
N SER D 437 -0.18 -40.04 23.37
CA SER D 437 0.74 -40.40 24.42
C SER D 437 1.88 -39.39 24.46
N SER D 438 2.57 -39.34 25.60
CA SER D 438 3.74 -38.49 25.71
C SER D 438 4.82 -39.18 26.52
N ARG D 439 6.06 -38.98 26.09
CA ARG D 439 7.24 -39.53 26.72
C ARG D 439 8.19 -38.40 27.11
N ILE D 440 9.00 -38.65 28.13
CA ILE D 440 9.91 -37.65 28.65
C ILE D 440 11.26 -37.83 27.95
N GLU D 441 11.76 -36.76 27.34
CA GLU D 441 13.14 -36.70 26.91
C GLU D 441 13.83 -35.60 27.69
N VAL D 442 15.15 -35.65 27.70
CA VAL D 442 15.97 -34.74 28.50
C VAL D 442 16.99 -34.09 27.59
N GLN D 443 17.23 -32.81 27.84
CA GLN D 443 18.19 -32.05 27.04
C GLN D 443 19.58 -32.68 27.12
N ASP D 444 20.07 -33.16 25.97
CA ASP D 444 21.36 -33.82 25.89
C ASP D 444 22.44 -32.88 25.40
N THR D 445 23.68 -33.38 25.38
CA THR D 445 24.81 -32.56 24.96
C THR D 445 24.80 -32.25 23.47
N SER D 446 24.08 -33.02 22.67
CA SER D 446 24.00 -32.75 21.25
C SER D 446 23.25 -31.46 20.94
N GLY D 447 22.52 -30.93 21.92
CA GLY D 447 21.63 -29.82 21.70
C GLY D 447 20.18 -30.22 21.52
N GLY D 448 19.93 -31.50 21.26
CA GLY D 448 18.59 -32.04 21.16
C GLY D 448 18.11 -32.64 22.47
N THR D 449 17.40 -33.76 22.36
CA THR D 449 16.89 -34.48 23.51
C THR D 449 17.09 -35.98 23.30
N THR D 450 17.08 -36.70 24.42
CA THR D 450 17.28 -38.15 24.44
C THR D 450 16.25 -38.80 25.35
N ALA D 451 15.67 -39.90 24.88
CA ALA D 451 14.65 -40.61 25.63
C ALA D 451 15.26 -41.45 26.75
N LEU D 452 14.63 -41.40 27.93
CA LEU D 452 15.19 -42.11 29.08
C LEU D 452 15.15 -43.62 28.88
N ARG D 453 14.10 -44.12 28.24
CA ARG D 453 13.90 -45.53 28.03
C ARG D 453 13.14 -45.73 26.73
N PRO D 454 13.35 -46.85 26.05
CA PRO D 454 12.56 -47.13 24.85
C PRO D 454 11.10 -47.35 25.23
N SER D 455 10.21 -46.91 24.35
CA SER D 455 8.78 -47.00 24.64
C SER D 455 8.00 -47.04 23.35
N ALA D 456 6.67 -47.14 23.49
CA ALA D 456 5.80 -47.47 22.36
C ALA D 456 6.06 -46.58 21.15
N SER D 457 6.21 -45.27 21.37
CA SER D 457 6.34 -44.35 20.25
C SER D 457 7.69 -44.49 19.56
N THR D 458 8.70 -44.98 20.28
CA THR D 458 10.04 -45.12 19.73
C THR D 458 10.27 -46.49 19.12
N GLN D 459 9.45 -47.47 19.49
CA GLN D 459 9.60 -48.85 19.03
C GLN D 459 8.50 -49.20 18.04
N ALA D 460 7.80 -48.18 17.53
CA ALA D 460 6.72 -48.41 16.58
C ALA D 460 7.25 -48.92 15.25
N LEU D 461 6.43 -49.74 14.60
CA LEU D 461 6.80 -50.31 13.31
C LEU D 461 6.98 -49.22 12.25
N SER D 462 5.96 -48.41 12.04
CA SER D 462 6.04 -47.26 11.15
C SER D 462 6.02 -46.00 12.01
N SER D 463 6.75 -44.97 11.57
CA SER D 463 6.86 -43.75 12.35
C SER D 463 6.87 -42.55 11.43
N SER D 464 6.49 -41.40 11.98
CA SER D 464 6.46 -40.16 11.23
C SER D 464 6.61 -38.98 12.17
N VAL D 465 7.14 -37.88 11.66
CA VAL D 465 7.30 -36.65 12.42
C VAL D 465 6.64 -35.53 11.62
N SER D 466 5.86 -34.70 12.29
CA SER D 466 5.17 -33.62 11.62
C SER D 466 6.18 -32.62 11.09
N SER D 467 5.96 -32.17 9.85
CA SER D 467 6.79 -31.14 9.23
C SER D 467 6.07 -29.82 9.09
N SER D 468 4.92 -29.65 9.75
CA SER D 468 4.11 -28.45 9.58
C SER D 468 4.97 -27.22 9.90
N LYS D 469 4.83 -26.19 9.07
CA LYS D 469 5.57 -24.95 9.25
C LYS D 469 4.65 -23.82 9.68
N LEU D 470 3.43 -24.14 10.13
CA LEU D 470 2.46 -23.12 10.47
C LEU D 470 2.99 -22.18 11.56
N PHE D 471 3.64 -22.73 12.58
CA PHE D 471 4.19 -21.90 13.62
C PHE D 471 5.58 -21.39 13.29
N SER D 472 6.23 -21.98 12.31
CA SER D 472 7.50 -21.51 11.74
C SER D 472 8.46 -21.10 12.84
N SER D 473 9.40 -20.22 12.50
CA SER D 473 10.32 -19.60 13.44
C SER D 473 9.76 -18.29 14.00
N SER D 474 8.51 -17.98 13.70
CA SER D 474 7.86 -16.78 14.23
C SER D 474 8.03 -16.71 15.74
N THR D 475 7.68 -17.79 16.44
CA THR D 475 7.87 -17.84 17.89
C THR D 475 9.37 -17.87 18.19
N ALA D 476 9.83 -16.94 19.02
CA ALA D 476 11.23 -16.89 19.39
C ALA D 476 11.61 -18.16 20.18
N PRO D 477 12.82 -18.69 19.97
CA PRO D 477 13.22 -19.92 20.69
C PRO D 477 13.60 -19.60 22.12
N HIS D 478 13.23 -20.50 23.02
CA HIS D 478 13.45 -20.32 24.44
C HIS D 478 14.70 -21.06 24.90
N GLU D 479 15.30 -20.56 25.97
CA GLU D 479 16.60 -21.06 26.38
C GLU D 479 16.43 -22.48 26.92
N THR D 480 17.35 -23.36 26.54
CA THR D 480 17.33 -24.76 26.94
C THR D 480 18.61 -25.07 27.71
N SER D 481 18.45 -25.65 28.90
CA SER D 481 19.56 -26.02 29.76
C SER D 481 19.68 -27.54 29.81
N PHE D 482 20.91 -28.04 29.77
CA PHE D 482 21.13 -29.48 29.79
C PHE D 482 20.49 -30.08 31.05
N GLY D 483 19.83 -31.23 30.88
CA GLY D 483 19.21 -31.92 31.97
C GLY D 483 17.74 -31.63 32.17
N GLU D 484 17.23 -30.56 31.56
CA GLU D 484 15.81 -30.27 31.71
C GLU D 484 14.97 -31.30 30.96
N GLU D 485 13.81 -31.62 31.55
CA GLU D 485 12.89 -32.57 30.96
C GLU D 485 11.98 -31.82 29.97
N VAL D 486 11.55 -32.55 28.93
CA VAL D 486 10.54 -32.04 28.01
C VAL D 486 9.63 -33.20 27.63
N GLU D 487 8.40 -32.88 27.28
CA GLU D 487 7.44 -33.88 26.84
C GLU D 487 7.43 -33.93 25.32
N VAL D 488 7.36 -35.14 24.78
CA VAL D 488 7.22 -35.37 23.35
C VAL D 488 5.93 -36.14 23.13
N HIS D 489 5.04 -35.58 22.33
CA HIS D 489 3.71 -36.14 22.15
C HIS D 489 3.60 -36.86 20.81
N ASN D 490 2.86 -37.96 20.81
CA ASN D 490 2.71 -38.81 19.63
C ASN D 490 1.26 -39.26 19.49
N LEU D 491 0.90 -39.59 18.26
CA LEU D 491 -0.34 -40.33 17.99
C LEU D 491 0.07 -41.77 17.72
N LEU D 492 -0.49 -42.70 18.49
CA LEU D 492 -0.23 -44.12 18.29
C LEU D 492 -1.43 -44.77 17.62
N ILE D 493 -1.17 -45.57 16.61
CA ILE D 493 -2.18 -46.38 15.97
C ILE D 493 -1.94 -47.82 16.44
N ILE D 494 -2.97 -48.42 17.04
CA ILE D 494 -2.85 -49.70 17.74
C ILE D 494 -3.92 -50.68 17.26
N ASP D 495 -3.48 -51.89 16.90
CA ASP D 495 -4.40 -52.91 16.40
C ASP D 495 -5.35 -53.38 17.50
N GLN D 496 -6.63 -53.55 17.13
CA GLN D 496 -7.65 -53.80 18.14
C GLN D 496 -7.61 -55.22 18.70
N HIS D 497 -6.93 -56.15 18.04
CA HIS D 497 -6.80 -57.51 18.54
C HIS D 497 -5.41 -57.82 19.08
N THR D 498 -4.38 -57.54 18.31
CA THR D 498 -3.01 -57.81 18.74
C THR D 498 -2.51 -56.73 19.69
N PHE D 499 -3.04 -55.51 19.57
CA PHE D 499 -2.57 -54.36 20.33
C PHE D 499 -1.09 -54.10 20.04
N GLU D 500 -0.75 -54.18 18.76
CA GLU D 500 0.59 -53.90 18.28
C GLU D 500 0.60 -52.48 17.76
N VAL D 501 1.66 -51.74 18.07
CA VAL D 501 1.76 -50.36 17.62
C VAL D 501 2.12 -50.36 16.14
N LEU D 502 1.17 -49.96 15.31
CA LEU D 502 1.33 -50.02 13.87
C LEU D 502 2.05 -48.79 13.35
N HIS D 503 1.75 -47.64 13.92
CA HIS D 503 2.33 -46.39 13.49
C HIS D 503 2.41 -45.44 14.67
N ALA D 504 3.40 -44.56 14.65
CA ALA D 504 3.55 -43.52 15.66
C ALA D 504 3.93 -42.24 14.95
N HIS D 505 3.20 -41.16 15.22
CA HIS D 505 3.42 -39.85 14.63
C HIS D 505 3.88 -38.90 15.72
N GLN D 506 5.12 -38.41 15.61
CA GLN D 506 5.64 -37.45 16.58
C GLN D 506 5.19 -36.04 16.19
N PHE D 507 4.61 -35.32 17.15
CA PHE D 507 4.17 -33.97 16.87
C PHE D 507 5.34 -32.99 16.97
N LEU D 508 5.07 -31.73 16.63
CA LEU D 508 6.13 -30.74 16.57
C LEU D 508 6.72 -30.50 17.96
N GLN D 509 7.91 -29.91 17.96
CA GLN D 509 8.59 -29.63 19.21
C GLN D 509 7.76 -28.68 20.08
N ASN D 510 7.61 -29.05 21.35
CA ASN D 510 6.84 -28.27 22.32
C ASN D 510 5.35 -28.22 21.97
N GLU D 511 4.87 -29.21 21.25
CA GLU D 511 3.47 -29.34 20.89
C GLU D 511 2.84 -30.43 21.75
N TYR D 512 1.76 -30.10 22.46
CA TYR D 512 1.04 -31.06 23.26
C TYR D 512 -0.26 -31.48 22.57
N ALA D 513 -0.51 -32.80 22.56
CA ALA D 513 -1.73 -33.36 22.03
C ALA D 513 -2.74 -33.47 23.17
N LEU D 514 -3.87 -32.79 23.03
CA LEU D 514 -4.85 -32.71 24.11
C LEU D 514 -6.17 -33.42 23.82
N SER D 515 -6.56 -33.55 22.55
CA SER D 515 -7.87 -34.08 22.24
C SER D 515 -7.80 -34.93 20.98
N LEU D 516 -8.67 -35.95 20.93
CA LEU D 516 -8.64 -36.93 19.85
C LEU D 516 -10.05 -37.39 19.54
N VAL D 517 -10.38 -37.45 18.25
CA VAL D 517 -11.65 -38.01 17.79
C VAL D 517 -11.43 -38.88 16.55
N SER D 518 -12.35 -39.83 16.37
CA SER D 518 -12.46 -40.64 15.16
C SER D 518 -13.86 -40.47 14.61
N CYS D 519 -13.98 -40.01 13.37
CA CYS D 519 -15.31 -39.76 12.83
C CYS D 519 -15.24 -39.52 11.33
N LYS D 520 -16.41 -39.56 10.71
CA LYS D 520 -16.62 -39.08 9.35
C LYS D 520 -17.17 -37.66 9.44
N LEU D 521 -16.81 -36.81 8.49
CA LEU D 521 -17.30 -35.44 8.47
C LEU D 521 -17.91 -35.07 7.13
N GLY D 522 -18.89 -34.19 7.18
CA GLY D 522 -19.48 -33.64 5.97
C GLY D 522 -19.94 -34.71 5.02
N LYS D 523 -19.60 -34.52 3.74
CA LYS D 523 -19.90 -35.47 2.69
C LYS D 523 -18.71 -36.35 2.36
N ASP D 524 -17.69 -36.36 3.23
CA ASP D 524 -16.51 -37.20 3.06
C ASP D 524 -16.76 -38.57 3.67
N PRO D 525 -16.78 -39.66 2.88
CA PRO D 525 -17.01 -40.99 3.48
C PRO D 525 -15.80 -41.51 4.24
N ASN D 526 -14.63 -40.89 4.07
CA ASN D 526 -13.43 -41.35 4.75
C ASN D 526 -13.53 -41.09 6.24
N THR D 527 -13.04 -42.04 7.03
CA THR D 527 -13.01 -41.92 8.49
C THR D 527 -11.61 -41.52 8.93
N TYR D 528 -11.51 -40.40 9.64
CA TYR D 528 -10.24 -39.82 10.01
C TYR D 528 -10.03 -39.85 11.52
N PHE D 529 -8.77 -39.75 11.92
CA PHE D 529 -8.35 -39.41 13.28
C PHE D 529 -8.02 -37.92 13.32
N ILE D 530 -8.62 -37.19 14.25
CA ILE D 530 -8.36 -35.76 14.39
C ILE D 530 -7.80 -35.52 15.77
N VAL D 531 -6.73 -34.74 15.83
CA VAL D 531 -6.02 -34.46 17.07
C VAL D 531 -6.07 -32.95 17.30
N GLY D 532 -6.41 -32.54 18.46
CA GLY D 532 -6.35 -31.13 18.85
C GLY D 532 -5.11 -30.91 19.69
N THR D 533 -4.29 -29.97 19.26
CA THR D 533 -2.98 -29.78 19.85
C THR D 533 -2.90 -28.38 20.45
N ALA D 534 -1.86 -28.14 21.24
CA ALA D 534 -1.59 -26.83 21.80
C ALA D 534 -0.09 -26.67 21.88
N MET D 535 0.38 -25.44 21.66
CA MET D 535 1.80 -25.13 21.79
C MET D 535 2.09 -24.66 23.21
N VAL D 536 2.96 -25.39 23.89
CA VAL D 536 3.24 -25.19 25.30
C VAL D 536 4.64 -24.61 25.37
N TYR D 537 4.74 -23.36 25.81
CA TYR D 537 6.00 -22.74 26.12
C TYR D 537 6.00 -22.37 27.60
N PRO D 538 7.10 -22.65 28.30
CA PRO D 538 7.07 -22.45 29.77
C PRO D 538 6.69 -21.06 30.22
N GLU D 539 6.99 -20.03 29.42
CA GLU D 539 6.72 -18.67 29.85
C GLU D 539 5.25 -18.31 29.82
N GLU D 540 4.47 -18.92 28.94
CA GLU D 540 3.09 -18.48 28.73
C GLU D 540 2.20 -19.14 29.76
N ALA D 541 1.28 -18.36 30.31
CA ALA D 541 0.31 -18.91 31.26
C ALA D 541 -0.73 -19.78 30.58
N GLU D 542 -1.36 -19.27 29.54
CA GLU D 542 -2.30 -20.04 28.77
C GLU D 542 -1.74 -20.12 27.35
N PRO D 543 -1.81 -21.29 26.70
CA PRO D 543 -1.23 -21.39 25.35
C PRO D 543 -1.91 -20.42 24.40
N LYS D 544 -1.13 -19.78 23.55
CA LYS D 544 -1.67 -18.84 22.58
C LYS D 544 -1.61 -19.38 21.16
N GLN D 545 -1.09 -20.59 20.95
CA GLN D 545 -1.03 -21.19 19.63
C GLN D 545 -1.42 -22.66 19.71
N GLY D 546 -2.05 -23.15 18.64
CA GLY D 546 -2.46 -24.54 18.56
C GLY D 546 -2.88 -24.93 17.17
N ARG D 547 -2.95 -26.24 16.94
CA ARG D 547 -3.28 -26.80 15.64
C ARG D 547 -4.30 -27.92 15.79
N ILE D 548 -5.21 -28.03 14.82
CA ILE D 548 -6.10 -29.17 14.67
C ILE D 548 -5.65 -29.94 13.44
N VAL D 549 -5.22 -31.19 13.62
CA VAL D 549 -4.67 -31.98 12.52
C VAL D 549 -5.59 -33.17 12.23
N VAL D 550 -5.83 -33.41 10.93
CA VAL D 550 -6.68 -34.50 10.47
C VAL D 550 -5.78 -35.55 9.82
N PHE D 551 -5.87 -36.78 10.32
CA PHE D 551 -5.04 -37.90 9.85
C PHE D 551 -5.97 -38.97 9.29
N GLN D 552 -5.53 -39.64 8.22
CA GLN D 552 -6.23 -40.80 7.69
C GLN D 552 -5.32 -42.01 7.80
N TYR D 553 -5.74 -43.05 8.53
CA TYR D 553 -5.00 -44.30 8.54
C TYR D 553 -5.63 -45.23 7.50
N SER D 554 -4.88 -45.54 6.44
CA SER D 554 -5.38 -46.40 5.38
C SER D 554 -4.19 -47.15 4.78
N ASP D 555 -4.36 -48.45 4.59
CA ASP D 555 -3.34 -49.31 3.98
C ASP D 555 -2.00 -49.21 4.72
N GLY D 556 -2.06 -49.29 6.04
CA GLY D 556 -0.86 -49.38 6.82
C GLY D 556 -0.07 -48.09 6.99
N LYS D 557 -0.53 -46.99 6.42
CA LYS D 557 0.18 -45.72 6.45
C LYS D 557 -0.75 -44.62 6.93
N LEU D 558 -0.19 -43.68 7.70
CA LEU D 558 -0.94 -42.56 8.24
C LEU D 558 -0.64 -41.32 7.40
N GLN D 559 -1.68 -40.67 6.89
CA GLN D 559 -1.50 -39.54 5.99
C GLN D 559 -2.22 -38.33 6.57
N THR D 560 -1.49 -37.22 6.68
CA THR D 560 -2.06 -35.99 7.19
C THR D 560 -2.97 -35.39 6.14
N VAL D 561 -4.24 -35.22 6.45
CA VAL D 561 -5.17 -34.75 5.44
C VAL D 561 -5.30 -33.23 5.44
N ALA D 562 -5.39 -32.61 6.61
CA ALA D 562 -5.47 -31.16 6.67
C ALA D 562 -5.08 -30.69 8.07
N GLU D 563 -4.67 -29.43 8.16
CA GLU D 563 -4.30 -28.79 9.42
C GLU D 563 -4.93 -27.41 9.50
N LYS D 564 -5.45 -27.08 10.67
CA LYS D 564 -6.09 -25.79 10.93
C LYS D 564 -5.42 -25.14 12.12
N GLU D 565 -4.94 -23.91 11.94
CA GLU D 565 -4.29 -23.17 13.01
C GLU D 565 -5.36 -22.48 13.85
N VAL D 566 -5.22 -22.59 15.17
CA VAL D 566 -6.06 -21.89 16.14
C VAL D 566 -5.13 -21.19 17.13
N LYS D 567 -5.67 -20.19 17.80
CA LYS D 567 -4.87 -19.33 18.68
C LYS D 567 -5.04 -19.73 20.15
N GLY D 568 -4.88 -21.02 20.44
CA GLY D 568 -5.05 -21.49 21.81
C GLY D 568 -4.97 -23.00 21.86
N ALA D 569 -5.32 -23.54 23.03
CA ALA D 569 -5.22 -24.98 23.26
C ALA D 569 -6.54 -25.64 22.91
N VAL D 570 -6.47 -26.70 22.12
CA VAL D 570 -7.67 -27.46 21.74
C VAL D 570 -7.90 -28.51 22.83
N TYR D 571 -8.58 -28.09 23.89
CA TYR D 571 -8.77 -28.96 25.04
C TYR D 571 -9.72 -30.12 24.74
N SER D 572 -10.73 -29.92 23.88
CA SER D 572 -11.75 -30.93 23.66
C SER D 572 -12.34 -30.85 22.25
N MET D 573 -12.63 -32.02 21.67
CA MET D 573 -13.33 -32.11 20.38
C MET D 573 -14.39 -33.20 20.47
N VAL D 574 -15.44 -33.06 19.66
CA VAL D 574 -16.52 -34.05 19.60
C VAL D 574 -17.23 -33.86 18.27
N GLU D 575 -17.60 -34.98 17.63
CA GLU D 575 -18.35 -34.88 16.39
C GLU D 575 -19.79 -34.44 16.65
N PHE D 576 -20.27 -33.49 15.84
CA PHE D 576 -21.58 -32.83 16.00
C PHE D 576 -22.27 -32.85 14.65
N ASN D 577 -23.10 -33.88 14.41
CA ASN D 577 -23.96 -33.90 13.22
C ASN D 577 -23.15 -33.56 11.97
N GLY D 578 -22.09 -34.34 11.78
CA GLY D 578 -21.23 -34.22 10.62
C GLY D 578 -20.25 -33.08 10.67
N LYS D 579 -20.24 -32.30 11.74
CA LYS D 579 -19.37 -31.15 11.90
C LYS D 579 -18.48 -31.39 13.11
N LEU D 580 -17.37 -30.67 13.16
CA LEU D 580 -16.38 -30.83 14.22
C LEU D 580 -16.58 -29.72 15.25
N LEU D 581 -16.92 -30.10 16.48
CA LEU D 581 -17.08 -29.18 17.59
C LEU D 581 -15.81 -29.20 18.42
N ALA D 582 -15.11 -28.07 18.48
CA ALA D 582 -13.83 -27.99 19.16
C ALA D 582 -13.83 -26.81 20.13
N SER D 583 -13.18 -27.01 21.27
CA SER D 583 -13.04 -25.98 22.29
C SER D 583 -11.60 -25.49 22.30
N ILE D 584 -11.40 -24.20 22.04
CA ILE D 584 -10.09 -23.54 22.04
C ILE D 584 -10.13 -22.50 23.17
N ASN D 585 -9.47 -22.80 24.30
CA ASN D 585 -9.44 -21.91 25.45
C ASN D 585 -10.86 -21.55 25.86
N SER D 586 -11.22 -20.26 25.84
CA SER D 586 -12.58 -19.86 26.18
C SER D 586 -13.59 -20.17 25.06
N THR D 587 -13.16 -20.12 23.81
CA THR D 587 -14.06 -20.21 22.66
C THR D 587 -14.50 -21.65 22.39
N VAL D 588 -15.78 -21.82 22.05
CA VAL D 588 -16.32 -23.08 21.53
C VAL D 588 -16.75 -22.87 20.09
N ARG D 589 -16.11 -23.59 19.15
CA ARG D 589 -16.34 -23.39 17.74
C ARG D 589 -16.90 -24.64 17.08
N LEU D 590 -17.69 -24.44 16.02
CA LEU D 590 -18.16 -25.51 15.16
C LEU D 590 -17.54 -25.33 13.77
N TYR D 591 -16.85 -26.35 13.28
CA TYR D 591 -16.16 -26.32 12.00
C TYR D 591 -16.94 -27.17 11.01
N GLU D 592 -16.98 -26.75 9.75
CA GLU D 592 -17.57 -27.52 8.67
C GLU D 592 -16.44 -28.09 7.82
N TRP D 593 -16.63 -29.31 7.32
CA TRP D 593 -15.64 -29.98 6.48
C TRP D 593 -15.99 -29.70 5.03
N THR D 594 -15.12 -28.96 4.34
CA THR D 594 -15.45 -28.53 3.00
C THR D 594 -15.20 -29.67 2.02
N THR D 595 -15.68 -29.49 0.80
CA THR D 595 -15.37 -30.43 -0.27
C THR D 595 -13.89 -30.36 -0.67
N GLU D 596 -13.16 -29.31 -0.28
CA GLU D 596 -11.73 -29.26 -0.50
C GLU D 596 -10.93 -29.89 0.65
N LYS D 597 -11.61 -30.62 1.53
CA LYS D 597 -10.97 -31.33 2.64
C LYS D 597 -10.16 -30.38 3.53
N GLU D 598 -10.80 -29.28 3.94
CA GLU D 598 -10.23 -28.33 4.88
C GLU D 598 -11.34 -27.90 5.82
N LEU D 599 -10.98 -27.56 7.07
CA LEU D 599 -11.98 -27.14 8.04
C LEU D 599 -12.29 -25.65 7.89
N ARG D 600 -13.56 -25.30 8.02
CA ARG D 600 -14.05 -23.93 7.87
C ARG D 600 -14.91 -23.59 9.08
N THR D 601 -14.59 -22.48 9.73
CA THR D 601 -15.34 -22.03 10.90
C THR D 601 -16.76 -21.69 10.49
N GLU D 602 -17.74 -22.13 11.29
CA GLU D 602 -19.13 -21.77 11.06
C GLU D 602 -19.62 -20.75 12.07
N CYS D 603 -19.64 -21.11 13.35
CA CYS D 603 -20.09 -20.23 14.41
C CYS D 603 -19.23 -20.45 15.65
N ASN D 604 -19.24 -19.46 16.53
CA ASN D 604 -18.42 -19.46 17.73
C ASN D 604 -19.26 -19.11 18.96
N HIS D 605 -18.87 -19.64 20.11
CA HIS D 605 -19.41 -19.25 21.40
C HIS D 605 -18.25 -18.88 22.32
N TYR D 606 -18.34 -17.73 23.00
CA TYR D 606 -17.19 -17.24 23.74
C TYR D 606 -17.39 -17.04 25.25
N ASN D 607 -18.57 -17.30 25.81
CA ASN D 607 -18.79 -16.99 27.22
C ASN D 607 -18.32 -18.14 28.14
N ASN D 608 -17.01 -18.39 28.09
CA ASN D 608 -16.40 -19.40 28.95
C ASN D 608 -15.06 -18.89 29.46
N ILE D 609 -14.78 -19.19 30.73
CA ILE D 609 -13.45 -18.94 31.27
C ILE D 609 -12.45 -19.91 30.66
N MET D 610 -12.75 -21.20 30.72
CA MET D 610 -11.96 -22.22 30.06
C MET D 610 -12.84 -23.43 29.73
N ALA D 611 -13.03 -23.70 28.44
CA ALA D 611 -13.91 -24.76 27.96
C ALA D 611 -13.14 -26.07 27.90
N LEU D 612 -13.09 -26.78 29.03
CA LEU D 612 -12.27 -27.98 29.15
C LEU D 612 -12.96 -29.21 28.57
N TYR D 613 -14.28 -29.31 28.75
CA TYR D 613 -15.00 -30.53 28.42
C TYR D 613 -16.23 -30.29 27.56
N LEU D 614 -16.45 -31.20 26.61
CA LEU D 614 -17.56 -31.12 25.67
C LEU D 614 -18.26 -32.47 25.58
N LYS D 615 -19.59 -32.42 25.52
CA LYS D 615 -20.43 -33.61 25.33
C LYS D 615 -21.64 -33.14 24.55
N THR D 616 -22.16 -33.99 23.66
CA THR D 616 -23.26 -33.61 22.79
C THR D 616 -24.38 -34.65 22.80
N LYS D 617 -25.62 -34.16 22.68
CA LYS D 617 -26.78 -35.01 22.39
C LYS D 617 -27.67 -34.23 21.42
N GLY D 618 -27.75 -34.69 20.17
CA GLY D 618 -28.56 -33.98 19.19
C GLY D 618 -27.94 -32.64 18.81
N ASP D 619 -28.75 -31.60 18.80
CA ASP D 619 -28.26 -30.25 18.55
C ASP D 619 -27.90 -29.52 19.85
N PHE D 620 -27.82 -30.24 20.96
CA PHE D 620 -27.47 -29.71 22.28
C PHE D 620 -26.01 -30.02 22.62
N ILE D 621 -25.37 -29.10 23.33
CA ILE D 621 -23.98 -29.24 23.74
C ILE D 621 -23.85 -28.93 25.23
N LEU D 622 -23.15 -29.79 25.95
CA LEU D 622 -22.85 -29.56 27.37
C LEU D 622 -21.36 -29.23 27.49
N VAL D 623 -21.06 -27.99 27.87
CA VAL D 623 -19.70 -27.50 27.97
C VAL D 623 -19.36 -27.43 29.44
N GLY D 624 -18.19 -27.95 29.80
CA GLY D 624 -17.68 -27.93 31.16
C GLY D 624 -16.57 -26.89 31.27
N ASP D 625 -16.73 -25.98 32.21
CA ASP D 625 -15.79 -24.89 32.39
C ASP D 625 -14.86 -25.27 33.53
N LEU D 626 -13.72 -24.60 33.59
CA LEU D 626 -12.81 -24.85 34.69
C LEU D 626 -13.43 -24.47 36.03
N MET D 627 -14.12 -23.33 36.10
CA MET D 627 -14.72 -22.89 37.35
C MET D 627 -16.18 -22.48 37.24
N ARG D 628 -16.74 -22.37 36.04
CA ARG D 628 -18.10 -21.91 35.85
C ARG D 628 -19.11 -23.06 35.73
N SER D 629 -18.77 -24.24 36.22
CA SER D 629 -19.67 -25.41 36.22
C SER D 629 -19.94 -25.82 34.79
N VAL D 630 -21.19 -26.02 34.39
CA VAL D 630 -21.54 -26.53 33.08
C VAL D 630 -22.56 -25.62 32.43
N LEU D 631 -22.52 -25.61 31.10
CA LEU D 631 -23.41 -24.80 30.28
C LEU D 631 -24.08 -25.69 29.26
N LEU D 632 -25.37 -25.45 29.01
CA LEU D 632 -26.11 -26.16 27.97
C LEU D 632 -26.22 -25.22 26.78
N LEU D 633 -25.44 -25.50 25.74
CA LEU D 633 -25.56 -24.77 24.50
C LEU D 633 -26.52 -25.53 23.59
N ALA D 634 -27.06 -24.82 22.60
CA ALA D 634 -27.84 -25.47 21.57
C ALA D 634 -27.48 -24.82 20.25
N TYR D 635 -27.25 -25.66 19.26
CA TYR D 635 -27.04 -25.21 17.90
C TYR D 635 -28.40 -24.91 17.29
N LYS D 636 -28.56 -23.70 16.77
CA LYS D 636 -29.81 -23.38 16.12
C LYS D 636 -29.57 -23.44 14.62
N PRO D 637 -29.92 -24.55 13.95
CA PRO D 637 -29.51 -24.69 12.55
C PRO D 637 -30.12 -23.61 11.66
N MET D 638 -31.32 -23.13 11.99
CA MET D 638 -31.92 -22.11 11.12
C MET D 638 -31.03 -20.88 11.00
N GLU D 639 -30.34 -20.49 12.08
CA GLU D 639 -29.51 -19.30 12.03
C GLU D 639 -28.04 -19.59 11.83
N GLY D 640 -27.60 -20.82 12.09
CA GLY D 640 -26.20 -21.15 11.95
C GLY D 640 -25.34 -20.56 13.05
N ASN D 641 -25.76 -20.70 14.30
CA ASN D 641 -25.03 -20.16 15.44
C ASN D 641 -25.50 -20.88 16.69
N PHE D 642 -24.87 -20.55 17.81
CA PHE D 642 -25.20 -21.14 19.09
C PHE D 642 -26.16 -20.24 19.86
N GLU D 643 -26.94 -20.83 20.75
CA GLU D 643 -27.77 -20.10 21.70
C GLU D 643 -27.55 -20.70 23.08
N GLU D 644 -27.41 -19.83 24.09
CA GLU D 644 -27.21 -20.28 25.46
C GLU D 644 -28.56 -20.68 26.05
N ILE D 645 -28.71 -21.96 26.38
CA ILE D 645 -29.98 -22.43 26.92
C ILE D 645 -30.06 -22.19 28.43
N ALA D 646 -29.07 -22.69 29.18
CA ALA D 646 -29.08 -22.55 30.64
C ALA D 646 -27.72 -22.95 31.20
N ARG D 647 -27.34 -22.34 32.32
CA ARG D 647 -26.06 -22.59 32.96
C ARG D 647 -26.22 -22.91 34.43
N ASP D 648 -25.33 -23.74 34.98
CA ASP D 648 -25.29 -23.95 36.42
C ASP D 648 -24.44 -22.83 37.00
N PHE D 649 -25.09 -21.84 37.60
CA PHE D 649 -24.34 -20.68 38.05
C PHE D 649 -23.46 -21.00 39.24
N ASN D 650 -23.86 -21.95 40.09
CA ASN D 650 -23.05 -22.27 41.25
C ASN D 650 -21.64 -22.64 40.79
N PRO D 651 -20.59 -22.12 41.42
CA PRO D 651 -19.23 -22.37 40.92
C PRO D 651 -18.74 -23.75 41.33
N ASN D 652 -18.24 -24.50 40.35
CA ASN D 652 -17.62 -25.79 40.60
C ASN D 652 -16.38 -25.91 39.74
N TRP D 653 -15.35 -26.56 40.27
CA TRP D 653 -14.18 -26.95 39.48
C TRP D 653 -14.49 -28.30 38.85
N MET D 654 -14.61 -28.32 37.52
CA MET D 654 -15.09 -29.51 36.85
C MET D 654 -13.91 -30.40 36.46
N SER D 655 -14.10 -31.71 36.62
CA SER D 655 -13.14 -32.70 36.19
C SER D 655 -13.65 -33.56 35.04
N ALA D 656 -14.97 -33.67 34.88
CA ALA D 656 -15.59 -34.40 33.78
C ALA D 656 -17.09 -34.12 33.83
N VAL D 657 -17.71 -34.16 32.66
CA VAL D 657 -19.14 -33.95 32.53
C VAL D 657 -19.72 -35.06 31.66
N GLU D 658 -21.04 -35.21 31.72
CA GLU D 658 -21.73 -36.18 30.86
C GLU D 658 -23.20 -35.78 30.77
N ILE D 659 -23.80 -36.08 29.62
CA ILE D 659 -25.21 -35.86 29.40
C ILE D 659 -25.92 -37.17 29.73
N LEU D 660 -26.88 -37.12 30.65
CA LEU D 660 -27.64 -38.30 31.00
C LEU D 660 -28.83 -38.49 30.06
N ASP D 661 -29.58 -37.41 29.83
CA ASP D 661 -30.72 -37.40 28.91
C ASP D 661 -30.98 -35.94 28.54
N ASP D 662 -32.06 -35.70 27.82
CA ASP D 662 -32.30 -34.36 27.28
C ASP D 662 -32.44 -33.30 28.37
N ASP D 663 -32.70 -33.70 29.62
CA ASP D 663 -32.91 -32.75 30.70
C ASP D 663 -31.87 -32.82 31.81
N ASN D 664 -31.20 -33.97 31.99
CA ASN D 664 -30.26 -34.15 33.09
C ASN D 664 -28.82 -34.13 32.60
N PHE D 665 -27.94 -33.52 33.40
CA PHE D 665 -26.54 -33.37 33.09
C PHE D 665 -25.75 -33.76 34.34
N LEU D 666 -24.74 -34.59 34.15
CA LEU D 666 -23.93 -35.12 35.24
C LEU D 666 -22.54 -34.52 35.23
N GLY D 667 -22.03 -34.19 36.41
CA GLY D 667 -20.73 -33.55 36.54
C GLY D 667 -19.93 -34.11 37.70
N ALA D 668 -18.61 -33.92 37.60
CA ALA D 668 -17.67 -34.37 38.62
C ALA D 668 -16.79 -33.19 39.02
N GLU D 669 -16.66 -32.97 40.31
CA GLU D 669 -15.93 -31.83 40.84
C GLU D 669 -14.58 -32.28 41.37
N ASN D 670 -13.63 -31.34 41.44
CA ASN D 670 -12.31 -31.65 41.97
C ASN D 670 -12.34 -31.96 43.45
N ALA D 671 -13.51 -31.84 44.08
CA ALA D 671 -13.69 -32.14 45.49
C ALA D 671 -14.13 -33.58 45.72
N PHE D 672 -13.97 -34.45 44.71
CA PHE D 672 -14.41 -35.83 44.82
C PHE D 672 -15.93 -35.88 44.97
N ASN D 673 -16.60 -34.96 44.30
CA ASN D 673 -18.05 -34.84 44.38
C ASN D 673 -18.69 -35.03 43.00
N LEU D 674 -19.92 -35.52 43.02
CA LEU D 674 -20.74 -35.67 41.82
C LEU D 674 -21.99 -34.80 42.01
N PHE D 675 -22.44 -34.14 40.93
CA PHE D 675 -23.66 -33.37 41.01
C PHE D 675 -24.40 -33.54 39.69
N VAL D 676 -25.72 -33.42 39.74
CA VAL D 676 -26.57 -33.52 38.55
C VAL D 676 -27.49 -32.31 38.54
N CYS D 677 -27.34 -31.47 37.52
CA CYS D 677 -28.18 -30.29 37.33
C CYS D 677 -29.08 -30.50 36.12
N GLN D 678 -30.27 -29.92 36.17
CA GLN D 678 -31.24 -30.07 35.09
C GLN D 678 -31.95 -28.77 34.76
N LYS D 679 -32.52 -28.73 33.55
CA LYS D 679 -33.37 -27.64 33.15
C LYS D 679 -34.55 -27.53 34.10
N ASP D 680 -34.84 -26.32 34.55
CA ASP D 680 -35.82 -26.14 35.61
C ASP D 680 -37.24 -26.44 35.14
N SER D 681 -37.61 -25.96 33.96
CA SER D 681 -38.94 -26.22 33.38
C SER D 681 -40.06 -25.83 34.34
N ALA D 682 -39.84 -24.77 35.11
CA ALA D 682 -40.85 -24.25 36.01
C ALA D 682 -40.94 -22.73 35.98
N ALA D 683 -42.12 -22.22 36.34
CA ALA D 683 -42.46 -20.80 36.39
C ALA D 683 -42.46 -20.12 35.02
N THR D 684 -42.17 -20.83 33.94
CA THR D 684 -42.18 -20.30 32.59
C THR D 684 -41.62 -18.88 32.49
N THR D 685 -40.50 -18.63 33.17
CA THR D 685 -39.82 -17.34 33.15
C THR D 685 -38.51 -17.53 32.39
N ASP D 686 -38.16 -16.58 31.53
CA ASP D 686 -36.91 -16.73 30.77
C ASP D 686 -35.72 -16.83 31.72
N GLU D 687 -35.77 -16.08 32.82
CA GLU D 687 -34.70 -16.14 33.81
C GLU D 687 -34.66 -17.50 34.48
N GLU D 688 -35.83 -18.05 34.82
CA GLU D 688 -35.88 -19.37 35.42
C GLU D 688 -35.39 -20.42 34.43
N ARG D 689 -35.79 -20.29 33.16
CA ARG D 689 -35.38 -21.24 32.13
C ARG D 689 -33.86 -21.31 32.02
N GLN D 690 -33.19 -20.16 32.05
CA GLN D 690 -31.75 -20.11 31.90
C GLN D 690 -30.99 -20.49 33.17
N HIS D 691 -31.67 -21.00 34.21
CA HIS D 691 -30.98 -21.41 35.43
C HIS D 691 -31.01 -22.94 35.48
N LEU D 692 -29.83 -23.55 35.37
CA LEU D 692 -29.69 -24.98 35.56
C LEU D 692 -29.59 -25.21 37.06
N GLN D 693 -30.53 -25.95 37.64
CA GLN D 693 -30.56 -26.13 39.07
C GLN D 693 -29.90 -27.45 39.44
N GLU D 694 -28.95 -27.38 40.38
CA GLU D 694 -28.36 -28.58 40.96
C GLU D 694 -29.43 -29.34 41.74
N VAL D 695 -29.67 -30.60 41.36
CA VAL D 695 -30.74 -31.37 41.98
C VAL D 695 -30.17 -32.67 42.54
N GLY D 696 -28.93 -32.99 42.19
CA GLY D 696 -28.25 -34.15 42.72
C GLY D 696 -26.87 -33.85 43.30
N LEU D 697 -26.60 -34.35 44.51
CA LEU D 697 -25.32 -34.13 45.18
C LEU D 697 -24.85 -35.42 45.82
N PHE D 698 -23.56 -35.76 45.65
CA PHE D 698 -23.03 -37.03 46.14
C PHE D 698 -21.52 -36.89 46.27
N HIS D 699 -20.98 -37.36 47.40
CA HIS D 699 -19.53 -37.40 47.60
C HIS D 699 -19.06 -38.77 47.12
N LEU D 700 -18.44 -38.80 45.94
CA LEU D 700 -17.97 -40.08 45.42
C LEU D 700 -16.76 -40.58 46.21
N GLY D 701 -15.88 -39.66 46.57
CA GLY D 701 -14.65 -40.05 47.21
C GLY D 701 -13.56 -40.41 46.25
N GLU D 702 -13.86 -40.40 44.95
CA GLU D 702 -12.92 -40.69 43.89
C GLU D 702 -12.91 -39.49 42.96
N PHE D 703 -11.83 -39.36 42.20
CA PHE D 703 -11.66 -38.27 41.25
C PHE D 703 -11.99 -38.82 39.88
N VAL D 704 -13.05 -38.29 39.25
CA VAL D 704 -13.48 -38.81 37.97
C VAL D 704 -12.73 -38.05 36.88
N ASN D 705 -11.98 -38.78 36.04
CA ASN D 705 -11.33 -38.17 34.89
C ASN D 705 -12.13 -38.34 33.61
N VAL D 706 -12.87 -39.43 33.44
CA VAL D 706 -13.58 -39.70 32.19
C VAL D 706 -14.94 -40.33 32.48
N PHE D 707 -16.00 -39.77 31.88
CA PHE D 707 -17.32 -40.38 31.81
C PHE D 707 -17.52 -41.00 30.43
N CYS D 708 -18.13 -42.20 30.40
CA CYS D 708 -18.28 -42.97 29.16
C CYS D 708 -19.58 -43.76 29.21
N HIS D 709 -20.47 -43.51 28.25
CA HIS D 709 -21.70 -44.28 28.14
C HIS D 709 -21.38 -45.72 27.73
N GLY D 710 -22.00 -46.68 28.40
CA GLY D 710 -21.80 -48.08 28.04
C GLY D 710 -21.93 -48.98 29.24
N SER D 711 -22.04 -50.28 28.96
CA SER D 711 -22.09 -51.28 30.01
C SER D 711 -21.22 -52.47 29.65
N LEU D 712 -20.56 -53.01 30.68
CA LEU D 712 -19.72 -54.18 30.49
C LEU D 712 -20.54 -55.46 30.47
N VAL D 713 -21.70 -55.46 31.13
CA VAL D 713 -22.53 -56.64 31.20
C VAL D 713 -23.20 -56.85 29.85
N MET D 714 -23.46 -58.12 29.51
CA MET D 714 -24.08 -58.47 28.25
C MET D 714 -25.46 -57.87 28.13
N GLN D 715 -25.73 -57.30 26.95
CA GLN D 715 -27.01 -56.67 26.63
C GLN D 715 -27.73 -57.57 25.63
N ASN D 716 -28.83 -58.19 26.06
CA ASN D 716 -29.63 -59.01 25.15
C ASN D 716 -30.70 -58.15 24.48
N LEU D 717 -30.72 -58.19 23.15
CA LEU D 717 -31.66 -57.36 22.37
C LEU D 717 -33.08 -57.57 22.84
N GLY D 718 -33.37 -58.66 23.53
CA GLY D 718 -34.70 -58.88 24.03
C GLY D 718 -35.00 -57.91 25.15
N GLU D 719 -36.20 -57.35 25.12
CA GLU D 719 -36.57 -56.29 26.05
C GLU D 719 -36.74 -56.87 27.45
N THR D 720 -35.94 -56.37 28.40
CA THR D 720 -36.02 -56.72 29.80
C THR D 720 -36.38 -55.47 30.58
N SER D 721 -37.39 -55.55 31.45
CA SER D 721 -37.76 -54.38 32.25
C SER D 721 -36.85 -54.26 33.47
N THR D 722 -35.67 -53.65 33.24
CA THR D 722 -34.77 -53.43 34.36
C THR D 722 -35.28 -52.24 35.18
N PRO D 723 -35.02 -52.22 36.49
CA PRO D 723 -35.36 -51.00 37.27
C PRO D 723 -34.50 -49.81 36.90
N THR D 724 -33.23 -50.05 36.62
CA THR D 724 -32.30 -49.00 36.23
C THR D 724 -32.48 -48.62 34.77
N GLN D 725 -32.39 -47.33 34.49
CA GLN D 725 -32.45 -46.78 33.15
C GLN D 725 -31.16 -46.04 32.85
N GLY D 726 -30.51 -46.39 31.75
CA GLY D 726 -29.27 -45.75 31.37
C GLY D 726 -28.05 -46.43 31.99
N SER D 727 -26.87 -46.08 31.48
CA SER D 727 -25.64 -46.66 32.00
C SER D 727 -24.45 -45.78 31.63
N VAL D 728 -23.81 -45.18 32.63
CA VAL D 728 -22.59 -44.40 32.45
C VAL D 728 -21.49 -45.01 33.31
N LEU D 729 -20.39 -45.38 32.67
CA LEU D 729 -19.18 -45.79 33.37
C LEU D 729 -18.30 -44.57 33.61
N PHE D 730 -17.46 -44.64 34.64
CA PHE D 730 -16.46 -43.59 34.86
C PHE D 730 -15.19 -44.20 35.42
N GLY D 731 -14.07 -43.63 34.99
CA GLY D 731 -12.75 -44.04 35.45
C GLY D 731 -12.19 -42.95 36.35
N THR D 732 -11.37 -43.36 37.30
CA THR D 732 -10.86 -42.44 38.32
C THR D 732 -9.35 -42.58 38.48
N VAL D 733 -8.82 -41.72 39.33
CA VAL D 733 -7.38 -41.66 39.54
C VAL D 733 -6.86 -42.89 40.25
N ASN D 734 -7.68 -43.49 41.13
CA ASN D 734 -7.25 -44.63 41.92
C ASN D 734 -7.61 -45.97 41.27
N GLY D 735 -7.94 -45.97 39.98
CA GLY D 735 -8.26 -47.22 39.33
C GLY D 735 -9.68 -47.68 39.53
N MET D 736 -10.42 -47.06 40.45
CA MET D 736 -11.83 -47.37 40.64
C MET D 736 -12.61 -47.11 39.35
N ILE D 737 -13.44 -48.08 38.98
CA ILE D 737 -14.38 -47.95 37.88
C ILE D 737 -15.80 -48.08 38.43
N GLY D 738 -16.66 -47.11 38.12
CA GLY D 738 -18.01 -47.07 38.66
C GLY D 738 -19.04 -46.93 37.56
N LEU D 739 -20.30 -47.09 37.96
CA LEU D 739 -21.42 -47.07 37.03
C LEU D 739 -22.48 -46.14 37.62
N VAL D 740 -22.99 -45.24 36.78
CA VAL D 740 -24.06 -44.33 37.14
C VAL D 740 -25.29 -44.69 36.32
N THR D 741 -26.44 -44.72 36.96
CA THR D 741 -27.70 -45.02 36.28
C THR D 741 -28.82 -44.24 36.97
N SER D 742 -29.89 -43.98 36.24
CA SER D 742 -31.02 -43.21 36.74
C SER D 742 -32.14 -44.13 37.20
N LEU D 743 -33.02 -43.58 38.05
CA LEU D 743 -34.10 -44.34 38.63
C LEU D 743 -35.44 -43.66 38.39
N SER D 744 -36.50 -44.45 38.48
CA SER D 744 -37.84 -43.88 38.54
C SER D 744 -38.10 -43.38 39.95
N GLU D 745 -39.03 -42.43 40.09
CA GLU D 745 -39.33 -41.91 41.42
C GLU D 745 -39.75 -43.04 42.34
N SER D 746 -40.53 -44.00 41.83
CA SER D 746 -40.93 -45.13 42.64
C SER D 746 -39.71 -45.83 43.22
N TRP D 747 -38.71 -46.08 42.39
CA TRP D 747 -37.53 -46.82 42.80
C TRP D 747 -36.64 -46.03 43.74
N TYR D 748 -36.45 -44.73 43.48
CA TYR D 748 -35.60 -43.94 44.36
C TYR D 748 -36.10 -44.01 45.80
N ASN D 749 -37.39 -43.74 46.00
CA ASN D 749 -37.95 -43.73 47.34
C ASN D 749 -37.76 -45.07 48.05
N LEU D 750 -37.97 -46.20 47.38
CA LEU D 750 -37.73 -47.48 48.06
C LEU D 750 -36.28 -47.59 48.50
N LEU D 751 -35.35 -47.37 47.56
CA LEU D 751 -33.94 -47.58 47.86
C LEU D 751 -33.45 -46.61 48.93
N LEU D 752 -33.92 -45.37 48.88
CA LEU D 752 -33.57 -44.40 49.90
C LEU D 752 -34.05 -44.88 51.26
N ASP D 753 -35.29 -45.34 51.34
CA ASP D 753 -35.83 -45.86 52.60
C ASP D 753 -35.00 -47.03 53.10
N MET D 754 -34.52 -47.88 52.19
CA MET D 754 -33.67 -48.99 52.61
C MET D 754 -32.34 -48.50 53.15
N GLN D 755 -31.78 -47.47 52.53
CA GLN D 755 -30.52 -46.91 53.02
C GLN D 755 -30.67 -46.48 54.47
N ASN D 756 -31.70 -45.70 54.78
CA ASN D 756 -31.89 -45.26 56.15
C ASN D 756 -32.00 -46.45 57.09
N ARG D 757 -32.67 -47.52 56.64
CA ARG D 757 -32.80 -48.73 57.44
C ARG D 757 -31.49 -49.47 57.57
N LEU D 758 -30.76 -49.61 56.47
CA LEU D 758 -29.50 -50.33 56.49
C LEU D 758 -28.48 -49.64 57.39
N ASN D 759 -28.52 -48.30 57.43
CA ASN D 759 -27.55 -47.56 58.24
C ASN D 759 -27.74 -47.81 59.73
N LYS D 760 -28.98 -48.03 60.18
CA LYS D 760 -29.21 -48.36 61.58
C LYS D 760 -28.68 -49.75 61.92
N VAL D 761 -28.62 -50.64 60.93
CA VAL D 761 -28.29 -52.04 61.14
C VAL D 761 -26.80 -52.30 61.05
N ILE D 762 -26.13 -51.70 60.08
CA ILE D 762 -24.74 -52.03 59.75
C ILE D 762 -23.80 -51.22 60.62
N LYS D 763 -22.81 -51.90 61.20
CA LYS D 763 -21.79 -51.27 62.03
C LYS D 763 -20.67 -50.86 61.09
N SER D 764 -20.31 -49.58 61.07
CA SER D 764 -19.26 -49.11 60.18
C SER D 764 -17.92 -49.08 60.91
N VAL D 765 -16.85 -49.33 60.17
CA VAL D 765 -15.52 -49.25 60.75
C VAL D 765 -15.28 -47.82 61.21
N GLY D 766 -14.81 -47.68 62.45
CA GLY D 766 -14.62 -46.36 63.02
C GLY D 766 -15.90 -45.66 63.42
N LYS D 767 -17.05 -46.32 63.25
CA LYS D 767 -18.35 -45.76 63.61
C LYS D 767 -18.54 -44.38 62.96
N ILE D 768 -18.28 -44.34 61.66
CA ILE D 768 -18.49 -43.13 60.85
C ILE D 768 -19.90 -43.17 60.26
N GLU D 769 -20.69 -42.14 60.54
CA GLU D 769 -22.03 -42.08 59.97
C GLU D 769 -21.98 -42.00 58.45
N HIS D 770 -22.78 -42.86 57.80
CA HIS D 770 -22.82 -42.87 56.33
C HIS D 770 -23.34 -41.55 55.78
N SER D 771 -24.37 -40.99 56.40
CA SER D 771 -24.95 -39.75 55.88
C SER D 771 -23.88 -38.66 55.77
N PHE D 772 -22.95 -38.62 56.73
CA PHE D 772 -21.84 -37.66 56.69
C PHE D 772 -20.87 -37.95 55.55
N TRP D 773 -20.44 -39.21 55.43
CA TRP D 773 -19.45 -39.58 54.43
C TRP D 773 -19.88 -39.19 53.02
N ARG D 774 -21.13 -39.49 52.65
CA ARG D 774 -21.61 -39.15 51.32
C ARG D 774 -22.10 -37.71 51.19
N SER D 775 -22.10 -36.93 52.27
CA SER D 775 -22.50 -35.53 52.18
C SER D 775 -21.53 -34.76 51.30
N PHE D 776 -22.09 -33.97 50.37
CA PHE D 776 -21.32 -33.07 49.52
C PHE D 776 -20.36 -32.22 50.36
N HIS D 777 -19.09 -32.20 49.96
CA HIS D 777 -18.08 -31.54 50.79
C HIS D 777 -17.01 -30.89 49.91
N THR D 778 -17.09 -29.56 49.80
CA THR D 778 -15.99 -28.68 49.45
C THR D 778 -15.49 -28.06 50.74
N GLU D 779 -14.27 -27.51 50.71
CA GLU D 779 -13.77 -26.88 51.92
C GLU D 779 -14.74 -25.81 52.41
N ARG D 780 -15.41 -25.13 51.50
CA ARG D 780 -16.26 -24.02 51.85
C ARG D 780 -17.68 -24.46 52.19
N LYS D 781 -18.21 -25.47 51.51
CA LYS D 781 -19.56 -25.91 51.76
C LYS D 781 -19.66 -27.40 52.01
N THR D 782 -20.58 -27.76 52.91
CA THR D 782 -20.95 -29.13 53.21
C THR D 782 -22.47 -29.17 53.15
N GLU D 783 -23.00 -30.10 52.36
CA GLU D 783 -24.44 -30.23 52.14
C GLU D 783 -24.80 -31.71 52.24
N PRO D 784 -26.02 -32.02 52.67
CA PRO D 784 -26.45 -33.42 52.65
C PRO D 784 -26.63 -33.87 51.21
N ALA D 785 -26.29 -35.13 50.95
CA ALA D 785 -26.48 -35.70 49.62
C ALA D 785 -27.96 -35.73 49.28
N THR D 786 -28.26 -35.62 47.98
CA THR D 786 -29.63 -35.62 47.50
C THR D 786 -29.64 -36.15 46.08
N GLY D 787 -30.65 -36.95 45.75
CA GLY D 787 -30.80 -37.47 44.41
C GLY D 787 -29.94 -38.66 44.06
N PHE D 788 -29.21 -39.23 45.02
CA PHE D 788 -28.28 -40.32 44.74
C PHE D 788 -28.49 -41.46 45.74
N ILE D 789 -28.47 -42.68 45.22
CA ILE D 789 -28.57 -43.89 46.04
C ILE D 789 -27.21 -44.58 46.03
N ASP D 790 -26.62 -44.77 47.21
CA ASP D 790 -25.31 -45.41 47.31
C ASP D 790 -25.48 -46.89 47.00
N GLY D 791 -25.16 -47.28 45.76
CA GLY D 791 -25.36 -48.66 45.37
C GLY D 791 -24.61 -49.67 46.20
N ASP D 792 -23.41 -49.32 46.67
CA ASP D 792 -22.66 -50.28 47.47
C ASP D 792 -23.33 -50.56 48.81
N LEU D 793 -24.07 -49.59 49.34
CA LEU D 793 -24.84 -49.83 50.57
C LEU D 793 -26.04 -50.71 50.30
N ILE D 794 -26.76 -50.47 49.20
CA ILE D 794 -27.90 -51.32 48.86
C ILE D 794 -27.42 -52.75 48.62
N GLU D 795 -26.31 -52.92 47.90
CA GLU D 795 -25.81 -54.26 47.58
C GLU D 795 -25.21 -54.99 48.77
N SER D 796 -25.01 -54.31 49.91
CA SER D 796 -24.54 -55.00 51.10
C SER D 796 -25.68 -55.66 51.87
N PHE D 797 -26.93 -55.28 51.56
CA PHE D 797 -28.09 -55.94 52.15
C PHE D 797 -28.00 -57.45 51.94
N LEU D 798 -27.46 -57.87 50.80
CA LEU D 798 -27.31 -59.30 50.52
C LEU D 798 -26.25 -59.97 51.38
N ASP D 799 -25.40 -59.21 52.07
CA ASP D 799 -24.31 -59.78 52.84
C ASP D 799 -24.53 -59.75 54.35
N ILE D 800 -25.62 -59.14 54.83
CA ILE D 800 -25.93 -59.13 56.26
C ILE D 800 -26.72 -60.39 56.61
N SER D 801 -26.59 -60.83 57.86
CA SER D 801 -27.19 -62.09 58.28
C SER D 801 -28.71 -62.03 58.19
N ARG D 802 -29.33 -63.20 58.09
CA ARG D 802 -30.78 -63.27 57.96
C ARG D 802 -31.49 -62.51 59.06
N PRO D 803 -31.05 -62.58 60.32
CA PRO D 803 -31.70 -61.76 61.36
C PRO D 803 -31.74 -60.28 61.03
N LYS D 804 -30.64 -59.73 60.51
CA LYS D 804 -30.59 -58.30 60.23
C LYS D 804 -31.47 -57.93 59.05
N MET D 805 -31.53 -58.79 58.03
CA MET D 805 -32.43 -58.54 56.92
C MET D 805 -33.87 -58.39 57.37
N GLN D 806 -34.30 -59.25 58.27
CA GLN D 806 -35.65 -59.18 58.79
C GLN D 806 -35.86 -57.89 59.58
N GLU D 807 -34.82 -57.44 60.31
CA GLU D 807 -34.89 -56.15 61.00
C GLU D 807 -35.04 -54.99 60.00
N VAL D 808 -34.41 -55.10 58.84
CA VAL D 808 -34.42 -53.99 57.89
C VAL D 808 -35.82 -53.79 57.34
N VAL D 809 -36.54 -54.88 57.05
CA VAL D 809 -37.86 -54.81 56.44
C VAL D 809 -39.00 -54.57 57.42
N ALA D 810 -38.72 -54.47 58.72
CA ALA D 810 -39.78 -54.24 59.69
C ALA D 810 -40.55 -52.98 59.33
N ASN D 811 -41.88 -53.09 59.31
CA ASN D 811 -42.76 -51.96 58.99
C ASN D 811 -42.48 -51.36 57.62
N LEU D 812 -41.97 -52.16 56.70
CA LEU D 812 -41.66 -51.70 55.36
C LEU D 812 -42.75 -52.24 54.44
N GLN D 813 -43.35 -51.37 53.66
CA GLN D 813 -44.42 -51.79 52.75
C GLN D 813 -43.81 -51.89 51.36
N TYR D 814 -44.19 -52.92 50.63
CA TYR D 814 -43.58 -53.24 49.36
C TYR D 814 -44.50 -52.89 48.21
N ASP D 815 -43.88 -52.49 47.11
CA ASP D 815 -44.59 -52.11 45.89
C ASP D 815 -44.43 -53.30 44.95
N ASP D 816 -45.53 -54.01 44.69
CA ASP D 816 -45.56 -55.13 43.76
C ASP D 816 -45.48 -54.72 42.30
N GLY D 817 -45.64 -53.44 41.97
CA GLY D 817 -45.78 -53.02 40.61
C GLY D 817 -47.16 -53.24 40.03
N SER D 818 -47.98 -54.08 40.68
CA SER D 818 -49.37 -54.27 40.37
C SER D 818 -50.29 -53.25 41.02
N GLY D 819 -49.73 -52.20 41.59
CA GLY D 819 -50.51 -51.26 42.37
C GLY D 819 -50.73 -51.70 43.79
N MET D 820 -50.40 -52.95 44.10
CA MET D 820 -50.62 -53.51 45.42
C MET D 820 -49.45 -53.16 46.32
N LYS D 821 -49.76 -52.76 47.55
CA LYS D 821 -48.77 -52.44 48.56
C LYS D 821 -48.95 -53.40 49.75
N ARG D 822 -47.88 -54.13 50.08
CA ARG D 822 -47.96 -55.13 51.13
C ARG D 822 -46.72 -55.08 52.01
N GLU D 823 -46.81 -55.66 53.21
CA GLU D 823 -45.64 -55.72 54.08
C GLU D 823 -44.52 -56.45 53.34
N ALA D 824 -43.29 -55.99 53.54
CA ALA D 824 -42.16 -56.51 52.80
C ALA D 824 -41.51 -57.64 53.57
N THR D 825 -41.07 -58.65 52.84
CA THR D 825 -40.33 -59.76 53.39
C THR D 825 -38.88 -59.66 52.94
N ALA D 826 -38.00 -60.35 53.66
CA ALA D 826 -36.59 -60.34 53.29
C ALA D 826 -36.38 -60.94 51.91
N ASP D 827 -37.29 -61.81 51.48
CA ASP D 827 -37.19 -62.41 50.15
C ASP D 827 -37.59 -61.43 49.05
N ASP D 828 -38.54 -60.54 49.32
CA ASP D 828 -38.90 -59.53 48.33
C ASP D 828 -37.72 -58.61 48.02
N LEU D 829 -37.07 -58.09 49.07
CA LEU D 829 -35.95 -57.17 48.86
C LEU D 829 -34.73 -57.90 48.28
N ILE D 830 -34.51 -59.16 48.68
CA ILE D 830 -33.39 -59.91 48.13
C ILE D 830 -33.54 -60.07 46.63
N LYS D 831 -34.77 -60.25 46.15
CA LYS D 831 -34.97 -60.30 44.70
C LYS D 831 -34.64 -58.95 44.07
N VAL D 832 -35.03 -57.86 44.74
CA VAL D 832 -34.79 -56.53 44.20
C VAL D 832 -33.29 -56.23 44.14
N VAL D 833 -32.58 -56.44 45.25
CA VAL D 833 -31.17 -56.10 45.27
C VAL D 833 -30.40 -56.96 44.28
N GLU D 834 -30.74 -58.24 44.18
CA GLU D 834 -30.05 -59.12 43.27
C GLU D 834 -30.20 -58.64 41.83
N GLU D 835 -31.35 -58.02 41.51
CA GLU D 835 -31.53 -57.42 40.19
C GLU D 835 -30.59 -56.24 40.01
N LEU D 836 -30.35 -55.47 41.07
CA LEU D 836 -29.44 -54.35 40.97
C LEU D 836 -27.98 -54.79 40.81
N THR D 837 -27.63 -56.00 41.27
CA THR D 837 -26.27 -56.50 41.08
C THR D 837 -25.98 -56.91 39.64
N ARG D 838 -26.98 -56.93 38.76
CA ARG D 838 -26.79 -57.29 37.37
C ARG D 838 -26.39 -56.11 36.51
N ILE D 839 -26.49 -54.88 37.01
CA ILE D 839 -26.15 -53.73 36.17
C ILE D 839 -24.65 -53.55 36.01
N HIS D 840 -23.85 -54.13 36.91
CA HIS D 840 -22.40 -54.07 36.81
C HIS D 840 -21.88 -55.49 36.72
N THR E 7 -23.37 13.63 22.95
CA THR E 7 -22.18 13.72 23.80
C THR E 7 -22.15 12.47 24.69
N GLU E 8 -21.03 12.27 25.40
CA GLU E 8 -20.89 11.09 26.24
C GLU E 8 -21.88 11.08 27.40
N SER E 9 -22.54 12.20 27.68
CA SER E 9 -23.42 12.34 28.83
C SER E 9 -24.87 12.05 28.49
N ASP E 10 -25.21 11.85 27.22
CA ASP E 10 -26.59 11.66 26.78
C ASP E 10 -26.95 10.18 26.99
N TRP E 11 -27.22 9.84 28.25
CA TRP E 11 -27.55 8.48 28.61
C TRP E 11 -29.03 8.19 28.31
N GLY E 12 -29.35 6.90 28.20
CA GLY E 12 -30.72 6.47 28.01
C GLY E 12 -31.20 6.50 26.58
N LYS E 13 -30.43 7.07 25.67
CA LYS E 13 -30.83 7.26 24.28
C LYS E 13 -30.25 6.18 23.37
N ARG E 14 -28.97 5.89 23.50
CA ARG E 14 -28.30 4.92 22.65
C ARG E 14 -28.90 3.53 22.83
N CYS E 15 -28.97 2.79 21.73
CA CYS E 15 -29.66 1.50 21.71
C CYS E 15 -28.69 0.37 22.09
N VAL E 16 -29.24 -0.68 22.71
CA VAL E 16 -28.44 -1.83 23.08
C VAL E 16 -27.98 -2.62 21.87
N ASP E 17 -28.45 -2.28 20.66
CA ASP E 17 -27.88 -2.86 19.45
C ASP E 17 -26.40 -2.60 19.34
N LYS E 18 -25.91 -1.49 19.90
CA LYS E 18 -24.51 -1.13 19.81
C LYS E 18 -23.62 -2.09 20.61
N PHE E 19 -24.23 -3.04 21.30
CA PHE E 19 -23.50 -4.08 22.02
C PHE E 19 -23.85 -5.43 21.41
N ASP E 20 -22.82 -6.21 21.15
CA ASP E 20 -22.95 -7.60 20.76
C ASP E 20 -22.95 -8.44 22.02
N ILE E 21 -24.07 -9.12 22.30
CA ILE E 21 -24.22 -9.88 23.53
C ILE E 21 -23.41 -11.17 23.45
N ILE E 22 -22.61 -11.44 24.48
CA ILE E 22 -21.82 -12.67 24.54
C ILE E 22 -22.55 -13.76 25.31
N GLY E 23 -23.20 -13.42 26.42
CA GLY E 23 -23.88 -14.43 27.22
C GLY E 23 -24.35 -13.84 28.53
N ILE E 24 -24.98 -14.70 29.33
CA ILE E 24 -25.56 -14.32 30.62
C ILE E 24 -24.58 -14.75 31.72
N ILE E 25 -23.97 -13.76 32.37
CA ILE E 25 -23.01 -14.01 33.44
C ILE E 25 -23.69 -14.23 34.79
N GLY E 26 -24.83 -13.58 35.05
CA GLY E 26 -25.50 -13.79 36.31
C GLY E 26 -26.93 -13.31 36.29
N GLU E 27 -27.69 -13.78 37.28
CA GLU E 27 -29.07 -13.36 37.51
C GLU E 27 -29.09 -12.31 38.60
N GLY E 28 -29.49 -11.09 38.22
CA GLY E 28 -29.48 -9.95 39.10
C GLY E 28 -30.74 -9.83 39.94
N THR E 29 -30.94 -8.62 40.49
CA THR E 29 -32.09 -8.42 41.35
C THR E 29 -33.35 -8.09 40.53
N TYR E 30 -33.28 -7.08 39.69
CA TYR E 30 -34.38 -6.67 38.83
C TYR E 30 -34.15 -7.08 37.37
N GLY E 31 -33.09 -7.81 37.09
CA GLY E 31 -32.84 -8.33 35.74
C GLY E 31 -31.60 -9.19 35.73
N GLN E 32 -31.35 -9.79 34.57
CA GLN E 32 -30.20 -10.64 34.34
C GLN E 32 -28.97 -9.80 34.01
N VAL E 33 -27.79 -10.33 34.31
CA VAL E 33 -26.54 -9.64 34.03
C VAL E 33 -25.86 -10.33 32.86
N TYR E 34 -25.58 -9.57 31.81
CA TYR E 34 -25.02 -10.09 30.57
C TYR E 34 -23.66 -9.49 30.28
N LYS E 35 -22.73 -10.33 29.81
CA LYS E 35 -21.46 -9.89 29.25
C LYS E 35 -21.63 -9.57 27.78
N ALA E 36 -21.03 -8.46 27.33
CA ALA E 36 -21.19 -8.04 25.95
C ALA E 36 -19.95 -7.29 25.51
N LYS E 37 -19.76 -7.17 24.19
CA LYS E 37 -18.67 -6.43 23.59
C LYS E 37 -19.23 -5.23 22.83
N ASP E 38 -18.60 -4.07 23.04
CA ASP E 38 -19.01 -2.86 22.32
C ASP E 38 -18.61 -2.95 20.86
N LYS E 39 -19.58 -2.73 19.98
CA LYS E 39 -19.32 -2.91 18.55
C LYS E 39 -18.35 -1.88 18.00
N ASP E 40 -18.29 -0.69 18.60
CA ASP E 40 -17.45 0.37 18.06
C ASP E 40 -16.02 0.35 18.59
N THR E 41 -15.84 0.07 19.89
CA THR E 41 -14.51 0.13 20.50
C THR E 41 -13.89 -1.23 20.77
N GLY E 42 -14.70 -2.28 20.91
CA GLY E 42 -14.20 -3.59 21.25
C GLY E 42 -14.11 -3.89 22.73
N GLU E 43 -14.37 -2.90 23.58
CA GLU E 43 -14.30 -3.11 25.01
C GLU E 43 -15.33 -4.13 25.46
N LEU E 44 -14.96 -4.96 26.43
CA LEU E 44 -15.89 -5.89 27.06
C LEU E 44 -16.63 -5.18 28.18
N VAL E 45 -17.96 -5.38 28.22
CA VAL E 45 -18.82 -4.69 29.17
C VAL E 45 -19.77 -5.70 29.80
N ALA E 46 -20.28 -5.34 30.96
CA ALA E 46 -21.35 -6.09 31.62
C ALA E 46 -22.65 -5.28 31.58
N LEU E 47 -23.74 -5.90 31.14
CA LEU E 47 -25.01 -5.21 31.01
C LEU E 47 -25.98 -5.74 32.05
N LYS E 48 -26.42 -4.87 32.96
CA LYS E 48 -27.48 -5.22 33.91
C LYS E 48 -28.81 -4.81 33.27
N LYS E 49 -29.71 -5.78 33.16
CA LYS E 49 -31.02 -5.58 32.57
C LYS E 49 -31.95 -5.03 33.63
N VAL E 50 -32.59 -3.91 33.32
CA VAL E 50 -33.59 -3.30 34.19
C VAL E 50 -34.92 -3.39 33.49
N ARG E 51 -35.85 -4.13 34.07
CA ARG E 51 -37.13 -4.41 33.46
C ARG E 51 -38.13 -3.39 33.99
N LEU E 52 -38.70 -2.60 33.09
CA LEU E 52 -39.81 -1.71 33.42
C LEU E 52 -41.16 -2.32 33.05
N ASP E 53 -41.16 -3.56 32.53
CA ASP E 53 -42.41 -4.13 32.05
C ASP E 53 -43.44 -4.33 33.15
N ASN E 54 -43.00 -4.68 34.37
CA ASN E 54 -43.98 -4.93 35.44
C ASN E 54 -44.87 -3.71 35.68
N GLU E 55 -44.27 -2.52 35.70
CA GLU E 55 -44.99 -1.26 35.79
C GLU E 55 -45.89 -1.20 37.03
N LYS E 56 -45.60 -2.02 38.04
CA LYS E 56 -46.30 -1.90 39.30
C LYS E 56 -46.03 -0.53 39.93
N GLU E 57 -44.75 -0.15 39.96
CA GLU E 57 -44.31 1.17 40.37
C GLU E 57 -43.26 1.72 39.40
N GLY E 58 -43.33 1.31 38.14
CA GLY E 58 -42.43 1.86 37.14
C GLY E 58 -41.01 1.34 37.30
N PHE E 59 -40.07 2.27 37.28
CA PHE E 59 -38.65 1.96 37.40
C PHE E 59 -38.31 1.42 38.79
N PRO E 60 -37.52 0.35 38.88
CA PRO E 60 -37.20 -0.20 40.21
C PRO E 60 -36.49 0.82 41.09
N ILE E 61 -36.95 0.94 42.34
CA ILE E 61 -36.26 1.86 43.24
C ILE E 61 -34.83 1.40 43.47
N THR E 62 -34.60 0.08 43.44
CA THR E 62 -33.26 -0.44 43.62
C THR E 62 -32.32 0.03 42.52
N ALA E 63 -32.80 0.01 41.28
CA ALA E 63 -32.01 0.52 40.17
C ALA E 63 -31.78 2.02 40.32
N ILE E 64 -32.79 2.74 40.76
CA ILE E 64 -32.65 4.19 40.94
C ILE E 64 -31.47 4.46 41.86
N ARG E 65 -31.28 3.60 42.86
CA ARG E 65 -30.17 3.79 43.78
C ARG E 65 -28.82 3.58 43.11
N GLU E 66 -28.65 2.45 42.40
CA GLU E 66 -27.35 2.17 41.82
C GLU E 66 -26.96 3.29 40.86
N ILE E 67 -27.92 3.77 40.07
CA ILE E 67 -27.62 4.83 39.11
C ILE E 67 -27.27 6.11 39.85
N LYS E 68 -28.07 6.46 40.86
CA LYS E 68 -27.84 7.70 41.59
C LYS E 68 -26.50 7.67 42.33
N ILE E 69 -26.19 6.55 42.97
CA ILE E 69 -24.99 6.49 43.80
C ILE E 69 -23.77 6.32 42.93
N LEU E 70 -23.85 5.45 41.92
CA LEU E 70 -22.67 5.15 41.13
C LEU E 70 -22.27 6.30 40.21
N ARG E 71 -23.22 7.15 39.79
CA ARG E 71 -22.80 8.32 39.02
C ARG E 71 -22.15 9.38 39.91
N GLN E 72 -22.32 9.28 41.22
CA GLN E 72 -21.69 10.18 42.18
C GLN E 72 -20.33 9.68 42.62
N LEU E 73 -20.11 8.37 42.60
CA LEU E 73 -18.88 7.76 43.10
C LEU E 73 -17.92 7.44 41.96
N ILE E 74 -16.74 8.05 42.00
CA ILE E 74 -15.65 7.81 41.05
C ILE E 74 -14.47 7.38 41.91
N HIS E 75 -14.07 6.11 41.78
CA HIS E 75 -12.95 5.57 42.55
C HIS E 75 -12.44 4.32 41.86
N ARG E 76 -11.13 4.11 41.92
CA ARG E 76 -10.56 2.93 41.27
C ARG E 76 -11.16 1.64 41.81
N SER E 77 -11.53 1.63 43.08
CA SER E 77 -12.06 0.45 43.75
C SER E 77 -13.58 0.43 43.82
N VAL E 78 -14.25 1.30 43.07
CA VAL E 78 -15.71 1.31 42.97
C VAL E 78 -16.08 1.12 41.51
N VAL E 79 -16.97 0.17 41.25
CA VAL E 79 -17.28 -0.18 39.88
C VAL E 79 -17.82 1.07 39.17
N ASN E 80 -17.48 1.23 37.90
CA ASN E 80 -17.87 2.38 37.11
C ASN E 80 -19.04 2.01 36.23
N MET E 81 -20.14 2.76 36.36
CA MET E 81 -21.24 2.66 35.42
C MET E 81 -20.90 3.53 34.21
N LYS E 82 -20.75 2.90 33.05
CA LYS E 82 -20.30 3.62 31.87
C LYS E 82 -21.45 4.40 31.23
N GLU E 83 -22.61 3.76 31.08
CA GLU E 83 -23.76 4.40 30.46
C GLU E 83 -25.00 3.51 30.61
N ILE E 84 -26.13 4.02 30.13
CA ILE E 84 -27.41 3.32 30.13
C ILE E 84 -27.96 3.32 28.72
N VAL E 85 -28.38 2.13 28.24
CA VAL E 85 -28.88 1.96 26.88
C VAL E 85 -30.21 1.23 26.92
N THR E 86 -30.95 1.31 25.81
CA THR E 86 -32.31 0.82 25.77
C THR E 86 -32.53 -0.09 24.57
N ASP E 87 -33.56 -0.93 24.69
CA ASP E 87 -34.01 -1.76 23.58
C ASP E 87 -34.55 -0.90 22.45
N LYS E 88 -34.41 -1.39 21.21
CA LYS E 88 -34.87 -0.59 20.08
C LYS E 88 -36.34 -0.26 20.25
N GLN E 89 -36.64 1.01 20.48
CA GLN E 89 -38.03 1.50 20.60
C GLN E 89 -38.51 1.80 19.18
N ASP E 90 -38.98 0.74 18.51
CA ASP E 90 -39.42 0.88 17.12
C ASP E 90 -40.74 1.66 17.01
N ALA E 91 -41.66 1.47 17.95
CA ALA E 91 -42.97 2.12 17.88
C ALA E 91 -42.83 3.63 18.09
N LEU E 92 -43.51 4.40 17.24
CA LEU E 92 -43.46 5.86 17.37
C LEU E 92 -44.05 6.38 18.68
N ASP E 93 -45.12 5.75 19.16
CA ASP E 93 -45.78 6.22 20.37
C ASP E 93 -45.05 5.76 21.62
N PHE E 94 -44.77 6.70 22.53
CA PHE E 94 -44.10 6.31 23.78
C PHE E 94 -44.94 5.32 24.58
N LYS E 95 -46.27 5.44 24.50
CA LYS E 95 -47.15 4.53 25.24
C LYS E 95 -46.93 3.09 24.75
N LYS E 96 -46.74 2.93 23.44
CA LYS E 96 -46.53 1.60 22.86
C LYS E 96 -45.23 0.97 23.37
N ASP E 97 -44.19 1.78 23.60
CA ASP E 97 -42.91 1.24 24.03
C ASP E 97 -43.01 0.54 25.38
N LYS E 98 -42.55 -0.71 25.44
CA LYS E 98 -42.44 -1.46 26.69
C LYS E 98 -41.04 -2.09 26.83
N GLY E 99 -40.07 -1.60 26.07
CA GLY E 99 -38.70 -2.09 26.17
C GLY E 99 -38.05 -1.72 27.49
N ALA E 100 -36.97 -2.41 27.78
CA ALA E 100 -36.26 -2.24 29.04
C ALA E 100 -34.95 -1.50 28.81
N PHE E 101 -34.37 -1.02 29.91
CA PHE E 101 -33.08 -0.36 29.88
C PHE E 101 -32.01 -1.32 30.40
N TYR E 102 -30.77 -1.13 29.95
CA TYR E 102 -29.65 -1.97 30.34
C TYR E 102 -28.57 -1.04 30.88
N LEU E 103 -27.99 -1.40 32.02
CA LEU E 103 -26.94 -0.60 32.65
C LEU E 103 -25.57 -1.14 32.26
N VAL E 104 -24.78 -0.30 31.61
CA VAL E 104 -23.45 -0.68 31.14
C VAL E 104 -22.45 -0.51 32.26
N PHE E 105 -21.65 -1.54 32.50
CA PHE E 105 -20.59 -1.56 33.49
C PHE E 105 -19.30 -2.07 32.84
N GLU E 106 -18.17 -1.69 33.43
CA GLU E 106 -16.91 -2.31 33.03
C GLU E 106 -16.97 -3.80 33.38
N TYR E 107 -16.55 -4.66 32.45
CA TYR E 107 -16.49 -6.08 32.75
C TYR E 107 -15.26 -6.35 33.61
N MET E 108 -15.44 -7.11 34.68
CA MET E 108 -14.38 -7.53 35.59
C MET E 108 -14.20 -9.03 35.43
N ASP E 109 -12.95 -9.49 35.40
CA ASP E 109 -12.70 -10.86 34.97
C ASP E 109 -13.40 -11.88 35.86
N HIS E 110 -13.24 -11.80 37.18
CA HIS E 110 -13.78 -12.84 38.04
C HIS E 110 -14.39 -12.21 39.30
N ASP E 111 -15.23 -12.99 39.97
CA ASP E 111 -15.78 -12.60 41.27
C ASP E 111 -15.04 -13.38 42.35
N LEU E 112 -14.88 -12.75 43.50
CA LEU E 112 -14.07 -13.34 44.57
C LEU E 112 -14.59 -14.72 44.94
N MET E 113 -15.91 -14.86 45.10
CA MET E 113 -16.47 -16.13 45.53
C MET E 113 -16.11 -17.28 44.60
N GLY E 114 -16.21 -17.04 43.28
CA GLY E 114 -15.92 -18.11 42.34
C GLY E 114 -14.51 -18.66 42.50
N LEU E 115 -13.56 -17.78 42.78
CA LEU E 115 -12.18 -18.22 42.94
C LEU E 115 -12.03 -19.05 44.20
N LEU E 116 -12.71 -18.67 45.29
CA LEU E 116 -12.65 -19.46 46.50
C LEU E 116 -13.40 -20.78 46.35
N GLU E 117 -14.57 -20.76 45.68
CA GLU E 117 -15.39 -21.98 45.62
C GLU E 117 -14.68 -23.08 44.83
N SER E 118 -14.05 -22.75 43.72
CA SER E 118 -13.22 -23.72 43.03
C SER E 118 -12.03 -24.15 43.86
N GLY E 119 -11.63 -23.36 44.87
CA GLY E 119 -10.48 -23.78 45.63
C GLY E 119 -9.21 -23.71 44.81
N LEU E 120 -9.29 -23.04 43.67
CA LEU E 120 -8.20 -22.91 42.72
C LEU E 120 -7.17 -21.85 43.10
N VAL E 121 -7.60 -20.72 43.68
CA VAL E 121 -6.70 -19.62 43.99
C VAL E 121 -5.96 -19.83 45.32
N HIS E 122 -4.74 -19.30 45.40
CA HIS E 122 -3.98 -19.22 46.64
C HIS E 122 -3.58 -17.77 46.90
N PHE E 123 -3.93 -17.25 48.08
CA PHE E 123 -3.63 -15.87 48.45
C PHE E 123 -2.50 -15.85 49.48
N SER E 124 -1.37 -15.21 49.12
CA SER E 124 -0.28 -15.00 50.06
C SER E 124 -0.55 -13.75 50.90
N GLU E 125 0.30 -13.51 51.90
CA GLU E 125 0.13 -12.32 52.72
C GLU E 125 0.12 -11.07 51.86
N ASP E 126 1.07 -10.96 50.92
CA ASP E 126 1.14 -9.75 50.10
C ASP E 126 -0.11 -9.58 49.24
N HIS E 127 -0.65 -10.69 48.71
CA HIS E 127 -1.88 -10.59 47.93
C HIS E 127 -3.01 -10.04 48.78
N ILE E 128 -3.14 -10.54 50.00
CA ILE E 128 -4.18 -10.06 50.89
C ILE E 128 -3.98 -8.58 51.19
N LYS E 129 -2.73 -8.19 51.51
CA LYS E 129 -2.44 -6.78 51.73
C LYS E 129 -2.95 -5.93 50.58
N SER E 130 -2.60 -6.30 49.34
CA SER E 130 -3.04 -5.49 48.21
C SER E 130 -4.56 -5.51 48.07
N PHE E 131 -5.18 -6.68 48.27
CA PHE E 131 -6.62 -6.80 48.14
C PHE E 131 -7.34 -5.95 49.18
N MET E 132 -6.96 -6.13 50.46
CA MET E 132 -7.64 -5.41 51.52
C MET E 132 -7.46 -3.90 51.40
N LYS E 133 -6.26 -3.44 51.04
CA LYS E 133 -6.06 -2.00 50.95
C LYS E 133 -6.97 -1.38 49.90
N GLN E 134 -7.12 -2.05 48.76
CA GLN E 134 -8.03 -1.55 47.73
C GLN E 134 -9.45 -1.55 48.25
N LEU E 135 -9.88 -2.68 48.82
CA LEU E 135 -11.24 -2.76 49.33
C LEU E 135 -11.50 -1.68 50.37
N MET E 136 -10.60 -1.54 51.35
CA MET E 136 -10.81 -0.55 52.38
C MET E 136 -10.72 0.87 51.84
N GLU E 137 -9.79 1.12 50.91
CA GLU E 137 -9.74 2.46 50.31
C GLU E 137 -11.05 2.77 49.61
N GLY E 138 -11.61 1.78 48.91
CA GLY E 138 -12.90 1.96 48.30
C GLY E 138 -13.99 2.18 49.33
N LEU E 139 -13.96 1.40 50.41
CA LEU E 139 -15.00 1.53 51.42
C LEU E 139 -14.94 2.86 52.15
N GLU E 140 -13.73 3.34 52.46
CA GLU E 140 -13.62 4.66 53.09
C GLU E 140 -14.19 5.74 52.18
N TYR E 141 -13.83 5.69 50.89
CA TYR E 141 -14.35 6.66 49.93
C TYR E 141 -15.87 6.75 50.00
N CYS E 142 -16.54 5.60 50.02
CA CYS E 142 -17.99 5.62 50.14
C CYS E 142 -18.42 6.23 51.46
N HIS E 143 -17.76 5.83 52.56
CA HIS E 143 -18.14 6.35 53.87
C HIS E 143 -17.90 7.85 54.00
N LYS E 144 -16.80 8.38 53.44
CA LYS E 144 -16.60 9.82 53.50
C LYS E 144 -17.68 10.55 52.69
N LYS E 145 -18.22 9.92 51.64
CA LYS E 145 -19.37 10.42 50.90
C LYS E 145 -20.72 10.07 51.58
N ASN E 146 -20.65 9.51 52.79
CA ASN E 146 -21.83 9.24 53.63
C ASN E 146 -22.77 8.23 52.96
N PHE E 147 -22.18 7.22 52.30
CA PHE E 147 -22.95 6.13 51.72
C PHE E 147 -22.62 4.82 52.42
N LEU E 148 -23.64 4.01 52.68
CA LEU E 148 -23.50 2.67 53.23
C LEU E 148 -23.86 1.64 52.18
N HIS E 149 -23.00 0.63 52.01
CA HIS E 149 -23.26 -0.40 51.01
C HIS E 149 -24.40 -1.32 51.45
N ARG E 150 -24.30 -1.87 52.64
CA ARG E 150 -25.31 -2.65 53.32
C ARG E 150 -25.44 -4.05 52.73
N ASP E 151 -24.59 -4.44 51.78
CA ASP E 151 -24.66 -5.79 51.23
C ASP E 151 -23.29 -6.28 50.76
N ILE E 152 -22.31 -6.28 51.66
CA ILE E 152 -20.94 -6.65 51.33
C ILE E 152 -20.78 -8.16 51.50
N LYS E 153 -20.54 -8.84 50.39
CA LYS E 153 -20.31 -10.28 50.34
C LYS E 153 -19.25 -10.57 49.28
N CYS E 154 -18.71 -11.78 49.32
CA CYS E 154 -17.65 -12.14 48.37
C CYS E 154 -18.12 -12.03 46.93
N SER E 155 -19.40 -12.29 46.67
CA SER E 155 -19.91 -12.19 45.30
C SER E 155 -19.88 -10.76 44.78
N ASN E 156 -20.08 -9.77 45.65
CA ASN E 156 -20.10 -8.37 45.22
C ASN E 156 -18.72 -7.74 45.13
N ILE E 157 -17.67 -8.45 45.53
CA ILE E 157 -16.30 -8.01 45.28
C ILE E 157 -15.83 -8.64 43.98
N LEU E 158 -15.53 -7.82 43.00
CA LEU E 158 -15.11 -8.25 41.68
C LEU E 158 -13.61 -8.05 41.60
N LEU E 159 -12.91 -8.97 40.96
CA LEU E 159 -11.46 -8.92 40.86
C LEU E 159 -11.09 -9.24 39.43
N ASN E 160 -10.29 -8.38 38.80
CA ASN E 160 -9.75 -8.69 37.48
C ASN E 160 -8.30 -9.16 37.61
N ASN E 161 -7.82 -9.82 36.55
CA ASN E 161 -6.57 -10.56 36.64
C ASN E 161 -5.39 -9.67 37.00
N SER E 162 -5.44 -8.38 36.65
CA SER E 162 -4.35 -7.50 37.02
C SER E 162 -4.22 -7.36 38.53
N GLY E 163 -5.24 -7.75 39.28
CA GLY E 163 -5.23 -7.59 40.72
C GLY E 163 -6.03 -6.41 41.21
N GLN E 164 -6.69 -5.70 40.32
CA GLN E 164 -7.53 -4.59 40.72
C GLN E 164 -8.81 -5.13 41.35
N ILE E 165 -9.22 -4.51 42.44
CA ILE E 165 -10.41 -4.89 43.19
C ILE E 165 -11.46 -3.84 42.88
N LYS E 166 -12.72 -4.26 42.72
CA LYS E 166 -13.79 -3.28 42.62
C LYS E 166 -15.00 -3.77 43.39
N LEU E 167 -15.67 -2.85 44.09
CA LEU E 167 -16.92 -3.14 44.76
C LEU E 167 -18.10 -2.92 43.83
N ALA E 168 -19.14 -3.74 43.98
CA ALA E 168 -20.27 -3.71 43.06
C ALA E 168 -21.58 -4.00 43.81
N ASP E 169 -22.69 -3.88 43.07
CA ASP E 169 -24.05 -4.00 43.57
C ASP E 169 -24.33 -3.01 44.68
N PHE E 170 -24.54 -1.77 44.32
CA PHE E 170 -24.94 -0.71 45.24
C PHE E 170 -26.44 -0.57 45.29
N GLY E 171 -27.16 -1.64 44.93
CA GLY E 171 -28.60 -1.60 44.87
C GLY E 171 -29.29 -1.44 46.19
N LEU E 172 -28.58 -1.65 47.30
CA LEU E 172 -29.17 -1.46 48.63
C LEU E 172 -28.48 -0.33 49.38
N ALA E 173 -27.74 0.53 48.69
CA ALA E 173 -26.97 1.58 49.32
C ALA E 173 -27.85 2.76 49.71
N ARG E 174 -27.53 3.37 50.85
CA ARG E 174 -28.31 4.47 51.40
C ARG E 174 -27.40 5.54 51.98
N LEU E 175 -27.84 6.80 51.88
CA LEU E 175 -27.11 7.89 52.51
C LEU E 175 -27.30 7.80 54.03
N TYR E 176 -26.23 8.07 54.76
CA TYR E 176 -26.22 7.97 56.22
C TYR E 176 -26.06 9.36 56.80
N ASN E 177 -27.00 9.74 57.67
CA ASN E 177 -26.92 10.98 58.44
C ASN E 177 -26.85 10.60 59.91
N SER E 178 -25.78 11.01 60.60
CA SER E 178 -25.69 10.74 62.02
C SER E 178 -26.77 11.51 62.78
N GLU E 179 -26.90 12.80 62.50
CA GLU E 179 -27.97 13.59 63.08
C GLU E 179 -29.30 13.15 62.44
N GLU E 180 -30.40 13.48 63.12
CA GLU E 180 -31.74 13.12 62.66
C GLU E 180 -31.75 11.68 62.15
N SER E 181 -31.36 10.78 63.04
CA SER E 181 -31.32 9.36 62.72
C SER E 181 -32.74 8.82 62.65
N ARG E 182 -33.08 8.24 61.51
CA ARG E 182 -34.39 7.69 61.19
C ARG E 182 -34.25 6.24 60.78
N PRO E 183 -35.28 5.42 61.01
CA PRO E 183 -35.15 3.98 60.78
C PRO E 183 -34.87 3.64 59.32
N TYR E 184 -33.99 2.67 59.11
CA TYR E 184 -33.59 2.20 57.79
C TYR E 184 -34.16 0.76 57.70
N TPO E 185 -33.78 0.01 56.67
CA TPO E 185 -34.22 -1.39 56.51
CB TPO E 185 -34.22 -1.76 54.97
CG2 TPO E 185 -35.61 -2.19 54.51
OG1 TPO E 185 -33.67 -0.62 54.24
P TPO E 185 -34.64 0.29 53.32
O1P TPO E 185 -35.71 1.10 54.23
O2P TPO E 185 -33.78 1.25 52.61
O3P TPO E 185 -35.43 -0.55 52.18
C TPO E 185 -33.32 -2.35 57.30
O TPO E 185 -32.11 -2.36 57.12
H TPO E 185 -33.26 0.28 56.05
HA TPO E 185 -35.13 -1.49 56.85
HB TPO E 185 -33.60 -2.63 54.74
HG21 TPO E 185 -35.59 -2.45 53.47
HG22 TPO E 185 -36.31 -1.35 54.67
HG23 TPO E 185 -35.94 -3.04 55.11
N ASN E 186 -33.91 -3.16 58.20
CA ASN E 186 -33.10 -4.00 59.10
C ASN E 186 -32.76 -5.38 58.51
N LYS E 187 -31.65 -5.95 58.99
CA LYS E 187 -31.13 -7.24 58.50
C LYS E 187 -30.89 -7.19 56.99
N VAL E 188 -30.17 -6.15 56.56
CA VAL E 188 -29.92 -5.97 55.13
C VAL E 188 -28.81 -6.89 54.64
N ILE E 189 -27.73 -7.05 55.41
CA ILE E 189 -26.55 -7.78 54.93
C ILE E 189 -26.82 -9.28 54.90
N THR E 190 -26.16 -9.98 53.98
CA THR E 190 -26.33 -11.43 53.88
C THR E 190 -25.85 -12.10 55.16
N LEU E 191 -26.55 -13.17 55.55
CA LEU E 191 -26.40 -13.69 56.91
C LEU E 191 -24.95 -14.03 57.24
N TRP E 192 -24.23 -14.65 56.31
CA TRP E 192 -22.89 -15.09 56.66
C TRP E 192 -21.98 -13.92 57.02
N TYR E 193 -22.25 -12.74 56.47
CA TYR E 193 -21.46 -11.54 56.69
C TYR E 193 -22.21 -10.47 57.48
N ARG E 194 -23.23 -10.84 58.27
CA ARG E 194 -24.02 -9.83 58.98
C ARG E 194 -23.42 -9.52 60.36
N PRO E 195 -23.42 -8.25 60.77
CA PRO E 195 -22.87 -7.88 62.10
C PRO E 195 -23.86 -8.19 63.21
N PRO E 196 -23.37 -8.30 64.45
CA PRO E 196 -24.28 -8.64 65.55
C PRO E 196 -25.39 -7.62 65.78
N GLU E 197 -25.13 -6.32 65.56
CA GLU E 197 -26.16 -5.32 65.82
C GLU E 197 -27.40 -5.55 64.96
N LEU E 198 -27.21 -5.93 63.69
CA LEU E 198 -28.36 -6.15 62.82
C LEU E 198 -29.11 -7.42 63.20
N LEU E 199 -28.39 -8.44 63.63
CA LEU E 199 -29.03 -9.64 64.17
C LEU E 199 -29.89 -9.31 65.38
N LEU E 200 -29.38 -8.46 66.27
CA LEU E 200 -30.06 -8.07 67.50
C LEU E 200 -31.05 -6.92 67.30
N GLY E 201 -31.36 -6.60 66.04
CA GLY E 201 -32.44 -5.69 65.72
C GLY E 201 -32.15 -4.21 65.78
N GLU E 202 -30.92 -3.80 65.49
CA GLU E 202 -30.60 -2.37 65.42
C GLU E 202 -31.22 -1.79 64.15
N GLU E 203 -32.31 -1.03 64.31
CA GLU E 203 -32.96 -0.40 63.17
C GLU E 203 -32.24 0.84 62.66
N ARG E 204 -31.44 1.49 63.50
CA ARG E 204 -30.66 2.67 63.17
C ARG E 204 -29.17 2.34 63.29
N TYR E 205 -28.62 1.72 62.27
CA TYR E 205 -27.24 1.24 62.30
C TYR E 205 -26.25 2.27 61.74
N THR E 206 -24.97 2.02 62.03
CA THR E 206 -23.86 2.87 61.65
C THR E 206 -23.10 2.27 60.47
N PRO E 207 -22.19 3.03 59.86
CA PRO E 207 -21.37 2.46 58.77
C PRO E 207 -20.56 1.25 59.19
N ALA E 208 -20.43 1.01 60.49
CA ALA E 208 -19.64 -0.13 60.97
C ALA E 208 -20.21 -1.45 60.51
N ILE E 209 -21.41 -1.48 59.93
CA ILE E 209 -21.95 -2.72 59.39
C ILE E 209 -21.06 -3.20 58.23
N ASP E 210 -20.66 -2.28 57.34
CA ASP E 210 -19.80 -2.67 56.24
C ASP E 210 -18.41 -3.09 56.72
N VAL E 211 -17.91 -2.47 57.79
CA VAL E 211 -16.59 -2.87 58.32
C VAL E 211 -16.64 -4.31 58.80
N TRP E 212 -17.71 -4.67 59.53
CA TRP E 212 -17.84 -6.04 60.00
C TRP E 212 -17.76 -7.02 58.84
N SER E 213 -18.49 -6.73 57.76
CA SER E 213 -18.45 -7.60 56.58
C SER E 213 -17.03 -7.78 56.08
N CYS E 214 -16.32 -6.67 55.87
CA CYS E 214 -14.96 -6.78 55.34
C CYS E 214 -14.07 -7.57 56.28
N GLY E 215 -14.33 -7.51 57.59
CA GLY E 215 -13.54 -8.32 58.50
C GLY E 215 -13.76 -9.80 58.29
N CYS E 216 -15.02 -10.20 58.11
CA CYS E 216 -15.32 -11.59 57.77
C CYS E 216 -14.57 -12.01 56.51
N ILE E 217 -14.49 -11.12 55.52
CA ILE E 217 -13.76 -11.41 54.30
C ILE E 217 -12.27 -11.54 54.58
N LEU E 218 -11.74 -10.67 55.44
CA LEU E 218 -10.32 -10.76 55.78
C LEU E 218 -9.98 -12.14 56.31
N GLY E 219 -10.73 -12.62 57.29
CA GLY E 219 -10.48 -13.95 57.81
C GLY E 219 -10.65 -15.04 56.78
N GLU E 220 -11.64 -14.89 55.91
CA GLU E 220 -11.88 -15.87 54.88
C GLU E 220 -10.69 -15.98 53.93
N LEU E 221 -9.98 -14.88 53.69
CA LEU E 221 -8.80 -14.92 52.83
C LEU E 221 -7.65 -15.68 53.48
N PHE E 222 -7.60 -15.76 54.80
CA PHE E 222 -6.56 -16.55 55.47
C PHE E 222 -6.95 -18.00 55.69
N THR E 223 -8.22 -18.31 55.91
CA THR E 223 -8.61 -19.69 56.13
C THR E 223 -9.11 -20.38 54.87
N LYS E 224 -9.45 -19.63 53.83
CA LYS E 224 -10.05 -20.14 52.62
C LYS E 224 -11.42 -20.75 52.86
N LYS E 225 -12.06 -20.39 53.98
CA LYS E 225 -13.34 -20.91 54.41
C LYS E 225 -14.05 -19.76 55.11
N PRO E 226 -15.34 -19.54 54.83
CA PRO E 226 -16.05 -18.47 55.53
C PRO E 226 -15.97 -18.65 57.04
N ILE E 227 -15.88 -17.54 57.75
CA ILE E 227 -15.68 -17.62 59.20
C ILE E 227 -16.97 -18.09 59.87
N PHE E 228 -18.11 -17.50 59.50
CA PHE E 228 -19.41 -17.84 60.10
C PHE E 228 -20.36 -18.36 59.03
N GLN E 229 -20.66 -19.66 59.07
CA GLN E 229 -21.60 -20.28 58.14
C GLN E 229 -22.77 -20.78 58.96
N ALA E 230 -23.96 -20.25 58.70
CA ALA E 230 -25.14 -20.62 59.46
C ALA E 230 -26.39 -20.45 58.57
N ASN E 231 -27.54 -20.83 59.11
CA ASN E 231 -28.79 -20.78 58.39
C ASN E 231 -29.85 -19.84 58.95
N LEU E 232 -29.84 -19.56 60.24
CA LEU E 232 -30.85 -18.71 60.88
C LEU E 232 -30.12 -17.72 61.78
N GLU E 233 -30.79 -16.58 62.04
CA GLU E 233 -30.11 -15.51 62.77
C GLU E 233 -29.59 -15.99 64.13
N LEU E 234 -30.35 -16.85 64.82
CA LEU E 234 -29.87 -17.29 66.13
C LEU E 234 -28.62 -18.14 66.00
N ALA E 235 -28.58 -19.05 65.02
CA ALA E 235 -27.38 -19.86 64.83
C ALA E 235 -26.18 -18.98 64.48
N GLN E 236 -26.40 -17.94 63.67
CA GLN E 236 -25.31 -17.03 63.31
C GLN E 236 -24.80 -16.27 64.52
N LEU E 237 -25.70 -15.73 65.33
CA LEU E 237 -25.29 -15.03 66.55
C LEU E 237 -24.49 -15.95 67.47
N GLU E 238 -24.84 -17.24 67.53
CA GLU E 238 -24.11 -18.18 68.37
C GLU E 238 -22.68 -18.37 67.88
N LEU E 239 -22.48 -18.53 66.56
CA LEU E 239 -21.13 -18.68 66.05
C LEU E 239 -20.27 -17.46 66.36
N ILE E 240 -20.81 -16.27 66.14
CA ILE E 240 -20.10 -15.03 66.46
C ILE E 240 -19.67 -15.03 67.93
N SER E 241 -20.59 -15.42 68.82
CA SER E 241 -20.29 -15.38 70.25
C SER E 241 -19.16 -16.34 70.62
N ARG E 242 -19.13 -17.52 70.01
CA ARG E 242 -18.06 -18.48 70.34
C ARG E 242 -16.69 -17.88 70.08
N LEU E 243 -16.57 -17.06 69.03
CA LEU E 243 -15.30 -16.48 68.62
C LEU E 243 -15.08 -15.10 69.22
N CYS E 244 -16.05 -14.21 69.10
CA CYS E 244 -15.88 -12.81 69.49
C CYS E 244 -16.29 -12.54 70.94
N GLY E 245 -16.90 -13.49 71.61
CA GLY E 245 -17.46 -13.27 72.91
C GLY E 245 -18.94 -12.95 72.82
N SER E 246 -19.68 -13.30 73.87
CA SER E 246 -21.11 -13.06 73.82
C SER E 246 -21.40 -11.56 73.95
N PRO E 247 -22.33 -11.03 73.18
CA PRO E 247 -22.77 -9.65 73.41
C PRO E 247 -23.27 -9.49 74.83
N CYS E 248 -22.67 -8.55 75.54
CA CYS E 248 -23.05 -8.26 76.92
C CYS E 248 -22.67 -6.82 77.20
N PRO E 249 -23.32 -6.16 78.15
CA PRO E 249 -22.97 -4.77 78.45
C PRO E 249 -21.51 -4.60 78.84
N ALA E 250 -20.86 -5.67 79.32
CA ALA E 250 -19.49 -5.56 79.77
C ALA E 250 -18.58 -5.02 78.67
N VAL E 251 -18.77 -5.48 77.44
CA VAL E 251 -18.00 -5.00 76.29
C VAL E 251 -18.81 -4.11 75.35
N TRP E 252 -20.13 -4.07 75.49
CA TRP E 252 -21.03 -3.39 74.54
C TRP E 252 -22.10 -2.69 75.36
N PRO E 253 -21.80 -1.54 75.93
CA PRO E 253 -22.72 -0.94 76.92
C PRO E 253 -24.16 -0.81 76.45
N ASP E 254 -24.37 -0.47 75.17
CA ASP E 254 -25.69 -0.18 74.66
C ASP E 254 -26.39 -1.38 74.04
N VAL E 255 -25.86 -2.60 74.25
CA VAL E 255 -26.49 -3.78 73.67
C VAL E 255 -27.88 -3.99 74.25
N ILE E 256 -28.07 -3.55 75.50
CA ILE E 256 -29.34 -3.70 76.20
C ILE E 256 -30.45 -2.91 75.53
N ARG E 257 -30.11 -1.89 74.73
CA ARG E 257 -31.13 -1.13 74.02
C ARG E 257 -31.70 -1.88 72.82
N LEU E 258 -31.06 -2.94 72.39
CA LEU E 258 -31.44 -3.60 71.15
C LEU E 258 -32.66 -4.49 71.36
N PRO E 259 -33.62 -4.47 70.43
CA PRO E 259 -34.86 -5.24 70.63
C PRO E 259 -34.66 -6.71 70.98
N TYR E 260 -33.72 -7.40 70.33
CA TYR E 260 -33.60 -8.84 70.50
C TYR E 260 -32.47 -9.24 71.45
N PHE E 261 -31.96 -8.30 72.26
CA PHE E 261 -30.85 -8.65 73.14
C PHE E 261 -31.24 -9.78 74.10
N ASN E 262 -32.39 -9.64 74.76
CA ASN E 262 -32.88 -10.72 75.62
C ASN E 262 -33.40 -11.90 74.81
N THR E 263 -34.08 -11.63 73.69
CA THR E 263 -34.69 -12.70 72.92
C THR E 263 -33.66 -13.67 72.40
N MET E 264 -32.64 -13.16 71.73
CA MET E 264 -31.62 -13.98 71.09
C MET E 264 -30.40 -14.11 72.00
N LYS E 265 -30.62 -14.72 73.15
CA LYS E 265 -29.47 -14.91 74.01
C LYS E 265 -28.64 -16.08 73.48
N PRO E 266 -27.32 -15.97 73.48
CA PRO E 266 -26.49 -17.11 73.09
C PRO E 266 -26.50 -18.20 74.17
N LYS E 267 -26.14 -19.41 73.74
CA LYS E 267 -26.18 -20.56 74.64
C LYS E 267 -25.40 -20.30 75.91
N LYS E 268 -24.23 -19.67 75.79
CA LYS E 268 -23.41 -19.31 76.93
C LYS E 268 -23.00 -17.85 76.81
N GLN E 269 -22.42 -17.34 77.90
CA GLN E 269 -21.73 -16.05 77.89
C GLN E 269 -20.25 -16.35 77.61
N TYR E 270 -19.97 -16.50 76.31
CA TYR E 270 -18.63 -16.89 75.88
C TYR E 270 -17.62 -15.74 76.03
N ARG E 271 -16.39 -16.10 76.33
CA ARG E 271 -15.31 -15.15 76.27
C ARG E 271 -14.79 -15.05 74.83
N ARG E 272 -14.10 -13.96 74.53
CA ARG E 272 -13.53 -13.79 73.21
C ARG E 272 -12.35 -14.72 73.04
N ARG E 273 -12.32 -15.44 71.91
CA ARG E 273 -11.25 -16.39 71.65
C ARG E 273 -10.58 -16.07 70.32
N LEU E 274 -10.91 -14.92 69.72
CA LEU E 274 -10.51 -14.64 68.34
C LEU E 274 -9.00 -14.79 68.17
N ARG E 275 -8.23 -14.12 69.01
CA ARG E 275 -6.78 -14.17 68.83
C ARG E 275 -6.23 -15.58 68.95
N GLU E 276 -6.81 -16.38 69.85
CA GLU E 276 -6.38 -17.76 69.99
C GLU E 276 -6.68 -18.54 68.72
N GLU E 277 -7.92 -18.46 68.25
CA GLU E 277 -8.35 -19.29 67.14
C GLU E 277 -7.63 -18.94 65.84
N PHE E 278 -7.24 -17.68 65.66
CA PHE E 278 -6.52 -17.23 64.47
C PHE E 278 -5.04 -17.03 64.72
N SER E 279 -4.42 -17.88 65.55
CA SER E 279 -3.01 -17.70 65.88
C SER E 279 -2.12 -17.75 64.64
N PHE E 280 -2.54 -18.49 63.60
CA PHE E 280 -1.70 -18.60 62.40
C PHE E 280 -1.65 -17.32 61.59
N ILE E 281 -2.55 -16.39 61.82
CA ILE E 281 -2.55 -15.17 61.00
C ILE E 281 -1.38 -14.29 61.44
N PRO E 282 -0.69 -13.62 60.51
CA PRO E 282 0.38 -12.70 60.92
C PRO E 282 -0.13 -11.66 61.91
N SER E 283 0.75 -11.23 62.81
CA SER E 283 0.31 -10.36 63.90
C SER E 283 -0.26 -9.06 63.38
N ALA E 284 0.40 -8.44 62.39
CA ALA E 284 -0.10 -7.18 61.87
C ALA E 284 -1.53 -7.33 61.35
N ALA E 285 -1.81 -8.47 60.72
CA ALA E 285 -3.15 -8.71 60.18
C ALA E 285 -4.12 -9.12 61.28
N LEU E 286 -3.68 -9.99 62.20
CA LEU E 286 -4.55 -10.42 63.29
C LEU E 286 -5.06 -9.21 64.08
N ASP E 287 -4.20 -8.25 64.34
CA ASP E 287 -4.62 -7.03 65.03
C ASP E 287 -5.73 -6.34 64.25
N LEU E 288 -5.59 -6.29 62.92
CA LEU E 288 -6.65 -5.72 62.07
C LEU E 288 -7.94 -6.50 62.19
N LEU E 289 -7.85 -7.84 62.19
CA LEU E 289 -9.05 -8.64 62.31
C LEU E 289 -9.72 -8.42 63.65
N ASP E 290 -8.93 -8.41 64.73
CA ASP E 290 -9.51 -8.22 66.05
C ASP E 290 -10.33 -6.94 66.11
N HIS E 291 -9.85 -5.88 65.47
CA HIS E 291 -10.54 -4.59 65.53
C HIS E 291 -11.76 -4.56 64.62
N MET E 292 -11.68 -5.14 63.43
CA MET E 292 -12.83 -5.16 62.53
C MET E 292 -13.96 -6.01 63.08
N LEU E 293 -13.64 -7.10 63.76
CA LEU E 293 -14.63 -7.97 64.37
C LEU E 293 -14.78 -7.66 65.85
N THR E 294 -14.99 -6.38 66.16
CA THR E 294 -15.24 -5.91 67.51
C THR E 294 -16.75 -5.81 67.66
N LEU E 295 -17.29 -6.39 68.73
CA LEU E 295 -18.75 -6.55 68.79
C LEU E 295 -19.47 -5.21 68.74
N ASP E 296 -19.05 -4.25 69.56
CA ASP E 296 -19.75 -2.98 69.67
C ASP E 296 -19.45 -2.07 68.48
N PRO E 297 -20.44 -1.73 67.65
CA PRO E 297 -20.13 -0.91 66.46
C PRO E 297 -19.45 0.41 66.82
N SER E 298 -19.71 0.95 68.01
CA SER E 298 -19.04 2.17 68.44
C SER E 298 -17.60 1.95 68.83
N LYS E 299 -17.20 0.71 69.14
CA LYS E 299 -15.80 0.40 69.38
C LYS E 299 -15.12 -0.24 68.18
N ARG E 300 -15.87 -0.67 67.18
CA ARG E 300 -15.29 -1.26 65.99
C ARG E 300 -14.62 -0.18 65.15
N CYS E 301 -13.43 -0.49 64.65
CA CYS E 301 -12.68 0.48 63.86
C CYS E 301 -13.45 0.85 62.59
N THR E 302 -13.04 1.98 62.02
CA THR E 302 -13.58 2.51 60.78
C THR E 302 -12.73 2.05 59.59
N ALA E 303 -13.20 2.38 58.40
CA ALA E 303 -12.41 2.11 57.21
C ALA E 303 -11.10 2.88 57.26
N GLU E 304 -11.17 4.17 57.57
CA GLU E 304 -9.96 4.97 57.64
C GLU E 304 -8.94 4.37 58.59
N GLN E 305 -9.39 3.90 59.76
CA GLN E 305 -8.46 3.35 60.74
C GLN E 305 -7.75 2.11 60.21
N THR E 306 -8.45 1.25 59.45
CA THR E 306 -7.80 0.06 58.90
C THR E 306 -6.66 0.45 57.97
N LEU E 307 -6.82 1.56 57.25
CA LEU E 307 -5.75 2.04 56.39
C LEU E 307 -4.59 2.52 57.23
N GLN E 308 -4.85 2.96 58.45
CA GLN E 308 -3.78 3.36 59.38
C GLN E 308 -3.41 2.22 60.33
N SER E 309 -3.19 1.04 59.76
CA SER E 309 -2.86 -0.15 60.53
C SER E 309 -1.49 -0.61 60.09
N ASP E 310 -0.71 -1.17 61.02
CA ASP E 310 0.55 -1.78 60.62
C ASP E 310 0.38 -2.69 59.41
N PHE E 311 -0.76 -3.37 59.27
CA PHE E 311 -0.93 -4.31 58.16
C PHE E 311 -1.02 -3.60 56.81
N LEU E 312 -1.81 -2.52 56.72
CA LEU E 312 -2.07 -1.88 55.43
C LEU E 312 -1.38 -0.54 55.25
N LYS E 313 -0.85 0.04 56.33
CA LYS E 313 -0.38 1.43 56.29
C LYS E 313 0.65 1.64 55.20
N ASP E 314 1.62 0.74 55.08
CA ASP E 314 2.74 0.91 54.15
C ASP E 314 2.58 0.12 52.85
N VAL E 315 1.42 -0.49 52.63
CA VAL E 315 1.17 -1.19 51.38
C VAL E 315 1.08 -0.16 50.26
N GLU E 316 1.78 -0.43 49.16
CA GLU E 316 1.81 0.47 48.02
C GLU E 316 0.99 -0.09 46.88
N LEU E 317 -0.02 0.67 46.45
CA LEU E 317 -0.88 0.22 45.38
C LEU E 317 -0.14 0.19 44.06
N SER E 318 1.01 0.88 43.99
CA SER E 318 1.86 0.83 42.80
C SER E 318 2.22 -0.60 42.43
N LYS E 319 2.59 -1.41 43.42
CA LYS E 319 2.79 -2.84 43.24
C LYS E 319 1.43 -3.52 43.37
N MET E 320 0.87 -3.98 42.25
CA MET E 320 -0.48 -4.55 42.29
C MET E 320 -0.51 -5.87 43.07
N ALA E 321 0.53 -6.69 42.95
CA ALA E 321 0.60 -8.02 43.57
C ALA E 321 -0.65 -8.83 43.22
N PRO E 322 -0.67 -9.45 42.04
CA PRO E 322 -1.86 -10.18 41.58
C PRO E 322 -2.06 -11.53 42.37
N PRO E 323 -3.31 -11.95 42.51
CA PRO E 323 -3.50 -13.30 43.09
C PRO E 323 -2.98 -14.35 42.12
N ASP E 324 -2.76 -15.55 42.65
CA ASP E 324 -2.19 -16.64 41.85
C ASP E 324 -3.28 -17.44 41.14
N LEU E 325 -3.22 -17.46 39.81
CA LEU E 325 -4.13 -18.28 39.02
C LEU E 325 -3.34 -19.43 38.39
N PRO E 326 -3.75 -20.69 38.59
CA PRO E 326 -3.01 -21.80 37.95
C PRO E 326 -3.02 -21.76 36.43
N HIS E 327 -4.20 -21.55 35.83
CA HIS E 327 -4.43 -21.59 34.38
C HIS E 327 -4.10 -22.98 33.82
N TRP E 328 -3.28 -23.07 32.77
CA TRP E 328 -3.01 -24.33 32.09
C TRP E 328 -2.28 -25.35 32.95
N GLN E 329 -1.41 -24.91 33.86
CA GLN E 329 -0.52 -25.86 34.54
C GLN E 329 -1.28 -26.96 35.29
N ASP E 330 -2.40 -26.64 35.95
CA ASP E 330 -3.13 -27.65 36.71
C ASP E 330 -4.58 -27.80 36.25
N CYS E 331 -4.85 -27.51 34.99
CA CYS E 331 -6.17 -27.74 34.43
C CYS E 331 -6.33 -29.22 34.08
N THR F 24 -18.34 13.76 31.70
CA THR F 24 -18.86 13.05 32.87
C THR F 24 -20.36 13.33 33.00
N LYS F 25 -20.73 14.56 33.41
CA LYS F 25 -22.13 14.91 33.65
C LYS F 25 -22.57 15.98 32.66
N PRO F 26 -23.82 15.99 32.22
CA PRO F 26 -24.24 16.93 31.17
C PRO F 26 -24.42 18.33 31.75
N CYS F 27 -24.35 19.31 30.85
CA CYS F 27 -24.48 20.71 31.23
C CYS F 27 -25.97 21.02 31.21
N TRP F 28 -26.54 21.26 32.39
CA TRP F 28 -27.98 21.47 32.52
C TRP F 28 -28.30 22.96 32.65
N TYR F 29 -27.43 23.81 32.13
CA TYR F 29 -27.58 25.26 32.27
C TYR F 29 -27.49 25.89 30.89
N TRP F 30 -28.42 26.79 30.61
CA TRP F 30 -28.53 27.52 29.35
C TRP F 30 -28.47 29.01 29.67
N ASP F 31 -28.22 29.83 28.65
CA ASP F 31 -28.29 31.29 28.84
C ASP F 31 -29.70 31.76 28.52
N LYS F 32 -30.16 32.80 29.23
CA LYS F 32 -31.53 33.28 29.03
C LYS F 32 -31.86 33.49 27.56
N LYS F 33 -30.90 34.01 26.79
CA LYS F 33 -31.16 34.27 25.38
C LYS F 33 -31.65 33.01 24.69
N ASP F 34 -31.19 31.85 25.14
CA ASP F 34 -31.57 30.59 24.50
C ASP F 34 -33.03 30.24 24.72
N LEU F 35 -33.66 30.77 25.77
CA LEU F 35 -35.04 30.42 26.06
C LEU F 35 -36.00 30.91 24.99
N ALA F 36 -35.59 31.85 24.16
CA ALA F 36 -36.38 32.22 23.00
C ALA F 36 -36.40 31.11 21.95
N HIS F 37 -35.58 30.08 22.12
CA HIS F 37 -35.44 29.01 21.14
C HIS F 37 -35.79 27.67 21.78
N THR F 38 -36.65 27.68 22.81
CA THR F 38 -37.19 26.44 23.34
C THR F 38 -38.18 25.85 22.34
N PRO F 39 -38.38 24.53 22.39
CA PRO F 39 -39.35 23.90 21.48
C PRO F 39 -40.72 24.52 21.56
N SER F 40 -41.18 24.83 22.76
CA SER F 40 -42.48 25.44 22.94
C SER F 40 -42.56 26.77 22.18
N GLN F 41 -41.51 27.60 22.31
CA GLN F 41 -41.49 28.84 21.55
C GLN F 41 -41.52 28.57 20.06
N LEU F 42 -40.73 27.61 19.59
CA LEU F 42 -40.63 27.40 18.16
C LEU F 42 -41.92 26.83 17.61
N GLU F 43 -42.71 26.16 18.45
CA GLU F 43 -43.99 25.67 18.01
C GLU F 43 -45.08 26.73 18.09
N GLY F 44 -44.72 27.97 18.37
CA GLY F 44 -45.67 29.05 18.33
C GLY F 44 -46.23 29.50 19.65
N LEU F 45 -45.73 28.96 20.76
CA LEU F 45 -46.12 29.48 22.06
C LEU F 45 -45.43 30.82 22.30
N ASP F 46 -46.17 31.77 22.84
CA ASP F 46 -45.60 33.09 23.03
C ASP F 46 -44.82 33.10 24.35
N PRO F 47 -43.84 34.00 24.48
CA PRO F 47 -42.93 33.89 25.64
C PRO F 47 -43.67 33.86 26.96
N ALA F 48 -44.62 34.79 27.14
CA ALA F 48 -45.32 34.87 28.40
C ALA F 48 -46.07 33.58 28.72
N THR F 49 -46.73 33.01 27.71
CA THR F 49 -47.50 31.79 27.95
C THR F 49 -46.61 30.64 28.40
N GLU F 50 -45.44 30.48 27.77
CA GLU F 50 -44.59 29.39 28.22
C GLU F 50 -44.20 29.60 29.68
N ALA F 51 -43.88 30.85 30.06
CA ALA F 51 -43.53 31.15 31.44
C ALA F 51 -44.70 30.86 32.37
N ARG F 52 -45.91 31.27 31.97
CA ARG F 52 -47.07 30.93 32.78
C ARG F 52 -47.24 29.43 32.90
N TYR F 53 -47.07 28.70 31.80
CA TYR F 53 -47.19 27.25 31.85
C TYR F 53 -46.17 26.66 32.81
N ARG F 54 -44.96 27.23 32.84
CA ARG F 54 -43.94 26.75 33.78
C ARG F 54 -44.38 27.02 35.21
N ARG F 55 -44.85 28.23 35.49
CA ARG F 55 -45.30 28.57 36.83
C ARG F 55 -46.45 27.66 37.26
N GLU F 56 -47.44 27.46 36.40
CA GLU F 56 -48.57 26.62 36.76
C GLU F 56 -48.12 25.21 37.07
N GLY F 57 -47.24 24.66 36.24
CA GLY F 57 -46.76 23.31 36.46
C GLY F 57 -45.93 23.18 37.71
N ALA F 58 -45.01 24.12 37.94
CA ALA F 58 -44.20 24.09 39.16
C ALA F 58 -45.09 24.15 40.40
N ARG F 59 -45.96 25.15 40.47
CA ARG F 59 -46.85 25.29 41.62
C ARG F 59 -47.73 24.05 41.80
N PHE F 60 -48.10 23.39 40.70
CA PHE F 60 -48.86 22.14 40.78
C PHE F 60 -48.05 21.04 41.47
N ILE F 61 -46.81 20.84 41.05
CA ILE F 61 -45.94 19.87 41.72
C ILE F 61 -45.76 20.25 43.18
N PHE F 62 -45.57 21.55 43.42
CA PHE F 62 -45.38 22.05 44.79
C PHE F 62 -46.62 21.78 45.63
N ASP F 63 -47.79 22.11 45.09
CA ASP F 63 -49.04 21.96 45.84
C ASP F 63 -49.42 20.50 45.98
N VAL F 64 -49.26 19.71 44.91
CA VAL F 64 -49.57 18.28 45.03
C VAL F 64 -48.67 17.62 46.07
N GLY F 65 -47.36 17.85 45.97
CA GLY F 65 -46.45 17.23 46.90
C GLY F 65 -46.60 17.75 48.31
N THR F 66 -46.93 19.03 48.46
CA THR F 66 -47.21 19.55 49.80
C THR F 66 -48.40 18.83 50.41
N ARG F 67 -49.46 18.64 49.63
CA ARG F 67 -50.63 17.92 50.10
C ARG F 67 -50.31 16.47 50.45
N LEU F 68 -49.35 15.86 49.76
CA LEU F 68 -48.93 14.50 50.07
C LEU F 68 -47.92 14.43 51.22
N GLY F 69 -47.52 15.58 51.77
CA GLY F 69 -46.60 15.58 52.89
C GLY F 69 -45.15 15.43 52.55
N LEU F 70 -44.73 15.89 51.37
CA LEU F 70 -43.39 15.60 50.89
C LEU F 70 -42.36 16.62 51.38
N HIS F 71 -41.15 16.11 51.61
CA HIS F 71 -39.97 16.90 51.95
C HIS F 71 -39.69 17.95 50.89
N TYR F 72 -39.08 19.07 51.32
CA TYR F 72 -38.89 20.19 50.41
C TYR F 72 -37.94 19.81 49.27
N ASP F 73 -36.93 18.98 49.54
CA ASP F 73 -36.03 18.55 48.48
C ASP F 73 -36.78 17.78 47.41
N THR F 74 -37.74 16.95 47.83
CA THR F 74 -38.49 16.16 46.87
C THR F 74 -39.25 17.05 45.90
N LEU F 75 -39.91 18.09 46.43
CA LEU F 75 -40.64 19.00 45.56
C LEU F 75 -39.72 19.65 44.54
N ALA F 76 -38.57 20.16 44.99
CA ALA F 76 -37.65 20.84 44.08
C ALA F 76 -37.13 19.89 43.02
N THR F 77 -36.75 18.67 43.41
CA THR F 77 -36.24 17.72 42.43
C THR F 77 -37.25 17.51 41.31
N GLY F 78 -38.53 17.31 41.68
CA GLY F 78 -39.57 17.19 40.68
C GLY F 78 -39.68 18.43 39.80
N ILE F 79 -39.62 19.61 40.41
CA ILE F 79 -39.78 20.84 39.62
C ILE F 79 -38.60 21.01 38.66
N ILE F 80 -37.39 20.67 39.12
CA ILE F 80 -36.21 20.78 38.26
C ILE F 80 -36.25 19.74 37.16
N TYR F 81 -36.66 18.50 37.49
CA TYR F 81 -36.93 17.56 36.41
C TYR F 81 -37.91 18.19 35.41
N PHE F 82 -38.98 18.78 35.93
CA PHE F 82 -40.02 19.39 35.10
C PHE F 82 -39.45 20.46 34.18
N HIS F 83 -38.73 21.44 34.74
CA HIS F 83 -38.22 22.52 33.90
C HIS F 83 -37.29 21.99 32.82
N ARG F 84 -36.42 21.05 33.18
CA ARG F 84 -35.51 20.49 32.19
C ARG F 84 -36.28 19.78 31.09
N PHE F 85 -37.32 19.02 31.44
CA PHE F 85 -38.09 18.31 30.45
C PHE F 85 -38.52 19.22 29.30
N TYR F 86 -39.01 20.42 29.62
CA TYR F 86 -39.56 21.29 28.59
C TYR F 86 -38.49 22.14 27.90
N MET F 87 -37.22 21.89 28.18
CA MET F 87 -36.13 22.34 27.33
C MET F 87 -35.86 21.39 26.18
N PHE F 88 -36.40 20.17 26.25
CA PHE F 88 -36.25 19.20 25.19
C PHE F 88 -37.58 18.89 24.52
N HIS F 89 -38.70 19.40 25.04
CA HIS F 89 -40.02 19.10 24.50
C HIS F 89 -40.91 20.32 24.56
N SER F 90 -42.03 20.22 23.87
CA SER F 90 -42.99 21.30 23.77
C SER F 90 -44.14 21.08 24.73
N PHE F 91 -44.64 22.19 25.29
CA PHE F 91 -45.83 22.12 26.13
C PHE F 91 -47.06 21.69 25.34
N LYS F 92 -47.04 21.90 24.02
CA LYS F 92 -48.19 21.56 23.20
C LYS F 92 -48.25 20.06 22.94
N GLN F 93 -47.10 19.39 22.93
CA GLN F 93 -47.05 17.97 22.64
C GLN F 93 -47.11 17.11 23.90
N PHE F 94 -46.72 17.66 25.05
CA PHE F 94 -46.74 16.92 26.32
C PHE F 94 -47.52 17.74 27.34
N PRO F 95 -48.69 17.28 27.78
CA PRO F 95 -49.49 18.08 28.73
C PRO F 95 -48.68 18.44 29.96
N ARG F 96 -48.78 19.70 30.39
CA ARG F 96 -47.93 20.14 31.49
C ARG F 96 -48.24 19.38 32.77
N TYR F 97 -49.52 19.22 33.12
CA TYR F 97 -49.84 18.64 34.43
C TYR F 97 -49.50 17.16 34.51
N VAL F 98 -49.69 16.42 33.40
CA VAL F 98 -49.28 15.02 33.39
C VAL F 98 -47.79 14.91 33.61
N THR F 99 -47.02 15.69 32.83
CA THR F 99 -45.58 15.72 33.02
C THR F 99 -45.22 16.04 34.46
N GLY F 100 -45.90 17.03 35.04
CA GLY F 100 -45.63 17.39 36.42
C GLY F 100 -45.78 16.22 37.38
N ALA F 101 -46.91 15.50 37.30
CA ALA F 101 -47.13 14.38 38.21
C ALA F 101 -46.05 13.32 38.05
N CYS F 102 -45.63 13.06 36.80
CA CYS F 102 -44.57 12.12 36.54
C CYS F 102 -43.26 12.56 37.19
N CYS F 103 -42.92 13.86 37.07
CA CYS F 103 -41.73 14.36 37.71
C CYS F 103 -41.78 14.12 39.22
N LEU F 104 -42.92 14.46 39.84
CA LEU F 104 -43.03 14.26 41.28
C LEU F 104 -42.92 12.79 41.63
N PHE F 105 -43.57 11.94 40.85
CA PHE F 105 -43.50 10.50 41.08
C PHE F 105 -42.06 10.01 41.07
N LEU F 106 -41.32 10.35 40.02
CA LEU F 106 -39.92 9.94 39.93
C LEU F 106 -39.10 10.56 41.05
N ALA F 107 -39.28 11.86 41.27
CA ALA F 107 -38.54 12.55 42.33
C ALA F 107 -38.68 11.81 43.66
N GLY F 108 -39.90 11.38 43.99
CA GLY F 108 -40.11 10.64 45.22
C GLY F 108 -39.25 9.39 45.30
N LYS F 109 -39.12 8.66 44.19
CA LYS F 109 -38.27 7.48 44.21
C LYS F 109 -36.79 7.85 44.30
N VAL F 110 -36.40 8.95 43.65
CA VAL F 110 -35.01 9.36 43.68
C VAL F 110 -34.63 9.80 45.09
N GLU F 111 -35.43 10.67 45.70
CA GLU F 111 -35.12 11.24 47.00
C GLU F 111 -35.53 10.35 48.16
N GLU F 112 -35.95 9.12 47.88
CA GLU F 112 -36.32 8.16 48.93
C GLU F 112 -37.47 8.69 49.79
N THR F 113 -38.41 9.40 49.17
CA THR F 113 -39.67 9.78 49.82
C THR F 113 -40.82 9.31 48.93
N PRO F 114 -40.86 8.02 48.62
CA PRO F 114 -41.75 7.54 47.54
C PRO F 114 -43.23 7.60 47.91
N LYS F 115 -44.06 7.80 46.87
CA LYS F 115 -45.51 7.76 46.99
C LYS F 115 -46.07 6.95 45.83
N LYS F 116 -47.22 6.33 46.04
CA LYS F 116 -47.84 5.53 45.00
C LYS F 116 -48.45 6.41 43.93
N CYS F 117 -48.35 5.96 42.68
CA CYS F 117 -48.85 6.77 41.58
C CYS F 117 -50.33 7.11 41.77
N LYS F 118 -51.12 6.17 42.28
CA LYS F 118 -52.55 6.42 42.47
C LYS F 118 -52.80 7.58 43.42
N ASP F 119 -51.95 7.73 44.45
CA ASP F 119 -52.15 8.81 45.41
C ASP F 119 -51.85 10.16 44.80
N ILE F 120 -50.85 10.23 43.91
CA ILE F 120 -50.57 11.47 43.20
C ILE F 120 -51.74 11.85 42.32
N ILE F 121 -52.32 10.88 41.61
CA ILE F 121 -53.47 11.17 40.76
C ILE F 121 -54.64 11.67 41.62
N LYS F 122 -54.94 10.95 42.70
CA LYS F 122 -56.03 11.39 43.58
C LYS F 122 -55.83 12.84 43.97
N THR F 123 -54.61 13.20 44.40
CA THR F 123 -54.34 14.56 44.82
C THR F 123 -54.48 15.53 43.65
N ALA F 124 -53.98 15.14 42.47
CA ALA F 124 -54.12 16.02 41.31
C ALA F 124 -55.58 16.29 40.98
N ARG F 125 -56.44 15.27 41.14
CA ARG F 125 -57.85 15.49 40.88
C ARG F 125 -58.43 16.50 41.87
N SER F 126 -57.95 16.45 43.11
CA SER F 126 -58.38 17.43 44.10
C SER F 126 -58.02 18.85 43.66
N LEU F 127 -56.85 19.03 43.07
CA LEU F 127 -56.33 20.36 42.78
C LEU F 127 -56.68 20.88 41.39
N LEU F 128 -56.94 20.01 40.41
CA LEU F 128 -57.25 20.46 39.06
C LEU F 128 -58.75 20.49 38.81
N ASN F 129 -59.19 21.47 38.00
CA ASN F 129 -60.58 21.54 37.58
C ASN F 129 -60.81 20.45 36.54
N ASP F 130 -61.99 20.43 35.91
CA ASP F 130 -62.31 19.37 34.97
C ASP F 130 -61.59 19.57 33.64
N VAL F 131 -61.48 20.81 33.16
CA VAL F 131 -60.72 21.06 31.94
C VAL F 131 -59.28 20.59 32.12
N GLN F 132 -58.66 21.01 33.22
CA GLN F 132 -57.27 20.68 33.46
C GLN F 132 -57.05 19.18 33.56
N PHE F 133 -57.85 18.51 34.39
CA PHE F 133 -57.69 17.07 34.54
C PHE F 133 -58.00 16.30 33.28
N GLY F 134 -58.60 16.94 32.27
CA GLY F 134 -58.84 16.24 31.03
C GLY F 134 -57.57 15.82 30.32
N GLN F 135 -56.45 16.46 30.67
CA GLN F 135 -55.18 16.08 30.07
C GLN F 135 -54.82 14.64 30.39
N PHE F 136 -55.11 14.20 31.61
CA PHE F 136 -54.77 12.84 32.02
C PHE F 136 -55.53 11.79 31.25
N GLY F 137 -56.61 12.17 30.58
CA GLY F 137 -57.32 11.25 29.70
C GLY F 137 -58.12 10.21 30.45
N ASP F 138 -58.41 9.11 29.75
CA ASP F 138 -59.29 8.08 30.29
C ASP F 138 -58.61 7.27 31.38
N ASP F 139 -57.30 7.06 31.30
CA ASP F 139 -56.55 6.38 32.36
C ASP F 139 -55.42 7.28 32.82
N PRO F 140 -55.64 8.07 33.87
CA PRO F 140 -54.57 8.95 34.35
C PRO F 140 -53.33 8.19 34.79
N LYS F 141 -53.47 7.18 35.63
CA LYS F 141 -52.29 6.48 36.12
C LYS F 141 -51.42 6.00 34.97
N GLU F 142 -52.03 5.44 33.93
CA GLU F 142 -51.25 4.88 32.84
C GLU F 142 -50.41 5.96 32.15
N GLU F 143 -51.03 7.11 31.87
CA GLU F 143 -50.32 8.16 31.14
C GLU F 143 -49.07 8.62 31.91
N VAL F 144 -49.19 8.73 33.22
CA VAL F 144 -48.04 9.12 34.03
C VAL F 144 -46.99 8.02 34.04
N MET F 145 -47.39 6.79 34.31
CA MET F 145 -46.43 5.70 34.40
C MET F 145 -45.66 5.54 33.10
N VAL F 146 -46.34 5.78 31.98
CA VAL F 146 -45.67 5.69 30.68
C VAL F 146 -44.66 6.82 30.51
N LEU F 147 -45.04 8.04 30.90
CA LEU F 147 -44.18 9.19 30.67
C LEU F 147 -42.83 9.02 31.37
N GLU F 148 -42.77 8.18 32.41
CA GLU F 148 -41.53 7.97 33.14
C GLU F 148 -40.37 7.54 32.23
N ARG F 149 -40.64 6.63 31.30
CA ARG F 149 -39.58 6.21 30.38
C ARG F 149 -39.00 7.42 29.65
N ILE F 150 -39.87 8.24 29.07
CA ILE F 150 -39.39 9.42 28.36
C ILE F 150 -38.68 10.37 29.32
N LEU F 151 -39.26 10.60 30.49
CA LEU F 151 -38.64 11.51 31.45
C LEU F 151 -37.21 11.08 31.74
N LEU F 152 -37.03 9.80 32.08
CA LEU F 152 -35.70 9.29 32.37
C LEU F 152 -34.74 9.50 31.20
N GLN F 153 -35.18 9.23 29.98
CA GLN F 153 -34.30 9.48 28.85
C GLN F 153 -34.00 10.97 28.72
N THR F 154 -35.01 11.82 28.92
CA THR F 154 -34.81 13.25 28.72
C THR F 154 -33.85 13.84 29.76
N ILE F 155 -33.98 13.44 31.03
CA ILE F 155 -33.08 13.95 32.05
C ILE F 155 -31.73 13.24 31.99
N LYS F 156 -31.53 12.44 30.93
CA LYS F 156 -30.25 11.79 30.69
C LYS F 156 -29.79 10.99 31.91
N PHE F 157 -30.75 10.51 32.70
CA PHE F 157 -30.51 9.70 33.88
C PHE F 157 -29.62 10.39 34.90
N ASP F 158 -29.55 11.72 34.85
CA ASP F 158 -28.86 12.49 35.87
C ASP F 158 -29.89 12.71 36.98
N LEU F 159 -30.03 11.68 37.81
CA LEU F 159 -31.04 11.69 38.86
C LEU F 159 -30.63 12.59 40.02
N GLN F 160 -29.33 12.67 40.30
CA GLN F 160 -28.87 13.48 41.42
C GLN F 160 -29.07 14.96 41.08
N VAL F 161 -29.75 15.68 41.97
CA VAL F 161 -29.97 17.11 41.81
C VAL F 161 -29.79 17.75 43.18
N GLU F 162 -29.04 18.86 43.24
CA GLU F 162 -28.89 19.63 44.46
C GLU F 162 -29.62 20.96 44.37
N HIS F 163 -30.05 21.47 45.52
CA HIS F 163 -30.94 22.62 45.58
C HIS F 163 -30.38 23.73 46.44
N PRO F 164 -30.75 24.97 46.12
CA PRO F 164 -30.20 26.12 46.88
C PRO F 164 -30.35 25.99 48.37
N TYR F 165 -31.34 25.23 48.84
CA TYR F 165 -31.62 25.19 50.27
C TYR F 165 -30.39 24.77 51.05
N GLN F 166 -29.77 23.65 50.66
CA GLN F 166 -28.66 23.14 51.47
C GLN F 166 -27.53 24.14 51.52
N PHE F 167 -27.33 24.90 50.44
CA PHE F 167 -26.28 25.91 50.44
C PHE F 167 -26.69 27.13 51.23
N LEU F 168 -27.96 27.52 51.15
CA LEU F 168 -28.45 28.59 52.01
C LEU F 168 -28.13 28.30 53.47
N LEU F 169 -28.28 27.04 53.88
CA LEU F 169 -28.01 26.66 55.25
C LEU F 169 -26.51 26.52 55.51
N LYS F 170 -25.80 25.85 54.61
CA LYS F 170 -24.36 25.69 54.76
C LYS F 170 -23.69 27.04 54.96
N TYR F 171 -24.14 28.04 54.21
CA TYR F 171 -23.53 29.36 54.31
C TYR F 171 -23.97 30.06 55.58
N ALA F 172 -25.26 29.95 55.93
CA ALA F 172 -25.77 30.64 57.11
C ALA F 172 -25.08 30.16 58.40
N LYS F 173 -24.74 28.85 58.49
CA LYS F 173 -24.12 28.41 59.72
C LYS F 173 -22.78 29.11 59.96
N GLN F 174 -22.16 29.63 58.91
CA GLN F 174 -20.88 30.32 59.05
C GLN F 174 -21.04 31.80 59.39
N LEU F 175 -22.27 32.28 59.57
CA LEU F 175 -22.52 33.64 60.02
C LEU F 175 -22.61 33.65 61.53
N LYS F 176 -21.96 34.62 62.16
CA LYS F 176 -21.98 34.77 63.61
C LYS F 176 -22.46 36.18 63.94
N GLY F 177 -23.44 36.28 64.81
CA GLY F 177 -23.97 37.59 65.19
C GLY F 177 -25.32 37.44 65.89
N ASP F 178 -26.14 38.49 65.77
CA ASP F 178 -27.47 38.47 66.34
C ASP F 178 -28.27 37.33 65.73
N LYS F 179 -28.62 36.35 66.55
CA LYS F 179 -29.30 35.17 66.01
C LYS F 179 -30.62 35.53 65.34
N ASN F 180 -31.33 36.53 65.88
CA ASN F 180 -32.63 36.86 65.30
C ASN F 180 -32.49 37.57 63.96
N LYS F 181 -31.50 38.45 63.80
CA LYS F 181 -31.33 39.07 62.49
C LYS F 181 -30.90 38.04 61.45
N ILE F 182 -30.04 37.10 61.84
CA ILE F 182 -29.63 36.06 60.91
C ILE F 182 -30.81 35.15 60.59
N GLN F 183 -31.63 34.81 61.60
CA GLN F 183 -32.79 33.99 61.32
C GLN F 183 -33.76 34.68 60.36
N LYS F 184 -33.96 36.00 60.53
CA LYS F 184 -34.83 36.70 59.59
C LYS F 184 -34.26 36.65 58.18
N LEU F 185 -32.94 36.74 58.06
CA LEU F 185 -32.30 36.61 56.75
C LEU F 185 -32.61 35.26 56.12
N VAL F 186 -32.42 34.18 56.87
CA VAL F 186 -32.59 32.86 56.28
C VAL F 186 -34.02 32.66 55.80
N GLN F 187 -35.01 32.91 56.67
CA GLN F 187 -36.38 32.62 56.27
C GLN F 187 -36.75 33.42 55.01
N MET F 188 -36.41 34.70 54.97
CA MET F 188 -36.71 35.48 53.78
C MET F 188 -36.03 34.87 52.55
N ALA F 189 -34.75 34.52 52.69
CA ALA F 189 -34.03 33.88 51.59
C ALA F 189 -34.67 32.55 51.23
N TRP F 190 -35.07 31.76 52.23
CA TRP F 190 -35.75 30.50 51.98
C TRP F 190 -37.03 30.73 51.18
N THR F 191 -37.83 31.72 51.58
CA THR F 191 -39.01 32.06 50.80
C THR F 191 -38.63 32.38 49.36
N PHE F 192 -37.53 33.11 49.16
CA PHE F 192 -37.11 33.45 47.80
C PHE F 192 -36.70 32.22 47.01
N VAL F 193 -36.07 31.23 47.67
CA VAL F 193 -35.77 30.01 46.95
C VAL F 193 -37.06 29.36 46.47
N ASN F 194 -38.04 29.21 47.37
CA ASN F 194 -39.32 28.61 47.00
C ASN F 194 -39.95 29.34 45.81
N ASP F 195 -39.85 30.66 45.79
CA ASP F 195 -40.43 31.43 44.70
C ASP F 195 -39.60 31.32 43.44
N SER F 196 -38.29 31.12 43.59
CA SER F 196 -37.42 30.97 42.42
C SER F 196 -37.69 29.68 41.65
N LEU F 197 -38.45 28.75 42.22
CA LEU F 197 -38.71 27.49 41.54
C LEU F 197 -39.68 27.64 40.37
N CYS F 198 -40.48 28.70 40.36
CA CYS F 198 -41.40 28.96 39.26
C CYS F 198 -40.73 29.62 38.08
N THR F 199 -39.42 29.84 38.18
CA THR F 199 -38.64 30.55 37.20
C THR F 199 -37.65 29.59 36.55
N THR F 200 -37.04 30.07 35.48
CA THR F 200 -36.01 29.33 34.78
C THR F 200 -34.64 29.54 35.41
N LEU F 201 -34.61 30.14 36.61
CA LEU F 201 -33.34 30.30 37.32
C LEU F 201 -32.70 28.95 37.63
N SER F 202 -33.52 27.93 37.91
CA SER F 202 -32.98 26.59 38.10
C SER F 202 -32.17 26.12 36.89
N LEU F 203 -32.45 26.69 35.72
CA LEU F 203 -31.79 26.31 34.48
C LEU F 203 -30.67 27.26 34.07
N GLN F 204 -30.52 28.40 34.76
CA GLN F 204 -29.53 29.39 34.39
C GLN F 204 -28.31 29.37 35.28
N TRP F 205 -28.49 29.02 36.56
CA TRP F 205 -27.44 29.17 37.54
C TRP F 205 -27.38 27.97 38.47
N GLU F 206 -26.16 27.61 38.83
CA GLU F 206 -25.90 26.56 39.81
C GLU F 206 -26.66 26.89 41.08
N PRO F 207 -27.04 25.87 41.86
CA PRO F 207 -27.79 26.17 43.10
C PRO F 207 -27.03 27.05 44.07
N GLU F 208 -25.71 26.86 44.16
CA GLU F 208 -24.89 27.65 45.06
C GLU F 208 -25.07 29.15 44.78
N ILE F 209 -25.11 29.51 43.50
CA ILE F 209 -25.25 30.92 43.12
C ILE F 209 -26.62 31.46 43.50
N ILE F 210 -27.67 30.66 43.29
CA ILE F 210 -28.99 31.08 43.71
C ILE F 210 -28.98 31.33 45.22
N ALA F 211 -28.37 30.41 45.98
CA ALA F 211 -28.35 30.54 47.43
C ALA F 211 -27.72 31.85 47.85
N VAL F 212 -26.60 32.22 47.21
CA VAL F 212 -25.98 33.51 47.51
C VAL F 212 -26.92 34.63 47.11
N ALA F 213 -27.52 34.55 45.93
CA ALA F 213 -28.38 35.63 45.47
C ALA F 213 -29.52 35.87 46.46
N VAL F 214 -30.17 34.81 46.92
CA VAL F 214 -31.32 35.03 47.80
C VAL F 214 -30.87 35.60 49.15
N MET F 215 -29.68 35.19 49.62
CA MET F 215 -29.12 35.85 50.80
C MET F 215 -28.82 37.31 50.49
N TYR F 216 -28.23 37.56 49.32
CA TYR F 216 -27.92 38.92 48.88
C TYR F 216 -29.20 39.75 48.84
N LEU F 217 -30.25 39.22 48.23
CA LEU F 217 -31.52 39.93 48.19
C LEU F 217 -32.04 40.18 49.60
N ALA F 218 -32.13 39.12 50.41
CA ALA F 218 -32.65 39.28 51.76
C ALA F 218 -31.82 40.27 52.55
N GLY F 219 -30.51 40.27 52.34
CA GLY F 219 -29.66 41.25 53.00
C GLY F 219 -30.02 42.67 52.64
N ARG F 220 -30.23 42.92 51.35
CA ARG F 220 -30.60 44.26 50.92
C ARG F 220 -31.95 44.66 51.50
N LEU F 221 -32.96 43.78 51.41
CA LEU F 221 -34.29 44.15 51.86
C LEU F 221 -34.33 44.39 53.37
N CYS F 222 -33.65 43.56 54.16
CA CYS F 222 -33.62 43.74 55.61
C CYS F 222 -32.59 44.77 56.06
N LYS F 223 -31.99 45.50 55.14
CA LYS F 223 -30.99 46.53 55.47
C LYS F 223 -29.86 45.91 56.31
N PHE F 224 -29.46 44.68 55.98
CA PHE F 224 -28.40 44.00 56.69
C PHE F 224 -27.07 44.14 55.95
N GLU F 225 -25.99 44.16 56.72
CA GLU F 225 -24.63 44.16 56.20
C GLU F 225 -24.07 42.76 56.43
N ILE F 226 -24.29 41.85 55.48
CA ILE F 226 -23.99 40.44 55.75
C ILE F 226 -22.51 40.23 56.02
N GLN F 227 -21.68 41.11 55.49
CA GLN F 227 -20.24 40.95 55.66
C GLN F 227 -19.87 40.88 57.14
N GLU F 228 -20.54 41.68 57.97
CA GLU F 228 -20.10 41.78 59.37
C GLU F 228 -20.17 40.42 60.04
N TRP F 229 -21.15 39.59 59.67
CA TRP F 229 -21.26 38.28 60.26
C TRP F 229 -20.22 37.29 59.72
N THR F 230 -19.53 37.62 58.62
CA THR F 230 -18.60 36.70 58.00
C THR F 230 -17.28 36.68 58.75
N SER F 231 -16.46 35.68 58.44
CA SER F 231 -15.15 35.59 59.07
C SER F 231 -14.19 36.69 58.62
N LYS F 232 -14.52 37.44 57.57
CA LYS F 232 -13.71 38.54 57.06
C LYS F 232 -14.60 39.77 57.07
N PRO F 233 -14.80 40.39 58.23
CA PRO F 233 -15.86 41.42 58.36
C PRO F 233 -15.63 42.64 57.48
N MET F 234 -14.42 42.85 57.01
CA MET F 234 -14.07 44.03 56.23
C MET F 234 -14.08 43.75 54.73
N TYR F 235 -14.39 42.51 54.35
CA TYR F 235 -14.50 42.13 52.94
C TYR F 235 -15.89 42.46 52.44
N ARG F 236 -16.06 43.56 51.70
CA ARG F 236 -17.41 43.94 51.32
C ARG F 236 -18.08 42.90 50.44
N ARG F 237 -17.30 42.17 49.65
CA ARG F 237 -17.84 41.11 48.79
C ARG F 237 -17.88 39.82 49.60
N TRP F 238 -18.87 39.74 50.48
CA TRP F 238 -18.95 38.59 51.38
C TRP F 238 -19.18 37.30 50.62
N TRP F 239 -19.90 37.37 49.48
CA TRP F 239 -20.22 36.14 48.76
C TRP F 239 -18.97 35.40 48.31
N GLU F 240 -17.89 36.13 48.04
CA GLU F 240 -16.70 35.46 47.52
C GLU F 240 -16.20 34.40 48.49
N GLN F 241 -16.55 34.53 49.78
CA GLN F 241 -16.10 33.55 50.74
C GLN F 241 -16.85 32.22 50.63
N PHE F 242 -18.00 32.21 49.97
CA PHE F 242 -18.77 30.98 49.78
C PHE F 242 -18.72 30.47 48.35
N VAL F 243 -18.89 31.35 47.37
CA VAL F 243 -18.95 30.97 45.97
C VAL F 243 -18.00 31.87 45.19
N GLN F 244 -16.94 31.28 44.65
CA GLN F 244 -15.93 32.03 43.94
C GLN F 244 -16.40 32.40 42.54
N ASP F 245 -15.95 33.56 42.09
CA ASP F 245 -16.10 34.01 40.70
C ASP F 245 -17.54 34.40 40.36
N VAL F 246 -18.22 35.04 41.30
CA VAL F 246 -19.56 35.53 41.00
C VAL F 246 -19.60 37.05 41.04
N PRO F 247 -19.76 37.72 39.90
CA PRO F 247 -19.88 39.18 39.91
C PRO F 247 -21.26 39.61 40.39
N VAL F 248 -21.31 40.88 40.82
CA VAL F 248 -22.59 41.45 41.25
C VAL F 248 -23.59 41.41 40.09
N ASP F 249 -23.11 41.53 38.85
CA ASP F 249 -23.99 41.48 37.70
C ASP F 249 -24.96 40.32 37.83
N VAL F 250 -24.42 39.14 38.15
CA VAL F 250 -25.25 37.95 38.23
C VAL F 250 -26.22 38.04 39.40
N LEU F 251 -25.73 38.41 40.57
CA LEU F 251 -26.62 38.50 41.73
C LEU F 251 -27.76 39.47 41.48
N GLU F 252 -27.48 40.56 40.75
CA GLU F 252 -28.55 41.52 40.45
C GLU F 252 -29.53 40.92 39.45
N ASP F 253 -29.03 40.24 38.42
CA ASP F 253 -29.91 39.61 37.44
C ASP F 253 -30.85 38.63 38.13
N ILE F 254 -30.30 37.80 39.03
CA ILE F 254 -31.13 36.83 39.75
C ILE F 254 -32.12 37.55 40.65
N CYS F 255 -31.65 38.54 41.40
CA CYS F 255 -32.55 39.31 42.25
C CYS F 255 -33.66 39.93 41.42
N HIS F 256 -33.30 40.53 40.28
CA HIS F 256 -34.31 41.16 39.45
C HIS F 256 -35.40 40.16 39.07
N GLN F 257 -34.99 38.97 38.59
CA GLN F 257 -35.96 37.97 38.18
C GLN F 257 -36.83 37.53 39.34
N ILE F 258 -36.26 37.43 40.54
CA ILE F 258 -37.06 37.02 41.69
C ILE F 258 -38.08 38.10 42.03
N LEU F 259 -37.66 39.36 42.08
CA LEU F 259 -38.58 40.43 42.44
C LEU F 259 -39.68 40.63 41.40
N ASP F 260 -39.44 40.24 40.16
CA ASP F 260 -40.46 40.40 39.12
C ASP F 260 -41.73 39.63 39.47
N LEU F 261 -41.58 38.40 39.99
CA LEU F 261 -42.75 37.60 40.36
C LEU F 261 -43.65 38.33 41.35
N TYR F 262 -43.05 39.02 42.30
CA TYR F 262 -43.81 39.72 43.33
C TYR F 262 -44.58 40.89 42.74
N SER F 263 -43.98 41.60 41.78
CA SER F 263 -44.66 42.73 41.14
C SER F 263 -45.81 42.27 40.24
N GLN F 264 -45.58 41.25 39.43
CA GLN F 264 -46.63 40.73 38.56
C GLN F 264 -47.74 40.07 39.38
N GLY F 265 -47.39 39.25 40.35
CA GLY F 265 -48.37 38.58 41.16
C GLY F 265 -49.00 39.49 42.18
N LYS F 266 -50.05 38.98 42.84
CA LYS F 266 -50.68 39.75 43.90
C LYS F 266 -49.75 39.87 45.11
N GLN F 267 -48.95 38.83 45.37
CA GLN F 267 -48.06 38.80 46.54
C GLN F 267 -47.02 39.90 46.44
N GLN F 268 -46.63 40.43 47.61
CA GLN F 268 -45.61 41.49 47.75
C GLN F 268 -44.44 40.96 48.58
N MET F 269 -43.33 41.71 48.56
CA MET F 269 -42.09 41.23 49.17
C MET F 269 -42.35 40.72 50.59
N PRO F 270 -41.77 39.58 50.99
CA PRO F 270 -42.16 38.98 52.28
C PRO F 270 -41.96 39.89 53.48
N HIS F 271 -40.82 40.58 53.57
CA HIS F 271 -40.49 41.42 54.71
C HIS F 271 -41.04 40.92 56.03
N MET G 5 -37.05 34.95 -39.06
CA MET G 5 -36.68 33.54 -39.40
C MET G 5 -37.51 32.53 -38.61
N SER G 6 -37.94 32.88 -37.39
CA SER G 6 -38.82 32.05 -36.59
C SER G 6 -40.03 32.87 -36.16
N TYR G 7 -41.18 32.20 -36.03
CA TYR G 7 -42.46 32.88 -35.81
C TYR G 7 -43.22 32.21 -34.67
N ASN G 8 -43.63 33.02 -33.68
CA ASN G 8 -44.30 32.47 -32.51
C ASN G 8 -45.39 33.42 -32.02
N TYR G 9 -46.26 32.87 -31.17
CA TYR G 9 -47.46 33.53 -30.66
C TYR G 9 -47.52 33.25 -29.16
N VAL G 10 -47.73 34.30 -28.36
CA VAL G 10 -47.74 34.19 -26.90
C VAL G 10 -49.00 34.83 -26.36
N VAL G 11 -49.76 34.08 -25.55
CA VAL G 11 -51.00 34.56 -24.97
C VAL G 11 -51.02 34.27 -23.48
N THR G 12 -51.80 35.08 -22.78
CA THR G 12 -52.04 34.88 -21.36
C THR G 12 -53.27 33.98 -21.23
N ALA G 13 -53.07 32.81 -20.64
CA ALA G 13 -54.20 31.95 -20.30
C ALA G 13 -54.79 32.34 -18.96
N GLN G 14 -53.92 32.66 -18.00
CA GLN G 14 -54.28 33.11 -16.66
C GLN G 14 -53.49 34.36 -16.34
N LYS G 15 -54.18 35.40 -15.89
CA LYS G 15 -53.52 36.67 -15.58
C LYS G 15 -52.67 36.54 -14.33
N PRO G 16 -51.75 37.49 -14.09
CA PRO G 16 -51.01 37.51 -12.83
C PRO G 16 -51.95 37.55 -11.64
N THR G 17 -51.69 36.67 -10.66
CA THR G 17 -52.53 36.57 -9.47
C THR G 17 -51.90 37.16 -8.23
N ALA G 18 -50.59 37.36 -8.20
CA ALA G 18 -49.90 37.87 -7.04
C ALA G 18 -50.11 39.37 -6.89
N VAL G 19 -50.33 39.80 -5.66
CA VAL G 19 -50.52 41.21 -5.36
C VAL G 19 -49.15 41.83 -5.08
N ASN G 20 -48.79 42.83 -5.89
CA ASN G 20 -47.52 43.54 -5.72
C ASN G 20 -47.67 44.82 -4.92
N GLY G 21 -48.86 45.43 -4.93
CA GLY G 21 -49.13 46.59 -4.11
C GLY G 21 -50.61 46.88 -4.02
N CYS G 22 -51.00 47.61 -2.98
CA CYS G 22 -52.38 47.99 -2.72
C CYS G 22 -52.45 49.37 -2.09
N VAL G 23 -53.46 50.16 -2.51
CA VAL G 23 -53.65 51.49 -1.98
C VAL G 23 -55.14 51.76 -1.74
N THR G 24 -55.41 52.70 -0.83
CA THR G 24 -56.75 53.13 -0.48
C THR G 24 -56.89 54.63 -0.68
N GLY G 25 -58.02 55.05 -1.20
CA GLY G 25 -58.22 56.46 -1.48
C GLY G 25 -59.57 56.72 -2.11
N HIS G 26 -59.72 57.92 -2.63
CA HIS G 26 -60.96 58.40 -3.22
C HIS G 26 -60.71 58.73 -4.70
N PHE G 27 -60.56 57.67 -5.52
CA PHE G 27 -60.13 57.79 -6.91
C PHE G 27 -61.28 57.84 -7.91
N THR G 28 -62.31 57.02 -7.74
CA THR G 28 -63.42 57.03 -8.70
C THR G 28 -64.40 58.18 -8.43
N SER G 29 -64.58 58.57 -7.16
CA SER G 29 -65.42 59.71 -6.79
C SER G 29 -64.93 60.22 -5.44
N ALA G 30 -65.15 61.51 -5.18
CA ALA G 30 -64.74 62.06 -3.90
C ALA G 30 -65.49 61.46 -2.71
N GLU G 31 -66.58 60.73 -2.93
CA GLU G 31 -67.36 60.13 -1.84
C GLU G 31 -67.01 58.66 -1.63
N ASP G 32 -66.83 57.89 -2.69
CA ASP G 32 -66.54 56.47 -2.55
C ASP G 32 -65.13 56.26 -1.96
N LEU G 33 -65.00 55.19 -1.17
CA LEU G 33 -63.71 54.69 -0.70
C LEU G 33 -63.26 53.53 -1.58
N ASN G 34 -62.14 53.70 -2.28
CA ASN G 34 -61.69 52.73 -3.27
C ASN G 34 -60.43 52.04 -2.80
N LEU G 35 -60.29 50.76 -3.13
CA LEU G 35 -59.06 50.00 -3.00
C LEU G 35 -58.56 49.67 -4.40
N LEU G 36 -57.35 50.11 -4.71
CA LEU G 36 -56.68 49.79 -5.97
C LEU G 36 -55.64 48.71 -5.71
N ILE G 37 -55.78 47.59 -6.41
CA ILE G 37 -54.88 46.45 -6.27
C ILE G 37 -53.99 46.40 -7.49
N ALA G 38 -52.69 46.21 -7.24
CA ALA G 38 -51.69 46.14 -8.30
C ALA G 38 -51.19 44.70 -8.33
N LYS G 39 -51.52 43.99 -9.39
CA LYS G 39 -50.89 42.73 -9.76
C LYS G 39 -50.02 43.07 -10.96
N ASN G 40 -49.01 42.25 -11.23
CA ASN G 40 -48.02 42.66 -12.22
C ASN G 40 -48.67 43.02 -13.55
N THR G 41 -48.62 44.29 -13.92
CA THR G 41 -49.15 44.90 -15.15
C THR G 41 -50.66 45.11 -15.13
N ARG G 42 -51.37 44.68 -14.09
CA ARG G 42 -52.82 44.77 -14.04
C ARG G 42 -53.16 45.75 -12.93
N LEU G 43 -54.09 46.68 -13.20
CA LEU G 43 -54.60 47.56 -12.17
C LEU G 43 -56.05 47.21 -11.94
N GLU G 44 -56.39 46.85 -10.70
CA GLU G 44 -57.75 46.52 -10.32
C GLU G 44 -58.28 47.62 -9.41
N ILE G 45 -59.47 48.12 -9.75
CA ILE G 45 -60.15 49.17 -8.99
C ILE G 45 -61.42 48.59 -8.38
N TYR G 46 -61.57 48.78 -7.07
CA TYR G 46 -62.73 48.31 -6.34
C TYR G 46 -63.37 49.49 -5.61
N VAL G 47 -64.59 49.28 -5.13
CA VAL G 47 -65.25 50.21 -4.23
C VAL G 47 -65.54 49.47 -2.94
N VAL G 48 -65.13 50.07 -1.82
CA VAL G 48 -65.27 49.45 -0.51
C VAL G 48 -66.71 49.60 -0.04
N THR G 49 -67.34 48.48 0.30
CA THR G 49 -68.70 48.46 0.81
C THR G 49 -68.71 47.89 2.22
N ALA G 50 -69.89 47.88 2.83
CA ALA G 50 -70.01 47.29 4.15
C ALA G 50 -69.90 45.77 4.11
N GLU G 51 -70.15 45.17 2.94
CA GLU G 51 -70.10 43.73 2.74
C GLU G 51 -68.75 43.19 2.30
N GLY G 52 -68.06 43.96 1.48
CA GLY G 52 -66.83 43.50 0.86
C GLY G 52 -66.44 44.47 -0.24
N LEU G 53 -65.71 43.97 -1.22
CA LEU G 53 -65.26 44.78 -2.34
C LEU G 53 -66.18 44.65 -3.54
N ARG G 54 -66.48 45.79 -4.17
CA ARG G 54 -67.26 45.82 -5.41
C ARG G 54 -66.36 46.21 -6.58
N PRO G 55 -66.14 45.34 -7.56
CA PRO G 55 -65.27 45.69 -8.69
C PRO G 55 -65.85 46.81 -9.53
N VAL G 56 -64.95 47.64 -10.08
CA VAL G 56 -65.35 48.81 -10.86
C VAL G 56 -64.79 48.76 -12.27
N LYS G 57 -63.49 48.51 -12.40
CA LYS G 57 -62.83 48.54 -13.70
C LYS G 57 -61.47 47.87 -13.54
N GLU G 58 -61.06 47.15 -14.58
CA GLU G 58 -59.71 46.60 -14.62
C GLU G 58 -59.11 47.01 -15.94
N VAL G 59 -57.89 47.53 -15.88
CA VAL G 59 -57.13 47.92 -17.05
C VAL G 59 -55.79 47.21 -16.98
N GLY G 60 -55.22 46.96 -18.14
CA GLY G 60 -53.85 46.52 -18.25
C GLY G 60 -52.98 47.71 -18.60
N MET G 61 -51.71 47.61 -18.21
CA MET G 61 -50.71 48.61 -18.59
C MET G 61 -49.57 47.91 -19.31
N TYR G 62 -48.95 48.66 -20.22
CA TYR G 62 -47.79 48.18 -20.98
C TYR G 62 -46.49 48.43 -20.22
N GLY G 63 -46.38 47.77 -19.06
CA GLY G 63 -45.28 47.94 -18.15
C GLY G 63 -45.53 47.25 -16.82
N LYS G 64 -44.47 46.87 -16.10
CA LYS G 64 -44.65 46.29 -14.76
C LYS G 64 -44.86 47.44 -13.77
N ILE G 65 -45.94 47.38 -12.99
CA ILE G 65 -46.27 48.48 -12.09
C ILE G 65 -45.29 48.46 -10.92
N ALA G 66 -44.43 49.47 -10.83
CA ALA G 66 -43.42 49.56 -9.78
C ALA G 66 -43.85 50.42 -8.62
N VAL G 67 -44.43 51.58 -8.88
CA VAL G 67 -44.94 52.48 -7.85
C VAL G 67 -46.41 52.76 -8.16
N MET G 68 -47.25 52.67 -7.13
CA MET G 68 -48.66 53.01 -7.25
C MET G 68 -48.99 53.88 -6.05
N GLU G 69 -49.45 55.11 -6.31
CA GLU G 69 -49.70 56.05 -5.25
C GLU G 69 -50.87 56.96 -5.66
N LEU G 70 -51.70 57.29 -4.68
CA LEU G 70 -52.85 58.17 -4.87
C LEU G 70 -52.61 59.50 -4.17
N PHE G 71 -52.85 60.60 -4.89
CA PHE G 71 -52.66 61.95 -4.38
C PHE G 71 -53.80 62.85 -4.87
N ARG G 72 -53.98 63.96 -4.16
CA ARG G 72 -55.03 64.94 -4.48
C ARG G 72 -54.51 66.38 -4.46
N PRO G 73 -54.11 66.92 -5.61
CA PRO G 73 -53.60 68.30 -5.63
C PRO G 73 -54.71 69.32 -5.43
N LYS G 74 -54.35 70.46 -4.84
CA LYS G 74 -55.31 71.53 -4.57
C LYS G 74 -56.08 71.91 -5.83
N GLY G 75 -57.41 71.90 -5.73
CA GLY G 75 -58.26 72.20 -6.85
C GLY G 75 -58.93 71.01 -7.49
N GLU G 76 -58.48 69.79 -7.18
CA GLU G 76 -59.09 68.60 -7.75
C GLU G 76 -60.25 68.15 -6.87
N SER G 77 -61.31 67.64 -7.51
CA SER G 77 -62.48 67.18 -6.77
C SER G 77 -62.23 65.82 -6.12
N LYS G 78 -61.33 65.02 -6.69
CA LYS G 78 -61.10 63.66 -6.22
C LYS G 78 -59.65 63.29 -6.48
N ASP G 79 -59.25 62.12 -5.97
CA ASP G 79 -57.87 61.69 -6.04
C ASP G 79 -57.45 61.32 -7.46
N LEU G 80 -56.18 61.61 -7.77
CA LEU G 80 -55.50 61.18 -8.98
C LEU G 80 -54.53 60.06 -8.64
N LEU G 81 -54.13 59.31 -9.66
CA LEU G 81 -53.28 58.14 -9.48
C LEU G 81 -51.94 58.36 -10.17
N PHE G 82 -50.86 58.08 -9.43
CA PHE G 82 -49.52 58.10 -9.98
C PHE G 82 -48.99 56.67 -10.09
N ILE G 83 -48.49 56.33 -11.27
CA ILE G 83 -47.90 55.02 -11.53
C ILE G 83 -46.57 55.23 -12.25
N LEU G 84 -45.57 54.46 -11.83
CA LEU G 84 -44.27 54.40 -12.50
C LEU G 84 -43.99 52.94 -12.80
N THR G 85 -43.64 52.63 -14.04
CA THR G 85 -43.39 51.25 -14.41
C THR G 85 -41.90 50.91 -14.19
N ALA G 86 -41.59 49.61 -14.31
CA ALA G 86 -40.23 49.15 -14.11
C ALA G 86 -39.27 49.65 -15.18
N LYS G 87 -39.77 49.98 -16.37
CA LYS G 87 -38.97 50.60 -17.41
C LYS G 87 -38.97 52.12 -17.32
N TYR G 88 -39.50 52.67 -16.22
CA TYR G 88 -39.49 54.09 -15.89
C TYR G 88 -40.49 54.93 -16.68
N ASN G 89 -41.60 54.30 -17.08
CA ASN G 89 -42.70 55.03 -17.69
C ASN G 89 -43.54 55.65 -16.57
N ALA G 90 -43.64 56.98 -16.57
CA ALA G 90 -44.42 57.68 -15.56
C ALA G 90 -45.70 58.22 -16.18
N CYS G 91 -46.76 58.25 -15.37
CA CYS G 91 -48.03 58.81 -15.82
C CYS G 91 -48.86 59.17 -14.61
N ILE G 92 -49.75 60.16 -14.79
CA ILE G 92 -50.77 60.52 -13.82
C ILE G 92 -52.12 60.24 -14.45
N LEU G 93 -52.95 59.48 -13.75
CA LEU G 93 -54.17 58.96 -14.32
C LEU G 93 -55.36 59.54 -13.59
N GLU G 94 -56.46 59.69 -14.32
CA GLU G 94 -57.71 60.16 -13.77
C GLU G 94 -58.77 59.16 -14.15
N TYR G 95 -59.61 58.82 -13.19
CA TYR G 95 -60.79 58.00 -13.46
C TYR G 95 -61.88 58.91 -13.98
N LYS G 96 -62.45 58.57 -15.13
CA LYS G 96 -63.54 59.37 -15.67
C LYS G 96 -64.61 58.43 -16.22
N GLN G 97 -65.83 58.61 -15.75
CA GLN G 97 -66.96 57.78 -16.12
C GLN G 97 -68.16 58.66 -16.43
N SER G 98 -68.78 58.43 -17.58
CA SER G 98 -70.00 59.11 -18.03
C SER G 98 -71.00 58.02 -18.41
N GLY G 99 -71.95 57.74 -17.53
CA GLY G 99 -72.89 56.65 -17.73
C GLY G 99 -72.22 55.29 -17.58
N GLU G 100 -72.35 54.44 -18.60
CA GLU G 100 -71.76 53.10 -18.53
C GLU G 100 -70.33 53.05 -19.06
N SER G 101 -69.88 54.10 -19.72
CA SER G 101 -68.57 54.13 -20.38
C SER G 101 -67.51 54.56 -19.39
N ILE G 102 -66.58 53.66 -19.08
CA ILE G 102 -65.51 53.94 -18.13
C ILE G 102 -64.21 54.13 -18.88
N ASP G 103 -63.52 55.22 -18.57
CA ASP G 103 -62.23 55.54 -19.14
C ASP G 103 -61.28 55.87 -18.01
N ILE G 104 -60.00 55.65 -18.26
CA ILE G 104 -58.94 56.13 -17.38
C ILE G 104 -58.12 57.10 -18.23
N ILE G 105 -58.11 58.37 -17.83
CA ILE G 105 -57.54 59.44 -18.64
C ILE G 105 -56.12 59.65 -18.18
N THR G 106 -55.21 59.75 -19.15
CA THR G 106 -53.80 60.02 -18.87
C THR G 106 -53.60 61.52 -18.92
N ARG G 107 -53.50 62.15 -17.75
CA ARG G 107 -53.35 63.60 -17.69
C ARG G 107 -51.92 64.04 -17.94
N ALA G 108 -50.94 63.24 -17.52
CA ALA G 108 -49.53 63.55 -17.72
C ALA G 108 -48.80 62.24 -17.93
N HIS G 109 -47.75 62.28 -18.74
CA HIS G 109 -47.01 61.05 -18.97
C HIS G 109 -45.61 61.41 -19.46
N GLY G 110 -44.68 60.50 -19.21
CA GLY G 110 -43.31 60.66 -19.63
C GLY G 110 -42.46 59.57 -19.05
N ASN G 111 -41.21 59.50 -19.54
CA ASN G 111 -40.24 58.51 -19.12
C ASN G 111 -39.14 59.22 -18.32
N VAL G 112 -38.85 58.71 -17.11
CA VAL G 112 -37.96 59.40 -16.18
C VAL G 112 -36.58 58.75 -16.10
N GLN G 113 -36.22 57.90 -17.06
CA GLN G 113 -34.93 57.23 -17.03
C GLN G 113 -33.81 58.24 -17.22
N ASP G 114 -32.73 58.08 -16.45
CA ASP G 114 -31.54 58.90 -16.62
C ASP G 114 -30.52 58.18 -17.49
N ARG G 115 -29.86 58.94 -18.37
CA ARG G 115 -28.86 58.33 -19.24
C ARG G 115 -27.79 57.66 -18.39
N ILE G 116 -27.41 58.28 -17.27
CA ILE G 116 -26.36 57.75 -16.41
C ILE G 116 -26.87 57.68 -14.99
N GLY G 117 -26.79 56.49 -14.41
CA GLY G 117 -27.17 56.28 -13.02
C GLY G 117 -26.98 54.81 -12.69
N ARG G 118 -26.79 54.53 -11.40
CA ARG G 118 -26.67 53.13 -10.94
C ARG G 118 -27.98 52.72 -10.31
N PRO G 119 -28.68 51.72 -10.84
CA PRO G 119 -29.92 51.27 -10.20
C PRO G 119 -29.67 50.90 -8.74
N SER G 120 -30.58 51.36 -7.87
CA SER G 120 -30.38 51.23 -6.43
C SER G 120 -30.66 49.81 -5.95
N GLU G 121 -30.02 49.45 -4.84
CA GLU G 121 -30.16 48.09 -4.31
C GLU G 121 -31.57 47.82 -3.81
N THR G 122 -32.18 48.74 -3.08
CA THR G 122 -33.51 48.51 -2.53
C THR G 122 -34.65 48.90 -3.48
N GLY G 123 -34.35 49.15 -4.75
CA GLY G 123 -35.36 49.30 -5.78
C GLY G 123 -36.03 50.66 -5.86
N ILE G 124 -36.87 50.80 -6.90
CA ILE G 124 -37.55 52.05 -7.16
C ILE G 124 -38.38 52.41 -5.94
N ILE G 125 -38.26 53.65 -5.49
CA ILE G 125 -39.11 54.17 -4.43
C ILE G 125 -39.81 55.41 -4.94
N GLY G 126 -41.12 55.48 -4.72
CA GLY G 126 -41.87 56.65 -5.10
C GLY G 126 -42.67 57.16 -3.92
N ILE G 127 -42.55 58.45 -3.65
CA ILE G 127 -43.23 59.10 -2.53
C ILE G 127 -43.78 60.42 -3.06
N ILE G 128 -44.84 60.90 -2.43
CA ILE G 128 -45.46 62.15 -2.83
C ILE G 128 -45.58 63.03 -1.59
N ASP G 129 -45.36 64.33 -1.79
CA ASP G 129 -45.41 65.31 -0.72
C ASP G 129 -46.82 65.38 -0.13
N PRO G 130 -46.94 65.62 1.19
CA PRO G 130 -48.27 65.80 1.76
C PRO G 130 -49.06 66.95 1.14
N GLU G 131 -48.38 67.98 0.65
CA GLU G 131 -49.03 69.11 0.01
C GLU G 131 -49.20 68.92 -1.49
N CYS G 132 -48.91 67.73 -2.02
CA CYS G 132 -48.99 67.46 -3.46
C CYS G 132 -48.26 68.54 -4.26
N ARG G 133 -47.08 68.91 -3.76
CA ARG G 133 -46.18 69.84 -4.43
C ARG G 133 -45.23 69.16 -5.39
N MET G 134 -44.88 67.91 -5.12
CA MET G 134 -43.90 67.21 -5.94
C MET G 134 -44.01 65.71 -5.72
N ILE G 135 -43.48 64.96 -6.69
CA ILE G 135 -43.31 63.52 -6.59
C ILE G 135 -41.81 63.26 -6.42
N GLY G 136 -41.44 62.56 -5.35
CA GLY G 136 -40.07 62.14 -5.12
C GLY G 136 -39.85 60.72 -5.62
N LEU G 137 -38.77 60.54 -6.38
CA LEU G 137 -38.39 59.23 -6.88
C LEU G 137 -36.94 58.95 -6.48
N ARG G 138 -36.68 57.76 -5.94
CA ARG G 138 -35.33 57.29 -5.68
C ARG G 138 -35.09 56.18 -6.70
N LEU G 139 -34.49 56.54 -7.84
CA LEU G 139 -34.24 55.56 -8.88
C LEU G 139 -32.80 55.05 -8.89
N TYR G 140 -31.84 55.91 -8.61
CA TYR G 140 -30.43 55.56 -8.72
C TYR G 140 -29.73 55.91 -7.42
N ASP G 141 -28.67 55.14 -7.14
CA ASP G 141 -27.81 55.46 -6.00
C ASP G 141 -27.31 56.88 -6.13
N GLY G 142 -27.33 57.63 -5.04
CA GLY G 142 -26.74 58.94 -5.04
C GLY G 142 -27.53 60.02 -5.73
N LEU G 143 -28.76 59.72 -6.17
CA LEU G 143 -29.59 60.70 -6.84
C LEU G 143 -31.01 60.66 -6.31
N PHE G 144 -31.58 61.86 -6.14
CA PHE G 144 -32.98 62.05 -5.80
C PHE G 144 -33.64 62.87 -6.90
N LYS G 145 -34.66 62.30 -7.53
CA LYS G 145 -35.34 62.93 -8.66
C LYS G 145 -36.63 63.60 -8.16
N VAL G 146 -36.90 64.81 -8.65
CA VAL G 146 -38.10 65.55 -8.27
C VAL G 146 -38.90 65.88 -9.53
N ILE G 147 -40.13 65.39 -9.58
CA ILE G 147 -41.12 65.84 -10.57
C ILE G 147 -41.99 66.89 -9.87
N PRO G 148 -41.88 68.17 -10.21
CA PRO G 148 -42.75 69.17 -9.58
C PRO G 148 -44.19 69.05 -10.10
N LEU G 149 -45.15 69.11 -9.19
CA LEU G 149 -46.55 68.94 -9.53
C LEU G 149 -47.18 70.29 -9.92
N ASP G 150 -46.74 70.79 -11.06
CA ASP G 150 -47.34 71.95 -11.71
C ASP G 150 -48.47 71.47 -12.61
N ARG G 151 -49.50 72.31 -12.75
CA ARG G 151 -50.64 71.92 -13.57
C ARG G 151 -50.23 71.75 -15.03
N ASP G 152 -49.22 72.49 -15.49
CA ASP G 152 -48.79 72.44 -16.88
C ASP G 152 -47.76 71.35 -17.15
N ASN G 153 -47.24 70.68 -16.12
CA ASN G 153 -46.17 69.70 -16.31
C ASN G 153 -46.74 68.38 -16.82
N LYS G 154 -47.37 68.44 -17.99
CA LYS G 154 -48.01 67.28 -18.60
C LYS G 154 -47.00 66.30 -19.19
N GLU G 155 -45.75 66.71 -19.38
CA GLU G 155 -44.68 65.81 -19.80
C GLU G 155 -43.88 65.25 -18.63
N LEU G 156 -44.25 65.59 -17.40
CA LEU G 156 -43.57 65.09 -16.20
C LEU G 156 -42.06 65.34 -16.26
N LYS G 157 -41.70 66.55 -16.67
CA LYS G 157 -40.29 66.92 -16.67
C LYS G 157 -39.79 66.98 -15.23
N ALA G 158 -38.53 66.61 -15.03
CA ALA G 158 -38.01 66.46 -13.69
C ALA G 158 -36.52 66.79 -13.67
N PHE G 159 -36.03 67.05 -12.46
CA PHE G 159 -34.63 67.38 -12.24
C PHE G 159 -34.10 66.51 -11.11
N ASN G 160 -32.78 66.28 -11.12
CA ASN G 160 -32.15 65.49 -10.09
C ASN G 160 -31.43 66.39 -9.09
N ILE G 161 -31.48 65.98 -7.83
CA ILE G 161 -30.72 66.60 -6.75
C ILE G 161 -29.67 65.60 -6.28
N ARG G 162 -28.41 66.03 -6.28
CA ARG G 162 -27.36 65.15 -5.80
C ARG G 162 -27.64 64.76 -4.35
N LEU G 163 -27.43 63.47 -4.07
CA LEU G 163 -27.71 62.88 -2.78
C LEU G 163 -26.38 62.38 -2.23
N GLU G 164 -25.97 62.93 -1.09
CA GLU G 164 -24.66 62.58 -0.55
C GLU G 164 -24.60 61.12 -0.14
N GLU G 165 -25.68 60.60 0.46
CA GLU G 165 -25.72 59.24 0.99
C GLU G 165 -26.01 58.25 -0.13
N LEU G 166 -25.01 57.46 -0.50
CA LEU G 166 -25.15 56.67 -1.72
C LEU G 166 -26.09 55.49 -1.54
N HIS G 167 -26.07 54.85 -0.39
CA HIS G 167 -26.81 53.62 -0.16
C HIS G 167 -27.99 53.93 0.74
N VAL G 168 -29.12 54.27 0.11
CA VAL G 168 -30.34 54.64 0.81
C VAL G 168 -31.25 53.43 0.90
N ILE G 169 -31.81 53.20 2.10
CA ILE G 169 -32.66 52.05 2.35
C ILE G 169 -34.13 52.36 2.09
N ASP G 170 -34.65 53.39 2.73
CA ASP G 170 -36.04 53.78 2.51
C ASP G 170 -36.18 55.27 2.83
N VAL G 171 -37.15 55.91 2.18
CA VAL G 171 -37.37 57.34 2.32
C VAL G 171 -38.87 57.62 2.25
N LYS G 172 -39.28 58.66 2.96
CA LYS G 172 -40.67 59.11 2.93
C LYS G 172 -40.70 60.63 3.04
N PHE G 173 -41.77 61.23 2.54
CA PHE G 173 -42.06 62.63 2.83
C PHE G 173 -42.68 62.73 4.23
N LEU G 174 -42.19 63.68 5.01
CA LEU G 174 -42.66 63.81 6.38
C LEU G 174 -43.91 64.70 6.42
N TYR G 175 -44.62 64.63 7.55
CA TYR G 175 -45.79 65.45 7.80
C TYR G 175 -45.44 66.53 8.82
N GLY G 176 -46.15 67.65 8.77
CA GLY G 176 -46.02 68.65 9.80
C GLY G 176 -44.77 69.49 9.73
N CYS G 177 -44.29 69.77 8.52
CA CYS G 177 -43.07 70.54 8.34
C CYS G 177 -43.32 71.86 7.64
N GLN G 178 -42.45 72.82 7.98
CA GLN G 178 -42.53 74.18 7.45
C GLN G 178 -42.25 74.20 5.95
N ALA G 179 -41.45 73.27 5.46
CA ALA G 179 -41.15 73.06 4.05
C ALA G 179 -41.23 71.59 3.72
N PRO G 180 -41.36 71.23 2.43
CA PRO G 180 -41.27 69.80 2.09
C PRO G 180 -40.00 69.16 2.66
N THR G 181 -40.15 68.15 3.50
CA THR G 181 -39.04 67.50 4.21
C THR G 181 -39.07 66.00 3.95
N ILE G 182 -37.91 65.43 3.62
CA ILE G 182 -37.75 63.99 3.43
C ILE G 182 -37.04 63.39 4.63
N CYS G 183 -37.44 62.18 5.00
CA CYS G 183 -36.77 61.42 6.05
C CYS G 183 -36.39 60.05 5.52
N PHE G 184 -35.12 59.67 5.68
CA PHE G 184 -34.66 58.40 5.12
C PHE G 184 -33.67 57.72 6.04
N VAL G 185 -33.60 56.40 5.91
CA VAL G 185 -32.55 55.59 6.53
C VAL G 185 -31.58 55.18 5.43
N TYR G 186 -30.29 55.34 5.72
CA TYR G 186 -29.24 55.05 4.76
C TYR G 186 -28.19 54.20 5.46
N GLN G 187 -27.35 53.55 4.66
CA GLN G 187 -26.29 52.71 5.20
C GLN G 187 -24.94 53.15 4.63
N ASP G 188 -23.97 53.29 5.51
CA ASP G 188 -22.58 53.58 5.16
C ASP G 188 -21.70 52.65 5.99
N PRO G 189 -20.37 52.70 5.87
CA PRO G 189 -19.54 51.76 6.64
C PRO G 189 -19.72 51.89 8.14
N GLN G 190 -20.24 53.02 8.63
CA GLN G 190 -20.36 53.29 10.05
C GLN G 190 -21.67 52.79 10.66
N GLY G 191 -22.44 52.01 9.91
CA GLY G 191 -23.72 51.53 10.37
C GLY G 191 -24.86 52.09 9.55
N ARG G 192 -26.06 52.05 10.12
CA ARG G 192 -27.20 52.71 9.51
C ARG G 192 -27.59 53.93 10.33
N HIS G 193 -28.10 54.95 9.64
CA HIS G 193 -28.44 56.21 10.26
C HIS G 193 -29.75 56.70 9.66
N VAL G 194 -30.40 57.61 10.37
CA VAL G 194 -31.58 58.31 9.88
C VAL G 194 -31.20 59.78 9.77
N LYS G 195 -31.67 60.44 8.70
CA LYS G 195 -31.27 61.82 8.40
C LYS G 195 -32.45 62.51 7.74
N THR G 196 -32.44 63.84 7.76
CA THR G 196 -33.47 64.64 7.12
C THR G 196 -32.87 65.71 6.22
N TYR G 197 -33.63 66.07 5.19
CA TYR G 197 -33.32 67.19 4.32
C TYR G 197 -34.60 67.95 4.01
N GLU G 198 -34.45 69.19 3.56
CA GLU G 198 -35.57 69.97 3.03
C GLU G 198 -35.37 70.19 1.54
N VAL G 199 -36.47 70.09 0.78
CA VAL G 199 -36.43 70.13 -0.68
C VAL G 199 -36.89 71.50 -1.17
N SER G 200 -36.06 72.16 -1.98
CA SER G 200 -36.39 73.47 -2.54
C SER G 200 -36.64 73.32 -4.03
N LEU G 201 -37.92 73.42 -4.43
CA LEU G 201 -38.24 73.38 -5.86
C LEU G 201 -37.67 74.59 -6.59
N ARG G 202 -37.54 75.72 -5.88
CA ARG G 202 -37.01 76.93 -6.49
C ARG G 202 -35.51 76.83 -6.73
N GLU G 203 -34.76 76.40 -5.71
CA GLU G 203 -33.32 76.28 -5.84
C GLU G 203 -32.88 74.96 -6.48
N LYS G 204 -33.78 73.97 -6.55
CA LYS G 204 -33.46 72.65 -7.09
C LYS G 204 -32.27 72.02 -6.35
N GLU G 205 -32.32 72.05 -5.03
CA GLU G 205 -31.29 71.41 -4.22
C GLU G 205 -31.82 71.16 -2.82
N PHE G 206 -31.09 70.35 -2.07
CA PHE G 206 -31.43 70.09 -0.67
C PHE G 206 -30.86 71.19 0.23
N ASN G 207 -31.58 71.51 1.30
CA ASN G 207 -31.11 72.37 2.38
C ASN G 207 -31.06 71.53 3.65
N LYS G 208 -30.43 72.05 4.70
CA LYS G 208 -30.30 71.29 5.94
C LYS G 208 -31.66 70.80 6.42
N GLY G 209 -31.69 69.57 6.94
CA GLY G 209 -32.92 68.96 7.37
C GLY G 209 -33.32 69.37 8.79
N PRO G 210 -34.60 69.17 9.14
CA PRO G 210 -35.09 69.71 10.43
C PRO G 210 -34.41 69.14 11.67
N TRP G 211 -34.18 67.83 11.76
CA TRP G 211 -33.60 67.30 12.98
C TRP G 211 -32.40 66.42 12.68
N LYS G 212 -31.57 66.25 13.72
CA LYS G 212 -30.25 65.68 13.56
C LYS G 212 -30.31 64.18 13.29
N GLN G 213 -29.21 63.68 12.75
CA GLN G 213 -29.02 62.25 12.50
C GLN G 213 -28.94 61.48 13.81
N GLU G 214 -29.31 60.20 13.76
CA GLU G 214 -29.21 59.29 14.88
C GLU G 214 -28.70 57.93 14.42
N ASN G 215 -27.86 57.30 15.24
CA ASN G 215 -27.46 55.93 14.97
C ASN G 215 -28.65 54.99 15.19
N VAL G 216 -28.93 54.11 14.23
CA VAL G 216 -30.13 53.28 14.25
C VAL G 216 -29.74 51.81 14.10
N GLU G 217 -30.71 50.93 14.31
CA GLU G 217 -30.47 49.50 14.25
C GLU G 217 -29.72 49.15 12.96
N ALA G 218 -28.86 48.12 13.05
CA ALA G 218 -28.09 47.72 11.88
C ALA G 218 -28.98 47.28 10.73
N GLU G 219 -30.14 46.71 11.03
CA GLU G 219 -31.07 46.24 10.02
C GLU G 219 -32.34 47.09 9.94
N ALA G 220 -32.21 48.38 10.20
CA ALA G 220 -33.34 49.29 10.01
C ALA G 220 -33.88 49.14 8.59
N SER G 221 -35.17 48.79 8.48
CA SER G 221 -35.76 48.40 7.20
C SER G 221 -36.75 49.40 6.62
N MET G 222 -37.61 50.03 7.42
CA MET G 222 -38.69 50.84 6.85
C MET G 222 -38.87 52.16 7.58
N VAL G 223 -39.33 53.16 6.83
CA VAL G 223 -39.61 54.50 7.35
C VAL G 223 -41.13 54.73 7.27
N ILE G 224 -41.73 55.04 8.41
CA ILE G 224 -43.15 55.33 8.52
C ILE G 224 -43.30 56.81 8.84
N ALA G 225 -44.05 57.53 8.00
CA ALA G 225 -44.26 58.96 8.18
C ALA G 225 -45.49 59.15 9.08
N VAL G 226 -45.27 59.58 10.32
CA VAL G 226 -46.36 59.75 11.28
C VAL G 226 -47.16 61.00 10.93
N PRO G 227 -48.50 60.98 11.05
CA PRO G 227 -49.30 62.14 10.62
C PRO G 227 -49.19 63.34 11.55
N GLU G 228 -49.89 64.41 11.17
CA GLU G 228 -49.73 65.69 11.85
C GLU G 228 -49.89 65.63 13.37
N PRO G 229 -50.87 64.93 13.94
CA PRO G 229 -51.01 64.98 15.41
C PRO G 229 -49.74 64.62 16.17
N PHE G 230 -49.01 63.62 15.73
CA PHE G 230 -47.74 63.28 16.34
C PHE G 230 -46.55 63.87 15.58
N GLY G 231 -46.52 63.66 14.27
CA GLY G 231 -45.39 64.07 13.47
C GLY G 231 -44.24 63.10 13.61
N GLY G 232 -43.14 63.43 12.96
CA GLY G 232 -41.97 62.58 13.05
C GLY G 232 -42.16 61.34 12.20
N ALA G 233 -41.40 60.30 12.54
CA ALA G 233 -41.41 59.07 11.76
C ALA G 233 -41.08 57.88 12.66
N ILE G 234 -41.46 56.69 12.22
CA ILE G 234 -41.17 55.45 12.92
C ILE G 234 -40.25 54.63 12.02
N ILE G 235 -39.21 54.04 12.60
CA ILE G 235 -38.25 53.23 11.87
C ILE G 235 -38.41 51.80 12.37
N ILE G 236 -38.73 50.88 11.46
CA ILE G 236 -38.97 49.48 11.79
C ILE G 236 -37.72 48.68 11.46
N GLY G 237 -37.20 47.93 12.44
CA GLY G 237 -36.04 47.09 12.19
C GLY G 237 -36.35 45.62 12.40
N GLN G 238 -35.32 44.82 12.66
CA GLN G 238 -35.51 43.40 12.98
C GLN G 238 -35.78 43.18 14.46
N GLU G 239 -35.12 43.94 15.32
CA GLU G 239 -35.27 43.80 16.76
C GLU G 239 -35.99 44.96 17.42
N SER G 240 -35.99 46.14 16.80
CA SER G 240 -36.47 47.32 17.49
C SER G 240 -37.35 48.15 16.57
N ILE G 241 -38.25 48.90 17.20
CA ILE G 241 -39.06 49.91 16.54
C ILE G 241 -38.76 51.21 17.26
N THR G 242 -38.20 52.18 16.55
CA THR G 242 -37.81 53.43 17.16
C THR G 242 -38.65 54.54 16.52
N TYR G 243 -38.93 55.55 17.33
CA TYR G 243 -39.65 56.74 16.89
C TYR G 243 -38.77 57.97 17.10
N HIS G 244 -38.63 58.78 16.06
CA HIS G 244 -37.86 60.01 16.12
C HIS G 244 -38.76 61.17 15.69
N ASN G 245 -38.72 62.26 16.45
CA ASN G 245 -39.44 63.49 16.11
C ASN G 245 -38.73 64.65 16.79
N GLY G 246 -37.95 65.39 16.02
CA GLY G 246 -37.19 66.49 16.58
C GLY G 246 -36.31 65.96 17.70
N ASP G 247 -36.48 66.49 18.91
CA ASP G 247 -35.69 66.04 20.05
C ASP G 247 -36.23 64.75 20.65
N LYS G 248 -37.51 64.45 20.46
CA LYS G 248 -38.13 63.29 21.09
C LYS G 248 -37.62 62.02 20.42
N TYR G 249 -37.25 61.05 21.26
CA TYR G 249 -36.75 59.75 20.81
C TYR G 249 -37.36 58.67 21.68
N LEU G 250 -38.00 57.70 21.04
CA LEU G 250 -38.59 56.54 21.69
C LEU G 250 -38.07 55.28 21.01
N ALA G 251 -37.86 54.23 21.78
CA ALA G 251 -37.38 52.97 21.24
C ALA G 251 -37.94 51.81 22.05
N ILE G 252 -38.75 50.96 21.39
CA ILE G 252 -39.29 49.76 22.00
C ILE G 252 -38.77 48.55 21.23
N ALA G 253 -38.39 47.50 21.97
CA ALA G 253 -37.80 46.29 21.39
C ALA G 253 -38.55 45.08 21.89
N PRO G 254 -39.79 44.87 21.42
CA PRO G 254 -40.62 43.75 21.93
C PRO G 254 -40.08 42.40 21.53
N PRO G 255 -40.16 41.41 22.45
CA PRO G 255 -39.53 40.10 22.18
C PRO G 255 -40.19 39.29 21.08
N ILE G 256 -41.49 39.46 20.85
CA ILE G 256 -42.19 38.59 19.92
C ILE G 256 -41.70 38.85 18.50
N ILE G 257 -41.36 40.09 18.18
CA ILE G 257 -41.04 40.42 16.80
C ILE G 257 -39.73 39.79 16.36
N LYS G 258 -38.84 39.44 17.30
CA LYS G 258 -37.52 38.93 16.93
C LYS G 258 -37.64 37.65 16.09
N GLN G 259 -38.73 36.91 16.24
CA GLN G 259 -38.84 35.61 15.58
C GLN G 259 -38.91 35.74 14.07
N SER G 260 -39.54 36.80 13.57
CA SER G 260 -39.72 36.97 12.13
C SER G 260 -39.62 38.43 11.71
N THR G 261 -38.99 38.63 10.56
CA THR G 261 -38.78 39.96 9.99
C THR G 261 -40.10 40.62 9.59
N ILE G 262 -40.29 41.86 10.03
CA ILE G 262 -41.48 42.63 9.64
C ILE G 262 -41.25 43.21 8.25
N VAL G 263 -42.20 43.00 7.35
CA VAL G 263 -41.98 43.37 5.95
C VAL G 263 -42.96 44.42 5.45
N CYS G 264 -44.10 44.64 6.09
CA CYS G 264 -45.08 45.58 5.57
C CYS G 264 -45.75 46.33 6.71
N HIS G 265 -46.19 47.55 6.42
CA HIS G 265 -46.82 48.42 7.40
C HIS G 265 -47.97 49.17 6.72
N ASN G 266 -49.00 49.47 7.51
CA ASN G 266 -50.12 50.28 7.05
C ASN G 266 -50.68 51.06 8.24
N ARG G 267 -51.37 52.15 7.93
CA ARG G 267 -51.93 53.07 8.93
C ARG G 267 -53.41 52.80 9.13
N VAL G 268 -53.80 52.51 10.38
CA VAL G 268 -55.20 52.31 10.71
C VAL G 268 -55.91 53.63 11.02
N ASP G 269 -55.32 54.46 11.90
CA ASP G 269 -55.98 55.69 12.32
C ASP G 269 -55.38 56.89 11.60
N PRO G 270 -56.17 57.67 10.85
CA PRO G 270 -55.62 58.91 10.25
C PRO G 270 -54.90 59.81 11.25
N ASN G 271 -55.30 59.80 12.52
CA ASN G 271 -54.59 60.59 13.51
C ASN G 271 -53.20 60.02 13.80
N GLY G 272 -52.93 58.79 13.35
CA GLY G 272 -51.63 58.18 13.49
C GLY G 272 -51.43 57.34 14.74
N SER G 273 -52.50 57.12 15.52
CA SER G 273 -52.36 56.38 16.77
C SER G 273 -52.09 54.90 16.54
N ARG G 274 -52.69 54.31 15.51
CA ARG G 274 -52.63 52.87 15.29
C ARG G 274 -52.09 52.54 13.92
N TYR G 275 -51.08 51.65 13.87
CA TYR G 275 -50.45 51.17 12.65
C TYR G 275 -50.41 49.65 12.66
N LEU G 276 -50.47 49.05 11.48
CA LEU G 276 -50.48 47.59 11.33
C LEU G 276 -49.14 47.08 10.79
N LEU G 277 -48.67 45.94 11.30
CA LEU G 277 -47.40 45.35 10.89
C LEU G 277 -47.56 43.90 10.48
N GLY G 278 -46.82 43.49 9.46
CA GLY G 278 -46.83 42.10 9.04
C GLY G 278 -45.43 41.55 8.91
N ASP G 279 -45.31 40.23 9.11
CA ASP G 279 -44.00 39.57 9.08
C ASP G 279 -44.04 38.35 8.16
N MET G 280 -42.85 37.78 7.93
CA MET G 280 -42.68 36.72 6.94
C MET G 280 -43.28 35.38 7.39
N GLU G 281 -43.58 35.21 8.68
CA GLU G 281 -44.26 34.01 9.17
C GLU G 281 -45.78 34.12 9.13
N GLY G 282 -46.31 35.21 8.57
CA GLY G 282 -47.73 35.43 8.45
C GLY G 282 -48.37 36.10 9.65
N ARG G 283 -47.64 36.29 10.74
CA ARG G 283 -48.17 36.92 11.93
C ARG G 283 -48.48 38.39 11.65
N LEU G 284 -49.61 38.85 12.17
CA LEU G 284 -50.03 40.24 12.07
C LEU G 284 -49.99 40.91 13.44
N PHE G 285 -49.29 42.03 13.54
CA PHE G 285 -49.14 42.77 14.79
C PHE G 285 -49.80 44.15 14.64
N MET G 286 -50.13 44.75 15.78
CA MET G 286 -50.62 46.12 15.85
C MET G 286 -49.60 47.01 16.57
N LEU G 287 -49.26 48.14 15.94
CA LEU G 287 -48.38 49.14 16.55
C LEU G 287 -49.23 50.29 17.09
N LEU G 288 -49.10 50.58 18.39
CA LEU G 288 -49.89 51.59 19.06
C LEU G 288 -48.99 52.73 19.52
N LEU G 289 -49.44 53.97 19.27
CA LEU G 289 -48.75 55.16 19.73
C LEU G 289 -49.50 55.65 20.97
N GLU G 290 -48.84 55.59 22.13
CA GLU G 290 -49.53 55.90 23.39
C GLU G 290 -49.65 57.41 23.47
N LYS G 291 -50.80 57.93 23.06
CA LYS G 291 -51.01 59.37 23.06
C LYS G 291 -51.34 59.83 24.47
N GLU G 292 -51.05 61.11 24.72
CA GLU G 292 -51.36 61.76 26.00
C GLU G 292 -51.87 63.15 25.69
N GLU G 293 -53.07 63.46 26.16
CA GLU G 293 -53.70 64.74 25.88
C GLU G 293 -53.28 65.74 26.96
N GLN G 294 -52.57 66.78 26.55
CA GLN G 294 -52.12 67.84 27.43
C GLN G 294 -53.27 68.83 27.63
N MET G 295 -53.16 69.63 28.67
CA MET G 295 -54.22 70.59 28.96
C MET G 295 -54.44 71.58 27.85
N ASP G 296 -53.41 71.85 27.06
CA ASP G 296 -53.61 72.71 25.92
C ASP G 296 -54.58 72.13 24.93
N GLY G 297 -54.57 70.81 24.78
CA GLY G 297 -55.11 70.17 23.62
C GLY G 297 -54.07 69.65 22.65
N THR G 298 -52.78 69.88 22.88
CA THR G 298 -51.79 69.26 22.01
C THR G 298 -51.73 67.76 22.35
N VAL G 299 -51.48 66.93 21.34
CA VAL G 299 -51.42 65.48 21.52
C VAL G 299 -49.93 65.14 21.50
N THR G 300 -49.45 64.55 22.59
CA THR G 300 -48.05 64.18 22.76
C THR G 300 -47.90 62.67 22.73
N LEU G 301 -46.65 62.22 22.66
CA LEU G 301 -46.34 60.81 22.55
C LEU G 301 -45.56 60.31 23.76
N LYS G 302 -46.17 59.41 24.52
CA LYS G 302 -45.58 58.88 25.74
C LYS G 302 -44.75 57.62 25.49
N ASP G 303 -45.30 56.64 24.76
CA ASP G 303 -44.63 55.36 24.54
C ASP G 303 -45.26 54.65 23.36
N LEU G 304 -44.57 53.60 22.89
CA LEU G 304 -45.03 52.77 21.78
C LEU G 304 -45.33 51.35 22.27
N ARG G 305 -46.31 50.70 21.63
CA ARG G 305 -46.67 49.34 22.00
C ARG G 305 -46.93 48.49 20.77
N VAL G 306 -46.55 47.21 20.87
CA VAL G 306 -46.76 46.24 19.81
C VAL G 306 -47.59 45.09 20.36
N GLU G 307 -48.66 44.74 19.66
CA GLU G 307 -49.58 43.69 20.10
C GLU G 307 -49.83 42.73 18.95
N LEU G 308 -49.70 41.43 19.24
CA LEU G 308 -49.93 40.40 18.23
C LEU G 308 -51.42 40.17 18.06
N LEU G 309 -51.90 40.29 16.83
CA LEU G 309 -53.32 40.07 16.56
C LEU G 309 -53.61 38.65 16.12
N GLY G 310 -52.78 38.07 15.27
CA GLY G 310 -53.02 36.73 14.76
C GLY G 310 -52.14 36.44 13.54
N GLU G 311 -52.69 35.61 12.65
CA GLU G 311 -52.00 35.21 11.43
C GLU G 311 -52.84 35.53 10.19
N THR G 312 -52.18 36.00 9.15
CA THR G 312 -52.76 36.17 7.83
C THR G 312 -51.91 35.36 6.86
N SER G 313 -52.23 35.43 5.57
CA SER G 313 -51.28 34.92 4.59
C SER G 313 -50.04 35.79 4.66
N ILE G 314 -48.88 35.21 4.33
CA ILE G 314 -47.68 36.04 4.25
C ILE G 314 -47.98 37.20 3.32
N ALA G 315 -47.89 38.42 3.83
CA ALA G 315 -48.47 39.57 3.15
C ALA G 315 -47.35 40.45 2.60
N GLU G 316 -47.41 40.70 1.28
CA GLU G 316 -46.54 41.69 0.66
C GLU G 316 -47.02 43.10 0.98
N CYS G 317 -48.33 43.33 0.96
CA CYS G 317 -48.87 44.65 1.25
C CYS G 317 -50.08 44.50 2.18
N LEU G 318 -50.21 45.43 3.12
CA LEU G 318 -51.39 45.53 3.98
C LEU G 318 -52.09 46.87 3.73
N THR G 319 -53.43 46.84 3.68
CA THR G 319 -54.20 48.08 3.60
C THR G 319 -55.45 47.93 4.45
N TYR G 320 -55.70 48.92 5.30
CA TYR G 320 -56.88 48.94 6.16
C TYR G 320 -58.07 49.57 5.44
N LEU G 321 -59.22 48.92 5.56
CA LEU G 321 -60.50 49.40 5.02
C LEU G 321 -61.38 49.78 6.21
N ASP G 322 -62.46 50.51 5.93
CA ASP G 322 -63.35 50.90 7.02
C ASP G 322 -64.03 49.69 7.68
N ASN G 323 -64.47 49.91 8.93
CA ASN G 323 -65.21 48.93 9.73
C ASN G 323 -64.41 47.67 10.03
N GLY G 324 -63.14 47.85 10.40
CA GLY G 324 -62.30 46.76 10.86
C GLY G 324 -61.94 45.71 9.83
N VAL G 325 -62.07 46.02 8.55
CA VAL G 325 -61.77 45.07 7.48
C VAL G 325 -60.41 45.43 6.90
N VAL G 326 -59.55 44.43 6.76
CA VAL G 326 -58.19 44.62 6.27
C VAL G 326 -57.95 43.71 5.08
N PHE G 327 -57.33 44.26 4.04
CA PHE G 327 -56.97 43.51 2.86
C PHE G 327 -55.52 43.05 2.97
N VAL G 328 -55.31 41.75 2.84
CA VAL G 328 -53.99 41.13 2.91
C VAL G 328 -53.57 40.76 1.49
N GLY G 329 -52.68 41.56 0.91
CA GLY G 329 -52.15 41.28 -0.40
C GLY G 329 -50.90 40.42 -0.37
N SER G 330 -50.97 39.22 -0.93
CA SER G 330 -49.88 38.26 -0.82
C SER G 330 -49.31 37.92 -2.19
N ARG G 331 -47.97 37.86 -2.27
CA ARG G 331 -47.28 37.40 -3.45
C ARG G 331 -46.90 35.94 -3.34
N LEU G 332 -46.75 35.44 -2.10
CA LEU G 332 -46.38 34.06 -1.86
C LEU G 332 -47.57 33.15 -1.59
N GLY G 333 -48.72 33.70 -1.24
CA GLY G 333 -49.87 32.88 -0.91
C GLY G 333 -51.17 33.55 -1.30
N ASP G 334 -52.30 32.95 -0.94
CA ASP G 334 -53.59 33.52 -1.31
C ASP G 334 -53.82 34.84 -0.60
N SER G 335 -54.31 35.83 -1.35
CA SER G 335 -54.69 37.11 -0.75
C SER G 335 -56.08 37.03 -0.15
N GLN G 336 -56.37 37.96 0.76
CA GLN G 336 -57.58 37.82 1.54
C GLN G 336 -58.07 39.14 2.11
N LEU G 337 -59.36 39.13 2.46
CA LEU G 337 -59.95 40.10 3.37
C LEU G 337 -60.13 39.46 4.74
N VAL G 338 -59.71 40.15 5.79
CA VAL G 338 -59.85 39.62 7.15
C VAL G 338 -60.63 40.61 7.99
N LYS G 339 -61.30 40.07 9.01
CA LYS G 339 -62.03 40.86 10.00
C LYS G 339 -61.12 41.00 11.20
N LEU G 340 -60.85 42.24 11.59
CA LEU G 340 -60.13 42.49 12.83
C LEU G 340 -61.18 42.71 13.90
N ASN G 341 -61.13 41.87 14.93
CA ASN G 341 -62.12 41.92 15.99
C ASN G 341 -61.51 42.50 17.25
N VAL G 342 -62.38 43.13 18.03
CA VAL G 342 -62.02 43.52 19.38
C VAL G 342 -61.92 42.26 20.22
N ASP G 343 -62.69 41.22 19.86
CA ASP G 343 -62.74 39.97 20.59
C ASP G 343 -61.78 38.92 20.08
N SER G 344 -61.09 38.26 21.01
CA SER G 344 -60.26 37.11 20.68
C SER G 344 -61.14 35.87 20.52
N ASN G 345 -60.72 34.97 19.63
CA ASN G 345 -61.46 33.74 19.41
C ASN G 345 -60.97 32.63 20.35
N GLU G 346 -61.41 31.40 20.08
CA GLU G 346 -61.15 30.28 20.98
C GLU G 346 -59.66 29.92 21.04
N GLN G 347 -58.87 30.39 20.08
CA GLN G 347 -57.43 30.15 20.05
C GLN G 347 -56.60 31.32 20.55
N GLY G 348 -57.24 32.45 20.87
CA GLY G 348 -56.52 33.66 21.26
C GLY G 348 -56.26 34.66 20.14
N SER G 349 -56.80 34.43 18.95
CA SER G 349 -56.57 35.29 17.79
C SER G 349 -57.70 36.29 17.61
N TYR G 350 -57.34 37.52 17.23
CA TYR G 350 -58.30 38.56 16.91
C TYR G 350 -58.57 38.67 15.40
N VAL G 351 -58.05 37.75 14.59
CA VAL G 351 -58.12 37.84 13.13
C VAL G 351 -58.98 36.71 12.59
N VAL G 352 -59.95 37.04 11.76
CA VAL G 352 -60.87 36.06 11.16
C VAL G 352 -60.97 36.31 9.67
N ALA G 353 -60.77 35.26 8.88
CA ALA G 353 -60.85 35.38 7.43
C ALA G 353 -62.29 35.62 7.00
N MET G 354 -62.47 36.57 6.09
CA MET G 354 -63.75 36.79 5.44
C MET G 354 -63.76 36.17 4.06
N GLU G 355 -62.82 36.57 3.21
CA GLU G 355 -62.76 36.10 1.83
C GLU G 355 -61.35 35.66 1.50
N THR G 356 -61.25 34.71 0.57
CA THR G 356 -59.97 34.19 0.11
C THR G 356 -59.91 34.35 -1.40
N PHE G 357 -58.88 35.05 -1.88
CA PHE G 357 -58.70 35.30 -3.30
C PHE G 357 -57.61 34.39 -3.80
N THR G 358 -57.93 33.51 -4.73
CA THR G 358 -56.96 32.55 -5.19
C THR G 358 -55.76 33.31 -5.76
N ASN G 359 -54.58 32.95 -5.30
CA ASN G 359 -53.32 33.43 -5.84
C ASN G 359 -52.56 32.18 -6.25
N LEU G 360 -52.31 32.03 -7.55
CA LEU G 360 -51.51 30.89 -7.98
C LEU G 360 -50.08 30.98 -7.47
N GLY G 361 -49.73 32.06 -6.78
CA GLY G 361 -48.48 32.19 -6.08
C GLY G 361 -47.31 31.97 -7.00
N PRO G 362 -46.11 31.90 -6.42
CA PRO G 362 -44.96 31.47 -7.23
C PRO G 362 -45.21 30.05 -7.73
N ILE G 363 -45.12 29.87 -9.04
CA ILE G 363 -45.29 28.55 -9.64
C ILE G 363 -43.87 28.01 -9.82
N VAL G 364 -43.43 27.21 -8.84
CA VAL G 364 -42.08 26.70 -8.87
C VAL G 364 -41.93 25.67 -10.01
N ASP G 365 -42.92 24.79 -10.15
CA ASP G 365 -42.93 23.75 -11.15
C ASP G 365 -44.39 23.48 -11.53
N MET G 366 -44.57 22.68 -12.57
CA MET G 366 -45.91 22.23 -12.95
C MET G 366 -45.79 21.08 -13.94
N CYS G 367 -46.83 20.26 -14.01
CA CYS G 367 -46.92 19.17 -14.96
C CYS G 367 -48.35 19.06 -15.47
N VAL G 368 -48.50 18.53 -16.69
CA VAL G 368 -49.82 18.34 -17.30
C VAL G 368 -50.15 16.85 -17.31
N VAL G 369 -51.33 16.51 -16.80
CA VAL G 369 -51.82 15.14 -16.70
C VAL G 369 -53.32 15.15 -16.97
N ASP G 370 -53.78 14.24 -17.82
CA ASP G 370 -55.19 14.08 -18.09
C ASP G 370 -55.73 12.93 -17.23
N LEU G 371 -56.20 13.30 -16.03
CA LEU G 371 -56.72 12.31 -15.08
C LEU G 371 -57.99 11.67 -15.59
N GLU G 372 -58.85 12.47 -16.25
CA GLU G 372 -60.12 11.99 -16.75
C GLU G 372 -59.99 11.29 -18.09
N ARG G 373 -58.79 11.26 -18.68
CA ARG G 373 -58.57 10.64 -19.98
C ARG G 373 -59.49 11.21 -21.05
N GLN G 374 -59.99 12.44 -20.81
CA GLN G 374 -60.93 13.08 -21.71
C GLN G 374 -60.27 13.75 -22.90
N GLY G 375 -58.94 13.77 -22.96
CA GLY G 375 -58.24 14.48 -24.00
C GLY G 375 -58.08 15.96 -23.75
N GLN G 376 -58.74 16.48 -22.71
CA GLN G 376 -58.67 17.90 -22.39
C GLN G 376 -57.33 18.26 -21.79
N GLY G 377 -56.85 17.47 -20.83
CA GLY G 377 -55.61 17.75 -20.15
C GLY G 377 -55.73 18.78 -19.05
N GLN G 378 -55.23 18.46 -17.86
CA GLN G 378 -55.27 19.34 -16.71
C GLN G 378 -53.87 19.71 -16.25
N LEU G 379 -53.75 20.85 -15.56
CA LEU G 379 -52.47 21.39 -15.11
C LEU G 379 -52.35 21.32 -13.59
N VAL G 380 -51.33 20.61 -13.09
CA VAL G 380 -51.03 20.53 -11.67
C VAL G 380 -49.73 21.28 -11.37
N THR G 381 -49.80 22.27 -10.48
CA THR G 381 -48.69 23.19 -10.22
C THR G 381 -48.19 23.10 -8.78
N CYS G 382 -46.89 23.32 -8.59
CA CYS G 382 -46.32 23.59 -7.26
C CYS G 382 -46.37 25.09 -6.98
N SER G 383 -47.21 25.51 -6.03
CA SER G 383 -47.44 26.94 -5.84
C SER G 383 -47.31 27.37 -4.39
N GLY G 384 -46.78 28.58 -4.22
CA GLY G 384 -46.60 29.18 -2.92
C GLY G 384 -45.25 28.85 -2.33
N ALA G 385 -45.05 29.36 -1.11
CA ALA G 385 -43.87 29.03 -0.33
C ALA G 385 -44.23 29.03 1.15
N PHE G 386 -43.50 28.23 1.91
CA PHE G 386 -43.60 28.16 3.38
C PHE G 386 -45.03 27.80 3.74
N LYS G 387 -45.66 28.50 4.70
CA LYS G 387 -46.99 28.11 5.15
C LYS G 387 -48.01 28.15 4.03
N GLU G 388 -47.82 29.00 3.03
CA GLU G 388 -48.77 29.15 1.95
C GLU G 388 -48.53 28.14 0.82
N GLY G 389 -47.56 27.26 0.97
CA GLY G 389 -47.27 26.28 -0.07
C GLY G 389 -48.46 25.38 -0.33
N SER G 390 -48.72 25.13 -1.61
CA SER G 390 -49.92 24.42 -2.03
C SER G 390 -49.69 23.76 -3.39
N LEU G 391 -50.53 22.76 -3.68
CA LEU G 391 -50.65 22.15 -5.01
C LEU G 391 -51.94 22.69 -5.63
N ARG G 392 -51.90 23.10 -6.90
CA ARG G 392 -53.05 23.69 -7.57
C ARG G 392 -53.40 22.90 -8.82
N ILE G 393 -54.64 22.44 -8.89
CA ILE G 393 -55.16 21.68 -10.03
C ILE G 393 -55.98 22.64 -10.90
N ILE G 394 -55.65 22.76 -12.20
CA ILE G 394 -56.30 23.72 -13.08
C ILE G 394 -56.82 23.03 -14.33
N ARG G 395 -58.11 23.21 -14.62
CA ARG G 395 -58.78 22.68 -15.80
C ARG G 395 -59.67 23.76 -16.42
N ASN G 396 -59.98 23.59 -17.70
CA ASN G 396 -60.88 24.52 -18.41
C ASN G 396 -62.34 24.18 -18.16
N GLY G 397 -63.17 25.21 -18.07
CA GLY G 397 -64.59 25.04 -17.83
C GLY G 397 -65.35 24.83 -19.12
N ILE G 398 -65.99 23.68 -19.26
CA ILE G 398 -66.62 23.29 -20.52
C ILE G 398 -68.09 22.95 -20.28
N LYS G 409 -62.29 31.05 -17.90
CA LYS G 409 -62.88 30.46 -16.70
C LYS G 409 -62.25 29.11 -16.40
N LEU G 410 -61.34 29.09 -15.44
CA LEU G 410 -60.61 27.89 -15.03
C LEU G 410 -61.06 27.41 -13.65
N HIS G 411 -61.40 26.13 -13.56
CA HIS G 411 -61.67 25.48 -12.27
C HIS G 411 -60.32 25.23 -11.61
N ILE G 412 -60.14 25.75 -10.40
CA ILE G 412 -58.90 25.62 -9.67
C ILE G 412 -59.22 24.94 -8.34
N ARG G 413 -58.59 23.80 -8.10
CA ARG G 413 -58.66 23.10 -6.82
C ARG G 413 -57.36 23.35 -6.09
N THR G 414 -57.45 23.58 -4.79
CA THR G 414 -56.29 23.93 -3.97
C THR G 414 -56.02 22.81 -2.98
N VAL G 415 -54.79 22.33 -2.94
CA VAL G 415 -54.35 21.32 -1.99
C VAL G 415 -53.27 21.94 -1.11
N PRO G 416 -53.61 22.32 0.14
CA PRO G 416 -52.59 22.93 1.00
C PRO G 416 -51.56 21.95 1.51
N LEU G 417 -50.31 22.39 1.50
CA LEU G 417 -49.20 21.62 2.00
C LEU G 417 -48.59 22.19 3.27
N TYR G 418 -48.72 23.48 3.51
CA TYR G 418 -48.15 24.13 4.69
C TYR G 418 -46.63 24.02 4.71
N GLU G 419 -46.03 23.63 3.59
CA GLU G 419 -44.59 23.66 3.40
C GLU G 419 -44.34 24.00 1.93
N SER G 420 -43.10 24.34 1.62
CA SER G 420 -42.80 24.84 0.30
C SER G 420 -42.76 23.67 -0.69
N PRO G 421 -43.57 23.69 -1.76
CA PRO G 421 -43.46 22.68 -2.81
C PRO G 421 -42.36 23.08 -3.77
N ARG G 422 -41.62 22.10 -4.27
CA ARG G 422 -40.46 22.41 -5.10
C ARG G 422 -40.52 21.81 -6.50
N LYS G 423 -40.77 20.52 -6.63
CA LYS G 423 -40.87 19.87 -7.93
C LYS G 423 -42.02 18.86 -7.87
N ILE G 424 -42.65 18.63 -9.02
CA ILE G 424 -43.76 17.69 -9.12
C ILE G 424 -43.56 16.78 -10.32
N CYS G 425 -43.95 15.51 -10.17
CA CYS G 425 -43.82 14.53 -11.24
C CYS G 425 -44.94 13.52 -11.08
N TYR G 426 -45.60 13.18 -12.18
CA TYR G 426 -46.75 12.27 -12.18
C TYR G 426 -46.32 10.88 -12.62
N GLN G 427 -46.78 9.87 -11.88
CA GLN G 427 -46.47 8.46 -12.14
C GLN G 427 -47.79 7.72 -12.29
N GLU G 428 -48.21 7.48 -13.54
CA GLU G 428 -49.49 6.83 -13.77
C GLU G 428 -49.51 5.45 -13.14
N VAL G 429 -48.40 4.72 -13.23
CA VAL G 429 -48.34 3.35 -12.72
C VAL G 429 -48.83 3.27 -11.29
N SER G 430 -48.54 4.29 -10.49
CA SER G 430 -48.91 4.32 -9.08
C SER G 430 -50.09 5.22 -8.80
N GLN G 431 -50.73 5.77 -9.83
CA GLN G 431 -51.89 6.65 -9.67
C GLN G 431 -51.62 7.70 -8.60
N CYS G 432 -50.41 8.25 -8.63
CA CYS G 432 -49.98 9.16 -7.60
C CYS G 432 -49.08 10.20 -8.25
N PHE G 433 -48.89 11.31 -7.54
CA PHE G 433 -47.96 12.36 -7.93
C PHE G 433 -46.76 12.30 -7.00
N GLY G 434 -45.57 12.55 -7.53
CA GLY G 434 -44.40 12.79 -6.72
C GLY G 434 -44.16 14.29 -6.59
N VAL G 435 -43.98 14.74 -5.36
CA VAL G 435 -43.73 16.16 -5.07
C VAL G 435 -42.56 16.26 -4.10
N LEU G 436 -41.58 17.07 -4.47
CA LEU G 436 -40.47 17.45 -3.61
C LEU G 436 -40.84 18.69 -2.80
N SER G 437 -40.46 18.70 -1.53
CA SER G 437 -40.88 19.76 -0.62
C SER G 437 -39.75 20.11 0.33
N SER G 438 -39.88 21.28 0.95
CA SER G 438 -38.95 21.71 1.99
C SER G 438 -39.77 22.35 3.11
N ARG G 439 -39.42 22.04 4.35
CA ARG G 439 -40.03 22.66 5.51
C ARG G 439 -38.93 23.31 6.33
N ILE G 440 -39.25 24.42 6.99
CA ILE G 440 -38.29 25.17 7.78
C ILE G 440 -38.43 24.73 9.24
N GLU G 441 -37.31 24.29 9.82
CA GLU G 441 -37.21 24.03 11.23
C GLU G 441 -36.14 24.96 11.81
N VAL G 442 -36.16 25.09 13.13
CA VAL G 442 -35.28 26.02 13.84
C VAL G 442 -34.55 25.24 14.92
N GLN G 443 -33.27 25.58 15.11
CA GLN G 443 -32.48 24.94 16.15
C GLN G 443 -33.12 25.19 17.51
N ASP G 444 -33.54 24.12 18.19
CA ASP G 444 -34.19 24.25 19.47
C ASP G 444 -33.17 24.10 20.60
N THR G 445 -33.64 24.35 21.84
CA THR G 445 -32.76 24.25 22.98
C THR G 445 -32.37 22.82 23.28
N SER G 446 -33.11 21.85 22.74
CA SER G 446 -32.75 20.45 22.93
C SER G 446 -31.46 20.10 22.22
N GLY G 447 -31.00 20.96 21.31
CA GLY G 447 -29.85 20.67 20.47
C GLY G 447 -30.18 20.16 19.09
N GLY G 448 -31.41 19.69 18.89
CA GLY G 448 -31.90 19.31 17.57
C GLY G 448 -32.65 20.45 16.92
N THR G 449 -33.74 20.13 16.23
CA THR G 449 -34.56 21.15 15.62
C THR G 449 -36.03 20.85 15.88
N THR G 450 -36.84 21.91 15.82
CA THR G 450 -38.28 21.83 16.05
C THR G 450 -38.97 22.63 14.96
N ALA G 451 -39.97 22.02 14.32
CA ALA G 451 -40.69 22.63 13.22
C ALA G 451 -41.70 23.65 13.74
N LEU G 452 -41.82 24.77 13.03
CA LEU G 452 -42.69 25.85 13.47
C LEU G 452 -44.16 25.45 13.47
N ARG G 453 -44.58 24.64 12.49
CA ARG G 453 -45.96 24.24 12.33
C ARG G 453 -45.97 22.89 11.63
N PRO G 454 -46.98 22.06 11.90
CA PRO G 454 -47.08 20.78 11.17
C PRO G 454 -47.39 21.00 9.70
N SER G 455 -46.91 20.07 8.86
CA SER G 455 -47.09 20.20 7.42
C SER G 455 -47.04 18.81 6.77
N ALA G 456 -47.12 18.81 5.44
CA ALA G 456 -47.33 17.57 4.71
C ALA G 456 -46.32 16.49 5.09
N SER G 457 -45.04 16.87 5.25
CA SER G 457 -44.03 15.85 5.50
C SER G 457 -44.20 15.22 6.89
N THR G 458 -44.80 15.93 7.83
CA THR G 458 -45.02 15.43 9.18
C THR G 458 -46.37 14.75 9.31
N GLN G 459 -47.28 14.96 8.36
CA GLN G 459 -48.64 14.44 8.42
C GLN G 459 -48.93 13.38 7.37
N ALA G 460 -47.90 12.73 6.85
CA ALA G 460 -48.10 11.63 5.93
C ALA G 460 -48.69 10.44 6.66
N LEU G 461 -49.44 9.60 5.93
CA LEU G 461 -49.97 8.39 6.53
C LEU G 461 -48.82 7.53 7.07
N SER G 462 -47.87 7.18 6.20
CA SER G 462 -46.62 6.54 6.57
C SER G 462 -45.46 7.45 6.18
N SER G 463 -44.31 7.28 6.83
CA SER G 463 -43.16 8.15 6.61
C SER G 463 -41.87 7.32 6.64
N SER G 464 -40.82 7.87 6.04
CA SER G 464 -39.51 7.20 6.03
C SER G 464 -38.40 8.25 6.03
N VAL G 465 -37.23 7.86 6.57
CA VAL G 465 -36.05 8.71 6.62
C VAL G 465 -34.88 7.97 5.98
N SER G 466 -34.09 8.68 5.20
CA SER G 466 -32.94 8.06 4.56
C SER G 466 -31.94 7.62 5.62
N SER G 467 -31.42 6.40 5.46
CA SER G 467 -30.40 5.85 6.34
C SER G 467 -29.03 5.86 5.67
N SER G 468 -28.92 6.54 4.54
CA SER G 468 -27.71 6.50 3.75
C SER G 468 -26.50 6.95 4.56
N LYS G 469 -25.42 6.19 4.42
CA LYS G 469 -24.13 6.52 5.00
C LYS G 469 -23.12 6.88 3.93
N LEU G 470 -23.61 7.24 2.73
CA LEU G 470 -22.74 7.55 1.60
C LEU G 470 -21.74 8.66 1.96
N PHE G 471 -22.21 9.72 2.60
CA PHE G 471 -21.31 10.79 3.03
C PHE G 471 -20.70 10.48 4.39
N SER G 472 -21.20 9.42 5.04
CA SER G 472 -20.59 8.83 6.21
C SER G 472 -19.99 9.82 7.19
N SER G 473 -18.71 9.66 7.50
CA SER G 473 -18.12 10.56 8.50
C SER G 473 -17.96 11.96 7.92
N SER G 474 -17.61 12.05 6.64
CA SER G 474 -17.43 13.33 5.97
C SER G 474 -16.25 14.09 6.58
N THR G 475 -16.09 13.95 7.90
CA THR G 475 -15.06 14.66 8.68
C THR G 475 -15.06 16.15 8.37
N ALA G 476 -16.25 16.73 8.42
CA ALA G 476 -16.44 18.17 8.20
C ALA G 476 -17.48 18.63 9.21
N PRO G 477 -17.07 18.87 10.46
CA PRO G 477 -18.05 19.23 11.48
C PRO G 477 -18.49 20.68 11.28
N HIS G 478 -19.80 20.90 11.33
CA HIS G 478 -20.38 22.23 11.18
C HIS G 478 -21.09 22.67 12.43
N GLU G 479 -20.76 23.89 12.87
CA GLU G 479 -21.30 24.44 14.10
C GLU G 479 -22.78 24.79 13.91
N THR G 480 -23.58 24.50 14.93
CA THR G 480 -25.02 24.78 14.90
C THR G 480 -25.33 25.71 16.06
N SER G 481 -25.94 26.84 15.77
CA SER G 481 -26.27 27.86 16.77
C SER G 481 -27.77 27.95 16.97
N PHE G 482 -28.19 28.11 18.24
CA PHE G 482 -29.61 28.19 18.55
C PHE G 482 -30.26 29.34 17.80
N GLY G 483 -31.45 29.08 17.26
CA GLY G 483 -32.22 30.08 16.56
C GLY G 483 -32.03 30.09 15.07
N GLU G 484 -30.98 29.44 14.58
CA GLU G 484 -30.74 29.38 13.14
C GLU G 484 -31.77 28.49 12.47
N GLU G 485 -32.16 28.88 11.26
CA GLU G 485 -33.09 28.10 10.46
C GLU G 485 -32.35 27.02 9.68
N VAL G 486 -33.06 25.91 9.41
CA VAL G 486 -32.58 24.89 8.48
C VAL G 486 -33.75 24.43 7.62
N GLU G 487 -33.44 24.00 6.40
CA GLU G 487 -34.43 23.40 5.51
C GLU G 487 -34.32 21.88 5.60
N VAL G 488 -35.48 21.23 5.66
CA VAL G 488 -35.57 19.78 5.66
C VAL G 488 -36.34 19.38 4.41
N HIS G 489 -35.71 18.59 3.55
CA HIS G 489 -36.27 18.27 2.25
C HIS G 489 -36.83 16.85 2.25
N ASN G 490 -38.00 16.69 1.65
CA ASN G 490 -38.74 15.44 1.69
C ASN G 490 -39.33 15.19 0.31
N LEU G 491 -39.54 13.92 -0.02
CA LEU G 491 -40.33 13.52 -1.18
C LEU G 491 -41.68 13.01 -0.70
N LEU G 492 -42.74 13.64 -1.21
CA LEU G 492 -44.11 13.31 -0.84
C LEU G 492 -44.77 12.52 -1.96
N ILE G 493 -45.49 11.46 -1.59
CA ILE G 493 -46.33 10.72 -2.54
C ILE G 493 -47.77 11.12 -2.28
N ILE G 494 -48.45 11.62 -3.32
CA ILE G 494 -49.76 12.25 -3.18
C ILE G 494 -50.71 11.53 -4.15
N ASP G 495 -51.85 11.06 -3.64
CA ASP G 495 -52.81 10.33 -4.45
C ASP G 495 -53.47 11.23 -5.50
N GLN G 496 -53.69 10.69 -6.69
CA GLN G 496 -54.17 11.51 -7.79
C GLN G 496 -55.64 11.89 -7.67
N HIS G 497 -56.40 11.24 -6.80
CA HIS G 497 -57.80 11.60 -6.56
C HIS G 497 -57.99 12.23 -5.19
N THR G 498 -57.47 11.58 -4.14
CA THR G 498 -57.69 12.10 -2.79
C THR G 498 -56.81 13.31 -2.51
N PHE G 499 -55.65 13.36 -3.17
CA PHE G 499 -54.64 14.41 -2.92
C PHE G 499 -54.25 14.45 -1.45
N GLU G 500 -54.10 13.27 -0.87
CA GLU G 500 -53.64 13.03 0.48
C GLU G 500 -52.19 12.53 0.44
N VAL G 501 -51.40 12.95 1.43
CA VAL G 501 -49.99 12.55 1.47
C VAL G 501 -49.95 11.08 1.91
N LEU G 502 -49.56 10.19 1.01
CA LEU G 502 -49.53 8.76 1.35
C LEU G 502 -48.25 8.36 2.05
N HIS G 503 -47.13 8.90 1.62
CA HIS G 503 -45.83 8.59 2.17
C HIS G 503 -44.95 9.83 2.00
N ALA G 504 -44.01 9.99 2.93
CA ALA G 504 -43.04 11.08 2.87
C ALA G 504 -41.67 10.54 3.25
N HIS G 505 -40.67 10.84 2.43
CA HIS G 505 -39.30 10.40 2.66
C HIS G 505 -38.47 11.63 3.01
N GLN G 506 -37.92 11.66 4.21
CA GLN G 506 -37.05 12.74 4.64
C GLN G 506 -35.61 12.45 4.18
N PHE G 507 -35.01 13.40 3.49
CA PHE G 507 -33.65 13.24 3.00
C PHE G 507 -32.63 13.54 4.10
N LEU G 508 -31.35 13.33 3.80
CA LEU G 508 -30.32 13.41 4.82
C LEU G 508 -30.24 14.83 5.39
N GLN G 509 -29.65 14.92 6.59
CA GLN G 509 -29.45 16.22 7.21
C GLN G 509 -28.64 17.10 6.29
N ASN G 510 -29.11 18.33 6.08
CA ASN G 510 -28.43 19.28 5.20
C ASN G 510 -28.42 18.84 3.73
N GLU G 511 -29.36 17.98 3.33
CA GLU G 511 -29.48 17.56 1.95
C GLU G 511 -30.70 18.21 1.31
N TYR G 512 -30.47 18.88 0.17
CA TYR G 512 -31.52 19.49 -0.62
C TYR G 512 -31.88 18.60 -1.81
N ALA G 513 -33.19 18.44 -2.05
CA ALA G 513 -33.70 17.75 -3.22
C ALA G 513 -33.92 18.78 -4.32
N LEU G 514 -33.26 18.59 -5.46
CA LEU G 514 -33.28 19.57 -6.53
C LEU G 514 -34.00 19.12 -7.79
N SER G 515 -34.07 17.82 -8.06
CA SER G 515 -34.59 17.33 -9.33
C SER G 515 -35.35 16.03 -9.11
N LEU G 516 -36.38 15.83 -9.93
CA LEU G 516 -37.27 14.69 -9.76
C LEU G 516 -37.80 14.22 -11.11
N VAL G 517 -37.72 12.90 -11.33
CA VAL G 517 -38.33 12.27 -12.50
C VAL G 517 -39.03 10.98 -12.10
N SER G 518 -40.03 10.61 -12.92
CA SER G 518 -40.71 9.33 -12.84
C SER G 518 -40.52 8.66 -14.19
N CYS G 519 -39.91 7.48 -14.19
CA CYS G 519 -39.63 6.83 -15.46
C CYS G 519 -39.20 5.39 -15.24
N LYS G 520 -39.20 4.62 -16.35
CA LYS G 520 -38.57 3.32 -16.44
C LYS G 520 -37.19 3.49 -17.09
N LEU G 521 -36.23 2.68 -16.65
CA LEU G 521 -34.87 2.75 -17.18
C LEU G 521 -34.42 1.37 -17.65
N GLY G 522 -33.55 1.37 -18.66
CA GLY G 522 -33.00 0.12 -19.17
C GLY G 522 -34.11 -0.83 -19.59
N LYS G 523 -33.95 -2.10 -19.25
CA LYS G 523 -35.00 -3.10 -19.46
C LYS G 523 -35.75 -3.41 -18.16
N ASP G 524 -35.63 -2.54 -17.16
CA ASP G 524 -36.30 -2.77 -15.88
C ASP G 524 -37.74 -2.32 -15.99
N PRO G 525 -38.72 -3.22 -15.86
CA PRO G 525 -40.12 -2.83 -16.07
C PRO G 525 -40.69 -1.95 -14.99
N ASN G 526 -40.06 -1.87 -13.82
CA ASN G 526 -40.58 -1.07 -12.73
C ASN G 526 -40.46 0.41 -13.06
N THR G 527 -41.46 1.18 -12.66
CA THR G 527 -41.46 2.62 -12.83
C THR G 527 -40.97 3.26 -11.53
N TYR G 528 -39.91 4.07 -11.64
CA TYR G 528 -39.25 4.62 -10.46
C TYR G 528 -39.45 6.12 -10.31
N PHE G 529 -39.30 6.57 -9.07
CA PHE G 529 -39.07 7.97 -8.72
C PHE G 529 -37.58 8.13 -8.51
N ILE G 530 -36.97 9.08 -9.21
CA ILE G 530 -35.54 9.33 -9.09
C ILE G 530 -35.36 10.78 -8.68
N VAL G 531 -34.54 11.00 -7.64
CA VAL G 531 -34.34 12.32 -7.06
C VAL G 531 -32.86 12.67 -7.13
N GLY G 532 -32.58 13.89 -7.56
CA GLY G 532 -31.23 14.45 -7.56
C GLY G 532 -31.08 15.47 -6.44
N THR G 533 -30.05 15.26 -5.62
CA THR G 533 -29.84 16.03 -4.40
C THR G 533 -28.48 16.71 -4.41
N ALA G 534 -28.29 17.59 -3.42
CA ALA G 534 -27.03 18.28 -3.18
C ALA G 534 -26.82 18.41 -1.67
N MET G 535 -25.58 18.33 -1.23
CA MET G 535 -25.25 18.56 0.18
C MET G 535 -24.89 20.04 0.36
N VAL G 536 -25.69 20.73 1.16
CA VAL G 536 -25.68 22.19 1.25
C VAL G 536 -25.18 22.64 2.62
N TYR G 537 -24.02 23.31 2.62
CA TYR G 537 -23.47 23.97 3.79
C TYR G 537 -23.19 25.43 3.49
N PRO G 538 -23.49 26.35 4.40
CA PRO G 538 -23.21 27.77 4.10
C PRO G 538 -21.77 28.03 3.71
N GLU G 539 -20.84 27.19 4.17
CA GLU G 539 -19.42 27.41 3.91
C GLU G 539 -19.03 27.21 2.46
N GLU G 540 -19.78 26.43 1.70
CA GLU G 540 -19.44 26.14 0.30
C GLU G 540 -20.15 27.10 -0.63
N ALA G 541 -19.41 27.63 -1.61
CA ALA G 541 -20.04 28.44 -2.64
C ALA G 541 -20.84 27.55 -3.58
N GLU G 542 -20.22 26.48 -4.08
CA GLU G 542 -20.92 25.52 -4.90
C GLU G 542 -20.89 24.17 -4.20
N PRO G 543 -22.02 23.45 -4.15
CA PRO G 543 -22.02 22.15 -3.48
C PRO G 543 -21.01 21.20 -4.13
N LYS G 544 -20.30 20.47 -3.29
CA LYS G 544 -19.28 19.55 -3.77
C LYS G 544 -19.67 18.09 -3.60
N GLN G 545 -20.87 17.81 -3.05
CA GLN G 545 -21.33 16.44 -2.84
C GLN G 545 -22.81 16.36 -3.22
N GLY G 546 -23.22 15.19 -3.69
CA GLY G 546 -24.62 15.01 -4.06
C GLY G 546 -24.96 13.55 -4.23
N ARG G 547 -26.27 13.29 -4.29
CA ARG G 547 -26.80 11.94 -4.44
C ARG G 547 -27.85 11.92 -5.54
N ILE G 548 -27.85 10.84 -6.32
CA ILE G 548 -28.96 10.51 -7.21
C ILE G 548 -29.58 9.25 -6.63
N VAL G 549 -30.82 9.34 -6.18
CA VAL G 549 -31.48 8.24 -5.48
C VAL G 549 -32.63 7.74 -6.35
N VAL G 550 -32.74 6.42 -6.47
CA VAL G 550 -33.78 5.76 -7.24
C VAL G 550 -34.75 5.12 -6.25
N PHE G 551 -36.03 5.49 -6.34
CA PHE G 551 -37.05 5.00 -5.42
C PHE G 551 -38.11 4.23 -6.19
N GLN G 552 -38.67 3.20 -5.56
CA GLN G 552 -39.85 2.51 -6.05
C GLN G 552 -40.98 2.66 -5.04
N TYR G 553 -42.12 3.22 -5.47
CA TYR G 553 -43.31 3.28 -4.63
C TYR G 553 -44.13 2.01 -4.84
N SER G 554 -44.28 1.22 -3.79
CA SER G 554 -44.97 -0.06 -3.89
C SER G 554 -45.72 -0.34 -2.60
N ASP G 555 -47.00 -0.68 -2.72
CA ASP G 555 -47.84 -1.08 -1.60
C ASP G 555 -47.79 -0.06 -0.46
N GLY G 556 -48.01 1.20 -0.81
CA GLY G 556 -48.11 2.27 0.17
C GLY G 556 -46.82 2.75 0.77
N LYS G 557 -45.68 2.16 0.42
CA LYS G 557 -44.37 2.61 0.86
C LYS G 557 -43.42 2.59 -0.32
N LEU G 558 -42.53 3.58 -0.40
CA LEU G 558 -41.51 3.62 -1.45
C LEU G 558 -40.15 3.29 -0.83
N GLN G 559 -39.41 2.40 -1.48
CA GLN G 559 -38.13 1.90 -1.00
C GLN G 559 -37.04 2.15 -2.04
N THR G 560 -35.88 2.56 -1.56
CA THR G 560 -34.73 2.88 -2.41
C THR G 560 -34.16 1.65 -3.10
N VAL G 561 -34.11 1.72 -4.43
CA VAL G 561 -33.53 0.65 -5.25
C VAL G 561 -32.04 0.87 -5.52
N ALA G 562 -31.61 2.11 -5.73
CA ALA G 562 -30.22 2.37 -6.06
C ALA G 562 -29.79 3.73 -5.53
N GLU G 563 -28.48 3.85 -5.33
CA GLU G 563 -27.87 5.08 -4.82
C GLU G 563 -26.62 5.37 -5.63
N LYS G 564 -26.46 6.62 -6.08
CA LYS G 564 -25.29 7.04 -6.84
C LYS G 564 -24.73 8.31 -6.23
N GLU G 565 -23.45 8.29 -5.88
CA GLU G 565 -22.77 9.46 -5.31
C GLU G 565 -22.24 10.32 -6.45
N VAL G 566 -22.44 11.65 -6.34
CA VAL G 566 -21.90 12.60 -7.30
C VAL G 566 -21.16 13.69 -6.53
N LYS G 567 -20.27 14.38 -7.25
CA LYS G 567 -19.43 15.41 -6.64
C LYS G 567 -19.99 16.81 -6.91
N GLY G 568 -21.29 16.99 -6.72
CA GLY G 568 -21.91 18.28 -6.98
C GLY G 568 -23.42 18.18 -6.84
N ALA G 569 -24.09 19.24 -7.29
CA ALA G 569 -25.54 19.33 -7.18
C ALA G 569 -26.17 18.77 -8.45
N VAL G 570 -27.17 17.90 -8.29
CA VAL G 570 -27.89 17.33 -9.42
C VAL G 570 -29.01 18.30 -9.73
N TYR G 571 -28.71 19.33 -10.53
CA TYR G 571 -29.67 20.39 -10.77
C TYR G 571 -30.85 19.92 -11.61
N SER G 572 -30.62 19.06 -12.60
CA SER G 572 -31.71 18.66 -13.50
C SER G 572 -31.48 17.24 -13.99
N MET G 573 -32.58 16.49 -14.09
CA MET G 573 -32.60 15.14 -14.63
C MET G 573 -33.77 15.02 -15.61
N VAL G 574 -33.60 14.14 -16.59
CA VAL G 574 -34.61 13.88 -17.61
C VAL G 574 -34.34 12.50 -18.20
N GLU G 575 -35.41 11.76 -18.45
CA GLU G 575 -35.25 10.43 -19.03
C GLU G 575 -34.76 10.59 -20.47
N PHE G 576 -33.75 9.81 -20.85
CA PHE G 576 -33.13 9.89 -22.17
C PHE G 576 -33.00 8.47 -22.70
N ASN G 577 -34.02 8.02 -23.43
CA ASN G 577 -33.97 6.75 -24.14
C ASN G 577 -33.49 5.63 -23.23
N GLY G 578 -34.16 5.46 -22.10
CA GLY G 578 -33.85 4.40 -21.17
C GLY G 578 -32.62 4.63 -20.31
N LYS G 579 -31.94 5.76 -20.51
CA LYS G 579 -30.76 6.12 -19.75
C LYS G 579 -31.10 7.42 -19.00
N LEU G 580 -30.37 7.68 -17.93
CA LEU G 580 -30.67 8.81 -17.05
C LEU G 580 -29.72 9.97 -17.39
N LEU G 581 -30.28 11.07 -17.86
CA LEU G 581 -29.51 12.26 -18.19
C LEU G 581 -29.58 13.22 -17.00
N ALA G 582 -28.44 13.46 -16.37
CA ALA G 582 -28.36 14.27 -15.16
C ALA G 582 -27.31 15.33 -15.35
N SER G 583 -27.58 16.52 -14.84
CA SER G 583 -26.64 17.63 -14.86
C SER G 583 -26.11 17.80 -13.44
N ILE G 584 -24.81 17.59 -13.26
CA ILE G 584 -24.17 17.74 -11.97
C ILE G 584 -23.18 18.89 -12.09
N ASN G 585 -23.56 20.04 -11.52
CA ASN G 585 -22.78 21.29 -11.55
C ASN G 585 -22.49 21.67 -13.00
N SER G 586 -21.22 21.73 -13.42
CA SER G 586 -20.85 22.01 -14.81
C SER G 586 -21.13 20.82 -15.71
N THR G 587 -21.03 19.61 -15.19
CA THR G 587 -21.11 18.41 -16.00
C THR G 587 -22.55 18.05 -16.37
N VAL G 588 -22.74 17.66 -17.63
CA VAL G 588 -23.97 17.04 -18.11
C VAL G 588 -23.60 15.60 -18.39
N ARG G 589 -24.18 14.68 -17.62
CA ARG G 589 -23.78 13.28 -17.64
C ARG G 589 -24.96 12.40 -18.02
N LEU G 590 -24.65 11.30 -18.71
CA LEU G 590 -25.62 10.28 -19.06
C LEU G 590 -25.27 9.01 -18.30
N TYR G 591 -26.23 8.48 -17.56
CA TYR G 591 -26.09 7.28 -16.76
C TYR G 591 -26.83 6.15 -17.45
N GLU G 592 -26.29 4.93 -17.33
CA GLU G 592 -26.92 3.72 -17.84
C GLU G 592 -27.48 2.90 -16.68
N TRP G 593 -28.67 2.30 -16.89
CA TRP G 593 -29.32 1.48 -15.88
C TRP G 593 -28.92 0.03 -16.12
N THR G 594 -28.16 -0.54 -15.19
CA THR G 594 -27.64 -1.88 -15.38
C THR G 594 -28.66 -2.95 -14.98
N THR G 595 -28.33 -4.19 -15.33
CA THR G 595 -29.08 -5.35 -14.90
C THR G 595 -28.95 -5.60 -13.41
N GLU G 596 -27.99 -4.94 -12.76
CA GLU G 596 -27.77 -5.00 -11.33
C GLU G 596 -28.52 -3.90 -10.57
N LYS G 597 -29.44 -3.19 -11.24
CA LYS G 597 -30.23 -2.12 -10.64
C LYS G 597 -29.33 -1.02 -10.05
N GLU G 598 -28.33 -0.61 -10.82
CA GLU G 598 -27.47 0.49 -10.41
C GLU G 598 -27.06 1.30 -11.64
N LEU G 599 -26.80 2.57 -11.42
CA LEU G 599 -26.43 3.51 -12.48
C LEU G 599 -24.93 3.43 -12.79
N ARG G 600 -24.59 3.56 -14.08
CA ARG G 600 -23.21 3.52 -14.56
C ARG G 600 -22.98 4.68 -15.52
N THR G 601 -21.91 5.45 -15.27
CA THR G 601 -21.56 6.57 -16.14
C THR G 601 -21.22 6.07 -17.55
N GLU G 602 -21.74 6.78 -18.57
CA GLU G 602 -21.40 6.45 -19.95
C GLU G 602 -20.58 7.55 -20.61
N CYS G 603 -21.14 8.75 -20.80
CA CYS G 603 -20.47 9.85 -21.48
C CYS G 603 -20.76 11.13 -20.70
N ASN G 604 -19.86 12.09 -20.82
CA ASN G 604 -19.90 13.32 -20.05
C ASN G 604 -19.66 14.50 -20.96
N HIS G 605 -20.29 15.63 -20.62
CA HIS G 605 -20.03 16.90 -21.26
C HIS G 605 -19.73 17.91 -20.17
N TYR G 606 -18.63 18.66 -20.31
CA TYR G 606 -18.16 19.53 -19.25
C TYR G 606 -18.11 21.01 -19.61
N ASN G 607 -18.50 21.41 -20.82
CA ASN G 607 -18.37 22.82 -21.22
C ASN G 607 -19.58 23.64 -20.76
N ASN G 608 -19.77 23.71 -19.45
CA ASN G 608 -20.85 24.51 -18.88
C ASN G 608 -20.40 25.17 -17.58
N ILE G 609 -20.82 26.41 -17.38
CA ILE G 609 -20.59 27.07 -16.10
C ILE G 609 -21.45 26.44 -15.00
N MET G 610 -22.76 26.36 -15.23
CA MET G 610 -23.65 25.69 -14.29
C MET G 610 -24.85 25.20 -15.09
N ALA G 611 -25.04 23.88 -15.16
CA ALA G 611 -26.07 23.29 -16.01
C ALA G 611 -27.40 23.27 -15.26
N LEU G 612 -28.15 24.35 -15.37
CA LEU G 612 -29.34 24.51 -14.55
C LEU G 612 -30.55 23.74 -15.09
N TYR G 613 -30.74 23.74 -16.41
CA TYR G 613 -31.96 23.17 -16.98
C TYR G 613 -31.65 22.22 -18.13
N LEU G 614 -32.39 21.12 -18.22
CA LEU G 614 -32.23 20.11 -19.26
C LEU G 614 -33.58 19.78 -19.87
N LYS G 615 -33.59 19.60 -21.18
CA LYS G 615 -34.76 19.20 -21.96
C LYS G 615 -34.23 18.38 -23.13
N THR G 616 -34.94 17.32 -23.52
CA THR G 616 -34.44 16.44 -24.57
C THR G 616 -35.55 16.21 -25.61
N LYS G 617 -35.16 16.08 -26.87
CA LYS G 617 -36.03 15.64 -27.97
C LYS G 617 -35.23 14.71 -28.86
N GLY G 618 -35.57 13.42 -28.84
CA GLY G 618 -34.81 12.44 -29.60
C GLY G 618 -33.46 12.21 -28.94
N ASP G 619 -32.40 12.20 -29.75
CA ASP G 619 -31.04 12.15 -29.23
C ASP G 619 -30.45 13.54 -29.06
N PHE G 620 -31.28 14.57 -29.12
CA PHE G 620 -30.85 15.96 -28.94
C PHE G 620 -31.08 16.38 -27.49
N ILE G 621 -30.19 17.21 -26.96
CA ILE G 621 -30.26 17.69 -25.58
C ILE G 621 -30.10 19.21 -25.60
N LEU G 622 -30.98 19.90 -24.90
CA LEU G 622 -30.92 21.36 -24.77
C LEU G 622 -30.49 21.67 -23.35
N VAL G 623 -29.32 22.29 -23.18
CA VAL G 623 -28.74 22.55 -21.86
C VAL G 623 -28.91 24.04 -21.56
N GLY G 624 -29.37 24.34 -20.34
CA GLY G 624 -29.57 25.71 -19.89
C GLY G 624 -28.52 26.09 -18.85
N ASP G 625 -27.84 27.21 -19.11
CA ASP G 625 -26.73 27.67 -18.28
C ASP G 625 -27.10 28.87 -17.41
N LEU G 626 -26.30 29.06 -16.36
CA LEU G 626 -26.48 30.22 -15.50
C LEU G 626 -26.22 31.52 -16.25
N MET G 627 -25.15 31.57 -17.06
CA MET G 627 -24.84 32.76 -17.84
C MET G 627 -24.47 32.49 -19.30
N ARG G 628 -24.33 31.23 -19.71
CA ARG G 628 -23.89 30.91 -21.07
C ARG G 628 -25.06 30.62 -22.01
N SER G 629 -26.26 31.11 -21.68
CA SER G 629 -27.47 31.00 -22.52
C SER G 629 -27.75 29.51 -22.74
N VAL G 630 -27.92 29.05 -23.98
CA VAL G 630 -28.32 27.68 -24.25
C VAL G 630 -27.32 27.03 -25.19
N LEU G 631 -27.21 25.71 -25.04
CA LEU G 631 -26.34 24.86 -25.83
C LEU G 631 -27.18 23.71 -26.37
N LEU G 632 -26.94 23.33 -27.63
CA LEU G 632 -27.59 22.17 -28.22
C LEU G 632 -26.57 21.03 -28.25
N LEU G 633 -26.76 20.05 -27.37
CA LEU G 633 -25.98 18.83 -27.37
C LEU G 633 -26.67 17.74 -28.17
N ALA G 634 -25.88 16.76 -28.60
CA ALA G 634 -26.41 15.55 -29.20
C ALA G 634 -25.54 14.38 -28.77
N TYR G 635 -26.19 13.27 -28.38
CA TYR G 635 -25.50 12.02 -28.15
C TYR G 635 -25.30 11.31 -29.48
N LYS G 636 -24.05 10.93 -29.77
CA LYS G 636 -23.75 10.22 -31.00
C LYS G 636 -23.68 8.74 -30.67
N PRO G 637 -24.71 7.96 -30.98
CA PRO G 637 -24.76 6.59 -30.45
C PRO G 637 -23.63 5.70 -30.94
N MET G 638 -23.22 5.86 -32.20
CA MET G 638 -22.20 5.00 -32.77
C MET G 638 -20.89 5.12 -32.02
N GLU G 639 -20.60 6.32 -31.53
CA GLU G 639 -19.34 6.68 -30.91
C GLU G 639 -19.41 6.61 -29.40
N GLY G 640 -20.61 6.67 -28.84
CA GLY G 640 -20.79 6.58 -27.40
C GLY G 640 -20.32 7.80 -26.64
N ASN G 641 -20.64 8.99 -27.12
CA ASN G 641 -20.20 10.23 -26.50
C ASN G 641 -21.19 11.32 -26.89
N PHE G 642 -20.99 12.52 -26.34
CA PHE G 642 -21.81 13.67 -26.70
C PHE G 642 -21.10 14.48 -27.79
N GLU G 643 -21.89 15.20 -28.59
CA GLU G 643 -21.36 16.12 -29.58
C GLU G 643 -22.04 17.47 -29.41
N GLU G 644 -21.23 18.54 -29.42
CA GLU G 644 -21.75 19.91 -29.34
C GLU G 644 -22.19 20.36 -30.73
N ILE G 645 -23.49 20.58 -30.89
CA ILE G 645 -24.04 20.96 -32.20
C ILE G 645 -23.96 22.46 -32.44
N ALA G 646 -24.47 23.26 -31.50
CA ALA G 646 -24.56 24.70 -31.68
C ALA G 646 -24.76 25.35 -30.32
N ARG G 647 -24.21 26.54 -30.16
CA ARG G 647 -24.32 27.26 -28.91
C ARG G 647 -24.76 28.69 -29.21
N ASP G 648 -25.55 29.26 -28.30
CA ASP G 648 -25.91 30.67 -28.37
C ASP G 648 -24.86 31.46 -27.60
N PHE G 649 -23.99 32.17 -28.30
CA PHE G 649 -22.89 32.84 -27.63
C PHE G 649 -23.33 34.06 -26.83
N ASN G 650 -24.42 34.71 -27.21
CA ASN G 650 -24.91 35.86 -26.44
C ASN G 650 -25.15 35.45 -24.99
N PRO G 651 -24.65 36.22 -24.01
CA PRO G 651 -24.77 35.79 -22.61
C PRO G 651 -26.15 36.13 -22.06
N ASN G 652 -26.81 35.14 -21.46
CA ASN G 652 -28.10 35.34 -20.79
C ASN G 652 -28.14 34.53 -19.50
N TRP G 653 -28.78 35.09 -18.47
CA TRP G 653 -29.08 34.36 -17.24
C TRP G 653 -30.39 33.62 -17.43
N MET G 654 -30.34 32.28 -17.39
CA MET G 654 -31.50 31.48 -17.77
C MET G 654 -32.37 31.17 -16.55
N SER G 655 -33.67 31.17 -16.76
CA SER G 655 -34.63 30.74 -15.75
C SER G 655 -35.37 29.46 -16.12
N ALA G 656 -35.47 29.14 -17.40
CA ALA G 656 -36.09 27.90 -17.86
C ALA G 656 -35.90 27.81 -19.37
N VAL G 657 -35.84 26.58 -19.87
CA VAL G 657 -35.66 26.34 -21.29
C VAL G 657 -36.70 25.33 -21.77
N GLU G 658 -36.87 25.27 -23.08
CA GLU G 658 -37.79 24.32 -23.70
C GLU G 658 -37.44 24.16 -25.16
N ILE G 659 -37.70 22.98 -25.69
CA ILE G 659 -37.50 22.64 -27.09
C ILE G 659 -38.83 22.81 -27.81
N LEU G 660 -38.86 23.63 -28.87
CA LEU G 660 -40.09 23.77 -29.65
C LEU G 660 -40.19 22.74 -30.75
N ASP G 661 -39.14 22.58 -31.54
CA ASP G 661 -39.05 21.58 -32.60
C ASP G 661 -37.56 21.36 -32.85
N ASP G 662 -37.26 20.52 -33.85
CA ASP G 662 -35.87 20.10 -34.05
C ASP G 662 -34.92 21.26 -34.38
N ASP G 663 -35.45 22.43 -34.75
CA ASP G 663 -34.62 23.58 -35.08
C ASP G 663 -34.81 24.78 -34.18
N ASN G 664 -35.97 24.94 -33.53
CA ASN G 664 -36.27 26.11 -32.72
C ASN G 664 -36.21 25.78 -31.24
N PHE G 665 -35.63 26.71 -30.45
CA PHE G 665 -35.42 26.54 -29.02
C PHE G 665 -35.83 27.81 -28.29
N LEU G 666 -36.58 27.65 -27.21
CA LEU G 666 -37.17 28.76 -26.46
C LEU G 666 -36.48 28.93 -25.12
N GLY G 667 -36.27 30.19 -24.73
CA GLY G 667 -35.62 30.49 -23.46
C GLY G 667 -36.28 31.64 -22.73
N ALA G 668 -36.13 31.62 -21.39
CA ALA G 668 -36.65 32.64 -20.49
C ALA G 668 -35.51 33.06 -19.57
N GLU G 669 -35.29 34.37 -19.46
CA GLU G 669 -34.18 34.89 -18.67
C GLU G 669 -34.63 35.74 -17.49
N ASN G 670 -33.70 35.96 -16.57
CA ASN G 670 -33.98 36.71 -15.35
C ASN G 670 -34.34 38.17 -15.60
N ALA G 671 -34.30 38.64 -16.84
CA ALA G 671 -34.71 40.00 -17.17
C ALA G 671 -36.16 40.06 -17.64
N PHE G 672 -36.92 38.99 -17.43
CA PHE G 672 -38.31 38.86 -17.86
C PHE G 672 -38.42 38.84 -19.39
N ASN G 673 -37.47 38.19 -20.07
CA ASN G 673 -37.51 38.15 -21.53
C ASN G 673 -37.57 36.71 -22.02
N LEU G 674 -38.18 36.54 -23.19
CA LEU G 674 -38.25 35.27 -23.89
C LEU G 674 -37.48 35.44 -25.18
N PHE G 675 -36.74 34.41 -25.58
CA PHE G 675 -36.02 34.43 -26.84
C PHE G 675 -36.02 33.05 -27.46
N VAL G 676 -35.85 33.02 -28.78
CA VAL G 676 -35.86 31.78 -29.54
C VAL G 676 -34.59 31.69 -30.37
N CYS G 677 -33.85 30.60 -30.20
CA CYS G 677 -32.64 30.33 -30.96
C CYS G 677 -32.96 29.30 -32.04
N GLN G 678 -32.26 29.41 -33.17
CA GLN G 678 -32.48 28.49 -34.29
C GLN G 678 -31.13 28.00 -34.80
N LYS G 679 -31.07 26.73 -35.17
CA LYS G 679 -29.89 26.21 -35.83
C LYS G 679 -29.72 26.89 -37.18
N ASP G 680 -28.50 27.30 -37.52
CA ASP G 680 -28.32 27.98 -38.80
C ASP G 680 -28.55 26.99 -39.94
N SER G 681 -29.74 26.37 -39.97
CA SER G 681 -30.15 25.44 -41.03
C SER G 681 -29.10 24.35 -41.13
N ALA G 682 -28.66 24.00 -42.33
CA ALA G 682 -27.61 23.01 -42.57
C ALA G 682 -26.54 23.68 -43.43
N ALA G 683 -25.86 24.67 -42.85
CA ALA G 683 -24.90 25.44 -43.62
C ALA G 683 -23.69 24.60 -44.01
N THR G 684 -22.94 25.10 -44.99
CA THR G 684 -21.70 24.47 -45.45
C THR G 684 -20.50 24.87 -44.61
N THR G 685 -20.65 25.82 -43.70
CA THR G 685 -19.55 26.30 -42.88
C THR G 685 -19.74 25.75 -41.47
N ASP G 686 -18.72 25.06 -40.96
CA ASP G 686 -18.83 24.50 -39.61
C ASP G 686 -19.03 25.61 -38.59
N GLU G 687 -18.47 26.78 -38.83
CA GLU G 687 -18.66 27.88 -37.88
C GLU G 687 -20.12 28.33 -37.85
N GLU G 688 -20.77 28.40 -39.00
CA GLU G 688 -22.20 28.74 -39.01
C GLU G 688 -23.04 27.68 -38.31
N ARG G 689 -22.75 26.40 -38.56
CA ARG G 689 -23.58 25.35 -37.96
C ARG G 689 -23.51 25.41 -36.45
N GLN G 690 -22.30 25.60 -35.90
CA GLN G 690 -22.08 25.58 -34.46
C GLN G 690 -22.56 26.83 -33.76
N HIS G 691 -23.21 27.73 -34.48
CA HIS G 691 -23.74 28.97 -33.94
C HIS G 691 -25.25 28.97 -33.91
N LEU G 692 -25.81 29.08 -32.71
CA LEU G 692 -27.23 29.31 -32.51
C LEU G 692 -27.54 30.79 -32.66
N GLN G 693 -28.42 31.11 -33.60
CA GLN G 693 -28.83 32.48 -33.86
C GLN G 693 -30.10 32.78 -33.08
N GLU G 694 -30.07 33.84 -32.29
CA GLU G 694 -31.30 34.34 -31.69
C GLU G 694 -32.17 34.92 -32.80
N VAL G 695 -33.37 34.39 -32.93
CA VAL G 695 -34.30 34.79 -33.98
C VAL G 695 -35.62 35.32 -33.46
N GLY G 696 -35.93 35.13 -32.19
CA GLY G 696 -37.12 35.69 -31.58
C GLY G 696 -36.79 36.40 -30.29
N LEU G 697 -37.29 37.62 -30.13
CA LEU G 697 -37.06 38.39 -28.92
C LEU G 697 -38.36 39.04 -28.46
N PHE G 698 -38.66 38.92 -27.18
CA PHE G 698 -39.93 39.43 -26.63
C PHE G 698 -39.75 39.68 -25.15
N HIS G 699 -40.19 40.84 -24.69
CA HIS G 699 -40.18 41.18 -23.25
C HIS G 699 -41.49 40.70 -22.68
N LEU G 700 -41.45 39.58 -21.95
CA LEU G 700 -42.67 39.02 -21.38
C LEU G 700 -43.17 39.86 -20.21
N GLY G 701 -42.26 40.33 -19.37
CA GLY G 701 -42.64 41.02 -18.15
C GLY G 701 -42.87 40.11 -16.97
N GLU G 702 -42.74 38.80 -17.14
CA GLU G 702 -42.90 37.82 -16.08
C GLU G 702 -41.69 36.90 -16.04
N PHE G 703 -41.49 36.27 -14.89
CA PHE G 703 -40.37 35.38 -14.63
C PHE G 703 -40.86 33.95 -14.80
N VAL G 704 -40.33 33.25 -15.80
CA VAL G 704 -40.78 31.89 -16.09
C VAL G 704 -39.89 30.89 -15.38
N ASN G 705 -40.50 30.05 -14.56
CA ASN G 705 -39.77 28.98 -13.87
C ASN G 705 -39.88 27.65 -14.60
N VAL G 706 -41.00 27.37 -15.25
CA VAL G 706 -41.28 26.07 -15.82
C VAL G 706 -41.90 26.24 -17.21
N PHE G 707 -41.31 25.58 -18.20
CA PHE G 707 -41.90 25.38 -19.52
C PHE G 707 -42.42 23.96 -19.61
N CYS G 708 -43.61 23.78 -20.16
CA CYS G 708 -44.24 22.46 -20.17
C CYS G 708 -45.11 22.28 -21.41
N HIS G 709 -44.80 21.23 -22.19
CA HIS G 709 -45.61 20.88 -23.35
C HIS G 709 -46.98 20.35 -22.93
N GLY G 710 -48.02 20.82 -23.59
CA GLY G 710 -49.39 20.38 -23.34
C GLY G 710 -50.37 21.49 -23.65
N SER G 711 -51.64 21.12 -23.72
CA SER G 711 -52.70 22.10 -23.93
C SER G 711 -53.84 21.83 -22.96
N LEU G 712 -54.40 22.92 -22.42
CA LEU G 712 -55.53 22.83 -21.50
C LEU G 712 -56.86 22.64 -22.20
N VAL G 713 -56.97 23.09 -23.44
CA VAL G 713 -58.19 22.90 -24.23
C VAL G 713 -58.21 21.49 -24.80
N MET G 714 -59.42 21.00 -25.09
CA MET G 714 -59.59 19.67 -25.65
C MET G 714 -58.87 19.56 -27.00
N GLN G 715 -58.14 18.46 -27.19
CA GLN G 715 -57.37 18.20 -28.41
C GLN G 715 -58.05 17.07 -29.18
N ASN G 716 -58.47 17.33 -30.42
CA ASN G 716 -59.17 16.33 -31.20
C ASN G 716 -58.21 15.42 -31.98
N LEU G 717 -58.63 14.16 -32.16
CA LEU G 717 -57.85 13.20 -32.94
C LEU G 717 -57.91 13.49 -34.44
N GLY G 718 -58.99 14.12 -34.89
CA GLY G 718 -59.13 14.48 -36.29
C GLY G 718 -58.28 15.66 -36.65
N GLU G 719 -57.50 15.51 -37.71
CA GLU G 719 -56.55 16.55 -38.13
C GLU G 719 -57.29 17.75 -38.72
N THR G 720 -57.08 18.92 -38.12
CA THR G 720 -57.59 20.19 -38.60
C THR G 720 -56.41 21.13 -38.79
N SER G 721 -56.34 21.80 -39.94
CA SER G 721 -55.20 22.69 -40.20
C SER G 721 -55.41 23.97 -39.39
N THR G 722 -54.99 23.91 -38.12
CA THR G 722 -55.07 25.06 -37.24
C THR G 722 -53.95 26.04 -37.60
N PRO G 723 -54.16 27.34 -37.35
CA PRO G 723 -53.05 28.29 -37.57
C PRO G 723 -51.86 28.06 -36.66
N THR G 724 -52.12 27.76 -35.40
CA THR G 724 -51.10 27.49 -34.40
C THR G 724 -50.64 26.05 -34.47
N GLN G 725 -49.33 25.84 -34.35
CA GLN G 725 -48.73 24.52 -34.28
C GLN G 725 -47.92 24.39 -33.00
N GLY G 726 -48.20 23.35 -32.22
CA GLY G 726 -47.52 23.12 -30.97
C GLY G 726 -48.20 23.82 -29.80
N SER G 727 -47.81 23.43 -28.59
CA SER G 727 -48.40 24.02 -27.39
C SER G 727 -47.42 23.87 -26.24
N VAL G 728 -46.89 24.99 -25.76
CA VAL G 728 -46.02 25.03 -24.59
C VAL G 728 -46.66 25.99 -23.59
N LEU G 729 -47.02 25.47 -22.43
CA LEU G 729 -47.48 26.26 -21.30
C LEU G 729 -46.30 26.66 -20.44
N PHE G 730 -46.44 27.78 -19.72
CA PHE G 730 -45.39 28.17 -18.79
C PHE G 730 -45.98 28.85 -17.57
N GLY G 731 -45.33 28.61 -16.43
CA GLY G 731 -45.72 29.19 -15.16
C GLY G 731 -44.72 30.25 -14.73
N THR G 732 -45.19 31.23 -13.95
CA THR G 732 -44.38 32.38 -13.58
C THR G 732 -44.44 32.64 -12.09
N VAL G 733 -43.63 33.61 -11.67
CA VAL G 733 -43.50 33.94 -10.25
C VAL G 733 -44.75 34.65 -9.73
N ASN G 734 -45.43 35.43 -10.57
CA ASN G 734 -46.61 36.16 -10.15
C ASN G 734 -47.91 35.42 -10.42
N GLY G 735 -47.83 34.11 -10.66
CA GLY G 735 -49.01 33.30 -10.86
C GLY G 735 -49.56 33.31 -12.27
N MET G 736 -49.06 34.18 -13.14
CA MET G 736 -49.47 34.18 -14.54
C MET G 736 -49.11 32.85 -15.19
N ILE G 737 -50.04 32.28 -15.95
CA ILE G 737 -49.79 31.10 -16.76
C ILE G 737 -49.95 31.48 -18.22
N GLY G 738 -48.95 31.17 -19.04
CA GLY G 738 -48.93 31.58 -20.43
C GLY G 738 -48.74 30.42 -21.39
N LEU G 739 -48.94 30.73 -22.66
CA LEU G 739 -48.91 29.77 -23.76
C LEU G 739 -48.08 30.29 -24.91
N VAL G 740 -47.16 29.47 -25.40
CA VAL G 740 -46.31 29.77 -26.55
C VAL G 740 -46.66 28.79 -27.66
N THR G 741 -46.80 29.29 -28.89
CA THR G 741 -47.09 28.42 -30.03
C THR G 741 -46.42 29.00 -31.27
N SER G 742 -46.25 28.15 -32.28
CA SER G 742 -45.61 28.52 -33.53
C SER G 742 -46.64 28.90 -34.58
N LEU G 743 -46.20 29.69 -35.56
CA LEU G 743 -47.06 30.15 -36.64
C LEU G 743 -46.37 29.86 -37.98
N SER G 744 -47.18 29.81 -39.04
CA SER G 744 -46.62 29.81 -40.39
C SER G 744 -46.23 31.25 -40.75
N GLU G 745 -45.32 31.38 -41.72
CA GLU G 745 -44.87 32.71 -42.09
C GLU G 745 -46.05 33.60 -42.49
N SER G 746 -46.99 33.04 -43.26
CA SER G 746 -48.17 33.82 -43.66
C SER G 746 -48.90 34.33 -42.42
N TRP G 747 -49.12 33.45 -41.45
CA TRP G 747 -49.90 33.80 -40.27
C TRP G 747 -49.21 34.88 -39.45
N TYR G 748 -47.90 34.77 -39.30
CA TYR G 748 -47.15 35.80 -38.59
C TYR G 748 -47.33 37.16 -39.24
N ASN G 749 -47.06 37.25 -40.55
CA ASN G 749 -47.11 38.53 -41.23
C ASN G 749 -48.48 39.18 -41.10
N LEU G 750 -49.53 38.38 -41.29
CA LEU G 750 -50.88 38.90 -41.14
C LEU G 750 -51.07 39.47 -39.73
N LEU G 751 -50.73 38.69 -38.72
CA LEU G 751 -50.97 39.12 -37.34
C LEU G 751 -50.06 40.29 -36.97
N LEU G 752 -48.82 40.28 -37.43
CA LEU G 752 -47.93 41.40 -37.16
C LEU G 752 -48.50 42.69 -37.74
N ASP G 753 -48.98 42.62 -38.99
CA ASP G 753 -49.60 43.78 -39.61
C ASP G 753 -50.82 44.25 -38.81
N MET G 754 -51.58 43.32 -38.26
CA MET G 754 -52.73 43.69 -37.44
C MET G 754 -52.28 44.39 -36.16
N GLN G 755 -51.21 43.90 -35.54
CA GLN G 755 -50.71 44.54 -34.31
C GLN G 755 -50.36 46.00 -34.56
N ASN G 756 -49.46 46.24 -35.52
CA ASN G 756 -49.07 47.60 -35.85
C ASN G 756 -50.28 48.45 -36.17
N ARG G 757 -51.30 47.86 -36.78
CA ARG G 757 -52.55 48.57 -36.99
C ARG G 757 -53.29 48.75 -35.67
N LEU G 758 -53.35 47.69 -34.86
CA LEU G 758 -54.08 47.76 -33.59
C LEU G 758 -53.46 48.80 -32.67
N ASN G 759 -52.14 48.95 -32.70
CA ASN G 759 -51.48 49.90 -31.82
C ASN G 759 -51.85 51.34 -32.16
N LYS G 760 -52.07 51.64 -33.44
CA LYS G 760 -52.49 52.98 -33.82
C LYS G 760 -53.89 53.27 -33.30
N VAL G 761 -54.69 52.23 -33.10
CA VAL G 761 -56.09 52.39 -32.71
C VAL G 761 -56.26 52.43 -31.20
N ILE G 762 -55.57 51.55 -30.48
CA ILE G 762 -55.86 51.29 -29.07
C ILE G 762 -55.13 52.28 -28.18
N LYS G 763 -55.84 52.83 -27.20
CA LYS G 763 -55.26 53.74 -26.21
C LYS G 763 -54.82 52.95 -24.96
N SER G 764 -53.55 53.08 -24.58
CA SER G 764 -52.99 52.41 -23.42
C SER G 764 -53.01 53.34 -22.21
N VAL G 765 -53.16 52.76 -21.02
CA VAL G 765 -53.05 53.55 -19.82
C VAL G 765 -51.62 54.09 -19.70
N GLY G 766 -51.51 55.38 -19.40
CA GLY G 766 -50.24 56.05 -19.35
C GLY G 766 -49.64 56.44 -20.68
N LYS G 767 -50.32 56.18 -21.79
CA LYS G 767 -49.82 56.50 -23.12
C LYS G 767 -48.43 55.88 -23.34
N ILE G 768 -48.34 54.58 -23.03
CA ILE G 768 -47.11 53.81 -23.21
C ILE G 768 -47.13 53.11 -24.57
N GLU G 769 -46.10 53.37 -25.39
CA GLU G 769 -46.00 52.70 -26.68
C GLU G 769 -45.88 51.19 -26.51
N HIS G 770 -46.70 50.44 -27.24
CA HIS G 770 -46.66 48.98 -27.14
C HIS G 770 -45.31 48.42 -27.60
N SER G 771 -44.77 48.97 -28.69
CA SER G 771 -43.49 48.50 -29.19
C SER G 771 -42.40 48.61 -28.13
N PHE G 772 -42.44 49.67 -27.31
CA PHE G 772 -41.47 49.86 -26.24
C PHE G 772 -41.62 48.80 -25.15
N TRP G 773 -42.85 48.60 -24.66
CA TRP G 773 -43.09 47.65 -23.57
C TRP G 773 -42.58 46.25 -23.90
N ARG G 774 -42.91 45.75 -25.10
CA ARG G 774 -42.51 44.40 -25.48
C ARG G 774 -41.09 44.34 -26.01
N SER G 775 -40.38 45.47 -26.07
CA SER G 775 -38.98 45.46 -26.46
C SER G 775 -38.13 44.72 -25.43
N PHE G 776 -37.28 43.83 -25.93
CA PHE G 776 -36.29 43.12 -25.12
C PHE G 776 -35.50 44.10 -24.26
N HIS G 777 -35.40 43.82 -22.97
CA HIS G 777 -34.84 44.82 -22.06
C HIS G 777 -34.07 44.21 -20.90
N THR G 778 -32.74 44.35 -20.93
CA THR G 778 -31.90 44.24 -19.75
C THR G 778 -31.41 45.62 -19.33
N GLU G 779 -30.85 45.69 -18.11
CA GLU G 779 -30.27 46.96 -17.67
C GLU G 779 -29.25 47.47 -18.69
N ARG G 780 -28.55 46.55 -19.37
CA ARG G 780 -27.51 46.94 -20.31
C ARG G 780 -27.98 47.14 -21.76
N LYS G 781 -28.92 46.33 -22.27
CA LYS G 781 -29.34 46.49 -23.66
C LYS G 781 -30.85 46.50 -23.81
N THR G 782 -31.31 47.24 -24.83
CA THR G 782 -32.70 47.25 -25.25
C THR G 782 -32.77 47.07 -26.76
N GLU G 783 -33.61 46.13 -27.23
CA GLU G 783 -33.79 45.86 -28.65
C GLU G 783 -35.28 45.67 -28.91
N PRO G 784 -35.75 46.00 -30.12
CA PRO G 784 -37.15 45.75 -30.44
C PRO G 784 -37.47 44.27 -30.57
N ALA G 785 -38.69 43.92 -30.16
CA ALA G 785 -39.15 42.54 -30.24
C ALA G 785 -39.16 42.06 -31.68
N THR G 786 -38.96 40.75 -31.86
CA THR G 786 -38.97 40.16 -33.19
C THR G 786 -39.37 38.70 -33.09
N GLY G 787 -40.12 38.22 -34.08
CA GLY G 787 -40.49 36.83 -34.12
C GLY G 787 -41.60 36.44 -33.18
N PHE G 788 -42.21 37.41 -32.50
CA PHE G 788 -43.24 37.14 -31.50
C PHE G 788 -44.46 38.01 -31.75
N ILE G 789 -45.63 37.38 -31.62
CA ILE G 789 -46.92 38.06 -31.73
C ILE G 789 -47.53 38.13 -30.34
N ASP G 790 -47.80 39.35 -29.88
CA ASP G 790 -48.40 39.54 -28.56
C ASP G 790 -49.85 39.07 -28.66
N GLY G 791 -50.10 37.81 -28.30
CA GLY G 791 -51.43 37.25 -28.48
C GLY G 791 -52.50 38.03 -27.75
N ASP G 792 -52.16 38.61 -26.60
CA ASP G 792 -53.11 39.40 -25.85
C ASP G 792 -53.50 40.67 -26.60
N LEU G 793 -52.61 41.20 -27.44
CA LEU G 793 -52.99 42.33 -28.29
C LEU G 793 -53.91 41.89 -29.41
N ILE G 794 -53.60 40.75 -30.05
CA ILE G 794 -54.46 40.24 -31.12
C ILE G 794 -55.85 39.92 -30.60
N GLU G 795 -55.95 39.28 -29.43
CA GLU G 795 -57.25 38.89 -28.92
C GLU G 795 -58.09 40.09 -28.46
N SER G 796 -57.51 41.29 -28.41
CA SER G 796 -58.30 42.48 -28.07
C SER G 796 -59.06 43.07 -29.25
N PHE G 797 -58.76 42.63 -30.48
CA PHE G 797 -59.53 43.04 -31.66
C PHE G 797 -61.02 42.77 -31.49
N LEU G 798 -61.38 41.69 -30.80
CA LEU G 798 -62.78 41.34 -30.63
C LEU G 798 -63.53 42.29 -29.70
N ASP G 799 -62.83 43.13 -28.95
CA ASP G 799 -63.46 44.04 -28.01
C ASP G 799 -63.45 45.49 -28.47
N ILE G 800 -62.83 45.80 -29.61
CA ILE G 800 -62.75 47.19 -30.06
C ILE G 800 -64.03 47.51 -30.83
N SER G 801 -64.40 48.79 -30.86
CA SER G 801 -65.64 49.19 -31.50
C SER G 801 -65.56 48.96 -32.99
N ARG G 802 -66.74 48.89 -33.62
CA ARG G 802 -66.79 48.68 -35.07
C ARG G 802 -66.11 49.78 -35.87
N PRO G 803 -66.26 51.08 -35.56
CA PRO G 803 -65.49 52.08 -36.32
C PRO G 803 -64.01 51.76 -36.35
N LYS G 804 -63.49 51.31 -35.20
CA LYS G 804 -62.08 50.98 -35.10
C LYS G 804 -61.76 49.70 -35.88
N MET G 805 -62.67 48.72 -35.88
CA MET G 805 -62.43 47.51 -36.67
C MET G 805 -62.19 47.86 -38.13
N GLN G 806 -62.95 48.81 -38.66
CA GLN G 806 -62.75 49.25 -40.03
C GLN G 806 -61.40 49.92 -40.22
N GLU G 807 -60.95 50.71 -39.24
CA GLU G 807 -59.64 51.33 -39.35
C GLU G 807 -58.55 50.27 -39.50
N VAL G 808 -58.71 49.13 -38.82
CA VAL G 808 -57.71 48.07 -38.88
C VAL G 808 -57.79 47.30 -40.19
N VAL G 809 -59.00 46.93 -40.63
CA VAL G 809 -59.12 46.09 -41.82
C VAL G 809 -59.00 46.90 -43.10
N ALA G 810 -58.98 48.22 -42.99
CA ALA G 810 -58.83 49.11 -44.13
C ALA G 810 -57.47 48.93 -44.82
N ASN G 811 -57.51 48.80 -46.16
CA ASN G 811 -56.29 48.70 -46.97
C ASN G 811 -55.45 47.49 -46.55
N LEU G 812 -56.12 46.46 -46.06
CA LEU G 812 -55.48 45.23 -45.61
C LEU G 812 -55.79 44.05 -46.52
N GLN G 813 -54.74 43.40 -47.02
CA GLN G 813 -54.86 42.18 -47.83
C GLN G 813 -54.27 41.02 -47.05
N TYR G 814 -54.94 39.86 -47.09
CA TYR G 814 -54.51 38.65 -46.39
C TYR G 814 -54.67 37.48 -47.36
N ASP G 815 -53.98 36.38 -47.06
CA ASP G 815 -53.92 35.27 -48.02
C ASP G 815 -55.30 34.74 -48.41
N ASP G 816 -56.25 34.70 -47.48
CA ASP G 816 -57.65 34.36 -47.80
C ASP G 816 -57.75 33.05 -48.59
N GLY G 817 -57.08 32.03 -48.10
CA GLY G 817 -56.94 30.77 -48.79
C GLY G 817 -55.53 30.64 -49.35
N SER G 818 -55.35 29.65 -50.22
CA SER G 818 -54.10 29.47 -50.94
C SER G 818 -54.29 29.81 -52.41
N GLY G 819 -53.52 30.79 -52.90
CA GLY G 819 -53.52 31.18 -54.29
C GLY G 819 -54.40 32.37 -54.63
N MET G 820 -55.40 32.67 -53.80
CA MET G 820 -56.34 33.75 -54.04
C MET G 820 -56.18 34.75 -52.90
N LYS G 821 -55.69 35.95 -53.20
CA LYS G 821 -55.41 36.96 -52.16
C LYS G 821 -56.45 38.05 -52.31
N ARG G 822 -57.17 38.34 -51.22
CA ARG G 822 -58.31 39.24 -51.20
C ARG G 822 -58.28 40.12 -49.96
N GLU G 823 -58.79 41.33 -50.12
CA GLU G 823 -58.81 42.30 -49.05
C GLU G 823 -59.57 41.79 -47.84
N ALA G 824 -59.13 42.25 -46.68
CA ALA G 824 -59.65 41.77 -45.41
C ALA G 824 -60.86 42.59 -45.01
N THR G 825 -61.84 41.92 -44.43
CA THR G 825 -63.03 42.53 -43.86
C THR G 825 -63.01 42.32 -42.35
N ALA G 826 -63.77 43.14 -41.63
CA ALA G 826 -63.90 42.92 -40.19
C ALA G 826 -64.55 41.58 -39.91
N ASP G 827 -65.32 41.04 -40.88
CA ASP G 827 -65.88 39.72 -40.73
C ASP G 827 -64.82 38.64 -40.91
N ASP G 828 -63.86 38.86 -41.82
CA ASP G 828 -62.78 37.91 -42.00
C ASP G 828 -61.88 37.85 -40.77
N LEU G 829 -61.47 39.01 -40.28
CA LEU G 829 -60.52 39.06 -39.18
C LEU G 829 -61.13 38.56 -37.87
N ILE G 830 -62.42 38.82 -37.64
CA ILE G 830 -63.06 38.24 -36.45
C ILE G 830 -63.01 36.72 -36.51
N LYS G 831 -63.12 36.15 -37.71
CA LYS G 831 -62.98 34.70 -37.85
C LYS G 831 -61.57 34.27 -37.46
N VAL G 832 -60.57 35.07 -37.85
CA VAL G 832 -59.19 34.74 -37.54
C VAL G 832 -58.93 34.83 -36.05
N VAL G 833 -59.31 35.95 -35.42
CA VAL G 833 -59.02 36.13 -34.00
C VAL G 833 -59.76 35.10 -33.15
N GLU G 834 -61.03 34.85 -33.46
CA GLU G 834 -61.80 33.92 -32.64
C GLU G 834 -61.23 32.50 -32.70
N GLU G 835 -60.67 32.10 -33.86
CA GLU G 835 -60.04 30.79 -33.92
C GLU G 835 -58.79 30.75 -33.04
N LEU G 836 -58.06 31.85 -32.97
CA LEU G 836 -56.87 31.90 -32.13
C LEU G 836 -57.21 31.90 -30.65
N THR G 837 -58.39 32.42 -30.29
CA THR G 837 -58.78 32.37 -28.89
C THR G 837 -59.14 30.95 -28.46
N ARG G 838 -59.10 29.97 -29.36
CA ARG G 838 -59.44 28.62 -28.95
C ARG G 838 -58.30 27.90 -28.27
N ILE G 839 -57.06 28.35 -28.46
CA ILE G 839 -55.93 27.67 -27.83
C ILE G 839 -55.74 28.11 -26.37
N HIS G 840 -56.19 29.30 -26.00
CA HIS G 840 -56.02 29.80 -24.63
C HIS G 840 -57.19 29.41 -23.75
N THR H 7 12.41 21.34 -27.80
CA THR H 7 12.69 22.34 -26.77
C THR H 7 11.46 23.20 -26.53
N GLU H 8 11.55 24.07 -25.52
CA GLU H 8 10.43 24.93 -25.15
C GLU H 8 10.07 25.94 -26.23
N SER H 9 10.98 26.17 -27.20
CA SER H 9 10.82 27.23 -28.18
C SER H 9 10.31 26.79 -29.54
N ASP H 10 10.29 25.48 -29.82
CA ASP H 10 9.94 24.99 -31.16
C ASP H 10 8.42 24.89 -31.28
N TRP H 11 7.80 26.04 -31.55
CA TRP H 11 6.38 26.14 -31.73
C TRP H 11 5.99 25.68 -33.13
N GLY H 12 4.70 25.35 -33.28
CA GLY H 12 4.18 24.98 -34.57
C GLY H 12 4.40 23.53 -34.96
N LYS H 13 5.17 22.78 -34.17
CA LYS H 13 5.47 21.39 -34.49
C LYS H 13 4.60 20.42 -33.72
N ARG H 14 4.45 20.63 -32.41
CA ARG H 14 3.61 19.76 -31.60
C ARG H 14 2.16 19.79 -32.05
N CYS H 15 1.51 18.63 -31.98
CA CYS H 15 0.18 18.42 -32.52
C CYS H 15 -0.89 18.72 -31.47
N VAL H 16 -2.05 19.18 -31.95
CA VAL H 16 -3.18 19.44 -31.06
C VAL H 16 -3.77 18.17 -30.49
N ASP H 17 -3.32 17.00 -30.96
CA ASP H 17 -3.70 15.74 -30.31
C ASP H 17 -3.39 15.75 -28.82
N LYS H 18 -2.42 16.55 -28.40
CA LYS H 18 -2.01 16.63 -27.00
C LYS H 18 -3.04 17.34 -26.13
N PHE H 19 -4.13 17.84 -26.70
CA PHE H 19 -5.21 18.49 -25.95
C PHE H 19 -6.53 17.76 -26.15
N ASP H 20 -7.29 17.58 -25.05
CA ASP H 20 -8.66 17.10 -25.12
C ASP H 20 -9.59 18.31 -25.26
N ILE H 21 -10.29 18.41 -26.39
CA ILE H 21 -11.17 19.56 -26.60
C ILE H 21 -12.41 19.38 -25.73
N ILE H 22 -12.72 20.38 -24.93
CA ILE H 22 -13.83 20.31 -24.00
C ILE H 22 -15.10 20.95 -24.55
N GLY H 23 -14.95 22.03 -25.31
CA GLY H 23 -16.10 22.71 -25.87
C GLY H 23 -15.66 23.96 -26.58
N ILE H 24 -16.63 24.65 -27.17
CA ILE H 24 -16.38 25.86 -27.94
C ILE H 24 -16.77 27.02 -27.02
N ILE H 25 -15.76 27.80 -26.58
CA ILE H 25 -16.03 28.90 -25.65
C ILE H 25 -16.54 30.12 -26.40
N GLY H 26 -16.03 30.38 -27.59
CA GLY H 26 -16.52 31.49 -28.37
C GLY H 26 -16.05 31.38 -29.81
N GLU H 27 -16.75 32.10 -30.68
CA GLU H 27 -16.38 32.20 -32.09
C GLU H 27 -15.59 33.49 -32.24
N GLY H 28 -14.31 33.34 -32.63
CA GLY H 28 -13.39 34.45 -32.73
C GLY H 28 -13.44 35.20 -34.04
N THR H 29 -12.28 35.73 -34.43
CA THR H 29 -12.12 36.53 -35.64
C THR H 29 -11.59 35.72 -36.83
N TYR H 30 -10.47 35.03 -36.64
CA TYR H 30 -9.81 34.20 -37.63
C TYR H 30 -10.11 32.73 -37.47
N GLY H 31 -10.86 32.37 -36.43
CA GLY H 31 -11.28 31.00 -36.18
C GLY H 31 -12.08 30.97 -34.90
N GLN H 32 -12.59 29.80 -34.56
CA GLN H 32 -13.31 29.61 -33.31
C GLN H 32 -12.32 29.29 -32.18
N VAL H 33 -12.70 29.65 -30.96
CA VAL H 33 -11.86 29.44 -29.77
C VAL H 33 -12.48 28.34 -28.93
N TYR H 34 -11.68 27.33 -28.61
CA TYR H 34 -12.16 26.15 -27.88
C TYR H 34 -11.42 26.10 -26.55
N LYS H 35 -12.14 25.77 -25.48
CA LYS H 35 -11.54 25.43 -24.20
C LYS H 35 -11.07 23.98 -24.25
N ALA H 36 -9.88 23.71 -23.71
CA ALA H 36 -9.35 22.36 -23.78
C ALA H 36 -8.48 22.07 -22.57
N LYS H 37 -8.24 20.78 -22.34
CA LYS H 37 -7.38 20.30 -21.26
C LYS H 37 -6.14 19.66 -21.86
N ASP H 38 -4.98 20.00 -21.30
CA ASP H 38 -3.73 19.38 -21.72
C ASP H 38 -3.65 17.97 -21.18
N LYS H 39 -3.33 17.01 -22.07
CA LYS H 39 -3.32 15.61 -21.66
C LYS H 39 -2.15 15.30 -20.73
N ASP H 40 -1.03 16.01 -20.86
CA ASP H 40 0.15 15.67 -20.07
C ASP H 40 0.15 16.35 -18.70
N THR H 41 -0.28 17.62 -18.65
CA THR H 41 -0.21 18.40 -17.42
C THR H 41 -1.57 18.57 -16.75
N GLY H 42 -2.66 18.50 -17.52
CA GLY H 42 -3.98 18.73 -16.99
C GLY H 42 -4.42 20.17 -17.03
N GLU H 43 -3.52 21.10 -17.38
CA GLU H 43 -3.87 22.50 -17.38
C GLU H 43 -4.99 22.79 -18.37
N LEU H 44 -5.88 23.71 -17.98
CA LEU H 44 -6.89 24.19 -18.89
C LEU H 44 -6.28 25.28 -19.75
N VAL H 45 -6.57 25.24 -21.04
CA VAL H 45 -6.02 26.16 -22.02
C VAL H 45 -7.17 26.58 -22.93
N ALA H 46 -7.00 27.72 -23.57
CA ALA H 46 -7.89 28.17 -24.63
C ALA H 46 -7.13 28.10 -25.94
N LEU H 47 -7.73 27.46 -26.96
CA LEU H 47 -7.08 27.26 -28.24
C LEU H 47 -7.81 28.09 -29.28
N LYS H 48 -7.11 29.04 -29.90
CA LYS H 48 -7.67 29.80 -31.02
C LYS H 48 -7.30 29.10 -32.31
N LYS H 49 -8.30 28.76 -33.11
CA LYS H 49 -8.08 28.02 -34.34
C LYS H 49 -7.73 29.03 -35.43
N VAL H 50 -6.61 28.81 -36.10
CA VAL H 50 -6.20 29.67 -37.21
C VAL H 50 -6.34 28.83 -38.47
N ARG H 51 -7.31 29.16 -39.29
CA ARG H 51 -7.64 28.36 -40.46
C ARG H 51 -6.93 29.00 -41.65
N LEU H 52 -6.07 28.21 -42.30
CA LEU H 52 -5.48 28.64 -43.56
C LEU H 52 -6.25 28.11 -44.74
N ASP H 53 -7.34 27.38 -44.48
CA ASP H 53 -8.10 26.78 -45.57
C ASP H 53 -8.67 27.83 -46.50
N ASN H 54 -9.09 28.99 -45.97
CA ASN H 54 -9.60 30.03 -46.86
C ASN H 54 -8.54 30.42 -47.87
N GLU H 55 -7.29 30.57 -47.42
CA GLU H 55 -6.18 30.80 -48.34
C GLU H 55 -6.46 31.99 -49.25
N LYS H 56 -7.30 32.92 -48.81
CA LYS H 56 -7.46 34.14 -49.58
C LYS H 56 -6.12 34.82 -49.76
N GLU H 57 -5.41 35.03 -48.65
CA GLU H 57 -4.04 35.52 -48.64
C GLU H 57 -3.23 34.70 -47.65
N GLY H 58 -3.60 33.42 -47.48
CA GLY H 58 -2.82 32.53 -46.63
C GLY H 58 -3.06 32.78 -45.15
N PHE H 59 -1.98 32.87 -44.39
CA PHE H 59 -2.06 33.05 -42.95
C PHE H 59 -2.65 34.42 -42.62
N PRO H 60 -3.63 34.49 -41.71
CA PRO H 60 -4.26 35.78 -41.40
C PRO H 60 -3.28 36.78 -40.80
N ILE H 61 -3.34 38.02 -41.30
CA ILE H 61 -2.52 39.08 -40.72
C ILE H 61 -2.95 39.36 -39.28
N THR H 62 -4.24 39.20 -38.95
CA THR H 62 -4.69 39.41 -37.58
C THR H 62 -3.99 38.44 -36.62
N ALA H 63 -3.86 37.18 -37.03
CA ALA H 63 -3.11 36.22 -36.23
C ALA H 63 -1.63 36.58 -36.17
N ILE H 64 -1.05 36.98 -37.31
CA ILE H 64 0.35 37.37 -37.31
C ILE H 64 0.60 38.49 -36.33
N ARG H 65 -0.33 39.44 -36.22
CA ARG H 65 -0.10 40.53 -35.29
C ARG H 65 -0.11 40.02 -33.85
N GLU H 66 -1.12 39.22 -33.50
CA GLU H 66 -1.22 38.70 -32.14
C GLU H 66 0.01 37.89 -31.76
N ILE H 67 0.49 37.04 -32.67
CA ILE H 67 1.67 36.23 -32.35
C ILE H 67 2.89 37.13 -32.22
N LYS H 68 3.04 38.05 -33.17
CA LYS H 68 4.21 38.93 -33.17
C LYS H 68 4.26 39.73 -31.88
N ILE H 69 3.11 40.22 -31.43
CA ILE H 69 3.10 41.12 -30.28
C ILE H 69 3.12 40.34 -28.98
N LEU H 70 2.37 39.24 -28.89
CA LEU H 70 2.26 38.55 -27.60
C LEU H 70 3.53 37.80 -27.23
N ARG H 71 4.32 37.37 -28.22
CA ARG H 71 5.61 36.78 -27.88
C ARG H 71 6.61 37.84 -27.42
N GLN H 72 6.28 39.11 -27.63
CA GLN H 72 7.09 40.21 -27.11
C GLN H 72 6.60 40.72 -25.76
N LEU H 73 5.30 40.64 -25.47
CA LEU H 73 4.72 41.23 -24.27
C LEU H 73 4.48 40.13 -23.23
N ILE H 74 5.10 40.29 -22.07
CA ILE H 74 4.93 39.41 -20.92
C ILE H 74 4.51 40.27 -19.74
N HIS H 75 3.33 40.01 -19.20
CA HIS H 75 2.88 40.76 -18.03
C HIS H 75 1.76 40.02 -17.32
N ARG H 76 1.67 40.20 -16.00
CA ARG H 76 0.63 39.50 -15.28
C ARG H 76 -0.75 39.85 -15.83
N SER H 77 -0.91 41.08 -16.33
CA SER H 77 -2.18 41.59 -16.83
C SER H 77 -2.31 41.49 -18.34
N VAL H 78 -1.42 40.77 -19.01
CA VAL H 78 -1.49 40.56 -20.45
C VAL H 78 -1.61 39.06 -20.70
N VAL H 79 -2.55 38.68 -21.55
CA VAL H 79 -2.78 37.27 -21.82
C VAL H 79 -1.51 36.65 -22.36
N ASN H 80 -1.22 35.42 -21.94
CA ASN H 80 0.03 34.78 -22.31
C ASN H 80 -0.22 33.71 -23.38
N MET H 81 0.49 33.83 -24.50
CA MET H 81 0.49 32.80 -25.53
C MET H 81 1.52 31.73 -25.15
N LYS H 82 1.03 30.53 -24.84
CA LYS H 82 1.87 29.45 -24.33
C LYS H 82 2.63 28.73 -25.45
N GLU H 83 1.95 28.40 -26.55
CA GLU H 83 2.60 27.76 -27.68
C GLU H 83 1.62 27.75 -28.85
N ILE H 84 2.08 27.23 -29.98
CA ILE H 84 1.27 27.07 -31.18
C ILE H 84 1.32 25.61 -31.58
N VAL H 85 0.17 25.02 -31.86
CA VAL H 85 0.06 23.62 -32.24
C VAL H 85 -0.72 23.53 -33.55
N THR H 86 -0.60 22.38 -34.21
CA THR H 86 -1.12 22.22 -35.56
C THR H 86 -1.99 20.98 -35.64
N ASP H 87 -2.88 20.98 -36.64
CA ASP H 87 -3.62 19.78 -36.97
C ASP H 87 -2.68 18.70 -37.48
N LYS H 88 -3.05 17.45 -37.23
CA LYS H 88 -2.19 16.34 -37.62
C LYS H 88 -1.86 16.43 -39.11
N GLN H 89 -0.59 16.69 -39.43
CA GLN H 89 -0.13 16.79 -40.81
C GLN H 89 0.12 15.36 -41.32
N ASP H 90 -0.98 14.62 -41.47
CA ASP H 90 -0.87 13.21 -41.82
C ASP H 90 -0.26 13.01 -43.21
N ALA H 91 -0.56 13.90 -44.14
CA ALA H 91 -0.05 13.75 -45.50
C ALA H 91 1.46 13.96 -45.51
N LEU H 92 2.19 13.00 -46.10
CA LEU H 92 3.65 13.15 -46.20
C LEU H 92 4.01 14.35 -47.06
N ASP H 93 3.19 14.63 -48.05
CA ASP H 93 3.35 15.78 -48.95
C ASP H 93 2.83 17.05 -48.26
N PHE H 94 3.69 18.06 -48.17
CA PHE H 94 3.26 19.32 -47.56
C PHE H 94 2.09 19.97 -48.31
N LYS H 95 2.04 19.81 -49.64
CA LYS H 95 0.96 20.43 -50.41
C LYS H 95 -0.40 19.83 -50.05
N LYS H 96 -0.46 18.51 -49.80
CA LYS H 96 -1.74 17.86 -49.52
C LYS H 96 -2.37 18.39 -48.22
N ASP H 97 -1.55 18.70 -47.22
CA ASP H 97 -2.06 19.13 -45.92
C ASP H 97 -2.81 20.45 -46.03
N LYS H 98 -4.04 20.48 -45.49
CA LYS H 98 -4.85 21.68 -45.41
C LYS H 98 -5.30 21.95 -43.97
N GLY H 99 -4.61 21.34 -43.01
CA GLY H 99 -4.93 21.55 -41.62
C GLY H 99 -4.60 22.94 -41.14
N ALA H 100 -5.19 23.30 -39.99
CA ALA H 100 -5.08 24.63 -39.42
C ALA H 100 -4.18 24.60 -38.19
N PHE H 101 -3.77 25.80 -37.75
CA PHE H 101 -2.95 26.01 -36.57
C PHE H 101 -3.80 26.48 -35.39
N TYR H 102 -3.28 26.24 -34.18
CA TYR H 102 -3.96 26.65 -32.95
C TYR H 102 -3.03 27.44 -32.05
N LEU H 103 -3.52 28.58 -31.54
CA LEU H 103 -2.77 29.40 -30.61
C LEU H 103 -3.21 29.04 -29.20
N VAL H 104 -2.28 28.53 -28.39
CA VAL H 104 -2.57 28.11 -27.04
C VAL H 104 -2.45 29.31 -26.11
N PHE H 105 -3.47 29.50 -25.26
CA PHE H 105 -3.47 30.56 -24.27
C PHE H 105 -3.82 29.94 -22.93
N GLU H 106 -3.40 30.59 -21.84
CA GLU H 106 -3.92 30.22 -20.53
C GLU H 106 -5.41 30.51 -20.47
N TYR H 107 -6.17 29.57 -19.90
CA TYR H 107 -7.62 29.75 -19.80
C TYR H 107 -7.97 30.73 -18.69
N MET H 108 -8.91 31.62 -19.00
CA MET H 108 -9.43 32.57 -18.03
C MET H 108 -10.90 32.26 -17.76
N ASP H 109 -11.27 32.30 -16.47
CA ASP H 109 -12.57 31.78 -16.05
C ASP H 109 -13.72 32.56 -16.67
N HIS H 110 -13.67 33.90 -16.61
CA HIS H 110 -14.79 34.71 -17.07
C HIS H 110 -14.32 35.91 -17.87
N ASP H 111 -15.25 36.45 -18.68
CA ASP H 111 -15.08 37.70 -19.39
C ASP H 111 -15.96 38.75 -18.73
N LEU H 112 -15.47 40.00 -18.68
CA LEU H 112 -16.22 41.01 -17.96
C LEU H 112 -17.62 41.18 -18.54
N MET H 113 -17.74 41.21 -19.86
CA MET H 113 -19.04 41.46 -20.49
C MET H 113 -20.07 40.46 -20.00
N GLY H 114 -19.69 39.19 -19.87
CA GLY H 114 -20.62 38.19 -19.36
C GLY H 114 -21.01 38.43 -17.91
N LEU H 115 -20.04 38.79 -17.06
CA LEU H 115 -20.35 38.99 -15.64
C LEU H 115 -21.21 40.22 -15.40
N LEU H 116 -20.98 41.29 -16.15
CA LEU H 116 -21.85 42.46 -15.99
C LEU H 116 -23.26 42.15 -16.47
N GLU H 117 -23.39 41.40 -17.58
CA GLU H 117 -24.70 41.13 -18.15
C GLU H 117 -25.61 40.38 -17.18
N SER H 118 -25.07 39.42 -16.44
CA SER H 118 -25.90 38.73 -15.46
C SER H 118 -26.39 39.70 -14.38
N GLY H 119 -25.63 40.77 -14.12
CA GLY H 119 -26.02 41.80 -13.18
C GLY H 119 -26.10 41.38 -11.73
N LEU H 120 -25.83 40.12 -11.41
CA LEU H 120 -25.82 39.65 -10.03
C LEU H 120 -24.52 40.07 -9.36
N VAL H 121 -23.45 40.21 -10.15
CA VAL H 121 -22.16 40.54 -9.61
C VAL H 121 -22.20 41.99 -9.15
N HIS H 122 -21.54 42.26 -8.04
CA HIS H 122 -21.44 43.60 -7.50
C HIS H 122 -19.96 43.94 -7.36
N PHE H 123 -19.57 45.07 -7.93
CA PHE H 123 -18.20 45.54 -7.84
C PHE H 123 -18.22 46.65 -6.80
N SER H 124 -17.52 46.43 -5.70
CA SER H 124 -17.35 47.46 -4.69
C SER H 124 -16.23 48.39 -5.10
N GLU H 125 -16.08 49.51 -4.39
CA GLU H 125 -14.99 50.42 -4.72
C GLU H 125 -13.65 49.69 -4.68
N ASP H 126 -13.42 48.89 -3.64
CA ASP H 126 -12.15 48.16 -3.56
C ASP H 126 -11.98 47.18 -4.72
N HIS H 127 -13.07 46.55 -5.16
CA HIS H 127 -12.96 45.68 -6.33
C HIS H 127 -12.50 46.48 -7.55
N ILE H 128 -13.11 47.64 -7.78
CA ILE H 128 -12.76 48.46 -8.94
C ILE H 128 -11.30 48.88 -8.89
N LYS H 129 -10.82 49.32 -7.71
CA LYS H 129 -9.42 49.68 -7.59
C LYS H 129 -8.50 48.55 -8.03
N SER H 130 -8.78 47.34 -7.52
CA SER H 130 -7.94 46.18 -7.87
C SER H 130 -8.01 45.92 -9.37
N PHE H 131 -9.20 46.06 -9.96
CA PHE H 131 -9.41 45.83 -11.37
C PHE H 131 -8.71 46.88 -12.22
N MET H 132 -8.98 48.15 -11.94
CA MET H 132 -8.43 49.22 -12.77
C MET H 132 -6.91 49.28 -12.67
N LYS H 133 -6.37 49.06 -11.47
CA LYS H 133 -4.91 49.12 -11.34
C LYS H 133 -4.25 48.06 -12.22
N GLN H 134 -4.79 46.85 -12.23
CA GLN H 134 -4.24 45.80 -13.07
C GLN H 134 -4.38 46.15 -14.56
N LEU H 135 -5.58 46.55 -14.98
CA LEU H 135 -5.80 46.86 -16.38
C LEU H 135 -4.84 47.97 -16.85
N MET H 136 -4.80 49.07 -16.11
CA MET H 136 -3.97 50.21 -16.50
C MET H 136 -2.50 49.84 -16.43
N GLU H 137 -2.12 49.04 -15.43
CA GLU H 137 -0.73 48.55 -15.37
C GLU H 137 -0.39 47.73 -16.61
N GLY H 138 -1.33 46.92 -17.09
CA GLY H 138 -1.11 46.20 -18.33
C GLY H 138 -0.97 47.12 -19.54
N LEU H 139 -1.85 48.11 -19.65
CA LEU H 139 -1.79 49.02 -20.79
C LEU H 139 -0.51 49.85 -20.78
N GLU H 140 -0.02 50.23 -19.60
CA GLU H 140 1.27 50.92 -19.50
C GLU H 140 2.37 50.05 -20.07
N TYR H 141 2.39 48.76 -19.72
CA TYR H 141 3.40 47.86 -20.28
C TYR H 141 3.32 47.88 -21.80
N CYS H 142 2.12 47.75 -22.36
CA CYS H 142 1.96 47.72 -23.81
C CYS H 142 2.33 49.06 -24.42
N HIS H 143 1.81 50.16 -23.86
CA HIS H 143 2.12 51.47 -24.42
C HIS H 143 3.61 51.77 -24.27
N LYS H 144 4.22 51.36 -23.15
CA LYS H 144 5.65 51.59 -22.99
C LYS H 144 6.45 50.79 -24.02
N LYS H 145 5.95 49.62 -24.41
CA LYS H 145 6.52 48.86 -25.53
C LYS H 145 6.01 49.35 -26.89
N ASN H 146 5.28 50.48 -26.89
CA ASN H 146 4.84 51.18 -28.10
C ASN H 146 3.81 50.41 -28.92
N PHE H 147 2.84 49.81 -28.25
CA PHE H 147 1.74 49.11 -28.89
C PHE H 147 0.40 49.75 -28.58
N LEU H 148 -0.46 49.82 -29.59
CA LEU H 148 -1.82 50.32 -29.47
C LEU H 148 -2.75 49.11 -29.50
N HIS H 149 -3.65 49.02 -28.54
CA HIS H 149 -4.56 47.87 -28.52
C HIS H 149 -5.61 47.98 -29.62
N ARG H 150 -6.30 49.11 -29.67
CA ARG H 150 -7.26 49.47 -30.69
C ARG H 150 -8.55 48.67 -30.61
N ASP H 151 -8.72 47.81 -29.62
CA ASP H 151 -9.95 47.05 -29.52
C ASP H 151 -10.30 46.75 -28.07
N ILE H 152 -10.36 47.79 -27.24
CA ILE H 152 -10.62 47.61 -25.82
C ILE H 152 -12.13 47.60 -25.60
N LYS H 153 -12.67 46.44 -25.25
CA LYS H 153 -14.08 46.29 -24.93
C LYS H 153 -14.16 45.32 -23.76
N CYS H 154 -15.31 45.32 -23.08
CA CYS H 154 -15.47 44.39 -21.97
C CYS H 154 -15.29 42.94 -22.43
N SER H 155 -15.60 42.66 -23.69
CA SER H 155 -15.46 41.29 -24.19
C SER H 155 -14.00 40.82 -24.13
N ASN H 156 -13.06 41.72 -24.39
CA ASN H 156 -11.63 41.40 -24.45
C ASN H 156 -10.90 41.53 -23.11
N ILE H 157 -11.58 41.96 -22.04
CA ILE H 157 -11.01 41.93 -20.69
C ILE H 157 -11.42 40.64 -19.99
N LEU H 158 -10.44 39.84 -19.61
CA LEU H 158 -10.69 38.54 -19.01
C LEU H 158 -10.31 38.50 -17.53
N LEU H 159 -11.09 37.75 -16.75
CA LEU H 159 -10.93 37.65 -15.31
C LEU H 159 -11.02 36.17 -14.90
N ASN H 160 -10.07 35.72 -14.09
CA ASN H 160 -10.10 34.43 -13.43
C ASN H 160 -10.61 34.61 -11.99
N ASN H 161 -11.02 33.51 -11.37
CA ASN H 161 -11.75 33.64 -10.11
C ASN H 161 -10.96 34.33 -9.00
N SER H 162 -9.63 34.23 -9.02
CA SER H 162 -8.85 34.84 -7.94
C SER H 162 -8.92 36.36 -7.92
N GLY H 163 -9.36 36.98 -9.01
CA GLY H 163 -9.36 38.43 -9.13
C GLY H 163 -8.27 39.00 -10.01
N GLN H 164 -7.46 38.17 -10.64
CA GLN H 164 -6.50 38.61 -11.64
C GLN H 164 -7.19 38.94 -12.96
N ILE H 165 -6.79 40.06 -13.55
CA ILE H 165 -7.32 40.58 -14.81
C ILE H 165 -6.28 40.48 -15.92
N LYS H 166 -6.73 40.19 -17.14
CA LYS H 166 -5.85 40.14 -18.31
C LYS H 166 -6.55 40.72 -19.53
N LEU H 167 -5.78 41.43 -20.36
CA LEU H 167 -6.24 41.89 -21.67
C LEU H 167 -6.06 40.79 -22.69
N ALA H 168 -6.89 40.80 -23.74
CA ALA H 168 -6.94 39.61 -24.56
C ALA H 168 -6.82 39.69 -26.08
N ASP H 169 -7.72 40.36 -26.76
CA ASP H 169 -7.70 40.31 -28.23
C ASP H 169 -6.76 41.39 -28.74
N PHE H 170 -5.54 40.97 -29.13
CA PHE H 170 -4.56 41.87 -29.69
C PHE H 170 -4.50 41.75 -31.21
N GLY H 171 -5.53 41.17 -31.83
CA GLY H 171 -5.56 40.97 -33.27
C GLY H 171 -5.60 42.27 -34.06
N LEU H 172 -5.87 43.38 -33.38
CA LEU H 172 -5.91 44.69 -34.00
C LEU H 172 -4.82 45.61 -33.47
N ALA H 173 -3.80 45.05 -32.83
CA ALA H 173 -2.74 45.83 -32.22
C ALA H 173 -1.73 46.33 -33.23
N ARG H 174 -1.22 47.55 -33.02
CA ARG H 174 -0.24 48.10 -33.95
C ARG H 174 0.81 48.91 -33.20
N LEU H 175 2.05 48.87 -33.70
CA LEU H 175 3.13 49.66 -33.11
C LEU H 175 2.87 51.14 -33.43
N TYR H 176 3.19 52.00 -32.47
CA TYR H 176 3.00 53.45 -32.57
C TYR H 176 4.35 54.13 -32.56
N ASN H 177 4.59 55.00 -33.54
CA ASN H 177 5.77 55.86 -33.57
C ASN H 177 5.34 57.31 -33.56
N SER H 178 5.75 58.05 -32.54
CA SER H 178 5.44 59.48 -32.46
C SER H 178 6.23 60.29 -33.49
N GLU H 179 7.54 60.02 -33.60
CA GLU H 179 8.39 60.80 -34.49
C GLU H 179 7.97 60.62 -35.94
N GLU H 180 7.55 59.42 -36.32
CA GLU H 180 7.10 59.09 -37.67
C GLU H 180 5.62 58.75 -37.59
N SER H 181 4.78 59.72 -37.88
CA SER H 181 3.33 59.48 -37.97
C SER H 181 2.97 58.82 -39.30
N ARG H 182 2.29 57.68 -39.22
CA ARG H 182 1.87 56.95 -40.40
C ARG H 182 0.35 56.80 -40.34
N PRO H 183 -0.36 56.90 -41.47
CA PRO H 183 -1.82 56.84 -41.40
C PRO H 183 -2.29 55.45 -41.01
N TYR H 184 -3.25 55.40 -40.08
CA TYR H 184 -3.81 54.14 -39.62
C TYR H 184 -5.29 54.04 -40.04
N TPO H 185 -5.96 53.03 -39.49
CA TPO H 185 -7.37 52.74 -39.75
CB TPO H 185 -7.59 51.14 -39.53
CG2 TPO H 185 -8.83 50.78 -40.31
OG1 TPO H 185 -6.30 50.60 -39.92
P TPO H 185 -6.01 49.01 -39.86
O1P TPO H 185 -6.38 48.32 -38.46
O2P TPO H 185 -6.80 48.25 -41.06
O3P TPO H 185 -4.57 48.83 -40.12
C TPO H 185 -8.34 53.54 -38.92
O TPO H 185 -8.33 53.44 -37.71
HA TPO H 185 -7.58 53.00 -40.67
HB TPO H 185 -7.80 50.73 -38.54
HG21 TPO H 185 -9.01 49.71 -40.25
HG22 TPO H 185 -8.69 51.06 -41.36
HG23 TPO H 185 -9.69 51.32 -39.90
N ASN H 186 -9.21 54.31 -39.57
CA ASN H 186 -10.06 55.22 -38.82
C ASN H 186 -11.06 54.59 -37.86
N LYS H 187 -11.64 53.47 -38.23
CA LYS H 187 -12.68 52.82 -37.44
C LYS H 187 -12.10 51.53 -36.81
N VAL H 188 -11.60 51.57 -35.57
CA VAL H 188 -10.99 50.42 -34.94
C VAL H 188 -11.77 49.95 -33.70
N ILE H 189 -11.98 50.83 -32.72
CA ILE H 189 -12.55 50.39 -31.45
C ILE H 189 -14.07 50.26 -31.60
N THR H 190 -14.70 49.38 -30.82
CA THR H 190 -16.15 49.24 -30.90
C THR H 190 -16.80 50.57 -30.52
N LEU H 191 -17.92 50.88 -31.20
CA LEU H 191 -18.44 52.25 -31.14
C LEU H 191 -18.70 52.73 -29.72
N TRP H 192 -19.23 51.85 -28.86
CA TRP H 192 -19.59 52.26 -27.51
C TRP H 192 -18.40 52.78 -26.72
N TYR H 193 -17.22 52.23 -27.00
CA TYR H 193 -15.98 52.60 -26.32
C TYR H 193 -15.04 53.34 -27.26
N ARG H 194 -15.55 53.89 -28.37
CA ARG H 194 -14.66 54.54 -29.30
C ARG H 194 -14.42 55.98 -28.85
N PRO H 195 -13.19 56.47 -28.99
CA PRO H 195 -12.89 57.85 -28.56
C PRO H 195 -13.36 58.88 -29.57
N PRO H 196 -13.58 60.12 -29.14
CA PRO H 196 -14.14 61.14 -30.05
C PRO H 196 -13.25 61.44 -31.23
N GLU H 197 -11.93 61.41 -31.07
CA GLU H 197 -11.05 61.73 -32.18
C GLU H 197 -11.26 60.78 -33.35
N LEU H 198 -11.49 59.49 -33.06
CA LEU H 198 -11.72 58.54 -34.13
C LEU H 198 -13.07 58.76 -34.79
N LEU H 199 -14.06 59.16 -34.00
CA LEU H 199 -15.35 59.55 -34.56
C LEU H 199 -15.20 60.72 -35.52
N LEU H 200 -14.37 61.70 -35.17
CA LEU H 200 -14.10 62.88 -35.98
C LEU H 200 -13.04 62.65 -37.06
N GLY H 201 -12.68 61.39 -37.28
CA GLY H 201 -11.88 60.98 -38.42
C GLY H 201 -10.38 61.15 -38.31
N GLU H 202 -9.85 61.12 -37.09
CA GLU H 202 -8.41 61.14 -36.92
C GLU H 202 -7.85 59.81 -37.43
N GLU H 203 -6.87 59.87 -38.32
CA GLU H 203 -6.23 58.68 -38.84
C GLU H 203 -4.83 58.48 -38.29
N ARG H 204 -4.24 59.49 -37.66
CA ARG H 204 -2.96 59.34 -36.99
C ARG H 204 -3.19 59.49 -35.49
N TYR H 205 -3.75 58.45 -34.89
CA TYR H 205 -4.13 58.51 -33.49
C TYR H 205 -3.00 58.00 -32.59
N THR H 206 -3.11 58.36 -31.32
CA THR H 206 -2.16 58.07 -30.29
C THR H 206 -2.68 56.98 -29.37
N PRO H 207 -1.83 56.48 -28.45
CA PRO H 207 -2.33 55.52 -27.46
C PRO H 207 -3.48 56.07 -26.63
N ALA H 208 -3.76 57.37 -26.72
CA ALA H 208 -4.86 57.94 -25.95
C ALA H 208 -6.20 57.30 -26.33
N ILE H 209 -6.26 56.57 -27.45
CA ILE H 209 -7.49 55.88 -27.82
C ILE H 209 -7.81 54.78 -26.81
N ASP H 210 -6.79 54.00 -26.44
CA ASP H 210 -7.03 52.92 -25.48
C ASP H 210 -7.40 53.47 -24.11
N VAL H 211 -6.83 54.61 -23.74
CA VAL H 211 -7.17 55.20 -22.45
C VAL H 211 -8.64 55.58 -22.41
N TRP H 212 -9.15 56.18 -23.48
CA TRP H 212 -10.58 56.53 -23.54
C TRP H 212 -11.43 55.29 -23.34
N SER H 213 -11.13 54.20 -24.05
CA SER H 213 -11.90 52.98 -23.89
C SER H 213 -11.91 52.53 -22.45
N CYS H 214 -10.72 52.42 -21.84
CA CYS H 214 -10.65 51.96 -20.45
C CYS H 214 -11.39 52.90 -19.52
N GLY H 215 -11.42 54.19 -19.83
CA GLY H 215 -12.21 55.11 -19.03
C GLY H 215 -13.69 54.80 -19.11
N CYS H 216 -14.18 54.47 -20.31
CA CYS H 216 -15.56 54.00 -20.45
C CYS H 216 -15.81 52.80 -19.55
N ILE H 217 -14.82 51.92 -19.43
CA ILE H 217 -14.96 50.77 -18.55
C ILE H 217 -15.00 51.20 -17.10
N LEU H 218 -14.16 52.17 -16.71
CA LEU H 218 -14.20 52.64 -15.33
C LEU H 218 -15.62 53.05 -14.94
N GLY H 219 -16.23 53.92 -15.75
CA GLY H 219 -17.58 54.36 -15.46
C GLY H 219 -18.59 53.23 -15.49
N GLU H 220 -18.40 52.28 -16.42
CA GLU H 220 -19.33 51.16 -16.52
C GLU H 220 -19.34 50.33 -15.24
N LEU H 221 -18.19 50.24 -14.55
CA LEU H 221 -18.15 49.46 -13.31
C LEU H 221 -18.92 50.12 -12.19
N PHE H 222 -19.09 51.45 -12.26
CA PHE H 222 -19.86 52.14 -11.24
C PHE H 222 -21.35 52.13 -11.57
N THR H 223 -21.73 52.04 -12.86
CA THR H 223 -23.13 52.03 -13.24
C THR H 223 -23.69 50.65 -13.61
N LYS H 224 -22.85 49.66 -13.90
CA LYS H 224 -23.26 48.33 -14.38
C LYS H 224 -23.88 48.37 -15.78
N LYS H 225 -23.66 49.46 -16.53
CA LYS H 225 -24.19 49.76 -17.85
C LYS H 225 -23.19 50.59 -18.64
N PRO H 226 -22.97 50.31 -19.92
CA PRO H 226 -22.09 51.18 -20.72
C PRO H 226 -22.60 52.62 -20.75
N ILE H 227 -21.62 53.54 -20.78
CA ILE H 227 -21.93 54.97 -20.66
C ILE H 227 -22.55 55.51 -21.94
N PHE H 228 -21.93 55.20 -23.08
CA PHE H 228 -22.34 55.73 -24.37
C PHE H 228 -22.80 54.55 -25.23
N GLN H 229 -24.11 54.42 -25.39
CA GLN H 229 -24.66 53.38 -26.25
C GLN H 229 -25.47 54.03 -27.35
N ALA H 230 -25.01 53.82 -28.58
CA ALA H 230 -25.64 54.31 -29.79
C ALA H 230 -25.27 53.30 -30.85
N ASN H 231 -25.87 53.45 -32.01
CA ASN H 231 -25.65 52.54 -33.13
C ASN H 231 -24.91 53.19 -34.28
N LEU H 232 -24.86 54.50 -34.32
CA LEU H 232 -24.24 55.23 -35.41
C LEU H 232 -23.28 56.26 -34.85
N GLU H 233 -22.23 56.53 -35.63
CA GLU H 233 -21.11 57.31 -35.14
C GLU H 233 -21.54 58.72 -34.74
N LEU H 234 -22.43 59.34 -35.52
CA LEU H 234 -22.89 60.68 -35.12
C LEU H 234 -23.72 60.60 -33.84
N ALA H 235 -24.58 59.59 -33.72
CA ALA H 235 -25.34 59.42 -32.48
C ALA H 235 -24.39 59.22 -31.32
N GLN H 236 -23.28 58.51 -31.55
CA GLN H 236 -22.31 58.30 -30.49
C GLN H 236 -21.65 59.61 -30.06
N LEU H 237 -21.18 60.39 -31.03
CA LEU H 237 -20.57 61.68 -30.71
C LEU H 237 -21.54 62.57 -29.96
N GLU H 238 -22.84 62.49 -30.29
CA GLU H 238 -23.83 63.28 -29.57
C GLU H 238 -23.88 62.85 -28.11
N LEU H 239 -23.89 61.55 -27.85
CA LEU H 239 -23.95 61.08 -26.46
C LEU H 239 -22.72 61.55 -25.71
N ILE H 240 -21.55 61.36 -26.30
CA ILE H 240 -20.31 61.83 -25.67
C ILE H 240 -20.40 63.31 -25.38
N SER H 241 -20.92 64.09 -26.34
CA SER H 241 -20.96 65.53 -26.17
C SER H 241 -21.85 65.94 -25.00
N ARG H 242 -22.99 65.27 -24.82
CA ARG H 242 -23.92 65.64 -23.76
C ARG H 242 -23.26 65.55 -22.39
N LEU H 243 -22.36 64.59 -22.22
CA LEU H 243 -21.71 64.35 -20.95
C LEU H 243 -20.39 65.10 -20.82
N CYS H 244 -19.53 64.98 -21.83
CA CYS H 244 -18.18 65.53 -21.76
C CYS H 244 -18.04 66.95 -22.28
N GLY H 245 -19.08 67.47 -22.91
CA GLY H 245 -19.00 68.73 -23.62
C GLY H 245 -18.79 68.50 -25.11
N SER H 246 -19.23 69.45 -25.91
CA SER H 246 -19.06 69.31 -27.36
C SER H 246 -17.61 69.57 -27.75
N PRO H 247 -17.06 68.80 -28.70
CA PRO H 247 -15.74 69.13 -29.24
C PRO H 247 -15.74 70.54 -29.83
N CYS H 248 -14.81 71.37 -29.35
CA CYS H 248 -14.69 72.73 -29.85
C CYS H 248 -13.27 73.22 -29.60
N PRO H 249 -12.80 74.21 -30.35
CA PRO H 249 -11.42 74.69 -30.16
C PRO H 249 -11.15 75.24 -28.77
N ALA H 250 -12.18 75.72 -28.07
CA ALA H 250 -11.94 76.30 -26.74
C ALA H 250 -11.31 75.26 -25.81
N VAL H 251 -11.77 74.01 -25.89
CA VAL H 251 -11.21 72.95 -25.04
C VAL H 251 -10.27 72.00 -25.78
N TRP H 252 -10.30 72.00 -27.11
CA TRP H 252 -9.56 71.03 -27.93
C TRP H 252 -8.96 71.80 -29.11
N PRO H 253 -7.89 72.56 -28.86
CA PRO H 253 -7.44 73.53 -29.88
C PRO H 253 -7.23 72.98 -31.27
N ASP H 254 -6.76 71.74 -31.40
CA ASP H 254 -6.45 71.16 -32.70
C ASP H 254 -7.61 70.37 -33.29
N VAL H 255 -8.82 70.50 -32.74
CA VAL H 255 -9.94 69.77 -33.30
C VAL H 255 -10.26 70.26 -34.70
N ILE H 256 -9.97 71.54 -34.99
CA ILE H 256 -10.28 72.12 -36.29
C ILE H 256 -9.53 71.46 -37.43
N ARG H 257 -8.42 70.78 -37.13
CA ARG H 257 -7.69 70.04 -38.15
C ARG H 257 -8.38 68.75 -38.56
N LEU H 258 -9.35 68.30 -37.78
CA LEU H 258 -9.91 66.97 -38.01
C LEU H 258 -10.87 66.97 -39.19
N PRO H 259 -10.85 65.90 -39.98
CA PRO H 259 -11.67 65.87 -41.20
C PRO H 259 -13.13 66.20 -41.02
N TYR H 260 -13.76 65.64 -39.98
CA TYR H 260 -15.21 65.72 -39.83
C TYR H 260 -15.62 66.75 -38.79
N PHE H 261 -14.72 67.64 -38.40
CA PHE H 261 -15.07 68.60 -37.35
C PHE H 261 -16.26 69.46 -37.76
N ASN H 262 -16.21 70.01 -39.00
CA ASN H 262 -17.37 70.76 -39.47
C ASN H 262 -18.53 69.82 -39.77
N THR H 263 -18.23 68.65 -40.34
CA THR H 263 -19.25 67.72 -40.80
C THR H 263 -20.09 67.17 -39.66
N MET H 264 -19.45 66.58 -38.65
CA MET H 264 -20.15 65.92 -37.56
C MET H 264 -20.30 66.90 -36.40
N LYS H 265 -21.35 67.71 -36.47
CA LYS H 265 -21.54 68.63 -35.37
C LYS H 265 -22.61 68.09 -34.43
N PRO H 266 -22.43 68.23 -33.12
CA PRO H 266 -23.49 67.82 -32.19
C PRO H 266 -24.69 68.75 -32.26
N LYS H 267 -25.83 68.25 -31.76
CA LYS H 267 -27.08 69.01 -31.79
C LYS H 267 -26.86 70.43 -31.27
N LYS H 268 -26.09 70.56 -30.19
CA LYS H 268 -25.76 71.82 -29.57
C LYS H 268 -24.26 71.88 -29.29
N GLN H 269 -23.85 73.05 -28.76
CA GLN H 269 -22.54 73.22 -28.11
C GLN H 269 -22.74 72.99 -26.60
N TYR H 270 -22.71 71.71 -26.21
CA TYR H 270 -22.99 71.32 -24.83
C TYR H 270 -21.84 71.68 -23.88
N ARG H 271 -22.22 71.99 -22.63
CA ARG H 271 -21.24 72.15 -21.56
C ARG H 271 -20.89 70.78 -20.96
N ARG H 272 -19.75 70.70 -20.28
CA ARG H 272 -19.36 69.45 -19.63
C ARG H 272 -20.19 69.24 -18.37
N ARG H 273 -20.72 68.03 -18.23
CA ARG H 273 -21.59 67.66 -17.12
C ARG H 273 -21.07 66.42 -16.43
N LEU H 274 -19.86 65.98 -16.76
CA LEU H 274 -19.40 64.67 -16.30
C LEU H 274 -19.44 64.56 -14.79
N ARG H 275 -18.84 65.52 -14.08
CA ARG H 275 -18.83 65.41 -12.62
C ARG H 275 -20.25 65.45 -12.09
N GLU H 276 -21.13 66.25 -12.71
CA GLU H 276 -22.50 66.31 -12.24
C GLU H 276 -23.19 64.98 -12.43
N GLU H 277 -23.17 64.43 -13.65
CA GLU H 277 -23.92 63.20 -13.93
C GLU H 277 -23.30 61.99 -13.23
N PHE H 278 -22.00 62.01 -12.93
CA PHE H 278 -21.37 61.00 -12.10
C PHE H 278 -21.10 61.48 -10.68
N SER H 279 -21.95 62.37 -10.15
CA SER H 279 -21.69 62.89 -8.82
C SER H 279 -21.65 61.78 -7.77
N PHE H 280 -22.35 60.66 -8.03
CA PHE H 280 -22.42 59.57 -7.08
C PHE H 280 -21.11 58.79 -6.94
N ILE H 281 -20.15 58.99 -7.84
CA ILE H 281 -18.87 58.29 -7.79
C ILE H 281 -17.92 58.90 -6.74
N PRO H 282 -17.11 58.06 -6.07
CA PRO H 282 -16.14 58.57 -5.10
C PRO H 282 -15.21 59.64 -5.68
N SER H 283 -14.75 60.54 -4.80
CA SER H 283 -14.01 61.71 -5.27
C SER H 283 -12.73 61.31 -6.00
N ALA H 284 -11.95 60.39 -5.41
CA ALA H 284 -10.71 59.97 -6.07
C ALA H 284 -10.97 59.39 -7.44
N ALA H 285 -12.07 58.63 -7.58
CA ALA H 285 -12.38 57.98 -8.84
C ALA H 285 -12.98 58.96 -9.85
N LEU H 286 -13.89 59.82 -9.39
CA LEU H 286 -14.48 60.79 -10.31
C LEU H 286 -13.39 61.62 -10.97
N ASP H 287 -12.39 62.02 -10.18
CA ASP H 287 -11.24 62.74 -10.73
C ASP H 287 -10.55 61.93 -11.81
N LEU H 288 -10.41 60.62 -11.60
CA LEU H 288 -9.83 59.76 -12.63
C LEU H 288 -10.70 59.73 -13.87
N LEU H 289 -12.02 59.62 -13.70
CA LEU H 289 -12.89 59.56 -14.86
C LEU H 289 -12.84 60.86 -15.65
N ASP H 290 -12.85 62.00 -14.95
CA ASP H 290 -12.82 63.28 -15.64
C ASP H 290 -11.64 63.35 -16.60
N HIS H 291 -10.50 62.80 -16.18
CA HIS H 291 -9.29 62.88 -16.99
C HIS H 291 -9.27 61.86 -18.11
N MET H 292 -9.71 60.62 -17.84
CA MET H 292 -9.70 59.61 -18.88
C MET H 292 -10.70 59.94 -19.98
N LEU H 293 -11.83 60.53 -19.61
CA LEU H 293 -12.85 60.93 -20.57
C LEU H 293 -12.73 62.41 -20.92
N THR H 294 -11.50 62.79 -21.29
CA THR H 294 -11.17 64.14 -21.75
C THR H 294 -11.08 64.14 -23.27
N LEU H 295 -11.75 65.11 -23.89
CA LEU H 295 -11.93 65.06 -25.34
C LEU H 295 -10.59 65.17 -26.07
N ASP H 296 -9.77 66.15 -25.72
CA ASP H 296 -8.55 66.37 -26.50
C ASP H 296 -7.51 65.31 -26.14
N PRO H 297 -7.18 64.39 -27.06
CA PRO H 297 -6.26 63.31 -26.67
C PRO H 297 -4.94 63.82 -26.14
N SER H 298 -4.50 65.00 -26.56
CA SER H 298 -3.25 65.55 -26.04
C SER H 298 -3.41 66.03 -24.61
N LYS H 299 -4.65 66.26 -24.15
CA LYS H 299 -4.90 66.61 -22.76
C LYS H 299 -5.36 65.41 -21.93
N ARG H 300 -5.71 64.29 -22.57
CA ARG H 300 -6.14 63.11 -21.85
C ARG H 300 -4.97 62.43 -21.15
N CYS H 301 -5.21 62.03 -19.89
CA CYS H 301 -4.13 61.44 -19.10
C CYS H 301 -3.63 60.16 -19.78
N THR H 302 -2.40 59.78 -19.44
CA THR H 302 -1.80 58.57 -19.96
C THR H 302 -1.98 57.43 -18.97
N ALA H 303 -1.57 56.23 -19.39
CA ALA H 303 -1.65 55.08 -18.50
C ALA H 303 -0.78 55.30 -17.26
N GLU H 304 0.46 55.73 -17.47
CA GLU H 304 1.33 55.96 -16.31
C GLU H 304 0.66 56.89 -15.31
N GLN H 305 0.07 57.98 -15.80
CA GLN H 305 -0.52 58.96 -14.91
C GLN H 305 -1.66 58.34 -14.12
N THR H 306 -2.46 57.47 -14.76
CA THR H 306 -3.56 56.84 -14.05
C THR H 306 -3.07 55.98 -12.89
N LEU H 307 -1.91 55.34 -13.08
CA LEU H 307 -1.36 54.51 -12.01
C LEU H 307 -0.90 55.35 -10.83
N GLN H 308 -0.41 56.56 -11.09
CA GLN H 308 -0.05 57.51 -10.03
C GLN H 308 -1.17 58.51 -9.76
N SER H 309 -2.35 57.98 -9.49
CA SER H 309 -3.55 58.74 -9.18
C SER H 309 -3.98 58.37 -7.76
N ASP H 310 -4.58 59.33 -7.06
CA ASP H 310 -5.08 59.04 -5.72
C ASP H 310 -5.86 57.72 -5.66
N PHE H 311 -6.60 57.42 -6.72
CA PHE H 311 -7.44 56.22 -6.73
C PHE H 311 -6.60 54.94 -6.76
N LEU H 312 -5.56 54.90 -7.58
CA LEU H 312 -4.78 53.69 -7.82
C LEU H 312 -3.38 53.76 -7.26
N LYS H 313 -2.91 54.95 -6.87
CA LYS H 313 -1.51 55.09 -6.50
C LYS H 313 -1.14 54.17 -5.35
N ASP H 314 -1.99 54.10 -4.33
CA ASP H 314 -1.70 53.36 -3.11
C ASP H 314 -2.33 51.98 -3.08
N VAL H 315 -2.97 51.55 -4.16
CA VAL H 315 -3.56 50.21 -4.21
C VAL H 315 -2.48 49.15 -4.31
N GLU H 316 -2.54 48.14 -3.46
CA GLU H 316 -1.62 47.01 -3.48
C GLU H 316 -2.35 45.74 -3.89
N LEU H 317 -1.81 45.05 -4.91
CA LEU H 317 -2.43 43.84 -5.41
C LEU H 317 -2.37 42.65 -4.46
N SER H 318 -1.60 42.72 -3.37
CA SER H 318 -1.62 41.63 -2.40
C SER H 318 -3.03 41.28 -1.94
N LYS H 319 -3.93 42.26 -1.85
CA LYS H 319 -5.30 41.94 -1.45
C LYS H 319 -6.10 41.32 -2.60
N MET H 320 -6.01 41.87 -3.79
CA MET H 320 -6.66 41.34 -4.99
C MET H 320 -8.09 40.89 -4.74
N ALA H 321 -8.89 41.79 -4.18
CA ALA H 321 -10.28 41.57 -3.83
C ALA H 321 -11.14 41.02 -4.98
N PRO H 322 -11.46 39.73 -5.00
CA PRO H 322 -12.30 39.21 -6.11
C PRO H 322 -13.71 39.76 -6.00
N PRO H 323 -14.33 40.18 -7.11
CA PRO H 323 -15.71 40.66 -7.03
C PRO H 323 -16.64 39.53 -6.60
N ASP H 324 -17.89 39.90 -6.30
CA ASP H 324 -18.82 38.91 -5.77
C ASP H 324 -18.93 37.80 -6.81
N LEU H 325 -18.59 36.58 -6.42
CA LEU H 325 -18.46 35.51 -7.41
C LEU H 325 -19.81 34.82 -7.60
N PRO H 326 -20.13 34.41 -8.85
CA PRO H 326 -21.40 33.68 -9.07
C PRO H 326 -21.56 32.59 -8.04
N HIS H 327 -22.67 32.64 -7.31
CA HIS H 327 -22.91 31.81 -6.13
C HIS H 327 -24.12 30.91 -6.35
N TRP H 328 -24.09 29.74 -5.71
CA TRP H 328 -25.20 28.80 -5.81
C TRP H 328 -26.47 29.38 -5.19
N GLN H 329 -26.34 30.07 -4.05
CA GLN H 329 -27.49 30.71 -3.43
C GLN H 329 -28.11 31.72 -4.39
N ASP H 330 -27.27 32.39 -5.18
CA ASP H 330 -27.70 33.38 -6.14
C ASP H 330 -28.50 32.67 -7.24
N THR I 24 11.94 29.91 -23.27
CA THR I 24 10.99 30.95 -23.64
C THR I 24 10.98 31.19 -25.16
N LYS I 25 12.00 31.88 -25.68
CA LYS I 25 12.16 32.20 -27.09
C LYS I 25 13.49 31.61 -27.60
N PRO I 26 13.52 31.17 -28.87
CA PRO I 26 14.65 30.38 -29.35
C PRO I 26 15.92 31.17 -29.68
N CYS I 27 17.02 30.42 -29.74
CA CYS I 27 18.33 30.94 -30.10
C CYS I 27 18.61 30.74 -31.59
N TRP I 28 18.79 31.84 -32.33
CA TRP I 28 18.97 31.81 -33.77
C TRP I 28 20.42 32.05 -34.22
N TYR I 29 21.41 31.70 -33.41
CA TYR I 29 22.80 32.00 -33.76
C TYR I 29 23.65 30.75 -33.67
N TRP I 30 24.47 30.55 -34.71
CA TRP I 30 25.33 29.39 -34.85
C TRP I 30 26.78 29.86 -34.98
N ASP I 31 27.72 28.94 -34.76
CA ASP I 31 29.12 29.23 -34.99
C ASP I 31 29.47 28.91 -36.43
N LYS I 32 30.41 29.68 -36.99
CA LYS I 32 30.83 29.46 -38.37
C LYS I 32 31.11 27.99 -38.64
N LYS I 33 31.77 27.32 -37.68
CA LYS I 33 32.09 25.91 -37.87
C LYS I 33 30.84 25.09 -38.14
N ASP I 34 29.70 25.50 -37.59
CA ASP I 34 28.47 24.72 -37.71
C ASP I 34 27.93 24.70 -39.13
N LEU I 35 28.25 25.69 -39.95
CA LEU I 35 27.70 25.73 -41.30
C LEU I 35 28.20 24.58 -42.16
N ALA I 36 29.26 23.89 -41.73
CA ALA I 36 29.73 22.68 -42.40
C ALA I 36 28.74 21.54 -42.27
N HIS I 37 27.72 21.67 -41.43
CA HIS I 37 26.77 20.61 -41.12
C HIS I 37 25.33 21.03 -41.34
N THR I 38 25.07 21.94 -42.26
CA THR I 38 23.71 22.24 -42.63
C THR I 38 23.13 21.06 -43.40
N PRO I 39 21.80 20.94 -43.43
CA PRO I 39 21.21 19.87 -44.25
C PRO I 39 21.77 19.84 -45.67
N SER I 40 21.95 21.01 -46.28
CA SER I 40 22.45 21.08 -47.65
C SER I 40 23.84 20.45 -47.78
N GLN I 41 24.75 20.76 -46.84
CA GLN I 41 26.07 20.15 -46.89
C GLN I 41 25.97 18.63 -46.79
N LEU I 42 25.16 18.14 -45.86
CA LEU I 42 25.06 16.71 -45.60
C LEU I 42 24.39 15.97 -46.75
N GLU I 43 23.57 16.63 -47.56
CA GLU I 43 23.00 16.01 -48.75
C GLU I 43 23.93 16.06 -49.96
N GLY I 44 25.18 16.47 -49.80
CA GLY I 44 26.15 16.43 -50.88
C GLY I 44 26.39 17.73 -51.59
N LEU I 45 25.75 18.81 -51.16
CA LEU I 45 26.04 20.15 -51.66
C LEU I 45 27.34 20.63 -51.05
N ASP I 46 28.20 21.19 -51.89
CA ASP I 46 29.49 21.66 -51.40
C ASP I 46 29.42 23.09 -50.87
N PRO I 47 30.37 23.49 -50.02
CA PRO I 47 30.25 24.81 -49.37
C PRO I 47 30.11 25.96 -50.34
N ALA I 48 30.86 25.96 -51.45
CA ALA I 48 30.73 27.06 -52.39
C ALA I 48 29.32 27.13 -52.94
N THR I 49 28.74 25.99 -53.29
CA THR I 49 27.42 25.99 -53.91
C THR I 49 26.36 26.50 -52.94
N GLU I 50 26.38 26.02 -51.70
CA GLU I 50 25.40 26.52 -50.74
C GLU I 50 25.56 28.02 -50.55
N ALA I 51 26.81 28.51 -50.53
CA ALA I 51 27.02 29.95 -50.45
C ALA I 51 26.47 30.65 -51.68
N ARG I 52 26.74 30.11 -52.87
CA ARG I 52 26.20 30.71 -54.09
C ARG I 52 24.68 30.70 -54.07
N TYR I 53 24.08 29.59 -53.66
CA TYR I 53 22.63 29.52 -53.58
C TYR I 53 22.08 30.57 -52.62
N ARG I 54 22.78 30.79 -51.51
CA ARG I 54 22.30 31.80 -50.55
C ARG I 54 22.31 33.18 -51.19
N ARG I 55 23.42 33.54 -51.82
CA ARG I 55 23.51 34.84 -52.48
C ARG I 55 22.41 35.00 -53.51
N GLU I 56 22.23 33.98 -54.36
CA GLU I 56 21.20 34.05 -55.39
C GLU I 56 19.83 34.23 -54.77
N GLY I 57 19.56 33.51 -53.69
CA GLY I 57 18.28 33.66 -53.03
C GLY I 57 18.12 35.03 -52.40
N ALA I 58 19.15 35.47 -51.67
CA ALA I 58 19.10 36.79 -51.05
C ALA I 58 18.88 37.87 -52.10
N ARG I 59 19.71 37.87 -53.15
CA ARG I 59 19.57 38.88 -54.20
C ARG I 59 18.21 38.82 -54.86
N PHE I 60 17.66 37.61 -54.99
CA PHE I 60 16.31 37.45 -55.53
C PHE I 60 15.28 38.11 -54.61
N ILE I 61 15.36 37.84 -53.30
CA ILE I 61 14.44 38.48 -52.37
C ILE I 61 14.59 40.00 -52.43
N PHE I 62 15.84 40.49 -52.41
CA PHE I 62 16.08 41.93 -52.42
C PHE I 62 15.52 42.56 -53.69
N ASP I 63 15.75 41.92 -54.84
CA ASP I 63 15.38 42.53 -56.12
C ASP I 63 13.86 42.54 -56.32
N VAL I 64 13.20 41.43 -55.98
CA VAL I 64 11.75 41.36 -56.11
C VAL I 64 11.10 42.44 -55.25
N GLY I 65 11.47 42.50 -53.98
CA GLY I 65 10.86 43.45 -53.07
C GLY I 65 11.19 44.88 -53.39
N THR I 66 12.38 45.14 -53.93
CA THR I 66 12.71 46.49 -54.36
C THR I 66 11.78 46.95 -55.48
N ARG I 67 11.51 46.07 -56.45
CA ARG I 67 10.57 46.42 -57.51
C ARG I 67 9.16 46.66 -56.98
N LEU I 68 8.79 45.99 -55.90
CA LEU I 68 7.47 46.20 -55.32
C LEU I 68 7.40 47.44 -54.44
N GLY I 69 8.52 48.12 -54.22
CA GLY I 69 8.51 49.32 -53.41
C GLY I 69 8.53 49.06 -51.92
N LEU I 70 9.09 47.94 -51.50
CA LEU I 70 9.02 47.55 -50.10
C LEU I 70 10.09 48.22 -49.26
N HIS I 71 9.71 48.49 -48.00
CA HIS I 71 10.62 49.03 -47.00
C HIS I 71 11.81 48.10 -46.80
N TYR I 72 12.94 48.68 -46.38
CA TYR I 72 14.17 47.90 -46.26
C TYR I 72 14.07 46.83 -45.17
N ASP I 73 13.35 47.11 -44.07
CA ASP I 73 13.19 46.11 -43.03
C ASP I 73 12.46 44.88 -43.56
N THR I 74 11.46 45.09 -44.41
CA THR I 74 10.72 43.97 -44.97
C THR I 74 11.63 43.05 -45.76
N LEU I 75 12.51 43.62 -46.60
CA LEU I 75 13.45 42.80 -47.34
C LEU I 75 14.34 42.00 -46.40
N ALA I 76 14.91 42.69 -45.39
CA ALA I 76 15.82 42.01 -44.48
C ALA I 76 15.09 40.91 -43.73
N THR I 77 13.87 41.19 -43.27
CA THR I 77 13.12 40.17 -42.54
C THR I 77 12.93 38.92 -43.40
N GLY I 78 12.51 39.11 -44.65
CA GLY I 78 12.39 37.97 -45.54
C GLY I 78 13.70 37.22 -45.71
N ILE I 79 14.80 37.95 -45.88
CA ILE I 79 16.09 37.31 -46.10
C ILE I 79 16.54 36.56 -44.85
N ILE I 80 16.28 37.11 -43.67
CA ILE I 80 16.66 36.39 -42.46
C ILE I 80 15.83 35.12 -42.36
N TYR I 81 14.54 35.20 -42.66
CA TYR I 81 13.74 33.99 -42.76
C TYR I 81 14.38 33.00 -43.73
N PHE I 82 14.77 33.49 -44.91
CA PHE I 82 15.35 32.63 -45.92
C PHE I 82 16.59 31.92 -45.39
N HIS I 83 17.52 32.68 -44.82
CA HIS I 83 18.75 32.06 -44.32
C HIS I 83 18.45 31.05 -43.23
N ARG I 84 17.60 31.40 -42.29
CA ARG I 84 17.26 30.48 -41.22
C ARG I 84 16.61 29.22 -41.78
N PHE I 85 15.76 29.38 -42.78
CA PHE I 85 15.08 28.24 -43.36
C PHE I 85 16.09 27.16 -43.75
N TYR I 86 17.20 27.53 -44.39
CA TYR I 86 18.15 26.55 -44.91
C TYR I 86 19.17 26.10 -43.89
N MET I 87 18.99 26.47 -42.62
CA MET I 87 19.63 25.79 -41.51
C MET I 87 18.84 24.57 -41.08
N PHE I 88 17.57 24.48 -41.48
CA PHE I 88 16.67 23.38 -41.15
C PHE I 88 16.26 22.54 -42.34
N HIS I 89 16.61 22.95 -43.55
CA HIS I 89 16.21 22.23 -44.74
C HIS I 89 17.36 22.28 -45.74
N SER I 90 17.25 21.45 -46.76
CA SER I 90 18.27 21.36 -47.78
C SER I 90 17.83 22.14 -49.01
N PHE I 91 18.81 22.73 -49.69
CA PHE I 91 18.52 23.39 -50.96
C PHE I 91 18.07 22.39 -52.02
N LYS I 92 18.42 21.11 -51.86
CA LYS I 92 18.03 20.11 -52.85
C LYS I 92 16.56 19.71 -52.73
N GLN I 93 15.95 19.86 -51.56
CA GLN I 93 14.54 19.51 -51.38
C GLN I 93 13.61 20.70 -51.54
N PHE I 94 14.11 21.91 -51.36
CA PHE I 94 13.32 23.13 -51.47
C PHE I 94 13.95 24.10 -52.44
N PRO I 95 13.35 24.35 -53.60
CA PRO I 95 13.92 25.34 -54.53
C PRO I 95 14.09 26.68 -53.85
N ARG I 96 15.27 27.27 -54.05
CA ARG I 96 15.58 28.51 -53.35
C ARG I 96 14.61 29.63 -53.72
N TYR I 97 14.29 29.77 -55.02
CA TYR I 97 13.48 30.92 -55.43
C TYR I 97 12.03 30.79 -54.98
N VAL I 98 11.49 29.57 -54.93
CA VAL I 98 10.17 29.39 -54.35
C VAL I 98 10.19 29.79 -52.87
N THR I 99 11.18 29.28 -52.13
CA THR I 99 11.34 29.63 -50.72
C THR I 99 11.49 31.14 -50.53
N GLY I 100 12.35 31.77 -51.33
CA GLY I 100 12.51 33.20 -51.23
C GLY I 100 11.21 33.95 -51.37
N ALA I 101 10.42 33.60 -52.39
CA ALA I 101 9.14 34.28 -52.60
C ALA I 101 8.22 34.12 -51.40
N CYS I 102 8.20 32.92 -50.81
CA CYS I 102 7.40 32.69 -49.62
C CYS I 102 7.87 33.54 -48.45
N CYS I 103 9.18 33.59 -48.23
CA CYS I 103 9.69 34.41 -47.13
C CYS I 103 9.23 35.85 -47.27
N LEU I 104 9.40 36.45 -48.45
CA LEU I 104 9.01 37.84 -48.63
C LEU I 104 7.51 37.99 -48.38
N PHE I 105 6.70 37.06 -48.88
CA PHE I 105 5.27 37.12 -48.65
C PHE I 105 4.97 37.19 -47.14
N LEU I 106 5.55 36.26 -46.38
CA LEU I 106 5.33 36.28 -44.94
C LEU I 106 5.90 37.54 -44.33
N ALA I 107 7.12 37.90 -44.73
CA ALA I 107 7.74 39.13 -44.25
C ALA I 107 6.79 40.30 -44.41
N GLY I 108 6.16 40.40 -45.58
CA GLY I 108 5.25 41.50 -45.84
C GLY I 108 4.11 41.61 -44.84
N LYS I 109 3.48 40.48 -44.52
CA LYS I 109 2.39 40.52 -43.55
C LYS I 109 2.91 40.80 -42.14
N VAL I 110 4.10 40.30 -41.83
CA VAL I 110 4.69 40.51 -40.51
C VAL I 110 5.01 41.98 -40.29
N GLU I 111 5.72 42.59 -41.25
CA GLU I 111 6.21 43.95 -41.08
C GLU I 111 5.16 45.00 -41.46
N GLU I 112 3.92 44.59 -41.70
CA GLU I 112 2.83 45.52 -42.05
C GLU I 112 3.12 46.25 -43.37
N THR I 113 3.72 45.55 -44.32
CA THR I 113 3.86 46.04 -45.69
C THR I 113 3.36 44.99 -46.68
N PRO I 114 2.12 44.54 -46.52
CA PRO I 114 1.71 43.32 -47.24
C PRO I 114 1.62 43.51 -48.75
N LYS I 115 1.87 42.41 -49.47
CA LYS I 115 1.71 42.34 -50.91
C LYS I 115 1.00 41.04 -51.25
N LYS I 116 0.29 41.04 -52.36
CA LYS I 116 -0.45 39.86 -52.79
C LYS I 116 0.49 38.82 -53.35
N CYS I 117 0.22 37.56 -53.02
CA CYS I 117 1.06 36.49 -53.55
C CYS I 117 1.09 36.56 -55.07
N LYS I 118 -0.06 36.95 -55.66
CA LYS I 118 -0.15 37.12 -57.11
C LYS I 118 0.88 38.11 -57.62
N ASP I 119 1.12 39.18 -56.87
CA ASP I 119 2.04 40.21 -57.32
C ASP I 119 3.48 39.75 -57.20
N ILE I 120 3.81 39.03 -56.12
CA ILE I 120 5.17 38.55 -55.95
C ILE I 120 5.52 37.58 -57.08
N ILE I 121 4.60 36.70 -57.46
CA ILE I 121 4.88 35.79 -58.56
C ILE I 121 5.14 36.57 -59.84
N LYS I 122 4.27 37.53 -60.15
CA LYS I 122 4.43 38.33 -61.37
C LYS I 122 5.83 38.97 -61.42
N THR I 123 6.25 39.60 -60.32
CA THR I 123 7.57 40.24 -60.29
C THR I 123 8.68 39.21 -60.44
N ALA I 124 8.55 38.06 -59.76
CA ALA I 124 9.55 37.01 -59.87
C ALA I 124 9.71 36.55 -61.31
N ARG I 125 8.61 36.55 -62.06
CA ARG I 125 8.69 36.17 -63.46
C ARG I 125 9.51 37.19 -64.25
N SER I 126 9.37 38.48 -63.92
CA SER I 126 10.17 39.50 -64.62
C SER I 126 11.66 39.28 -64.40
N LEU I 127 12.06 38.90 -63.19
CA LEU I 127 13.46 38.83 -62.82
C LEU I 127 14.08 37.48 -63.09
N LEU I 128 13.29 36.42 -63.09
CA LEU I 128 13.83 35.09 -63.33
C LEU I 128 13.68 34.75 -64.81
N ASN I 129 14.67 34.04 -65.34
CA ASN I 129 14.61 33.51 -66.69
C ASN I 129 13.70 32.28 -66.68
N ASP I 130 13.65 31.56 -67.80
CA ASP I 130 12.72 30.45 -67.92
C ASP I 130 13.19 29.24 -67.13
N VAL I 131 14.50 28.96 -67.17
CA VAL I 131 15.04 27.85 -66.39
C VAL I 131 14.78 28.07 -64.91
N GLN I 132 15.11 29.27 -64.43
CA GLN I 132 14.94 29.59 -63.01
C GLN I 132 13.47 29.48 -62.61
N PHE I 133 12.60 30.12 -63.39
CA PHE I 133 11.19 30.10 -63.06
C PHE I 133 10.58 28.71 -63.13
N GLY I 134 11.31 27.71 -63.65
CA GLY I 134 10.80 26.36 -63.66
C GLY I 134 10.61 25.78 -62.27
N GLN I 135 11.26 26.36 -61.27
CA GLN I 135 11.08 25.89 -59.90
C GLN I 135 9.64 26.05 -59.44
N PHE I 136 8.97 27.14 -59.85
CA PHE I 136 7.60 27.37 -59.42
C PHE I 136 6.62 26.34 -59.96
N GLY I 137 6.98 25.61 -61.01
CA GLY I 137 6.14 24.50 -61.41
C GLY I 137 4.82 24.92 -62.03
N ASP I 138 3.87 23.97 -61.98
CA ASP I 138 2.63 24.16 -62.71
C ASP I 138 1.77 25.25 -62.10
N ASP I 139 1.74 25.36 -60.78
CA ASP I 139 0.98 26.41 -60.12
C ASP I 139 1.91 27.19 -59.21
N PRO I 140 2.45 28.32 -59.68
CA PRO I 140 3.38 29.08 -58.82
C PRO I 140 2.72 29.54 -57.52
N LYS I 141 1.55 30.17 -57.61
CA LYS I 141 0.93 30.76 -56.43
C LYS I 141 0.73 29.73 -55.33
N GLU I 142 0.17 28.56 -55.65
CA GLU I 142 -0.13 27.59 -54.60
C GLU I 142 1.15 27.08 -53.95
N GLU I 143 2.17 26.73 -54.75
CA GLU I 143 3.40 26.19 -54.15
C GLU I 143 4.04 27.18 -53.19
N VAL I 144 3.96 28.47 -53.48
CA VAL I 144 4.42 29.45 -52.52
C VAL I 144 3.50 29.43 -51.30
N MET I 145 2.18 29.49 -51.53
CA MET I 145 1.23 29.50 -50.41
C MET I 145 1.39 28.26 -49.53
N VAL I 146 1.68 27.11 -50.12
CA VAL I 146 1.84 25.88 -49.33
C VAL I 146 3.07 25.98 -48.45
N LEU I 147 4.17 26.51 -48.99
CA LEU I 147 5.41 26.57 -48.22
C LEU I 147 5.26 27.40 -46.96
N GLU I 148 4.29 28.33 -46.94
CA GLU I 148 4.11 29.19 -45.78
C GLU I 148 3.93 28.36 -44.51
N ARG I 149 3.12 27.30 -44.59
CA ARG I 149 2.90 26.46 -43.43
C ARG I 149 4.23 25.97 -42.88
N ILE I 150 5.06 25.41 -43.75
CA ILE I 150 6.35 24.90 -43.31
C ILE I 150 7.22 26.04 -42.79
N LEU I 151 7.24 27.16 -43.52
CA LEU I 151 8.08 28.29 -43.11
C LEU I 151 7.74 28.72 -41.68
N LEU I 152 6.46 28.95 -41.41
CA LEU I 152 6.02 29.33 -40.08
C LEU I 152 6.48 28.33 -39.04
N GLN I 153 6.36 27.04 -39.36
CA GLN I 153 6.88 26.02 -38.45
C GLN I 153 8.40 26.08 -38.35
N THR I 154 9.07 26.30 -39.49
CA THR I 154 10.53 26.27 -39.49
C THR I 154 11.11 27.43 -38.68
N ILE I 155 10.55 28.62 -38.82
CA ILE I 155 11.01 29.77 -38.03
C ILE I 155 10.42 29.73 -36.63
N LYS I 156 9.78 28.62 -36.29
CA LYS I 156 9.26 28.41 -34.93
C LYS I 156 8.33 29.55 -34.49
N PHE I 157 7.69 30.20 -35.45
CA PHE I 157 6.76 31.30 -35.21
C PHE I 157 7.39 32.45 -34.44
N ASP I 158 8.72 32.57 -34.50
CA ASP I 158 9.42 33.73 -33.98
C ASP I 158 9.45 34.75 -35.11
N LEU I 159 8.34 35.48 -35.25
CA LEU I 159 8.19 36.39 -36.37
C LEU I 159 8.99 37.67 -36.17
N GLN I 160 9.15 38.09 -34.92
CA GLN I 160 9.84 39.33 -34.64
C GLN I 160 11.32 39.19 -34.97
N VAL I 161 11.84 40.13 -35.77
CA VAL I 161 13.23 40.14 -36.16
C VAL I 161 13.76 41.57 -36.13
N GLU I 162 14.96 41.74 -35.58
CA GLU I 162 15.64 43.03 -35.55
C GLU I 162 16.75 43.02 -36.59
N HIS I 163 17.06 44.18 -37.15
CA HIS I 163 18.05 44.27 -38.21
C HIS I 163 19.11 45.31 -37.91
N PRO I 164 20.33 45.13 -38.41
CA PRO I 164 21.41 46.09 -38.11
C PRO I 164 21.05 47.53 -38.40
N TYR I 165 20.17 47.79 -39.36
CA TYR I 165 19.96 49.16 -39.81
C TYR I 165 19.58 50.05 -38.64
N GLN I 166 18.60 49.63 -37.85
CA GLN I 166 18.11 50.48 -36.77
C GLN I 166 19.22 50.80 -35.78
N PHE I 167 20.14 49.85 -35.56
CA PHE I 167 21.22 50.10 -34.63
C PHE I 167 22.27 51.01 -35.25
N LEU I 168 22.52 50.84 -36.55
CA LEU I 168 23.37 51.76 -37.27
C LEU I 168 22.90 53.20 -37.09
N LEU I 169 21.59 53.41 -37.11
CA LEU I 169 21.05 54.75 -36.94
C LEU I 169 21.07 55.17 -35.47
N LYS I 170 20.63 54.28 -34.58
CA LYS I 170 20.63 54.60 -33.16
C LYS I 170 22.02 54.99 -32.68
N TYR I 171 23.04 54.25 -33.12
CA TYR I 171 24.40 54.55 -32.65
C TYR I 171 24.95 55.80 -33.32
N ALA I 172 24.76 55.92 -34.64
CA ALA I 172 25.28 57.10 -35.33
C ALA I 172 24.66 58.37 -34.78
N LYS I 173 23.40 58.30 -34.34
CA LYS I 173 22.71 59.47 -33.81
C LYS I 173 23.40 60.04 -32.58
N GLN I 174 24.16 59.22 -31.85
CA GLN I 174 24.89 59.68 -30.67
C GLN I 174 26.27 60.22 -31.02
N LEU I 175 26.63 60.25 -32.30
CA LEU I 175 27.90 60.81 -32.75
C LEU I 175 27.71 62.30 -33.05
N LYS I 176 28.67 63.10 -32.60
CA LYS I 176 28.66 64.54 -32.84
C LYS I 176 29.98 64.95 -33.47
N GLY I 177 29.89 65.70 -34.56
CA GLY I 177 31.09 66.13 -35.26
C GLY I 177 30.72 66.66 -36.63
N ASP I 178 31.67 66.57 -37.56
CA ASP I 178 31.39 67.02 -38.91
C ASP I 178 30.24 66.19 -39.47
N LYS I 179 29.11 66.84 -39.74
CA LYS I 179 27.95 66.09 -40.20
C LYS I 179 28.28 65.32 -41.48
N ASN I 180 29.14 65.88 -42.33
CA ASN I 180 29.41 65.24 -43.61
C ASN I 180 30.23 63.98 -43.42
N LYS I 181 31.21 64.01 -42.52
CA LYS I 181 32.04 62.84 -42.28
C LYS I 181 31.21 61.71 -41.66
N ILE I 182 30.27 62.06 -40.79
CA ILE I 182 29.42 61.06 -40.16
C ILE I 182 28.46 60.45 -41.18
N GLN I 183 27.86 61.29 -42.02
CA GLN I 183 26.92 60.78 -43.02
C GLN I 183 27.61 59.83 -43.98
N LYS I 184 28.85 60.14 -44.38
CA LYS I 184 29.58 59.21 -45.24
C LYS I 184 29.79 57.88 -44.55
N LEU I 185 30.09 57.92 -43.25
CA LEU I 185 30.22 56.69 -42.48
C LEU I 185 28.92 55.89 -42.53
N VAL I 186 27.81 56.55 -42.23
CA VAL I 186 26.51 55.88 -42.16
C VAL I 186 26.19 55.24 -43.50
N GLN I 187 26.34 56.01 -44.59
CA GLN I 187 26.02 55.50 -45.91
C GLN I 187 26.86 54.29 -46.26
N MET I 188 28.17 54.37 -45.98
CA MET I 188 29.05 53.26 -46.29
C MET I 188 28.65 52.04 -45.47
N ALA I 189 28.37 52.24 -44.18
CA ALA I 189 27.93 51.13 -43.35
C ALA I 189 26.63 50.54 -43.87
N TRP I 190 25.68 51.39 -44.23
CA TRP I 190 24.40 50.90 -44.76
C TRP I 190 24.63 50.01 -45.97
N THR I 191 25.52 50.43 -46.87
CA THR I 191 25.87 49.60 -48.02
C THR I 191 26.43 48.26 -47.56
N PHE I 192 27.29 48.27 -46.54
CA PHE I 192 27.86 47.01 -46.03
C PHE I 192 26.78 46.13 -45.42
N VAL I 193 25.81 46.72 -44.73
CA VAL I 193 24.70 45.92 -44.19
C VAL I 193 23.98 45.22 -45.33
N ASN I 194 23.62 45.98 -46.37
CA ASN I 194 22.93 45.41 -47.51
C ASN I 194 23.73 44.24 -48.09
N ASP I 195 25.05 44.37 -48.10
CA ASP I 195 25.89 43.30 -48.63
C ASP I 195 25.99 42.11 -47.69
N SER I 196 25.92 42.37 -46.39
CA SER I 196 26.01 41.29 -45.42
C SER I 196 24.79 40.39 -45.47
N LEU I 197 23.70 40.86 -46.06
CA LEU I 197 22.49 40.06 -46.14
C LEU I 197 22.68 38.87 -47.05
N CYS I 198 23.66 38.94 -47.96
CA CYS I 198 23.95 37.80 -48.82
C CYS I 198 24.79 36.76 -48.10
N THR I 199 25.15 37.01 -46.85
CA THR I 199 26.04 36.14 -46.11
C THR I 199 25.29 35.55 -44.92
N THR I 200 25.91 34.57 -44.30
CA THR I 200 25.39 33.93 -43.10
C THR I 200 25.72 34.70 -41.83
N LEU I 201 26.22 35.93 -41.96
CA LEU I 201 26.44 36.74 -40.77
C LEU I 201 25.15 36.95 -40.00
N SER I 202 24.03 37.07 -40.73
CA SER I 202 22.73 37.18 -40.09
C SER I 202 22.46 36.03 -39.14
N LEU I 203 23.14 34.90 -39.35
CA LEU I 203 22.97 33.72 -38.52
C LEU I 203 24.06 33.58 -37.46
N GLN I 204 25.12 34.38 -37.52
CA GLN I 204 26.23 34.22 -36.61
C GLN I 204 26.26 35.23 -35.47
N TRP I 205 25.79 36.45 -35.71
CA TRP I 205 25.97 37.54 -34.77
C TRP I 205 24.69 38.35 -34.65
N GLU I 206 24.39 38.79 -33.44
CA GLU I 206 23.27 39.68 -33.21
C GLU I 206 23.36 40.91 -34.12
N PRO I 207 22.23 41.52 -34.45
CA PRO I 207 22.28 42.70 -35.33
C PRO I 207 23.06 43.86 -34.75
N GLU I 208 22.95 44.10 -33.43
CA GLU I 208 23.70 45.19 -32.83
C GLU I 208 25.20 45.05 -33.13
N ILE I 209 25.71 43.82 -33.09
CA ILE I 209 27.11 43.58 -33.40
C ILE I 209 27.40 43.82 -34.87
N ILE I 210 26.50 43.39 -35.75
CA ILE I 210 26.70 43.69 -37.17
C ILE I 210 26.76 45.20 -37.37
N ALA I 211 25.85 45.94 -36.72
CA ALA I 211 25.82 47.38 -36.90
C ALA I 211 27.15 48.02 -36.50
N VAL I 212 27.72 47.56 -35.38
CA VAL I 212 29.02 48.10 -34.99
C VAL I 212 30.09 47.72 -36.00
N ALA I 213 30.11 46.45 -36.44
CA ALA I 213 31.15 46.02 -37.36
C ALA I 213 31.19 46.89 -38.61
N VAL I 214 30.03 47.20 -39.18
CA VAL I 214 30.02 47.99 -40.41
C VAL I 214 30.44 49.42 -40.14
N MET I 215 30.10 49.95 -38.96
CA MET I 215 30.66 51.24 -38.56
C MET I 215 32.16 51.16 -38.42
N TYR I 216 32.63 50.09 -37.77
CA TYR I 216 34.05 49.86 -37.60
C TYR I 216 34.75 49.80 -38.95
N LEU I 217 34.19 49.02 -39.89
CA LEU I 217 34.79 48.92 -41.22
C LEU I 217 34.79 50.28 -41.92
N ALA I 218 33.64 50.94 -41.97
CA ALA I 218 33.57 52.22 -42.66
C ALA I 218 34.55 53.20 -42.02
N GLY I 219 34.70 53.14 -40.70
CA GLY I 219 35.67 54.00 -40.05
C GLY I 219 37.08 53.72 -40.54
N ARG I 220 37.44 52.45 -40.67
CA ARG I 220 38.77 52.12 -41.17
C ARG I 220 38.96 52.62 -42.60
N LEU I 221 37.99 52.34 -43.48
CA LEU I 221 38.14 52.70 -44.89
C LEU I 221 38.19 54.22 -45.07
N CYS I 222 37.31 54.95 -44.38
CA CYS I 222 37.29 56.40 -44.46
C CYS I 222 38.30 57.05 -43.51
N LYS I 223 39.15 56.26 -42.84
CA LYS I 223 40.20 56.80 -42.00
C LYS I 223 39.65 57.80 -40.97
N PHE I 224 38.47 57.47 -40.42
CA PHE I 224 37.83 58.26 -39.38
C PHE I 224 38.13 57.66 -38.02
N GLU I 225 38.20 58.51 -37.00
CA GLU I 225 38.41 58.07 -35.61
C GLU I 225 37.09 58.22 -34.85
N ILE I 226 36.30 57.15 -34.83
CA ILE I 226 34.94 57.29 -34.33
C ILE I 226 34.91 57.66 -32.87
N GLN I 227 35.98 57.35 -32.14
CA GLN I 227 36.02 57.69 -30.72
C GLN I 227 35.76 59.18 -30.50
N GLU I 228 36.25 60.03 -31.40
CA GLU I 228 36.17 61.47 -31.18
C GLU I 228 34.73 61.96 -31.18
N TRP I 229 33.87 61.38 -32.02
CA TRP I 229 32.49 61.82 -32.09
C TRP I 229 31.64 61.39 -30.89
N THR I 230 32.11 60.42 -30.10
CA THR I 230 31.34 59.90 -28.99
C THR I 230 31.44 60.80 -27.76
N SER I 231 30.59 60.51 -26.77
CA SER I 231 30.64 61.25 -25.51
C SER I 231 31.89 60.96 -24.70
N LYS I 232 32.68 59.93 -25.07
CA LYS I 232 33.92 59.59 -24.37
C LYS I 232 35.09 59.58 -25.34
N PRO I 233 35.58 60.76 -25.73
CA PRO I 233 36.52 60.80 -26.86
C PRO I 233 37.86 60.09 -26.65
N MET I 234 38.28 59.82 -25.41
CA MET I 234 39.58 59.21 -25.15
C MET I 234 39.49 57.71 -24.91
N TYR I 235 38.27 57.14 -24.99
CA TYR I 235 38.01 55.70 -24.95
C TYR I 235 38.14 55.14 -26.36
N ARG I 236 39.29 54.56 -26.68
CA ARG I 236 39.58 54.16 -28.06
C ARG I 236 38.68 53.04 -28.56
N ARG I 237 38.24 52.12 -27.69
CA ARG I 237 37.31 51.06 -28.09
C ARG I 237 35.91 51.66 -27.97
N TRP I 238 35.58 52.49 -28.95
CA TRP I 238 34.39 53.33 -28.87
C TRP I 238 33.09 52.54 -28.81
N TRP I 239 33.02 51.39 -29.46
CA TRP I 239 31.74 50.68 -29.56
C TRP I 239 31.23 50.19 -28.20
N GLU I 240 32.13 49.92 -27.26
CA GLU I 240 31.73 49.28 -26.01
C GLU I 240 30.63 50.06 -25.31
N GLN I 241 30.50 51.36 -25.56
CA GLN I 241 29.39 52.12 -24.99
C GLN I 241 28.08 51.86 -25.73
N PHE I 242 28.11 51.19 -26.89
CA PHE I 242 26.90 50.80 -27.60
C PHE I 242 26.60 49.32 -27.44
N VAL I 243 27.61 48.47 -27.58
CA VAL I 243 27.46 47.02 -27.51
C VAL I 243 28.48 46.52 -26.52
N GLN I 244 28.00 46.03 -25.38
CA GLN I 244 28.93 45.57 -24.34
C GLN I 244 29.51 44.23 -24.71
N ASP I 245 30.77 44.02 -24.34
CA ASP I 245 31.39 42.69 -24.41
C ASP I 245 31.63 42.23 -25.84
N VAL I 246 32.10 43.11 -26.72
CA VAL I 246 32.42 42.66 -28.07
C VAL I 246 33.93 42.78 -28.25
N PRO I 247 34.65 41.67 -28.36
CA PRO I 247 36.09 41.74 -28.61
C PRO I 247 36.37 42.14 -30.05
N VAL I 248 37.55 42.72 -30.25
CA VAL I 248 37.92 43.18 -31.57
C VAL I 248 37.99 42.04 -32.57
N ASP I 249 38.40 40.84 -32.13
CA ASP I 249 38.46 39.69 -33.02
C ASP I 249 37.16 39.56 -33.81
N VAL I 250 36.03 39.70 -33.12
CA VAL I 250 34.73 39.52 -33.78
C VAL I 250 34.54 40.57 -34.86
N LEU I 251 34.77 41.84 -34.52
CA LEU I 251 34.62 42.90 -35.51
C LEU I 251 35.54 42.65 -36.71
N GLU I 252 36.71 42.07 -36.49
CA GLU I 252 37.59 41.73 -37.61
C GLU I 252 37.04 40.56 -38.41
N ASP I 253 36.53 39.53 -37.72
CA ASP I 253 35.94 38.40 -38.43
C ASP I 253 34.79 38.84 -39.32
N ILE I 254 33.93 39.72 -38.81
CA ILE I 254 32.79 40.20 -39.61
C ILE I 254 33.26 41.05 -40.79
N CYS I 255 34.12 42.03 -40.52
CA CYS I 255 34.60 42.88 -41.61
C CYS I 255 35.24 42.04 -42.69
N HIS I 256 36.05 41.06 -42.28
CA HIS I 256 36.70 40.19 -43.23
C HIS I 256 35.70 39.57 -44.18
N GLN I 257 34.58 39.06 -43.66
CA GLN I 257 33.62 38.42 -44.55
C GLN I 257 33.07 39.40 -45.58
N ILE I 258 32.80 40.63 -45.18
CA ILE I 258 32.28 41.60 -46.13
C ILE I 258 33.36 41.93 -47.16
N LEU I 259 34.58 42.14 -46.70
CA LEU I 259 35.68 42.46 -47.60
C LEU I 259 35.97 41.31 -48.55
N ASP I 260 35.73 40.07 -48.12
CA ASP I 260 35.93 38.93 -49.02
C ASP I 260 34.99 39.02 -50.22
N LEU I 261 33.73 39.38 -49.97
CA LEU I 261 32.79 39.48 -51.09
C LEU I 261 33.28 40.48 -52.14
N TYR I 262 33.77 41.63 -51.68
CA TYR I 262 34.23 42.67 -52.59
C TYR I 262 35.50 42.27 -53.34
N SER I 263 36.44 41.59 -52.67
CA SER I 263 37.68 41.21 -53.35
C SER I 263 37.43 40.15 -54.41
N GLN I 264 36.60 39.15 -54.11
CA GLN I 264 36.23 38.12 -55.08
C GLN I 264 35.44 38.72 -56.25
N GLY I 265 34.44 39.55 -55.95
CA GLY I 265 33.60 40.10 -56.99
C GLY I 265 34.25 41.22 -57.77
N LYS I 266 33.60 41.59 -58.88
CA LYS I 266 34.06 42.73 -59.67
C LYS I 266 33.88 44.03 -58.90
N GLN I 267 32.87 44.10 -58.02
CA GLN I 267 32.60 45.31 -57.26
C GLN I 267 33.78 45.62 -56.34
N GLN I 268 34.07 46.91 -56.15
CA GLN I 268 35.18 47.36 -55.32
C GLN I 268 34.67 48.16 -54.12
N MET I 269 35.56 48.38 -53.13
CA MET I 269 35.18 49.04 -51.89
C MET I 269 34.46 50.34 -52.19
N PRO I 270 33.34 50.62 -51.52
CA PRO I 270 32.56 51.81 -51.93
C PRO I 270 33.36 53.09 -51.81
N HIS I 271 34.02 53.31 -50.69
CA HIS I 271 34.76 54.52 -50.43
C HIS I 271 34.23 55.75 -51.16
S SO4 J . 51.44 3.61 -53.17
O1 SO4 J . 52.60 4.08 -52.39
O2 SO4 J . 50.85 2.45 -52.54
O3 SO4 J . 51.89 3.27 -54.51
O4 SO4 J . 50.45 4.68 -53.25
S SO4 K . 35.84 -32.35 -25.29
O1 SO4 K . 36.03 -33.68 -24.71
O2 SO4 K . 35.43 -31.43 -24.22
O3 SO4 K . 37.08 -31.88 -25.90
O4 SO4 K . 34.82 -32.41 -26.32
S SO4 L . 4.55 1.57 -32.58
O1 SO4 L . 5.21 0.55 -31.75
O2 SO4 L . 4.86 2.89 -32.05
O3 SO4 L . 5.03 1.46 -33.94
O4 SO4 L . 3.10 1.36 -32.52
S SO4 M . 4.97 -10.54 -18.48
O1 SO4 M . 4.71 -11.17 -17.18
O2 SO4 M . 6.40 -10.27 -18.58
O3 SO4 M . 4.23 -9.27 -18.57
O4 SO4 M . 4.56 -11.42 -19.56
OAP RRC N . 37.50 -24.31 -10.81
CAQ RRC N . 37.64 -24.44 -12.23
CAR RRC N . 36.71 -23.50 -13.01
CAK RRC N . 36.76 -23.78 -14.51
CAI RRC N . 35.94 -22.84 -15.35
NAS RRC N . 35.35 -23.62 -12.50
CAT RRC N . 34.71 -22.57 -11.94
NAU RRC N . 34.42 -22.67 -10.62
CAV RRC N . 33.78 -21.58 -10.15
NAW RRC N . 33.32 -21.37 -8.87
CAZ RRC N . 33.43 -22.28 -7.72
CAY RRC N . 34.80 -22.13 -7.05
CBA RRC N . 33.17 -23.71 -8.11
CAX RRC N . 32.75 -20.13 -8.88
CAN RRC N . 33.43 -20.44 -10.86
NAO RRC N . 32.79 -19.52 -10.04
NAL RRC N . 34.44 -21.50 -12.73
CAM RRC N . 33.79 -20.43 -12.24
NAJ RRC N . 33.56 -19.37 -13.03
CAD RRC N . 32.30 -19.14 -13.72
CAE RRC N . 32.16 -19.94 -14.99
CAG RRC N . 33.26 -20.32 -15.73
CAH RRC N . 33.11 -21.06 -16.90
CAF RRC N . 31.86 -21.40 -17.33
CAC RRC N . 30.75 -21.01 -16.63
CAB RRC N . 30.90 -20.28 -15.47
HAP RRC N . 37.78 -23.54 -10.58
HAQ1 RRC N . 38.57 -24.25 -12.47
HAQ2 RRC N . 37.43 -25.36 -12.48
HAR RRC N . 36.99 -22.55 -12.86
HAK1 RRC N . 36.45 -24.71 -14.66
HAK2 RRC N . 37.70 -23.74 -14.81
HAI1 RRC N . 36.03 -23.08 -16.29
HAI2 RRC N . 36.26 -21.93 -15.22
HAI3 RRC N . 35.01 -22.90 -15.08
HAS RRC N . 34.93 -24.39 -12.56
HAZ RRC N . 32.74 -22.01 -7.07
HAY1 RRC N . 34.94 -21.21 -6.82
HAY2 RRC N . 35.49 -22.42 -7.68
HAY3 RRC N . 34.83 -22.68 -6.26
HBA1 RRC N . 32.33 -23.76 -8.61
HBA2 RRC N . 33.09 -24.26 -7.31
HBA3 RRC N . 33.89 -24.04 -8.66
HAX RRC N . 32.36 -19.74 -8.10
HAJ RRC N . 34.20 -18.79 -13.15
HAD1 RRC N . 32.24 -18.18 -13.94
HAD2 RRC N . 31.57 -19.35 -13.13
HAG RRC N . 34.13 -20.08 -15.44
HAH RRC N . 33.88 -21.32 -17.39
HAF RRC N . 31.76 -21.91 -18.13
HAC RRC N . 29.89 -21.24 -16.93
HAB RRC N . 30.13 -20.01 -14.97
S SO4 O . 30.93 -54.78 26.78
O1 SO4 O . 32.36 -54.57 26.96
O2 SO4 O . 30.23 -54.42 28.01
O3 SO4 O . 30.43 -53.93 25.69
O4 SO4 O . 30.70 -56.18 26.46
S SO4 P . 10.50 -45.38 58.08
O1 SO4 P . 10.15 -46.65 58.71
O2 SO4 P . 10.25 -44.29 59.01
O3 SO4 P . 11.92 -45.36 57.70
O4 SO4 P . 9.70 -45.19 56.87
S SO4 Q . 2.01 -32.75 9.55
O1 SO4 Q . 2.29 -34.15 9.86
O2 SO4 Q . 1.17 -32.17 10.59
O3 SO4 Q . 3.27 -32.00 9.45
O4 SO4 Q . 1.32 -32.66 8.25
S SO4 R . -11.64 -19.98 8.83
O1 SO4 R . -10.91 -19.76 10.08
O2 SO4 R . -12.10 -21.36 8.77
O3 SO4 R . -10.78 -19.69 7.69
O4 SO4 R . -12.81 -19.10 8.80
OAP RRC S . -22.28 -8.14 41.01
CAQ RRC S . -22.47 -9.51 41.39
CAR RRC S . -21.61 -10.47 40.55
CAK RRC S . -21.89 -11.93 40.87
CAI RRC S . -20.95 -12.88 40.17
NAS RRC S . -21.83 -10.19 39.13
CAT RRC S . -20.83 -9.71 38.37
NAU RRC S . -20.99 -8.46 37.88
CAV RRC S . -19.94 -8.05 37.15
NAW RRC S . -19.81 -6.84 36.50
CAZ RRC S . -20.79 -5.73 36.50
CAY RRC S . -20.67 -4.93 37.76
CBA RRC S . -22.18 -6.26 36.26
CAX RRC S . -18.57 -6.88 35.91
CAN RRC S . -18.77 -8.75 36.90
NAO RRC S . -17.91 -8.00 36.11
NAL RRC S . -19.74 -10.48 38.21
CAM RRC S . -18.71 -10.05 37.46
NAJ RRC S . -17.62 -10.83 37.32
CAD RRC S . -17.37 -11.69 36.18
CAE RRC S . -18.13 -13.00 36.20
CAG RRC S . -18.45 -13.61 37.40
CAH RRC S . -19.14 -14.81 37.42
CAF RRC S . -19.53 -15.40 36.24
CAC RRC S . -19.23 -14.79 35.05
CAB RRC S . -18.53 -13.60 35.02
HAP RRC S . -21.49 -7.91 41.20
HAQ1 RRC S . -22.25 -9.62 42.33
HAQ2 RRC S . -23.42 -9.75 41.26
HAR RRC S . -20.64 -10.29 40.75
HAK1 RRC S . -22.81 -12.15 40.62
HAK2 RRC S . -21.81 -12.07 41.84
HAI1 RRC S . -21.18 -13.81 40.40
HAI2 RRC S . -20.03 -12.70 40.44
HAI3 RRC S . -21.02 -12.76 39.21
HAS RRC S . -22.62 -10.34 38.77
HAZ RRC S . -20.58 -5.14 35.72
HAY1 RRC S . -19.75 -4.62 37.86
HAY2 RRC S . -20.90 -5.48 38.52
HAY3 RRC S . -21.26 -4.16 37.72
HBA1 RRC S . -22.18 -6.86 35.49
HBA2 RRC S . -22.79 -5.52 36.09
HBA3 RRC S . -22.48 -6.75 37.04
HAX RRC S . -18.22 -6.16 35.41
HAJ RRC S . -17.03 -10.83 37.97
HAD1 RRC S . -16.40 -11.89 36.13
HAD2 RRC S . -17.60 -11.20 35.36
HAG RRC S . -18.17 -13.22 38.22
HAH RRC S . -19.35 -15.23 38.24
HAF RRC S . -20.00 -16.21 36.25
HAC RRC S . -19.50 -15.20 34.24
HAB RRC S . -18.33 -13.19 34.19
S SO4 T . -54.60 27.19 28.63
O1 SO4 T . -56.05 27.12 28.80
O2 SO4 T . -53.99 27.66 29.87
O3 SO4 T . -54.31 28.15 27.57
O4 SO4 T . -54.08 25.88 28.30
S SO4 U . -24.74 41.92 65.33
O1 SO4 U . -24.93 41.47 66.70
O2 SO4 U . -24.55 43.36 65.33
O3 SO4 U . -23.56 41.26 64.75
O4 SO4 U . -25.92 41.56 64.52
S SO4 V . -48.05 53.83 6.04
O1 SO4 V . -48.56 52.70 6.81
O2 SO4 V . -47.02 54.49 6.84
O3 SO4 V . -49.15 54.76 5.76
O4 SO4 V . -47.49 53.36 4.79
S SO4 W . -26.31 36.46 -32.62
O1 SO4 W . -25.08 36.18 -31.90
O2 SO4 W . -26.93 37.66 -32.08
O3 SO4 W . -26.01 36.65 -34.04
O4 SO4 W . -27.22 35.33 -32.47
S SO4 X . -31.86 5.66 1.73
O1 SO4 X . -30.96 5.91 2.85
O2 SO4 X . -33.24 5.68 2.21
O3 SO4 X . -31.69 6.69 0.73
O4 SO4 X . -31.55 4.36 1.14
OAP RRC Y . -11.17 37.08 -26.32
CAQ RRC Y . -12.59 37.27 -26.41
CAR RRC Y . -13.35 36.46 -25.35
CAK RRC Y . -14.87 36.52 -25.55
CAI RRC Y . -15.64 35.82 -24.45
NAS RRC Y . -12.89 35.07 -25.41
CAT RRC Y . -12.25 34.47 -24.38
NAU RRC Y . -10.96 34.12 -24.59
CAV RRC Y . -10.40 33.55 -23.52
NAW RRC Y . -9.12 33.07 -23.42
CAZ RRC Y . -8.08 33.09 -24.46
CAY RRC Y . -7.40 34.45 -24.49
CBA RRC Y . -8.63 32.69 -25.80
CAX RRC Y . -9.00 32.58 -22.14
CAN RRC Y . -11.00 33.31 -22.29
NAO RRC Y . -10.11 32.69 -21.42
NAL RRC Y . -12.93 34.31 -23.22
CAM RRC Y . -12.34 33.70 -22.16
NAJ RRC Y . -13.04 33.56 -21.02
CAD RRC Y . -13.75 32.36 -20.64
CAE RRC Y . -15.11 32.21 -21.32
CAG RRC Y . -15.84 33.33 -21.66
CAH RRC Y . -17.07 33.20 -22.29
CAF RRC Y . -17.57 31.94 -22.57
CAC RRC Y . -16.85 30.83 -22.22
CAB RRC Y . -15.61 30.96 -21.59
HAP RRC Y . -10.91 37.39 -25.57
HAQ1 RRC Y . -12.81 38.21 -26.30
HAQ2 RRC Y . -12.89 36.98 -27.30
HAR RRC Y . -13.15 36.82 -24.45
HAK1 RRC Y . -15.10 36.12 -26.42
HAK2 RRC Y . -15.15 37.46 -25.58
HAI1 RRC Y . -16.59 35.91 -24.61
HAI2 RRC Y . -15.40 36.20 -23.59
HAI3 RRC Y . -15.41 34.87 -24.46
HAS RRC Y . -13.03 34.60 -26.13
HAZ RRC Y . -7.39 32.42 -24.20
HAY1 RRC Y . -7.04 34.65 -23.62
HAY2 RRC Y . -8.04 35.12 -24.75
HAY3 RRC Y . -6.67 34.43 -25.14
HBA1 RRC Y . -9.15 31.86 -25.70
HBA2 RRC Y . -7.91 32.56 -26.43
HBA3 RRC Y . -9.22 33.40 -26.13
HAX RRC Y . -8.21 32.20 -21.81
HAJ RRC Y . -13.07 34.25 -20.47
HAD1 RRC Y . -13.88 32.36 -19.67
HAD2 RRC Y . -13.20 31.57 -20.86
HAG RRC Y . -15.51 34.19 -21.48
HAH RRC Y . -17.57 33.96 -22.53
HAF RRC Y . -18.41 31.85 -22.98
HAC RRC Y . -17.19 29.96 -22.41
HAB RRC Y . -15.12 30.19 -21.37
S SO4 Z . 21.80 25.69 -60.50
O1 SO4 Z . 22.97 24.89 -60.15
O2 SO4 Z . 20.64 25.28 -59.70
O3 SO4 Z . 22.12 27.09 -60.24
O4 SO4 Z . 21.48 25.52 -61.93
S SO4 AA . 36.36 66.18 -37.25
O1 SO4 AA . 36.99 64.89 -37.55
O2 SO4 AA . 36.67 66.57 -35.88
O3 SO4 AA . 36.85 67.20 -38.17
O4 SO4 AA . 34.91 66.05 -37.40
#